data_6M18
#
_entry.id   6M18
#
_cell.length_a   1.00
_cell.length_b   1.00
_cell.length_c   1.00
_cell.angle_alpha   90.00
_cell.angle_beta   90.00
_cell.angle_gamma   90.00
#
_symmetry.space_group_name_H-M   'P 1'
#
loop_
_entity.id
_entity.type
_entity.pdbx_description
1 polymer 'Sodium-dependent neutral amino acid transporter B(0)AT1'
2 polymer 'Angiotensin-converting enzyme 2'
3 branched 2-acetamido-2-deoxy-beta-D-glucopyranose-(1-4)-2-acetamido-2-deoxy-beta-D-glucopyranose
4 non-polymer 2-acetamido-2-deoxy-beta-D-glucopyranose
5 non-polymer 1,2-DIACYL-GLYCEROL-3-SN-PHOSPHATE
6 non-polymer 'ZINC ION'
7 water water
#
loop_
_entity_poly.entity_id
_entity_poly.type
_entity_poly.pdbx_seq_one_letter_code
_entity_poly.pdbx_strand_id
1 'polypeptide(L)'
;MADYKDDDDKSGPDEVDASGRVRLVLPNPGLDARIPSLAELETIEQEEASSRPKWDNKAQYMLTCLGFCVGLGNVWRFPY
LCQSHGGGAFMIPFLILLVLEGIPLLYLEFAIGQRLRRGSLGVWSSIHPALKGLGLASMLTSFMVGLYYNTIISWIMWYL
FNSFQEPLPWSDCPLNENQTGYVDECARSSPVDYFWYRETLNISTSISDSGSIQWWMLLCLACAWSVLYMCTIRGIETTG
KAVYITSTLPYVVLTIFLIRGLTLKGATNGIVFLFTPNVTELAQPDTWLDAGAQVFFSFSLAFGGLISFSSYNSVHNNCE
KDSVIVSIINGFTSVYVAIVVYSVIGFRATQRYDDCFSTNILTLINGFDLPEGNVTQENFVDMQQRCNASDPAAYAQLVF
QTCDINAFLSEAVEGTGLAFIVFTEAITKMPLSPLWSVLFFIMLFCLGLSSMFGNMEGVVVPLQDLRVIPPKWPKEVLTG
LICLGTFLIGFIFTLNSGQYWLSLLDSYAGSIPLLIIAFCEMFSVVYVYGVDRFNKDIEFMIGHKPNIFWQVTWRVVSPL
LMLIIFLFFFVVEVSQELTYSIWDPGYEEFPKSQKISYPNWVYVVVVIVAGVPSLTIPGYAIYKLIRNHCQKPGDHQGLV
STLSTASMNGDLKY
;
A,C
2 'polypeptide(L)'
;MRSSSSWLLLSLVAVTAAWSHPQFEKQSTIEEQAKTFLDKFNHEAEDLFYQSSLASWNYNTNITEENVQNMNNAGDKWSA
FLKEQSTLAQMYPLQEIQNLTVKLQLQALQQNGSSVLSEDKSKRLNTILNTMSTIYSTGKVCNPDNPQECLLLEPGLNEI
MANSLDYNERLWAWESWRSEVGKQLRPLYEEYVVLKNEMARANHYEDYGDYWRGDYEVNGVDGYDYSRGQLIEDVEHTFE
EIKPLYEHLHAYVRAKLMNAYPSYISPIGCLPAHLLGDMWGRFWTNLYSLTVPFGQKPNIDVTDAMVDQAWDAQRIFKEA
EKFFVSVGLPNMTQGFWENSMLTDPGNVQKAVCHPTAWDLGKGDFRILMCTKVTMDDFLTAHHEMGHIQYDMAYAAQPFL
LRNGANEGFHEAVGEIMSLSAATPKHLKSIGLLSPDFQEDNETEINFLLKQALTIVGTLPFTYMLEKWRWMVFKGEIPKD
QWMKKWWEMKREIVGVVEPVPHDETYCDPASLFHVSNDYSFIRYYTRTLYQFQFQEALCQAAKHEGPLHKCDISNSTEAG
QKLFNMLRLGKSEPWTLALENVVGAKNMNVRPLLNYFEPLFTWLKDQNKNSFVGWSTDWSPYADQSIKVRISLKSALGDK
AYEWNDNEMYLFRSSVAYAMRQYFLKVKNQMILFGEEDVRVANLKPRISFNFFVTAPKNVSDIIPRTEVEKAIRMSRSRI
NDAFRLNDNSLEFLGIQPTLGPPNQPPVSIWLIVFGVVMGVIVVGIVILIFTGIRDRKKKNKARSGENPYASIDISKGEN
NPGFQNTDDVQTSF
;
B,D
#
loop_
_chem_comp.id
_chem_comp.type
_chem_comp.name
_chem_comp.formula
3PH non-polymer 1,2-DIACYL-GLYCEROL-3-SN-PHOSPHATE 'C39 H77 O8 P'
NAG D-saccharide, beta linking 2-acetamido-2-deoxy-beta-D-glucopyranose 'C8 H15 N O6'
ZN non-polymer 'ZINC ION' 'Zn 2'
#
# COMPACT_ATOMS: atom_id res chain seq x y z
N VAL A 25 -83.74 31.17 21.96
CA VAL A 25 -84.11 32.58 22.02
C VAL A 25 -84.76 32.98 20.69
N LEU A 26 -84.22 32.47 19.58
CA LEU A 26 -84.88 32.64 18.29
C LEU A 26 -86.12 31.75 18.28
N PRO A 27 -87.24 32.31 17.84
CA PRO A 27 -88.52 31.59 17.85
C PRO A 27 -88.75 30.37 16.92
N ASN A 28 -88.12 29.23 17.20
CA ASN A 28 -88.40 28.06 16.37
C ASN A 28 -89.46 27.21 17.07
N PRO A 29 -90.54 26.81 16.39
CA PRO A 29 -91.55 25.97 17.04
C PRO A 29 -91.33 24.49 16.78
N GLY A 30 -91.97 23.64 17.58
CA GLY A 30 -91.89 22.21 17.36
C GLY A 30 -90.54 21.59 17.63
N LEU A 31 -89.81 22.11 18.63
CA LEU A 31 -88.52 21.52 18.98
C LEU A 31 -88.71 20.15 19.62
N ASP A 32 -89.67 20.02 20.53
CA ASP A 32 -90.07 18.72 21.02
C ASP A 32 -90.83 17.96 19.93
N ALA A 33 -90.90 16.64 20.10
CA ALA A 33 -91.38 15.67 19.10
C ALA A 33 -90.58 15.75 17.80
N ARG A 34 -89.33 16.22 17.89
CA ARG A 34 -88.34 16.09 16.82
C ARG A 34 -86.99 15.65 17.34
N ILE A 35 -86.68 15.87 18.61
CA ILE A 35 -85.47 15.39 19.27
C ILE A 35 -85.92 14.42 20.35
N PRO A 36 -85.04 13.54 20.87
CA PRO A 36 -85.43 12.72 22.03
C PRO A 36 -85.62 13.56 23.29
N SER A 37 -86.49 13.11 24.19
CA SER A 37 -86.79 13.84 25.41
C SER A 37 -85.96 13.28 26.56
N LEU A 38 -85.90 14.05 27.66
CA LEU A 38 -84.96 13.78 28.74
C LEU A 38 -85.36 12.56 29.56
N ALA A 39 -86.66 12.37 29.79
CA ALA A 39 -87.12 11.19 30.52
C ALA A 39 -87.08 9.93 29.67
N GLU A 40 -86.93 10.07 28.35
CA GLU A 40 -86.90 8.95 27.42
C GLU A 40 -85.47 8.46 27.16
N LEU A 41 -84.48 9.22 27.61
CA LEU A 41 -83.08 8.91 27.35
C LEU A 41 -82.55 7.75 28.19
N GLU A 42 -83.17 7.46 29.33
CA GLU A 42 -82.76 6.31 30.14
C GLU A 42 -83.25 4.99 29.57
N THR A 43 -84.12 5.01 28.57
CA THR A 43 -84.57 3.77 27.95
C THR A 43 -84.02 3.61 26.55
N ILE A 44 -83.38 4.64 26.00
CA ILE A 44 -82.99 4.63 24.60
C ILE A 44 -81.67 3.88 24.40
N GLU A 45 -80.89 3.73 25.47
CA GLU A 45 -79.58 3.10 25.31
C GLU A 45 -79.66 1.59 25.46
N GLN A 46 -80.72 1.08 26.08
CA GLN A 46 -80.95 -0.36 26.14
C GLN A 46 -81.73 -0.85 24.92
N GLU A 47 -81.94 0.03 23.94
CA GLU A 47 -82.43 -0.40 22.64
C GLU A 47 -81.54 0.00 21.48
N GLU A 48 -80.62 0.95 21.65
CA GLU A 48 -79.66 1.30 20.61
C GLU A 48 -78.37 0.47 20.70
N ALA A 49 -78.36 -0.56 21.55
CA ALA A 49 -77.29 -1.55 21.50
C ALA A 49 -77.32 -2.32 20.18
N SER A 50 -78.50 -2.50 19.61
CA SER A 50 -78.65 -2.91 18.23
C SER A 50 -78.88 -1.68 17.37
N SER A 51 -78.58 -1.82 16.07
CA SER A 51 -78.76 -0.82 15.02
C SER A 51 -77.95 0.46 15.24
N ARG A 52 -76.96 0.45 16.13
CA ARG A 52 -76.06 1.56 16.34
C ARG A 52 -74.78 0.99 16.94
N PRO A 53 -73.62 1.42 16.47
CA PRO A 53 -72.36 0.90 17.01
C PRO A 53 -72.05 1.51 18.37
N LYS A 54 -71.06 0.92 19.04
CA LYS A 54 -70.75 1.30 20.41
C LYS A 54 -69.28 1.04 20.68
N TRP A 55 -68.68 1.90 21.50
CA TRP A 55 -67.29 1.72 21.88
C TRP A 55 -67.14 0.53 22.82
N ASP A 56 -65.95 -0.06 22.82
CA ASP A 56 -65.66 -1.15 23.74
C ASP A 56 -65.15 -0.64 25.07
N ASN A 57 -64.22 0.30 25.04
CA ASN A 57 -63.63 0.88 26.23
C ASN A 57 -63.84 2.40 26.21
N LYS A 58 -63.37 3.05 27.26
CA LYS A 58 -63.26 4.50 27.25
C LYS A 58 -61.95 4.96 26.60
N ALA A 59 -60.89 4.17 26.76
CA ALA A 59 -59.61 4.48 26.12
C ALA A 59 -59.66 4.28 24.61
N GLN A 60 -60.60 3.49 24.10
CA GLN A 60 -60.80 3.38 22.67
C GLN A 60 -61.37 4.66 22.08
N TYR A 61 -62.06 5.46 22.88
CA TYR A 61 -62.63 6.72 22.44
C TYR A 61 -61.65 7.88 22.57
N MET A 62 -60.81 7.87 23.60
CA MET A 62 -59.84 8.95 23.76
C MET A 62 -58.67 8.80 22.79
N LEU A 63 -58.31 7.58 22.42
CA LEU A 63 -57.21 7.37 21.50
C LEU A 63 -57.59 7.66 20.05
N THR A 64 -58.86 7.55 19.70
CA THR A 64 -59.31 7.92 18.36
C THR A 64 -59.67 9.38 18.25
N CYS A 65 -59.72 10.11 19.37
CA CYS A 65 -59.90 11.55 19.36
C CYS A 65 -58.58 12.30 19.43
N LEU A 66 -57.57 11.71 20.06
CA LEU A 66 -56.24 12.31 20.01
C LEU A 66 -55.61 12.15 18.63
N GLY A 67 -55.88 11.02 17.96
CA GLY A 67 -55.39 10.82 16.62
C GLY A 67 -56.07 11.68 15.57
N PHE A 68 -57.25 12.20 15.87
CA PHE A 68 -57.94 13.11 14.97
C PHE A 68 -57.50 14.55 15.17
N CYS A 69 -56.97 14.90 16.34
CA CYS A 69 -56.41 16.23 16.53
C CYS A 69 -54.93 16.31 16.19
N VAL A 70 -54.14 15.31 16.56
CA VAL A 70 -52.70 15.33 16.32
C VAL A 70 -52.43 14.60 15.00
N GLY A 71 -52.12 15.37 13.95
CA GLY A 71 -51.52 14.76 12.78
C GLY A 71 -51.03 15.73 11.73
N LEU A 72 -49.75 15.61 11.37
CA LEU A 72 -49.09 16.23 10.22
C LEU A 72 -49.10 17.76 10.18
N GLY A 73 -49.65 18.41 11.20
CA GLY A 73 -49.67 19.85 11.25
C GLY A 73 -48.85 20.33 12.42
N ASN A 74 -48.59 19.41 13.33
CA ASN A 74 -47.66 19.66 14.42
C ASN A 74 -46.21 19.46 13.99
N VAL A 75 -45.98 18.94 12.78
CA VAL A 75 -44.64 18.62 12.33
C VAL A 75 -44.09 19.72 11.43
N TRP A 76 -44.85 20.11 10.39
CA TRP A 76 -44.33 21.08 9.43
C TRP A 76 -45.13 22.38 9.40
N ARG A 77 -46.08 22.57 10.30
CA ARG A 77 -46.84 23.81 10.25
C ARG A 77 -46.71 24.59 11.56
N PHE A 78 -46.81 23.91 12.69
CA PHE A 78 -46.71 24.62 13.97
C PHE A 78 -45.31 25.09 14.35
N PRO A 79 -44.22 24.29 14.25
CA PRO A 79 -42.92 24.84 14.68
C PRO A 79 -42.35 25.91 13.79
N TYR A 80 -42.83 26.04 12.54
CA TYR A 80 -42.46 27.20 11.74
C TYR A 80 -43.18 28.44 12.22
N LEU A 81 -44.49 28.33 12.49
CA LEU A 81 -45.26 29.46 13.01
C LEU A 81 -44.88 29.81 14.43
N CYS A 82 -44.31 28.87 15.19
CA CYS A 82 -43.90 29.17 16.55
C CYS A 82 -42.66 30.05 16.58
N GLN A 83 -41.83 29.96 15.55
CA GLN A 83 -40.60 30.74 15.46
C GLN A 83 -40.72 31.96 14.54
N SER A 84 -41.20 31.73 13.32
CA SER A 84 -41.34 32.81 12.35
C SER A 84 -42.20 33.96 12.87
N HIS A 85 -43.08 33.68 13.82
CA HIS A 85 -43.94 34.71 14.39
C HIS A 85 -43.51 35.02 15.82
N GLY A 86 -42.25 35.35 15.99
CA GLY A 86 -41.72 35.68 17.30
C GLY A 86 -41.91 34.54 18.27
N GLY A 87 -41.24 33.42 18.01
CA GLY A 87 -41.34 32.24 18.85
C GLY A 87 -41.09 32.58 20.30
N GLY A 88 -41.26 31.59 21.17
CA GLY A 88 -41.07 31.80 22.59
C GLY A 88 -42.17 32.68 23.15
N ALA A 89 -42.69 33.55 22.29
CA ALA A 89 -43.77 34.45 22.67
C ALA A 89 -45.05 33.99 22.00
N PHE A 90 -44.94 33.57 20.74
CA PHE A 90 -46.09 33.09 20.00
C PHE A 90 -46.80 32.05 20.86
N MET A 91 -46.05 31.47 21.78
CA MET A 91 -46.59 30.49 22.70
C MET A 91 -47.71 31.21 23.41
N ILE A 92 -47.40 32.39 23.96
CA ILE A 92 -48.39 33.20 24.64
C ILE A 92 -49.63 33.31 23.77
N PRO A 93 -49.54 33.99 22.63
CA PRO A 93 -50.71 34.13 21.75
C PRO A 93 -51.49 32.81 21.56
N PHE A 94 -50.81 31.79 21.09
CA PHE A 94 -51.41 30.48 20.84
C PHE A 94 -52.14 29.94 22.05
N LEU A 95 -51.62 30.23 23.24
CA LEU A 95 -52.24 29.74 24.47
C LEU A 95 -53.58 30.39 24.75
N ILE A 96 -53.58 31.70 24.97
CA ILE A 96 -54.81 32.44 25.25
C ILE A 96 -55.88 32.02 24.27
N LEU A 97 -55.69 32.35 23.00
CA LEU A 97 -56.65 31.96 21.97
C LEU A 97 -57.17 30.54 22.15
N LEU A 98 -56.36 29.68 22.76
CA LEU A 98 -56.76 28.29 22.99
C LEU A 98 -57.86 28.20 24.03
N VAL A 99 -57.52 28.47 25.28
CA VAL A 99 -58.50 28.41 26.36
C VAL A 99 -59.61 29.45 26.17
N LEU A 100 -59.92 29.78 24.92
CA LEU A 100 -60.96 30.75 24.61
C LEU A 100 -61.79 30.31 23.41
N GLU A 101 -61.13 29.84 22.37
CA GLU A 101 -61.86 29.37 21.19
C GLU A 101 -62.01 27.86 21.32
N GLY A 102 -60.85 27.21 21.22
CA GLY A 102 -60.67 25.78 21.34
C GLY A 102 -61.42 25.11 22.46
N ILE A 103 -61.09 25.43 23.70
CA ILE A 103 -61.79 24.76 24.81
C ILE A 103 -63.29 24.84 24.65
N PRO A 104 -63.88 26.03 24.79
CA PRO A 104 -65.33 26.19 24.63
C PRO A 104 -65.94 25.45 23.43
N LEU A 105 -65.34 25.54 22.25
CA LEU A 105 -65.87 24.88 21.05
C LEU A 105 -65.88 23.37 21.18
N LEU A 106 -64.71 22.82 21.51
CA LEU A 106 -64.58 21.38 21.68
C LEU A 106 -65.58 20.88 22.71
N TYR A 107 -65.74 21.60 23.80
CA TYR A 107 -66.69 21.16 24.84
C TYR A 107 -68.11 21.11 24.30
N LEU A 108 -68.51 22.18 23.63
CA LEU A 108 -69.86 22.26 23.08
C LEU A 108 -70.09 21.25 21.96
N GLU A 109 -69.03 20.74 21.36
CA GLU A 109 -69.17 19.76 20.29
C GLU A 109 -69.31 18.36 20.86
N PHE A 110 -68.65 18.12 21.98
CA PHE A 110 -68.69 16.84 22.66
C PHE A 110 -70.03 16.67 23.36
N ALA A 111 -70.60 17.76 23.85
CA ALA A 111 -71.87 17.68 24.57
C ALA A 111 -73.12 17.80 23.70
N ILE A 112 -72.96 17.94 22.39
CA ILE A 112 -74.12 18.06 21.52
C ILE A 112 -74.42 16.75 20.79
N GLY A 113 -73.41 15.91 20.66
CA GLY A 113 -73.53 14.63 19.99
C GLY A 113 -74.01 13.58 20.96
N GLN A 114 -73.59 13.70 22.22
CA GLN A 114 -74.00 12.76 23.25
C GLN A 114 -75.48 12.90 23.58
N ARG A 115 -76.04 14.09 23.38
CA ARG A 115 -77.42 14.37 23.75
C ARG A 115 -78.41 14.04 22.65
N LEU A 116 -78.16 14.53 21.43
CA LEU A 116 -79.12 14.37 20.34
C LEU A 116 -78.96 13.06 19.59
N ARG A 117 -77.91 12.28 19.88
CA ARG A 117 -77.76 10.87 19.49
C ARG A 117 -77.72 10.67 17.99
N ARG A 118 -77.23 11.65 17.24
CA ARG A 118 -77.13 11.55 15.80
C ARG A 118 -75.72 11.91 15.36
N GLY A 119 -75.50 11.89 14.05
CA GLY A 119 -74.21 12.25 13.49
C GLY A 119 -74.00 13.76 13.42
N SER A 120 -73.43 14.24 12.33
CA SER A 120 -73.25 15.68 12.19
C SER A 120 -74.43 16.32 11.45
N LEU A 121 -74.90 15.71 10.37
CA LEU A 121 -76.03 16.26 9.64
C LEU A 121 -77.35 16.01 10.35
N GLY A 122 -77.42 14.97 11.19
CA GLY A 122 -78.64 14.73 11.95
C GLY A 122 -78.85 15.64 13.14
N VAL A 123 -77.77 16.22 13.67
CA VAL A 123 -77.91 17.12 14.80
C VAL A 123 -78.45 18.47 14.35
N TRP A 124 -77.87 19.05 13.30
CA TRP A 124 -78.31 20.38 12.86
C TRP A 124 -79.61 20.34 12.08
N SER A 125 -80.04 19.17 11.62
CA SER A 125 -81.36 19.04 11.02
C SER A 125 -82.43 18.68 12.05
N SER A 126 -82.04 18.33 13.27
CA SER A 126 -83.02 18.11 14.32
C SER A 126 -83.46 19.41 14.96
N ILE A 127 -82.55 20.36 15.11
CA ILE A 127 -82.86 21.68 15.61
C ILE A 127 -83.01 22.62 14.41
N HIS A 128 -84.24 23.11 14.21
CA HIS A 128 -84.67 23.94 13.08
C HIS A 128 -84.31 23.33 11.74
N PRO A 129 -85.12 22.38 11.21
CA PRO A 129 -84.74 21.61 10.03
C PRO A 129 -84.56 22.40 8.73
N ALA A 130 -84.90 23.68 8.76
CA ALA A 130 -84.54 24.59 7.69
C ALA A 130 -83.07 25.02 7.75
N LEU A 131 -82.32 24.60 8.76
CA LEU A 131 -80.92 25.01 8.80
C LEU A 131 -80.11 24.11 7.89
N LYS A 132 -79.80 22.89 8.34
CA LYS A 132 -79.35 21.72 7.55
C LYS A 132 -78.10 21.92 6.68
N GLY A 133 -77.60 23.16 6.57
CA GLY A 133 -76.44 23.41 5.75
C GLY A 133 -75.14 23.19 6.46
N LEU A 134 -75.17 23.18 7.80
CA LEU A 134 -73.98 22.87 8.57
C LEU A 134 -73.58 21.42 8.44
N GLY A 135 -74.55 20.55 8.14
CA GLY A 135 -74.20 19.16 7.88
C GLY A 135 -73.65 18.96 6.49
N LEU A 136 -74.15 19.74 5.53
CA LEU A 136 -73.68 19.61 4.15
C LEU A 136 -72.40 20.40 3.94
N ALA A 137 -72.12 21.38 4.80
CA ALA A 137 -70.85 22.09 4.71
C ALA A 137 -69.73 21.32 5.37
N SER A 138 -70.08 20.51 6.37
CA SER A 138 -69.08 19.68 7.04
C SER A 138 -68.71 18.48 6.20
N MET A 139 -69.63 18.02 5.36
CA MET A 139 -69.35 16.88 4.49
C MET A 139 -68.50 17.31 3.30
N LEU A 140 -68.75 18.49 2.76
CA LEU A 140 -67.95 19.00 1.65
C LEU A 140 -66.55 19.39 2.10
N THR A 141 -66.41 19.80 3.36
CA THR A 141 -65.09 20.17 3.87
C THR A 141 -64.26 18.93 4.21
N SER A 142 -64.90 17.90 4.75
CA SER A 142 -64.21 16.66 5.05
C SER A 142 -63.85 15.87 3.79
N PHE A 143 -64.58 16.08 2.70
CA PHE A 143 -64.21 15.43 1.44
C PHE A 143 -62.97 16.06 0.82
N MET A 144 -62.82 17.37 0.93
CA MET A 144 -61.70 18.06 0.27
C MET A 144 -60.41 17.99 1.07
N VAL A 145 -60.49 17.97 2.40
CA VAL A 145 -59.28 17.83 3.20
C VAL A 145 -58.74 16.40 3.12
N GLY A 146 -59.62 15.42 3.21
CA GLY A 146 -59.22 14.03 3.08
C GLY A 146 -58.85 13.59 1.69
N LEU A 147 -59.13 14.42 0.68
CA LEU A 147 -58.71 14.11 -0.69
C LEU A 147 -57.23 14.37 -0.88
N TYR A 148 -56.74 15.51 -0.38
CA TYR A 148 -55.33 15.82 -0.57
C TYR A 148 -54.45 15.33 0.57
N TYR A 149 -55.00 15.07 1.76
CA TYR A 149 -54.20 14.43 2.78
C TYR A 149 -53.96 12.96 2.53
N ASN A 150 -54.67 12.33 1.60
CA ASN A 150 -54.33 10.98 1.19
C ASN A 150 -53.30 10.95 0.07
N THR A 151 -52.92 12.10 -0.47
CA THR A 151 -51.80 12.20 -1.39
C THR A 151 -50.50 12.49 -0.68
N ILE A 152 -50.56 13.16 0.48
CA ILE A 152 -49.36 13.35 1.29
C ILE A 152 -48.90 12.02 1.88
N ILE A 153 -49.84 11.18 2.33
CA ILE A 153 -49.52 9.83 2.76
C ILE A 153 -49.09 8.96 1.58
N SER A 154 -49.53 9.29 0.36
CA SER A 154 -49.02 8.62 -0.82
C SER A 154 -47.56 8.97 -1.06
N TRP A 155 -47.17 10.22 -0.77
CA TRP A 155 -45.77 10.61 -0.91
C TRP A 155 -44.92 10.04 0.22
N ILE A 156 -45.51 9.87 1.41
CA ILE A 156 -44.76 9.41 2.57
C ILE A 156 -44.37 7.94 2.42
N MET A 157 -45.30 7.11 1.97
CA MET A 157 -44.99 5.70 1.77
C MET A 157 -44.19 5.44 0.50
N TRP A 158 -43.96 6.44 -0.33
CA TRP A 158 -42.97 6.31 -1.40
C TRP A 158 -41.56 6.42 -0.85
N TYR A 159 -41.35 7.30 0.14
CA TYR A 159 -40.06 7.38 0.80
C TYR A 159 -39.82 6.24 1.77
N LEU A 160 -40.88 5.54 2.17
CA LEU A 160 -40.72 4.36 3.02
C LEU A 160 -40.32 3.13 2.22
N PHE A 161 -40.75 3.05 0.96
CA PHE A 161 -40.36 1.93 0.11
C PHE A 161 -38.91 2.08 -0.36
N ASN A 162 -38.44 3.31 -0.53
CA ASN A 162 -37.08 3.60 -0.94
C ASN A 162 -36.11 3.64 0.24
N SER A 163 -36.50 3.12 1.38
CA SER A 163 -35.58 2.80 2.46
C SER A 163 -35.14 1.35 2.27
N PHE A 164 -34.58 0.73 3.33
CA PHE A 164 -34.11 -0.66 3.34
C PHE A 164 -32.96 -0.87 2.35
N GLN A 165 -32.13 0.14 2.17
CA GLN A 165 -30.91 0.06 1.38
C GLN A 165 -29.93 1.07 1.96
N GLU A 166 -28.68 0.63 2.14
CA GLU A 166 -27.74 1.42 2.95
C GLU A 166 -27.29 2.71 2.25
N PRO A 167 -26.89 2.73 0.95
CA PRO A 167 -26.83 4.03 0.29
C PRO A 167 -28.24 4.46 -0.09
N LEU A 168 -28.78 5.41 0.66
CA LEU A 168 -30.14 5.90 0.39
C LEU A 168 -30.17 6.60 -0.96
N PRO A 169 -31.31 6.55 -1.67
CA PRO A 169 -31.37 7.14 -3.01
C PRO A 169 -31.26 8.66 -3.04
N TRP A 170 -31.46 9.34 -1.91
CA TRP A 170 -31.28 10.78 -1.82
C TRP A 170 -29.94 11.16 -1.19
N SER A 171 -28.90 10.36 -1.42
CA SER A 171 -27.61 10.60 -0.81
C SER A 171 -26.51 10.97 -1.81
N ASP A 172 -26.70 10.70 -3.09
CA ASP A 172 -25.66 10.97 -4.08
C ASP A 172 -26.29 11.22 -5.44
N CYS A 173 -25.56 11.95 -6.29
CA CYS A 173 -26.03 12.33 -7.61
C CYS A 173 -25.82 11.20 -8.61
N PRO A 174 -26.74 11.03 -9.55
CA PRO A 174 -26.53 10.05 -10.63
C PRO A 174 -25.64 10.61 -11.72
N LEU A 175 -25.12 9.71 -12.53
CA LEU A 175 -24.31 10.05 -13.69
C LEU A 175 -25.21 10.06 -14.93
N ASN A 176 -24.77 10.78 -15.97
CA ASN A 176 -25.70 11.15 -17.04
C ASN A 176 -25.74 10.18 -18.22
N GLU A 177 -24.72 10.19 -19.07
CA GLU A 177 -24.61 9.20 -20.14
C GLU A 177 -23.21 8.65 -20.31
N ASN A 178 -22.21 9.51 -20.14
CA ASN A 178 -20.83 9.14 -20.41
C ASN A 178 -20.04 8.85 -19.14
N GLN A 179 -20.70 8.90 -17.98
CA GLN A 179 -20.15 8.58 -16.66
C GLN A 179 -18.96 9.44 -16.28
N THR A 180 -18.85 10.65 -16.84
CA THR A 180 -17.75 11.56 -16.53
C THR A 180 -18.16 12.68 -15.58
N GLY A 181 -19.41 13.16 -15.69
CA GLY A 181 -19.90 14.18 -14.80
C GLY A 181 -21.28 13.84 -14.29
N TYR A 182 -21.73 14.62 -13.31
CA TYR A 182 -23.06 14.44 -12.75
C TYR A 182 -24.13 14.93 -13.71
N VAL A 183 -25.38 14.65 -13.37
CA VAL A 183 -26.51 15.29 -14.02
C VAL A 183 -26.47 16.77 -13.66
N ASP A 184 -26.85 17.63 -14.61
CA ASP A 184 -26.58 19.06 -14.51
C ASP A 184 -27.36 19.72 -13.38
N GLU A 185 -28.64 19.37 -13.21
CA GLU A 185 -29.40 20.00 -12.15
C GLU A 185 -29.23 19.35 -10.79
N CYS A 186 -28.54 18.20 -10.72
CA CYS A 186 -28.15 17.66 -9.43
C CYS A 186 -26.90 18.34 -8.88
N ALA A 187 -26.09 18.95 -9.75
CA ALA A 187 -24.88 19.64 -9.32
C ALA A 187 -25.14 21.09 -8.92
N ARG A 188 -26.05 21.77 -9.61
CA ARG A 188 -26.38 23.15 -9.23
C ARG A 188 -27.25 23.19 -7.99
N SER A 189 -28.19 22.25 -7.86
CA SER A 189 -29.00 22.11 -6.66
C SER A 189 -28.37 21.08 -5.73
N SER A 190 -29.17 20.56 -4.82
CA SER A 190 -28.74 19.54 -3.87
C SER A 190 -29.23 18.16 -4.33
N PRO A 191 -28.52 17.05 -3.87
CA PRO A 191 -29.04 15.75 -4.33
C PRO A 191 -30.42 15.42 -3.75
N VAL A 192 -30.67 15.89 -2.54
CA VAL A 192 -31.95 15.65 -1.89
C VAL A 192 -33.01 16.49 -2.59
N ASP A 193 -32.64 17.69 -3.00
CA ASP A 193 -33.53 18.60 -3.70
C ASP A 193 -33.76 18.09 -5.11
N TYR A 194 -32.96 17.12 -5.51
CA TYR A 194 -33.08 16.53 -6.83
C TYR A 194 -33.94 15.29 -6.77
N PHE A 195 -33.96 14.62 -5.61
CA PHE A 195 -34.79 13.42 -5.48
C PHE A 195 -36.29 13.70 -5.39
N TRP A 196 -36.66 14.88 -4.93
CA TRP A 196 -38.03 15.32 -4.74
C TRP A 196 -38.60 15.83 -6.06
N TYR A 197 -37.91 16.75 -6.73
CA TYR A 197 -38.51 17.43 -7.86
C TYR A 197 -38.35 16.65 -9.17
N ARG A 198 -37.38 15.75 -9.29
CA ARG A 198 -37.18 15.04 -10.54
C ARG A 198 -37.38 13.53 -10.46
N GLU A 199 -37.08 12.90 -9.33
CA GLU A 199 -37.24 11.45 -9.23
C GLU A 199 -38.48 11.02 -8.46
N THR A 200 -39.11 11.92 -7.71
CA THR A 200 -40.40 11.63 -7.11
C THR A 200 -41.54 12.27 -7.89
N LEU A 201 -41.47 13.59 -8.07
CA LEU A 201 -42.58 14.33 -8.64
C LEU A 201 -42.53 14.41 -10.16
N ASN A 202 -41.31 14.54 -10.72
CA ASN A 202 -41.05 14.86 -12.12
C ASN A 202 -41.77 16.15 -12.49
N ILE A 203 -41.52 17.21 -11.73
CA ILE A 203 -42.35 18.41 -11.73
C ILE A 203 -42.15 19.19 -13.02
N SER A 204 -43.14 19.99 -13.40
CA SER A 204 -43.08 20.85 -14.57
C SER A 204 -42.75 22.27 -14.15
N THR A 205 -42.67 23.16 -15.14
CA THR A 205 -42.29 24.54 -14.87
C THR A 205 -43.47 25.44 -14.56
N SER A 206 -44.70 24.98 -14.75
CA SER A 206 -45.87 25.81 -14.49
C SER A 206 -47.04 24.93 -14.10
N ILE A 207 -48.13 25.58 -13.68
CA ILE A 207 -49.39 24.86 -13.44
C ILE A 207 -50.16 24.69 -14.73
N SER A 208 -49.79 25.39 -15.80
CA SER A 208 -50.45 25.25 -17.08
C SER A 208 -49.96 24.00 -17.82
N ASP A 209 -48.69 23.67 -17.67
CA ASP A 209 -48.09 22.54 -18.37
C ASP A 209 -48.28 21.30 -17.51
N SER A 210 -49.07 20.35 -18.00
CA SER A 210 -49.28 19.06 -17.36
C SER A 210 -49.02 17.95 -18.35
N GLY A 211 -48.65 16.77 -17.83
CA GLY A 211 -48.27 15.67 -18.68
C GLY A 211 -49.07 14.40 -18.49
N SER A 212 -48.39 13.30 -18.22
CA SER A 212 -49.01 12.00 -18.07
C SER A 212 -49.26 11.71 -16.59
N ILE A 213 -49.63 10.48 -16.29
CA ILE A 213 -50.11 10.12 -14.95
C ILE A 213 -48.97 9.77 -13.99
N GLN A 214 -47.75 9.56 -14.50
CA GLN A 214 -46.55 9.25 -13.70
C GLN A 214 -46.78 7.98 -12.85
N TRP A 215 -46.78 6.84 -13.54
CA TRP A 215 -47.06 5.53 -12.95
C TRP A 215 -46.66 5.19 -11.50
N TRP A 216 -45.41 5.42 -11.12
CA TRP A 216 -45.00 5.08 -9.75
C TRP A 216 -45.87 5.76 -8.69
N MET A 217 -46.12 7.04 -8.88
CA MET A 217 -46.94 7.82 -7.97
C MET A 217 -48.34 7.22 -7.89
N LEU A 218 -48.85 6.78 -9.03
CA LEU A 218 -50.18 6.18 -9.11
C LEU A 218 -50.25 4.89 -8.31
N LEU A 219 -49.21 4.06 -8.44
CA LEU A 219 -49.18 2.82 -7.70
C LEU A 219 -49.21 3.15 -6.22
N CYS A 220 -48.44 4.15 -5.82
CA CYS A 220 -48.41 4.54 -4.42
C CYS A 220 -49.77 5.03 -3.91
N LEU A 221 -50.47 5.78 -4.75
CA LEU A 221 -51.78 6.30 -4.41
C LEU A 221 -52.71 5.13 -4.16
N ALA A 222 -52.65 4.15 -5.06
CA ALA A 222 -53.46 2.95 -4.92
C ALA A 222 -53.18 2.37 -3.56
N CYS A 223 -51.92 2.11 -3.27
CA CYS A 223 -51.57 1.53 -1.97
C CYS A 223 -52.17 2.30 -0.80
N ALA A 224 -52.03 3.62 -0.80
CA ALA A 224 -52.58 4.43 0.28
C ALA A 224 -54.08 4.24 0.47
N TRP A 225 -54.85 4.40 -0.61
CA TRP A 225 -56.30 4.23 -0.48
C TRP A 225 -56.68 2.81 -0.05
N SER A 226 -55.89 1.82 -0.48
CA SER A 226 -56.17 0.45 -0.10
C SER A 226 -55.93 0.24 1.38
N VAL A 227 -54.84 0.78 1.90
CA VAL A 227 -54.54 0.65 3.31
C VAL A 227 -55.57 1.41 4.12
N LEU A 228 -56.22 2.39 3.50
CA LEU A 228 -57.25 3.13 4.23
C LEU A 228 -58.58 2.38 4.25
N TYR A 229 -58.88 1.64 3.19
CA TYR A 229 -60.14 0.87 3.14
C TYR A 229 -60.15 -0.36 4.05
N MET A 230 -58.98 -0.90 4.35
CA MET A 230 -58.81 -2.04 5.23
C MET A 230 -59.05 -1.67 6.68
N CYS A 231 -58.72 -0.44 7.07
CA CYS A 231 -58.85 -0.02 8.46
C CYS A 231 -60.22 0.50 8.81
N THR A 232 -60.92 1.15 7.87
CA THR A 232 -62.25 1.70 8.11
C THR A 232 -63.34 0.91 7.39
N ILE A 233 -63.25 -0.42 7.34
CA ILE A 233 -64.20 -1.18 6.54
C ILE A 233 -65.56 -1.28 7.24
N ARG A 234 -65.60 -1.88 8.42
CA ARG A 234 -66.86 -2.04 9.16
C ARG A 234 -67.07 -0.92 10.16
N GLY A 235 -67.00 0.32 9.71
CA GLY A 235 -67.35 1.46 10.54
C GLY A 235 -66.41 1.73 11.69
N ILE A 236 -66.86 1.47 12.91
CA ILE A 236 -66.12 1.82 14.11
C ILE A 236 -65.59 0.60 14.86
N GLU A 237 -66.06 -0.60 14.55
CA GLU A 237 -65.50 -1.79 15.19
C GLU A 237 -64.26 -2.31 14.49
N THR A 238 -63.61 -1.51 13.65
CA THR A 238 -62.32 -1.90 13.08
C THR A 238 -61.31 -0.81 13.48
N THR A 239 -61.70 0.44 13.28
CA THR A 239 -60.81 1.54 13.64
C THR A 239 -60.50 1.59 15.14
N GLY A 240 -60.89 0.55 15.88
CA GLY A 240 -60.62 0.50 17.31
C GLY A 240 -59.21 0.01 17.56
N LYS A 241 -58.93 -1.20 17.14
CA LYS A 241 -57.59 -1.77 17.30
C LYS A 241 -56.65 -0.88 16.49
N ALA A 242 -57.18 -0.46 15.36
CA ALA A 242 -56.48 0.42 14.46
C ALA A 242 -56.04 1.62 15.26
N VAL A 243 -57.00 2.39 15.80
CA VAL A 243 -56.62 3.56 16.58
C VAL A 243 -55.56 3.23 17.61
N TYR A 244 -55.76 2.16 18.38
CA TYR A 244 -54.77 1.73 19.39
C TYR A 244 -53.35 1.84 18.85
N ILE A 245 -53.05 0.97 17.89
CA ILE A 245 -51.70 0.99 17.33
C ILE A 245 -51.34 2.33 16.69
N THR A 246 -52.18 2.79 15.78
CA THR A 246 -51.94 4.04 15.06
C THR A 246 -52.02 5.28 15.92
N SER A 247 -51.99 5.10 17.23
CA SER A 247 -52.06 6.23 18.13
C SER A 247 -50.98 6.17 19.18
N THR A 248 -50.49 4.97 19.49
CA THR A 248 -49.41 4.90 20.48
C THR A 248 -48.02 5.08 19.84
N LEU A 249 -47.78 4.24 18.83
CA LEU A 249 -46.59 4.14 17.99
C LEU A 249 -45.98 5.50 17.69
N PRO A 250 -46.81 6.40 17.15
CA PRO A 250 -46.36 7.76 16.83
C PRO A 250 -45.70 8.38 18.04
N TYR A 251 -46.33 8.26 19.21
CA TYR A 251 -45.75 8.81 20.44
C TYR A 251 -44.38 8.24 20.80
N VAL A 252 -44.28 6.92 20.86
CA VAL A 252 -43.02 6.25 21.18
C VAL A 252 -41.89 6.67 20.24
N VAL A 253 -42.18 6.70 18.94
CA VAL A 253 -41.13 7.08 17.99
C VAL A 253 -40.69 8.52 18.19
N LEU A 254 -41.66 9.41 18.41
CA LEU A 254 -41.35 10.80 18.64
C LEU A 254 -40.42 10.90 19.83
N THR A 255 -40.68 10.09 20.86
CA THR A 255 -39.80 10.11 22.02
C THR A 255 -38.40 9.67 21.60
N ILE A 256 -38.27 8.47 21.05
CA ILE A 256 -36.97 8.00 20.62
C ILE A 256 -36.20 9.05 19.82
N PHE A 257 -36.90 9.95 19.13
CA PHE A 257 -36.21 10.96 18.34
C PHE A 257 -35.67 12.16 19.14
N LEU A 258 -36.08 12.24 20.40
CA LEU A 258 -35.68 13.29 21.33
C LEU A 258 -34.33 12.98 21.96
N ILE A 259 -34.13 11.74 22.43
CA ILE A 259 -32.86 11.38 23.05
C ILE A 259 -31.76 11.12 22.04
N ARG A 260 -32.10 10.97 20.76
CA ARG A 260 -31.13 10.96 19.69
C ARG A 260 -30.87 12.37 19.16
N GLY A 261 -31.92 13.18 19.08
CA GLY A 261 -31.78 14.53 18.55
C GLY A 261 -30.96 15.44 19.45
N LEU A 262 -31.13 15.30 20.77
CA LEU A 262 -30.44 16.14 21.75
C LEU A 262 -29.01 15.69 22.03
N THR A 263 -28.41 14.88 21.16
CA THR A 263 -27.10 14.32 21.41
C THR A 263 -26.11 14.58 20.28
N LEU A 264 -26.56 15.11 19.14
CA LEU A 264 -25.74 14.96 17.94
C LEU A 264 -24.60 15.96 17.82
N LYS A 265 -24.88 17.20 17.42
CA LYS A 265 -23.84 18.22 17.42
C LYS A 265 -24.39 19.60 17.77
N GLY A 266 -25.64 19.84 17.38
CA GLY A 266 -26.10 21.20 17.30
C GLY A 266 -27.50 21.43 17.81
N ALA A 267 -28.07 20.41 18.44
CA ALA A 267 -29.21 20.68 19.30
C ALA A 267 -28.74 21.38 20.57
N THR A 268 -29.66 22.10 21.21
CA THR A 268 -29.56 23.15 22.23
C THR A 268 -29.04 24.45 21.59
N ASN A 269 -28.64 24.43 20.32
CA ASN A 269 -28.44 25.62 19.52
C ASN A 269 -29.58 25.86 18.54
N GLY A 270 -30.49 24.89 18.40
CA GLY A 270 -31.70 25.07 17.62
C GLY A 270 -32.92 25.09 18.51
N ILE A 271 -32.74 24.73 19.78
CA ILE A 271 -33.80 24.86 20.78
C ILE A 271 -33.86 26.29 21.30
N VAL A 272 -32.69 26.89 21.56
CA VAL A 272 -32.59 28.29 21.96
C VAL A 272 -33.10 29.23 20.88
N PHE A 273 -32.79 28.96 19.63
CA PHE A 273 -33.26 29.76 18.50
C PHE A 273 -34.78 29.71 18.34
N LEU A 274 -35.41 28.60 18.72
CA LEU A 274 -36.87 28.52 18.67
C LEU A 274 -37.51 29.39 19.75
N PHE A 275 -36.90 29.48 20.93
CA PHE A 275 -37.47 30.17 22.09
C PHE A 275 -36.81 31.52 22.36
N THR A 276 -36.46 32.25 21.32
CA THR A 276 -36.02 33.63 21.48
C THR A 276 -37.21 34.57 21.33
N PRO A 277 -37.59 35.33 22.35
CA PRO A 277 -38.79 36.16 22.25
C PRO A 277 -38.54 37.43 21.44
N ASN A 278 -39.44 37.71 20.51
CA ASN A 278 -39.45 38.95 19.74
C ASN A 278 -40.84 39.55 19.93
N VAL A 279 -40.96 40.51 20.86
CA VAL A 279 -42.26 41.01 21.26
C VAL A 279 -42.88 41.96 20.25
N THR A 280 -42.13 42.37 19.22
CA THR A 280 -42.68 43.26 18.20
C THR A 280 -43.69 42.52 17.32
N GLU A 281 -43.50 41.22 17.14
CA GLU A 281 -44.39 40.41 16.31
C GLU A 281 -45.77 40.19 16.94
N LEU A 282 -45.94 40.48 18.22
CA LEU A 282 -47.25 40.35 18.86
C LEU A 282 -48.23 41.40 18.35
N ALA A 283 -47.72 42.58 17.98
CA ALA A 283 -48.56 43.67 17.50
C ALA A 283 -48.76 43.60 16.00
N GLN A 284 -49.24 42.47 15.49
CA GLN A 284 -49.43 42.26 14.07
C GLN A 284 -50.77 41.57 13.81
N PRO A 285 -51.52 42.03 12.81
CA PRO A 285 -52.78 41.36 12.47
C PRO A 285 -52.62 40.01 11.80
N ASP A 286 -51.44 39.70 11.28
CA ASP A 286 -51.18 38.41 10.65
C ASP A 286 -50.75 37.35 11.65
N THR A 287 -50.24 37.74 12.82
CA THR A 287 -49.88 36.80 13.87
C THR A 287 -51.11 36.10 14.44
N TRP A 288 -52.11 36.86 14.86
CA TRP A 288 -53.28 36.32 15.54
C TRP A 288 -54.24 35.58 14.61
N LEU A 289 -54.07 35.70 13.30
CA LEU A 289 -54.90 34.94 12.37
C LEU A 289 -54.43 33.49 12.28
N ASP A 290 -53.16 33.30 11.93
CA ASP A 290 -52.62 31.94 11.83
C ASP A 290 -52.43 31.29 13.19
N ALA A 291 -52.29 32.08 14.26
CA ALA A 291 -52.40 31.51 15.59
C ALA A 291 -53.84 31.11 15.90
N GLY A 292 -54.80 31.81 15.31
CA GLY A 292 -56.20 31.46 15.50
C GLY A 292 -56.65 30.34 14.59
N ALA A 293 -56.15 30.32 13.36
CA ALA A 293 -56.53 29.29 12.40
C ALA A 293 -55.75 27.99 12.60
N GLN A 294 -54.73 27.99 13.45
CA GLN A 294 -54.10 26.74 13.82
C GLN A 294 -54.86 26.02 14.91
N VAL A 295 -55.53 26.76 15.80
CA VAL A 295 -56.32 26.16 16.88
C VAL A 295 -57.49 25.38 16.30
N PHE A 296 -58.13 25.89 15.26
CA PHE A 296 -59.19 25.12 14.60
C PHE A 296 -58.67 23.94 13.80
N PHE A 297 -57.34 23.87 13.56
CA PHE A 297 -56.75 22.70 12.94
C PHE A 297 -55.85 21.91 13.86
N SER A 298 -55.43 22.47 15.00
CA SER A 298 -54.80 21.65 16.04
C SER A 298 -55.82 20.70 16.64
N PHE A 299 -57.05 21.15 16.79
CA PHE A 299 -58.20 20.29 17.04
C PHE A 299 -58.77 19.87 15.68
N SER A 300 -59.97 19.32 15.67
CA SER A 300 -60.62 18.99 14.41
C SER A 300 -62.02 19.57 14.40
N LEU A 301 -62.13 20.82 14.84
CA LEU A 301 -63.42 21.48 14.97
C LEU A 301 -63.99 21.81 13.59
N ALA A 302 -65.32 21.89 13.54
CA ALA A 302 -66.11 22.20 12.33
C ALA A 302 -65.88 21.20 11.21
N PHE A 303 -65.53 19.97 11.55
CA PHE A 303 -65.34 18.91 10.56
C PHE A 303 -66.47 17.90 10.54
N GLY A 304 -67.16 17.72 11.65
CA GLY A 304 -68.26 16.78 11.73
C GLY A 304 -67.90 15.38 12.11
N GLY A 305 -66.69 15.17 12.63
CA GLY A 305 -66.28 13.84 13.05
C GLY A 305 -66.30 13.68 14.55
N LEU A 306 -66.05 14.77 15.27
CA LEU A 306 -66.07 14.74 16.73
C LEU A 306 -67.48 14.68 17.29
N ILE A 307 -68.50 15.02 16.50
CA ILE A 307 -69.87 14.85 16.94
C ILE A 307 -70.33 13.42 16.73
N SER A 308 -69.92 12.80 15.62
CA SER A 308 -70.27 11.41 15.36
C SER A 308 -69.51 10.43 16.25
N PHE A 309 -68.32 10.80 16.73
CA PHE A 309 -67.61 9.94 17.66
C PHE A 309 -68.16 10.07 19.06
N SER A 310 -68.63 11.25 19.44
CA SER A 310 -69.18 11.47 20.77
C SER A 310 -70.57 10.89 20.94
N SER A 311 -71.27 10.64 19.84
CA SER A 311 -72.65 10.16 19.89
C SER A 311 -72.75 8.67 20.18
N TYR A 312 -71.64 7.96 20.31
CA TYR A 312 -71.66 6.54 20.62
C TYR A 312 -71.46 6.27 22.11
N ASN A 313 -71.19 7.30 22.91
CA ASN A 313 -70.91 7.12 24.32
C ASN A 313 -72.21 6.86 25.09
N SER A 314 -72.05 6.58 26.38
CA SER A 314 -73.19 6.45 27.26
C SER A 314 -73.77 7.83 27.56
N VAL A 315 -75.02 7.85 28.04
CA VAL A 315 -75.69 9.11 28.29
C VAL A 315 -75.14 9.83 29.52
N HIS A 316 -74.65 9.08 30.51
CA HIS A 316 -74.09 9.68 31.71
C HIS A 316 -72.57 9.76 31.67
N ASN A 317 -71.98 9.75 30.47
CA ASN A 317 -70.55 9.91 30.32
C ASN A 317 -70.17 11.37 30.54
N ASN A 318 -69.08 11.59 31.27
CA ASN A 318 -68.61 12.94 31.57
C ASN A 318 -67.92 13.52 30.35
N CYS A 319 -68.57 14.48 29.69
CA CYS A 319 -68.00 15.15 28.53
C CYS A 319 -67.31 16.46 28.89
N GLU A 320 -67.40 16.89 30.15
CA GLU A 320 -66.66 18.07 30.59
C GLU A 320 -65.23 17.71 30.94
N LYS A 321 -65.01 16.53 31.51
CA LYS A 321 -63.66 16.07 31.81
C LYS A 321 -62.93 15.58 30.56
N ASP A 322 -63.65 15.18 29.52
CA ASP A 322 -62.99 14.72 28.31
C ASP A 322 -62.43 15.87 27.49
N SER A 323 -63.13 17.00 27.44
CA SER A 323 -62.68 18.12 26.62
C SER A 323 -61.50 18.86 27.22
N VAL A 324 -61.26 18.72 28.52
CA VAL A 324 -60.09 19.31 29.14
C VAL A 324 -58.87 18.40 28.99
N ILE A 325 -59.07 17.09 29.11
CA ILE A 325 -57.96 16.14 28.95
C ILE A 325 -57.48 16.10 27.50
N VAL A 326 -58.41 16.18 26.54
CA VAL A 326 -58.04 16.16 25.12
C VAL A 326 -57.30 17.43 24.74
N SER A 327 -57.71 18.57 25.28
CA SER A 327 -57.08 19.83 24.94
C SER A 327 -55.76 20.06 25.67
N ILE A 328 -55.56 19.44 26.84
CA ILE A 328 -54.28 19.54 27.53
C ILE A 328 -53.21 18.74 26.80
N ILE A 329 -53.56 17.55 26.33
CA ILE A 329 -52.61 16.72 25.58
C ILE A 329 -52.32 17.33 24.21
N ASN A 330 -53.30 17.99 23.59
CA ASN A 330 -53.06 18.67 22.32
C ASN A 330 -52.21 19.93 22.46
N GLY A 331 -52.25 20.59 23.62
CA GLY A 331 -51.41 21.76 23.82
C GLY A 331 -50.02 21.39 24.27
N PHE A 332 -49.88 20.21 24.89
CA PHE A 332 -48.56 19.73 25.30
C PHE A 332 -47.82 19.07 24.16
N THR A 333 -48.54 18.43 23.24
CA THR A 333 -47.89 17.74 22.13
C THR A 333 -47.31 18.73 21.11
N SER A 334 -48.00 19.85 20.88
CA SER A 334 -47.55 20.83 19.89
C SER A 334 -46.24 21.51 20.31
N VAL A 335 -46.01 21.65 21.61
CA VAL A 335 -44.70 22.09 22.07
C VAL A 335 -43.69 20.95 21.93
N TYR A 336 -44.14 19.71 22.16
CA TYR A 336 -43.24 18.57 22.21
C TYR A 336 -42.71 18.18 20.84
N VAL A 337 -43.51 18.34 19.79
CA VAL A 337 -42.99 18.06 18.45
C VAL A 337 -42.07 19.19 17.99
N ALA A 338 -42.29 20.42 18.46
CA ALA A 338 -41.42 21.53 18.07
C ALA A 338 -40.03 21.42 18.70
N ILE A 339 -39.92 20.76 19.86
CA ILE A 339 -38.61 20.49 20.44
C ILE A 339 -37.86 19.46 19.60
N VAL A 340 -38.58 18.44 19.09
CA VAL A 340 -37.95 17.39 18.32
C VAL A 340 -37.55 17.91 16.93
N VAL A 341 -38.39 18.76 16.35
CA VAL A 341 -38.14 19.24 14.98
C VAL A 341 -36.96 20.21 14.96
N TYR A 342 -36.93 21.17 15.88
CA TYR A 342 -35.87 22.16 15.88
C TYR A 342 -34.58 21.65 16.50
N SER A 343 -34.55 20.44 17.05
CA SER A 343 -33.29 19.82 17.39
C SER A 343 -32.58 19.30 16.14
N VAL A 344 -33.35 18.91 15.13
CA VAL A 344 -32.78 18.40 13.89
C VAL A 344 -32.38 19.54 12.96
N ILE A 345 -33.14 20.64 12.96
CA ILE A 345 -32.73 21.86 12.24
C ILE A 345 -31.47 22.43 12.87
N GLY A 346 -31.33 22.34 14.19
CA GLY A 346 -30.10 22.79 14.82
C GLY A 346 -28.90 21.90 14.53
N PHE A 347 -29.14 20.64 14.23
CA PHE A 347 -28.05 19.74 13.87
C PHE A 347 -27.65 19.93 12.41
N ARG A 348 -28.61 20.20 11.54
CA ARG A 348 -28.31 20.41 10.13
C ARG A 348 -27.62 21.74 9.88
N ALA A 349 -27.95 22.76 10.70
CA ALA A 349 -27.36 24.07 10.50
C ALA A 349 -25.95 24.14 11.08
N THR A 350 -25.68 23.35 12.11
CA THR A 350 -24.33 23.29 12.65
C THR A 350 -23.41 22.48 11.72
N GLN A 351 -23.98 21.49 11.03
CA GLN A 351 -23.19 20.69 10.09
C GLN A 351 -22.85 21.49 8.85
N ARG A 352 -23.82 22.25 8.34
CA ARG A 352 -23.58 23.04 7.12
C ARG A 352 -22.65 24.21 7.41
N TYR A 353 -22.60 24.67 8.66
CA TYR A 353 -21.67 25.72 9.05
C TYR A 353 -20.25 25.17 9.16
N ASP A 354 -20.12 23.87 9.47
CA ASP A 354 -18.79 23.29 9.59
C ASP A 354 -18.28 22.79 8.25
N ASP A 355 -19.16 22.31 7.37
CA ASP A 355 -18.71 21.98 6.03
C ASP A 355 -18.69 23.19 5.09
N CYS A 356 -19.04 24.37 5.57
CA CYS A 356 -18.70 25.62 4.90
C CYS A 356 -17.41 26.24 5.41
N PHE A 357 -17.20 26.22 6.73
CA PHE A 357 -16.03 26.89 7.30
C PHE A 357 -14.75 26.10 7.05
N SER A 358 -14.88 24.79 6.78
CA SER A 358 -13.71 24.00 6.44
C SER A 358 -13.29 24.19 4.99
N THR A 359 -14.14 24.73 4.14
CA THR A 359 -13.74 25.07 2.78
C THR A 359 -13.08 26.45 2.71
N ASN A 360 -13.46 27.36 3.60
CA ASN A 360 -12.71 28.62 3.72
C ASN A 360 -11.32 28.38 4.29
N ILE A 361 -11.17 27.36 5.13
CA ILE A 361 -9.85 26.92 5.56
C ILE A 361 -9.07 26.35 4.39
N LEU A 362 -9.72 25.50 3.58
CA LEU A 362 -9.04 24.76 2.53
C LEU A 362 -8.59 25.65 1.36
N THR A 363 -9.14 26.86 1.23
CA THR A 363 -8.74 27.73 0.13
C THR A 363 -7.35 28.33 0.35
N LEU A 364 -7.04 28.78 1.56
CA LEU A 364 -5.76 29.46 1.77
C LEU A 364 -4.63 28.46 1.98
N ILE A 365 -4.94 27.27 2.49
CA ILE A 365 -3.95 26.20 2.57
C ILE A 365 -3.51 25.75 1.18
N ASN A 366 -4.44 25.78 0.23
CA ASN A 366 -4.12 25.43 -1.15
C ASN A 366 -3.49 26.61 -1.90
N GLY A 367 -3.38 27.78 -1.26
CA GLY A 367 -2.80 28.93 -1.91
C GLY A 367 -1.58 29.54 -1.23
N PHE A 368 -1.31 29.16 0.03
CA PHE A 368 -0.21 29.76 0.77
C PHE A 368 0.75 28.77 1.40
N ASP A 369 0.59 27.49 1.07
CA ASP A 369 1.48 26.43 1.53
C ASP A 369 1.70 26.39 3.03
N LEU A 370 0.67 26.03 3.76
CA LEU A 370 0.75 25.91 5.21
C LEU A 370 0.51 24.47 5.65
N PRO A 371 1.07 24.10 6.87
CA PRO A 371 0.83 22.71 7.26
C PRO A 371 -0.66 22.35 7.25
N GLU A 372 -0.96 21.07 7.49
CA GLU A 372 -2.35 20.61 7.52
C GLU A 372 -3.14 21.26 8.65
N GLY A 373 -3.01 20.72 9.86
CA GLY A 373 -3.71 21.24 11.01
C GLY A 373 -3.34 22.68 11.31
N ASN A 374 -3.07 23.44 10.26
CA ASN A 374 -2.69 24.85 10.41
C ASN A 374 -3.81 25.79 9.99
N VAL A 375 -4.17 26.71 10.88
CA VAL A 375 -5.24 27.67 10.61
C VAL A 375 -6.63 27.05 10.80
N THR A 376 -6.95 26.72 12.05
CA THR A 376 -8.24 26.13 12.37
C THR A 376 -9.32 27.20 12.51
N GLN A 377 -10.35 26.91 13.30
CA GLN A 377 -11.44 27.86 13.49
C GLN A 377 -11.09 28.95 14.49
N GLU A 378 -10.29 28.61 15.49
CA GLU A 378 -9.89 29.60 16.49
C GLU A 378 -9.00 30.68 15.90
N ASN A 379 -8.28 30.38 14.83
CA ASN A 379 -7.33 31.33 14.25
C ASN A 379 -7.61 31.54 12.77
N PHE A 380 -8.84 31.94 12.43
CA PHE A 380 -9.13 32.21 11.03
C PHE A 380 -8.76 33.64 10.65
N VAL A 381 -9.31 34.63 11.39
CA VAL A 381 -9.22 36.02 11.00
C VAL A 381 -7.82 36.60 11.16
N ASP A 382 -7.09 36.17 12.19
CA ASP A 382 -5.71 36.64 12.36
C ASP A 382 -4.78 36.02 11.32
N MET A 383 -5.08 34.81 10.86
CA MET A 383 -4.32 34.22 9.77
C MET A 383 -4.80 34.69 8.40
N GLN A 384 -5.92 35.41 8.33
CA GLN A 384 -6.26 36.10 7.09
C GLN A 384 -5.31 37.26 6.83
N GLN A 385 -4.98 38.03 7.87
CA GLN A 385 -4.15 39.22 7.72
C GLN A 385 -2.66 38.92 7.81
N ARG A 386 -2.27 37.76 8.33
CA ARG A 386 -0.86 37.37 8.28
C ARG A 386 -0.44 37.06 6.85
N CYS A 387 -1.36 36.53 6.04
CA CYS A 387 -1.04 36.21 4.65
C CYS A 387 -0.99 37.46 3.77
N ASN A 388 -1.97 38.38 3.93
CA ASN A 388 -1.98 39.56 3.08
C ASN A 388 -0.92 40.58 3.48
N ALA A 389 -0.39 40.51 4.69
CA ALA A 389 0.77 41.31 5.05
C ALA A 389 2.08 40.65 4.66
N SER A 390 2.05 39.34 4.42
CA SER A 390 3.25 38.64 3.95
C SER A 390 3.51 38.94 2.48
N ASP A 391 2.48 38.82 1.64
CA ASP A 391 2.61 39.05 0.21
C ASP A 391 1.26 39.49 -0.37
N PRO A 392 1.16 40.72 -0.86
CA PRO A 392 -0.06 41.15 -1.55
C PRO A 392 -0.13 40.55 -2.95
N ALA A 393 -1.26 40.80 -3.62
CA ALA A 393 -1.65 40.32 -4.95
C ALA A 393 -1.80 38.80 -5.04
N ALA A 394 -1.71 38.07 -3.93
CA ALA A 394 -2.08 36.66 -3.85
C ALA A 394 -3.33 36.42 -3.04
N TYR A 395 -3.83 37.47 -2.37
CA TYR A 395 -5.07 37.39 -1.63
C TYR A 395 -6.26 37.82 -2.49
N ALA A 396 -5.99 38.51 -3.60
CA ALA A 396 -7.03 39.09 -4.44
C ALA A 396 -7.78 38.06 -5.28
N GLN A 397 -7.21 36.89 -5.51
CA GLN A 397 -7.91 35.83 -6.23
C GLN A 397 -8.62 34.85 -5.30
N LEU A 398 -8.51 35.05 -3.98
CA LEU A 398 -9.09 34.13 -3.02
C LEU A 398 -10.58 34.44 -2.83
N VAL A 399 -11.41 33.42 -2.95
CA VAL A 399 -12.84 33.54 -2.77
C VAL A 399 -13.21 32.94 -1.43
N PHE A 400 -13.65 33.77 -0.50
CA PHE A 400 -14.07 33.32 0.82
C PHE A 400 -15.59 33.41 0.93
N GLN A 401 -16.12 32.80 1.97
CA GLN A 401 -17.56 32.75 2.19
C GLN A 401 -17.91 33.56 3.44
N THR A 402 -19.14 34.07 3.45
CA THR A 402 -19.61 34.88 4.57
C THR A 402 -20.64 34.07 5.35
N CYS A 403 -20.41 32.77 5.50
CA CYS A 403 -21.38 31.90 6.12
C CYS A 403 -21.30 31.96 7.64
N ASP A 404 -22.47 31.97 8.28
CA ASP A 404 -22.61 32.19 9.71
C ASP A 404 -23.96 31.64 10.13
N ILE A 405 -24.03 31.09 11.35
CA ILE A 405 -25.31 30.65 11.90
C ILE A 405 -26.19 31.86 12.19
N ASN A 406 -27.49 31.59 12.34
CA ASN A 406 -28.68 32.45 12.26
C ASN A 406 -29.00 32.81 10.81
N ALA A 407 -28.16 32.42 9.86
CA ALA A 407 -28.50 32.41 8.45
C ALA A 407 -28.71 31.00 7.91
N PHE A 408 -28.14 30.00 8.57
CA PHE A 408 -28.42 28.60 8.27
C PHE A 408 -29.57 28.05 9.09
N LEU A 409 -29.91 28.69 10.21
CA LEU A 409 -31.08 28.34 10.99
C LEU A 409 -32.34 29.01 10.50
N SER A 410 -32.25 29.93 9.53
CA SER A 410 -33.35 30.81 9.20
C SER A 410 -33.85 30.65 7.78
N GLU A 411 -34.03 29.43 7.31
CA GLU A 411 -34.78 29.20 6.08
C GLU A 411 -36.26 29.06 6.39
N ALA A 412 -37.09 29.51 5.46
CA ALA A 412 -38.54 29.59 5.66
C ALA A 412 -39.26 28.42 5.03
N VAL A 413 -38.67 27.23 5.07
CA VAL A 413 -39.29 26.06 4.45
C VAL A 413 -40.47 25.60 5.31
N GLU A 414 -41.54 25.15 4.65
CA GLU A 414 -42.81 24.91 5.33
C GLU A 414 -43.72 24.08 4.44
N GLY A 415 -44.34 23.06 5.04
CA GLY A 415 -45.51 22.43 4.48
C GLY A 415 -45.31 21.05 3.88
N THR A 416 -44.26 20.90 3.09
CA THR A 416 -43.77 19.58 2.69
C THR A 416 -42.26 19.48 2.73
N GLY A 417 -41.54 20.59 2.69
CA GLY A 417 -40.11 20.55 2.67
C GLY A 417 -39.45 20.28 4.00
N LEU A 418 -40.19 20.40 5.10
CA LEU A 418 -39.63 20.08 6.40
C LEU A 418 -39.50 18.58 6.64
N ALA A 419 -40.03 17.74 5.75
CA ALA A 419 -39.87 16.30 5.86
C ALA A 419 -39.17 15.67 4.67
N PHE A 420 -39.18 16.30 3.50
CA PHE A 420 -38.68 15.68 2.29
C PHE A 420 -37.38 16.28 1.76
N ILE A 421 -37.01 17.49 2.17
CA ILE A 421 -35.75 18.08 1.75
C ILE A 421 -34.95 18.66 2.91
N VAL A 422 -35.43 18.54 4.15
CA VAL A 422 -34.73 19.12 5.30
C VAL A 422 -34.49 18.04 6.34
N PHE A 423 -35.54 17.32 6.71
CA PHE A 423 -35.39 16.27 7.72
C PHE A 423 -34.65 15.06 7.18
N THR A 424 -34.88 14.71 5.91
CA THR A 424 -34.26 13.52 5.36
C THR A 424 -32.83 13.77 4.89
N GLU A 425 -32.37 15.02 4.87
CA GLU A 425 -30.96 15.29 4.63
C GLU A 425 -30.14 15.13 5.89
N ALA A 426 -30.71 15.51 7.05
CA ALA A 426 -30.02 15.32 8.32
C ALA A 426 -29.97 13.87 8.76
N ILE A 427 -30.84 13.02 8.22
CA ILE A 427 -30.83 11.60 8.56
C ILE A 427 -29.64 10.90 7.90
N THR A 428 -29.27 11.31 6.69
CA THR A 428 -28.18 10.68 5.96
C THR A 428 -26.81 10.94 6.60
N LYS A 429 -26.68 11.98 7.41
CA LYS A 429 -25.42 12.29 8.09
C LYS A 429 -25.36 11.73 9.50
N MET A 430 -26.32 10.90 9.89
CA MET A 430 -26.28 10.24 11.19
C MET A 430 -25.56 8.91 11.07
N PRO A 431 -25.38 8.20 12.18
CA PRO A 431 -24.64 6.94 12.15
C PRO A 431 -25.32 5.82 11.36
N LEU A 432 -26.54 5.47 11.74
CA LEU A 432 -27.29 4.38 11.10
C LEU A 432 -28.37 4.99 10.21
N SER A 433 -27.99 5.30 8.96
CA SER A 433 -28.90 6.04 8.07
C SER A 433 -30.15 5.27 7.65
N PRO A 434 -30.12 4.01 7.19
CA PRO A 434 -31.37 3.38 6.77
C PRO A 434 -32.23 2.84 7.91
N LEU A 435 -31.97 3.17 9.17
CA LEU A 435 -32.84 2.81 10.28
C LEU A 435 -33.57 4.00 10.86
N TRP A 436 -32.93 5.17 10.91
CA TRP A 436 -33.64 6.38 11.33
C TRP A 436 -34.55 6.91 10.24
N SER A 437 -34.45 6.42 9.01
CA SER A 437 -35.37 6.79 7.96
C SER A 437 -36.58 5.88 7.89
N VAL A 438 -36.47 4.63 8.34
CA VAL A 438 -37.64 3.77 8.42
C VAL A 438 -38.51 4.19 9.61
N LEU A 439 -37.87 4.51 10.74
CA LEU A 439 -38.59 4.94 11.92
C LEU A 439 -39.24 6.30 11.73
N PHE A 440 -38.66 7.16 10.88
CA PHE A 440 -39.23 8.49 10.70
C PHE A 440 -40.43 8.46 9.79
N PHE A 441 -40.42 7.62 8.75
CA PHE A 441 -41.51 7.61 7.80
C PHE A 441 -42.65 6.66 8.16
N ILE A 442 -42.50 5.83 9.19
CA ILE A 442 -43.63 5.01 9.60
C ILE A 442 -44.45 5.84 10.60
N MET A 443 -43.78 6.76 11.28
CA MET A 443 -44.44 7.63 12.25
C MET A 443 -45.37 8.62 11.56
N LEU A 444 -44.86 9.24 10.49
CA LEU A 444 -45.65 10.19 9.72
C LEU A 444 -46.83 9.42 9.15
N PHE A 445 -46.56 8.19 8.70
CA PHE A 445 -47.59 7.36 8.14
C PHE A 445 -48.70 7.19 9.17
N CYS A 446 -48.36 6.79 10.38
CA CYS A 446 -49.34 6.63 11.44
C CYS A 446 -50.18 7.89 11.68
N LEU A 447 -49.51 9.04 11.76
CA LEU A 447 -50.23 10.30 11.97
C LEU A 447 -51.27 10.49 10.86
N GLY A 448 -50.81 10.38 9.63
CA GLY A 448 -51.68 10.53 8.49
C GLY A 448 -52.87 9.60 8.60
N LEU A 449 -52.60 8.34 8.92
CA LEU A 449 -53.67 7.35 9.06
C LEU A 449 -54.73 7.73 10.08
N SER A 450 -54.33 8.20 11.25
CA SER A 450 -55.35 8.59 12.23
C SER A 450 -56.20 9.76 11.72
N SER A 451 -55.53 10.74 11.11
CA SER A 451 -56.29 11.87 10.58
C SER A 451 -57.29 11.39 9.53
N MET A 452 -56.86 10.42 8.73
CA MET A 452 -57.68 9.83 7.68
C MET A 452 -58.91 9.18 8.28
N PHE A 453 -58.72 8.41 9.35
CA PHE A 453 -59.85 7.76 10.02
C PHE A 453 -60.86 8.85 10.33
N GLY A 454 -60.38 9.92 10.96
CA GLY A 454 -61.27 11.03 11.27
C GLY A 454 -62.08 11.55 10.08
N ASN A 455 -61.39 11.93 9.01
CA ASN A 455 -62.10 12.47 7.83
C ASN A 455 -63.06 11.49 7.14
N MET A 456 -62.73 10.20 7.23
CA MET A 456 -63.57 9.17 6.63
C MET A 456 -64.83 9.06 7.46
N GLU A 457 -64.70 9.14 8.78
CA GLU A 457 -65.88 9.09 9.62
C GLU A 457 -66.72 10.28 9.24
N GLY A 458 -66.04 11.37 8.90
CA GLY A 458 -66.70 12.59 8.48
C GLY A 458 -67.48 12.56 7.17
N VAL A 459 -67.09 11.74 6.20
CA VAL A 459 -67.84 11.68 4.91
C VAL A 459 -68.87 10.55 4.69
N VAL A 460 -68.75 9.46 5.44
CA VAL A 460 -69.60 8.27 5.40
C VAL A 460 -70.90 8.44 6.19
N VAL A 461 -70.84 8.96 7.42
CA VAL A 461 -72.01 9.10 8.29
C VAL A 461 -73.02 10.13 7.75
N PRO A 462 -72.65 11.31 7.23
CA PRO A 462 -73.67 12.13 6.56
C PRO A 462 -74.19 11.56 5.26
N LEU A 463 -73.50 10.60 4.65
CA LEU A 463 -73.99 9.99 3.43
C LEU A 463 -74.93 8.82 3.70
N GLN A 464 -75.13 8.45 4.97
CA GLN A 464 -76.16 7.50 5.35
C GLN A 464 -77.45 8.17 5.77
N ASP A 465 -77.38 9.35 6.38
CA ASP A 465 -78.57 10.10 6.76
C ASP A 465 -79.23 10.75 5.55
N LEU A 466 -78.51 10.90 4.44
CA LEU A 466 -79.10 11.33 3.18
C LEU A 466 -79.82 10.19 2.48
N ARG A 467 -79.45 8.94 2.78
CA ARG A 467 -79.98 7.72 2.17
C ARG A 467 -79.84 7.74 0.66
N VAL A 468 -78.59 7.75 0.20
CA VAL A 468 -78.33 7.70 -1.24
C VAL A 468 -78.40 6.26 -1.74
N ILE A 469 -78.25 5.28 -0.85
CA ILE A 469 -78.32 3.87 -1.21
C ILE A 469 -79.47 3.25 -0.42
N PRO A 470 -80.06 2.14 -0.87
CA PRO A 470 -81.15 1.50 -0.10
C PRO A 470 -80.66 0.94 1.23
N PRO A 471 -81.56 0.64 2.16
CA PRO A 471 -81.16 0.05 3.44
C PRO A 471 -80.68 -1.40 3.39
N LYS A 472 -80.54 -1.98 2.19
CA LYS A 472 -79.66 -3.11 1.93
C LYS A 472 -78.25 -2.59 1.76
N TRP A 473 -77.35 -3.40 1.15
CA TRP A 473 -75.99 -2.99 0.78
C TRP A 473 -75.17 -2.61 2.01
N PRO A 474 -74.66 -3.59 2.78
CA PRO A 474 -74.08 -3.30 4.10
C PRO A 474 -72.84 -2.40 4.11
N LYS A 475 -72.29 -2.18 5.30
CA LYS A 475 -71.28 -1.15 5.56
C LYS A 475 -69.99 -1.36 4.78
N GLU A 476 -69.73 -2.56 4.29
CA GLU A 476 -68.59 -2.79 3.41
C GLU A 476 -68.78 -2.13 2.05
N VAL A 477 -70.03 -1.93 1.60
CA VAL A 477 -70.26 -1.49 0.23
C VAL A 477 -70.21 0.03 0.11
N LEU A 478 -70.67 0.76 1.12
CA LEU A 478 -70.68 2.22 1.01
C LEU A 478 -69.27 2.78 1.19
N THR A 479 -68.48 2.17 2.09
CA THR A 479 -67.11 2.63 2.27
C THR A 479 -66.25 2.27 1.07
N GLY A 480 -66.60 1.19 0.36
CA GLY A 480 -65.83 0.79 -0.80
C GLY A 480 -66.04 1.70 -2.00
N LEU A 481 -67.20 2.35 -2.08
CA LEU A 481 -67.46 3.26 -3.18
C LEU A 481 -66.97 4.67 -2.88
N ILE A 482 -66.65 4.94 -1.61
CA ILE A 482 -66.03 6.22 -1.27
C ILE A 482 -64.52 6.13 -1.49
N CYS A 483 -63.93 4.99 -1.11
CA CYS A 483 -62.49 4.81 -1.27
C CYS A 483 -62.12 4.63 -2.74
N LEU A 484 -63.05 4.14 -3.55
CA LEU A 484 -62.79 4.01 -4.98
C LEU A 484 -63.16 5.29 -5.73
N GLY A 485 -64.13 6.05 -5.20
CA GLY A 485 -64.53 7.26 -5.88
C GLY A 485 -63.57 8.41 -5.63
N THR A 486 -62.99 8.46 -4.43
CA THR A 486 -62.00 9.49 -4.13
C THR A 486 -60.63 9.12 -4.70
N PHE A 487 -60.44 7.88 -5.12
CA PHE A 487 -59.20 7.47 -5.77
C PHE A 487 -59.11 8.03 -7.18
N LEU A 488 -60.22 8.04 -7.92
CA LEU A 488 -60.18 8.51 -9.31
C LEU A 488 -60.08 10.02 -9.41
N ILE A 489 -60.59 10.75 -8.42
CA ILE A 489 -60.41 12.19 -8.39
C ILE A 489 -58.98 12.55 -7.99
N GLY A 490 -58.29 11.68 -7.27
CA GLY A 490 -56.91 11.87 -6.90
C GLY A 490 -55.89 11.67 -8.00
N PHE A 491 -56.32 11.57 -9.26
CA PHE A 491 -55.41 11.50 -10.39
C PHE A 491 -54.82 12.86 -10.74
N ILE A 492 -55.37 13.94 -10.18
CA ILE A 492 -54.89 15.28 -10.48
C ILE A 492 -53.51 15.51 -9.90
N PHE A 493 -53.26 15.00 -8.70
CA PHE A 493 -51.99 15.22 -8.02
C PHE A 493 -50.93 14.21 -8.40
N THR A 494 -51.21 13.32 -9.35
CA THR A 494 -50.20 12.43 -9.89
C THR A 494 -49.62 12.91 -11.20
N LEU A 495 -50.12 14.01 -11.75
CA LEU A 495 -49.61 14.55 -12.99
C LEU A 495 -48.24 15.19 -12.78
N ASN A 496 -47.71 15.78 -13.85
CA ASN A 496 -46.43 16.47 -13.76
C ASN A 496 -46.56 17.74 -12.92
N SER A 497 -47.66 18.47 -13.09
CA SER A 497 -47.95 19.66 -12.33
C SER A 497 -48.78 19.37 -11.08
N GLY A 498 -48.71 18.15 -10.56
CA GLY A 498 -49.56 17.76 -9.46
C GLY A 498 -49.20 18.33 -8.11
N GLN A 499 -48.01 18.89 -7.95
CA GLN A 499 -47.64 19.50 -6.69
C GLN A 499 -48.05 20.97 -6.63
N TYR A 500 -48.27 21.61 -7.78
CA TYR A 500 -48.83 22.95 -7.77
C TYR A 500 -50.33 22.93 -7.49
N TRP A 501 -51.00 21.82 -7.81
CA TRP A 501 -52.42 21.70 -7.50
C TRP A 501 -52.64 21.45 -6.01
N LEU A 502 -51.75 20.69 -5.38
CA LEU A 502 -51.93 20.38 -3.97
C LEU A 502 -51.56 21.55 -3.07
N SER A 503 -50.59 22.36 -3.48
CA SER A 503 -50.26 23.56 -2.71
C SER A 503 -51.29 24.66 -2.86
N LEU A 504 -52.11 24.60 -3.92
CA LEU A 504 -53.16 25.58 -4.12
C LEU A 504 -54.29 25.39 -3.11
N LEU A 505 -55.00 24.27 -3.22
CA LEU A 505 -56.20 24.02 -2.42
C LEU A 505 -56.15 24.01 -0.89
N ASP A 506 -55.12 23.36 -0.35
CA ASP A 506 -54.90 23.23 1.08
C ASP A 506 -55.40 24.42 1.93
N SER A 507 -54.48 25.35 2.15
CA SER A 507 -54.69 26.58 2.91
C SER A 507 -56.10 27.09 2.79
N TYR A 508 -56.34 27.72 1.64
CA TYR A 508 -57.63 28.30 1.27
C TYR A 508 -58.77 27.49 1.83
N ALA A 509 -58.98 26.34 1.20
CA ALA A 509 -60.03 25.39 1.55
C ALA A 509 -60.24 25.37 3.04
N GLY A 510 -59.29 24.70 3.71
CA GLY A 510 -59.29 24.55 5.14
C GLY A 510 -59.79 25.81 5.82
N SER A 511 -58.90 26.79 5.88
CA SER A 511 -59.19 28.08 6.50
C SER A 511 -60.63 28.54 6.38
N ILE A 512 -61.01 28.92 5.16
CA ILE A 512 -62.35 29.45 4.98
C ILE A 512 -63.43 28.57 5.59
N PRO A 513 -63.68 27.38 4.90
CA PRO A 513 -64.73 26.57 5.54
C PRO A 513 -64.66 26.40 7.05
N LEU A 514 -63.50 26.05 7.58
CA LEU A 514 -63.37 25.87 9.02
C LEU A 514 -63.97 27.05 9.77
N LEU A 515 -63.36 28.21 9.63
CA LEU A 515 -63.88 29.37 10.35
C LEU A 515 -65.39 29.57 10.22
N ILE A 516 -65.89 29.60 8.98
CA ILE A 516 -67.33 29.85 8.84
C ILE A 516 -68.22 28.80 9.51
N ILE A 517 -67.93 27.52 9.31
CA ILE A 517 -68.74 26.48 9.91
C ILE A 517 -68.64 26.50 11.42
N ALA A 518 -67.48 26.89 11.93
CA ALA A 518 -67.25 26.96 13.36
C ALA A 518 -68.06 28.07 14.01
N PHE A 519 -68.34 29.15 13.28
CA PHE A 519 -69.14 30.23 13.91
C PHE A 519 -70.65 29.94 14.11
N CYS A 520 -71.26 29.23 13.18
CA CYS A 520 -72.67 28.86 13.16
C CYS A 520 -72.99 27.66 14.04
N GLU A 521 -71.98 26.91 14.48
CA GLU A 521 -72.21 25.89 15.50
C GLU A 521 -72.35 26.54 16.87
N MET A 522 -71.52 27.52 17.17
CA MET A 522 -71.64 28.29 18.41
C MET A 522 -72.89 29.17 18.41
N PHE A 523 -73.39 29.56 17.24
CA PHE A 523 -74.58 30.39 17.19
C PHE A 523 -75.85 29.58 17.36
N SER A 524 -75.98 28.47 16.63
CA SER A 524 -77.24 27.73 16.57
C SER A 524 -77.44 26.79 17.75
N VAL A 525 -76.57 26.79 18.74
CA VAL A 525 -76.79 26.03 19.97
C VAL A 525 -77.24 27.02 21.04
N VAL A 526 -76.61 28.19 21.05
CA VAL A 526 -76.90 29.18 22.08
C VAL A 526 -78.17 29.98 21.77
N TYR A 527 -78.42 30.33 20.52
CA TYR A 527 -79.53 31.22 20.20
C TYR A 527 -80.68 30.58 19.44
N VAL A 528 -80.51 29.37 18.91
CA VAL A 528 -81.57 28.66 18.21
C VAL A 528 -82.08 27.48 19.02
N TYR A 529 -81.18 26.64 19.52
CA TYR A 529 -81.56 25.59 20.45
C TYR A 529 -81.92 26.16 21.81
N GLY A 530 -81.15 27.15 22.27
CA GLY A 530 -81.38 27.75 23.56
C GLY A 530 -80.35 27.30 24.56
N VAL A 531 -79.59 28.24 25.12
CA VAL A 531 -78.54 27.89 26.07
C VAL A 531 -79.13 27.55 27.44
N ASP A 532 -80.40 27.87 27.69
CA ASP A 532 -81.06 27.45 28.91
C ASP A 532 -81.61 26.04 28.82
N ARG A 533 -81.95 25.57 27.62
CA ARG A 533 -82.42 24.20 27.50
C ARG A 533 -81.17 23.34 27.59
N PHE A 534 -80.10 23.84 26.96
CA PHE A 534 -78.82 23.18 26.94
C PHE A 534 -78.30 22.92 28.35
N ASN A 535 -78.25 23.95 29.18
CA ASN A 535 -77.76 23.78 30.54
C ASN A 535 -78.49 22.66 31.27
N LYS A 536 -79.81 22.70 31.24
CA LYS A 536 -80.61 21.68 31.89
C LYS A 536 -80.23 20.30 31.39
N ASP A 537 -80.28 20.12 30.07
CA ASP A 537 -79.93 18.81 29.51
C ASP A 537 -78.53 18.33 29.90
N ILE A 538 -77.57 19.24 29.97
CA ILE A 538 -76.22 18.85 30.35
C ILE A 538 -76.29 18.36 31.79
N GLU A 539 -76.79 19.20 32.68
CA GLU A 539 -76.91 18.82 34.08
C GLU A 539 -77.53 17.44 34.24
N PHE A 540 -78.46 17.09 33.35
CA PHE A 540 -79.10 15.79 33.45
C PHE A 540 -78.12 14.63 33.26
N MET A 541 -77.03 14.89 32.54
CA MET A 541 -76.02 13.88 32.24
C MET A 541 -74.96 13.75 33.33
N ILE A 542 -74.46 14.88 33.83
CA ILE A 542 -73.34 14.91 34.74
C ILE A 542 -73.74 15.34 36.15
N GLY A 543 -74.73 16.22 36.26
CA GLY A 543 -74.84 17.07 37.42
C GLY A 543 -73.95 18.30 37.26
N HIS A 544 -74.06 19.22 38.22
CA HIS A 544 -73.28 20.46 38.33
C HIS A 544 -73.24 21.29 37.04
N LYS A 545 -74.36 21.99 36.74
CA LYS A 545 -74.52 23.00 35.69
C LYS A 545 -73.27 23.87 35.55
N PRO A 546 -72.79 24.09 34.32
CA PRO A 546 -71.42 24.56 34.12
C PRO A 546 -71.16 25.96 34.67
N ASN A 547 -69.88 26.27 34.81
CA ASN A 547 -69.40 27.37 35.63
C ASN A 547 -69.71 28.72 35.00
N ILE A 548 -69.24 29.78 35.64
CA ILE A 548 -69.34 31.11 35.07
C ILE A 548 -68.38 31.25 33.88
N PHE A 549 -67.30 30.48 33.89
CA PHE A 549 -66.36 30.49 32.78
C PHE A 549 -66.95 29.88 31.52
N TRP A 550 -67.77 28.84 31.67
CA TRP A 550 -68.42 28.26 30.50
C TRP A 550 -69.56 29.13 29.98
N GLN A 551 -70.27 29.80 30.87
CA GLN A 551 -71.40 30.63 30.45
C GLN A 551 -70.93 31.91 29.78
N VAL A 552 -69.76 32.42 30.15
CA VAL A 552 -69.28 33.67 29.56
C VAL A 552 -68.71 33.42 28.17
N THR A 553 -67.89 32.37 28.00
CA THR A 553 -67.28 32.12 26.71
C THR A 553 -68.28 31.60 25.68
N TRP A 554 -69.32 30.89 26.11
CA TRP A 554 -70.33 30.43 25.16
C TRP A 554 -71.16 31.59 24.63
N ARG A 555 -71.49 32.54 25.49
CA ARG A 555 -72.45 33.58 25.14
C ARG A 555 -71.80 34.76 24.41
N VAL A 556 -70.76 35.36 24.98
CA VAL A 556 -70.26 36.64 24.51
C VAL A 556 -68.83 36.56 23.96
N VAL A 557 -67.95 35.78 24.59
CA VAL A 557 -66.52 35.91 24.30
C VAL A 557 -66.14 35.20 23.01
N SER A 558 -66.45 33.91 22.90
CA SER A 558 -66.02 33.15 21.72
C SER A 558 -66.78 33.45 20.42
N PRO A 559 -68.08 33.80 20.41
CA PRO A 559 -68.63 34.35 19.16
C PRO A 559 -68.02 35.68 18.76
N LEU A 560 -67.62 36.52 19.71
CA LEU A 560 -66.98 37.78 19.36
C LEU A 560 -65.55 37.55 18.89
N LEU A 561 -64.82 36.64 19.55
CA LEU A 561 -63.44 36.37 19.21
C LEU A 561 -63.29 35.64 17.88
N MET A 562 -64.33 34.93 17.44
CA MET A 562 -64.33 34.28 16.14
C MET A 562 -64.78 35.20 15.01
N LEU A 563 -65.18 36.43 15.31
CA LEU A 563 -65.47 37.40 14.26
C LEU A 563 -64.23 38.19 13.86
N ILE A 564 -63.35 38.51 14.80
CA ILE A 564 -62.14 39.25 14.44
C ILE A 564 -61.12 38.36 13.75
N ILE A 565 -61.24 37.03 13.86
CA ILE A 565 -60.45 36.16 12.99
C ILE A 565 -61.04 36.16 11.59
N PHE A 566 -62.36 36.24 11.48
CA PHE A 566 -63.02 36.35 10.19
C PHE A 566 -62.85 37.73 9.58
N LEU A 567 -62.63 38.76 10.38
CA LEU A 567 -62.39 40.09 9.84
C LEU A 567 -60.94 40.25 9.40
N PHE A 568 -60.00 39.58 10.08
CA PHE A 568 -58.60 39.64 9.69
C PHE A 568 -58.31 38.84 8.44
N PHE A 569 -59.23 37.96 8.01
CA PHE A 569 -59.01 37.21 6.80
C PHE A 569 -59.10 38.10 5.56
N PHE A 570 -60.09 38.97 5.50
CA PHE A 570 -60.26 39.86 4.37
C PHE A 570 -59.36 41.09 4.46
N VAL A 571 -58.57 41.21 5.52
CA VAL A 571 -57.52 42.22 5.58
C VAL A 571 -56.22 41.68 5.00
N VAL A 572 -55.86 40.43 5.33
CA VAL A 572 -54.64 39.83 4.80
C VAL A 572 -54.85 39.20 3.43
N GLU A 573 -56.08 39.04 2.96
CA GLU A 573 -56.25 38.51 1.62
C GLU A 573 -56.11 39.58 0.56
N VAL A 574 -56.54 40.82 0.87
CA VAL A 574 -56.52 41.87 -0.14
C VAL A 574 -55.15 42.47 -0.37
N SER A 575 -54.18 42.26 0.54
CA SER A 575 -52.79 42.65 0.26
C SER A 575 -51.83 41.57 0.73
N GLN A 576 -51.62 40.55 -0.11
CA GLN A 576 -50.45 39.68 -0.02
C GLN A 576 -49.83 39.33 -1.36
N GLU A 577 -50.42 39.75 -2.49
CA GLU A 577 -49.91 39.52 -3.85
C GLU A 577 -49.73 38.02 -4.13
N LEU A 578 -50.89 37.35 -4.25
CA LEU A 578 -51.01 35.89 -4.40
C LEU A 578 -50.16 35.29 -5.52
N THR A 579 -49.16 34.49 -5.16
CA THR A 579 -48.21 33.90 -6.08
C THR A 579 -47.97 32.45 -5.67
N TYR A 580 -47.11 31.76 -6.43
CA TYR A 580 -46.72 30.41 -6.09
C TYR A 580 -45.31 30.13 -6.57
N SER A 581 -44.70 29.09 -5.99
CA SER A 581 -43.30 28.75 -6.24
C SER A 581 -43.20 27.64 -7.26
N ILE A 582 -42.32 27.83 -8.25
CA ILE A 582 -42.04 26.79 -9.25
C ILE A 582 -40.59 26.35 -9.13
N TRP A 583 -40.21 25.33 -9.91
CA TRP A 583 -38.85 24.81 -9.87
C TRP A 583 -38.00 25.35 -11.02
N ASP A 584 -38.42 25.12 -12.28
CA ASP A 584 -37.82 25.68 -13.50
C ASP A 584 -36.32 25.46 -13.62
N PRO A 585 -35.86 24.26 -13.98
CA PRO A 585 -34.41 23.99 -13.97
C PRO A 585 -33.64 24.74 -15.04
N GLY A 586 -34.22 24.96 -16.21
CA GLY A 586 -33.58 25.75 -17.24
C GLY A 586 -33.91 27.22 -17.12
N TYR A 587 -33.33 27.88 -16.12
CA TYR A 587 -33.67 29.26 -15.80
C TYR A 587 -32.45 29.95 -15.23
N GLU A 588 -32.25 31.21 -15.62
CA GLU A 588 -31.07 31.97 -15.21
C GLU A 588 -31.15 32.26 -13.72
N GLU A 589 -29.99 32.20 -13.04
CA GLU A 589 -29.82 32.19 -11.57
C GLU A 589 -30.84 31.24 -10.91
N PHE A 590 -30.59 29.95 -11.18
CA PHE A 590 -31.60 28.92 -10.93
C PHE A 590 -31.94 28.71 -9.45
N PRO A 591 -31.02 28.23 -8.57
CA PRO A 591 -31.49 27.68 -7.29
C PRO A 591 -31.69 28.73 -6.19
N LYS A 592 -32.59 29.68 -6.42
CA LYS A 592 -32.91 30.65 -5.38
C LYS A 592 -34.35 30.57 -4.88
N SER A 593 -35.35 30.86 -5.72
CA SER A 593 -36.79 30.87 -5.49
C SER A 593 -37.40 31.36 -6.80
N GLN A 594 -38.73 31.34 -6.86
CA GLN A 594 -39.47 31.92 -7.98
C GLN A 594 -40.89 32.16 -7.51
N LYS A 595 -41.50 33.24 -8.00
CA LYS A 595 -42.91 33.55 -7.76
C LYS A 595 -43.48 34.07 -9.07
N ILE A 596 -44.41 33.36 -9.68
CA ILE A 596 -44.87 33.79 -11.01
C ILE A 596 -46.38 33.96 -11.18
N SER A 597 -47.10 34.30 -10.09
CA SER A 597 -48.38 35.00 -10.21
C SER A 597 -49.49 34.28 -10.98
N TYR A 598 -50.19 33.33 -10.33
CA TYR A 598 -51.22 32.38 -10.81
C TYR A 598 -52.10 32.89 -11.94
N PRO A 599 -52.47 32.06 -12.91
CA PRO A 599 -53.28 32.53 -14.04
C PRO A 599 -54.68 32.97 -13.61
N ASN A 600 -55.38 33.63 -14.53
CA ASN A 600 -56.66 34.22 -14.18
C ASN A 600 -57.79 33.21 -14.07
N TRP A 601 -57.63 32.01 -14.64
CA TRP A 601 -58.66 30.99 -14.49
C TRP A 601 -58.57 30.23 -13.17
N VAL A 602 -57.57 30.53 -12.33
CA VAL A 602 -57.45 29.80 -11.07
C VAL A 602 -58.38 30.35 -10.01
N TYR A 603 -58.96 31.53 -10.25
CA TYR A 603 -59.97 32.06 -9.34
C TYR A 603 -61.27 31.27 -9.42
N VAL A 604 -61.50 30.57 -10.52
CA VAL A 604 -62.61 29.62 -10.61
C VAL A 604 -62.42 28.49 -9.61
N VAL A 605 -61.19 28.00 -9.48
CA VAL A 605 -60.89 26.92 -8.54
C VAL A 605 -60.94 27.43 -7.09
N VAL A 606 -60.54 28.67 -6.85
CA VAL A 606 -60.53 29.23 -5.49
C VAL A 606 -61.96 29.47 -5.01
N VAL A 607 -62.84 29.95 -5.89
CA VAL A 607 -64.25 30.17 -5.58
C VAL A 607 -64.94 28.83 -5.32
N ILE A 608 -64.58 27.80 -6.08
CA ILE A 608 -65.23 26.50 -5.94
C ILE A 608 -64.86 25.80 -4.64
N VAL A 609 -63.58 25.80 -4.27
CA VAL A 609 -63.17 25.00 -3.12
C VAL A 609 -63.40 25.73 -1.80
N ALA A 610 -63.50 27.06 -1.84
CA ALA A 610 -63.59 27.83 -0.60
C ALA A 610 -64.95 28.48 -0.45
N GLY A 611 -65.62 28.75 -1.55
CA GLY A 611 -66.89 29.44 -1.51
C GLY A 611 -68.10 28.56 -1.30
N VAL A 612 -68.28 27.52 -2.11
CA VAL A 612 -69.49 26.70 -2.02
C VAL A 612 -69.60 25.86 -0.75
N PRO A 613 -68.53 25.47 0.02
CA PRO A 613 -68.83 24.99 1.38
C PRO A 613 -69.28 26.11 2.31
N SER A 614 -68.90 27.34 2.01
CA SER A 614 -69.31 28.46 2.86
C SER A 614 -70.73 28.93 2.52
N LEU A 615 -71.14 28.73 1.26
CA LEU A 615 -72.40 29.29 0.80
C LEU A 615 -73.57 28.33 0.88
N THR A 616 -73.33 27.06 1.18
CA THR A 616 -74.44 26.14 1.40
C THR A 616 -75.12 26.37 2.74
N ILE A 617 -74.46 27.06 3.65
CA ILE A 617 -75.07 27.40 4.95
C ILE A 617 -76.14 28.48 4.77
N PRO A 618 -75.93 29.57 3.99
CA PRO A 618 -77.10 30.40 3.67
C PRO A 618 -77.93 29.85 2.52
N GLY A 619 -77.31 29.15 1.58
CA GLY A 619 -77.98 28.69 0.38
C GLY A 619 -79.12 27.71 0.59
N TYR A 620 -78.97 26.80 1.55
CA TYR A 620 -80.10 25.92 1.89
C TYR A 620 -81.11 26.65 2.75
N ALA A 621 -80.66 27.64 3.52
CA ALA A 621 -81.55 28.38 4.41
C ALA A 621 -82.44 29.33 3.64
N ILE A 622 -82.04 29.72 2.42
CA ILE A 622 -82.91 30.52 1.58
C ILE A 622 -83.87 29.62 0.81
N TYR A 623 -83.44 28.41 0.47
CA TYR A 623 -84.27 27.51 -0.30
C TYR A 623 -85.41 26.96 0.53
N LYS A 624 -85.15 26.64 1.80
CA LYS A 624 -86.18 26.03 2.64
C LYS A 624 -87.21 27.06 3.09
N LEU A 625 -86.80 28.30 3.26
CA LEU A 625 -87.71 29.36 3.68
C LEU A 625 -88.60 29.86 2.56
N ILE A 626 -88.32 29.52 1.30
CA ILE A 626 -89.18 29.89 0.19
C ILE A 626 -89.88 28.69 -0.43
N ARG A 627 -89.62 27.47 0.05
CA ARG A 627 -90.39 26.33 -0.43
C ARG A 627 -91.72 26.21 0.31
N ASN A 628 -91.71 26.52 1.61
CA ASN A 628 -92.95 26.49 2.39
C ASN A 628 -93.79 27.73 2.14
N HIS A 629 -93.24 28.90 2.44
CA HIS A 629 -93.96 30.16 2.32
C HIS A 629 -94.00 30.62 0.87
CA THR B 29 60.89 54.27 24.74
C THR B 29 60.58 52.98 23.98
N ILE B 30 59.33 52.54 24.08
CA ILE B 30 58.93 51.31 23.39
C ILE B 30 58.82 51.56 21.89
N GLU B 31 58.49 52.77 21.48
CA GLU B 31 58.45 53.10 20.05
C GLU B 31 59.87 53.21 19.49
N GLU B 32 60.80 53.74 20.29
CA GLU B 32 62.16 53.91 19.82
C GLU B 32 62.88 52.57 19.73
N GLN B 33 62.53 51.62 20.58
CA GLN B 33 63.06 50.27 20.44
C GLN B 33 62.28 49.44 19.45
N ALA B 34 61.11 49.91 19.00
CA ALA B 34 60.42 49.27 17.88
C ALA B 34 60.99 49.70 16.54
N LYS B 35 61.54 50.91 16.44
CA LYS B 35 62.26 51.30 15.24
C LYS B 35 63.55 50.51 15.09
N THR B 36 64.15 50.11 16.21
CA THR B 36 65.35 49.29 16.21
C THR B 36 65.09 47.87 15.72
N PHE B 37 63.93 47.30 16.06
CA PHE B 37 63.61 45.95 15.63
C PHE B 37 63.34 45.89 14.12
N LEU B 38 62.63 46.87 13.59
CA LEU B 38 62.32 46.86 12.16
C LEU B 38 63.48 47.34 11.30
N ASP B 39 64.47 48.01 11.88
CA ASP B 39 65.66 48.36 11.12
C ASP B 39 66.50 47.13 10.84
N LYS B 40 66.68 46.25 11.82
CA LYS B 40 67.40 45.02 11.57
C LYS B 40 66.52 43.91 11.04
N PHE B 41 65.19 44.12 10.99
CA PHE B 41 64.35 43.19 10.24
C PHE B 41 64.54 43.40 8.75
N ASN B 42 64.60 44.67 8.32
CA ASN B 42 64.60 45.01 6.90
C ASN B 42 65.91 44.63 6.21
N HIS B 43 67.00 44.50 6.95
CA HIS B 43 68.27 44.13 6.33
C HIS B 43 68.28 42.66 5.93
N GLU B 44 67.97 41.76 6.86
CA GLU B 44 67.98 40.34 6.55
C GLU B 44 66.76 39.87 5.80
N ALA B 45 65.72 40.69 5.70
CA ALA B 45 64.57 40.29 4.88
C ALA B 45 64.85 40.46 3.40
N GLU B 46 65.61 41.49 3.02
CA GLU B 46 65.86 41.75 1.60
C GLU B 46 66.83 40.75 0.99
N ASP B 47 67.89 40.40 1.71
CA ASP B 47 68.85 39.44 1.19
C ASP B 47 68.28 38.03 1.10
N LEU B 48 67.33 37.70 1.97
CA LEU B 48 66.81 36.36 2.03
C LEU B 48 65.57 36.16 1.18
N PHE B 49 64.83 37.23 0.87
CA PHE B 49 63.76 37.16 -0.11
C PHE B 49 64.30 37.12 -1.53
N TYR B 50 65.47 37.70 -1.76
CA TYR B 50 66.10 37.67 -3.07
C TYR B 50 66.52 36.25 -3.44
N GLN B 51 67.01 35.48 -2.48
CA GLN B 51 67.36 34.09 -2.76
C GLN B 51 66.12 33.23 -2.96
N SER B 52 65.03 33.56 -2.28
CA SER B 52 63.79 32.81 -2.45
C SER B 52 63.11 33.13 -3.77
N SER B 53 63.35 34.32 -4.33
CA SER B 53 62.72 34.72 -5.57
C SER B 53 63.56 34.39 -6.80
N LEU B 54 64.89 34.47 -6.67
CA LEU B 54 65.75 34.10 -7.79
C LEU B 54 65.73 32.60 -8.04
N ALA B 55 65.59 31.80 -6.98
CA ALA B 55 65.50 30.36 -7.15
C ALA B 55 64.16 29.95 -7.77
N SER B 56 63.12 30.75 -7.54
CA SER B 56 61.83 30.48 -8.18
C SER B 56 61.80 30.97 -9.63
N TRP B 57 62.60 32.00 -9.94
CA TRP B 57 62.72 32.44 -11.33
C TRP B 57 63.42 31.39 -12.17
N ASN B 58 64.45 30.74 -11.60
CA ASN B 58 65.21 29.74 -12.35
C ASN B 58 64.40 28.47 -12.58
N TYR B 59 63.43 28.18 -11.71
CA TYR B 59 62.57 27.03 -11.96
C TYR B 59 61.56 27.31 -13.07
N ASN B 60 60.92 28.47 -13.06
CA ASN B 60 59.90 28.78 -14.05
C ASN B 60 60.50 29.04 -15.42
N THR B 61 61.77 29.42 -15.49
CA THR B 61 62.48 29.58 -16.75
C THR B 61 63.03 28.25 -17.26
N ASN B 62 63.43 27.36 -16.35
CA ASN B 62 64.18 26.15 -16.69
C ASN B 62 63.61 25.00 -15.86
N ILE B 63 62.62 24.31 -16.42
CA ILE B 63 61.94 23.22 -15.73
C ILE B 63 62.90 22.03 -15.65
N THR B 64 63.48 21.83 -14.47
CA THR B 64 64.16 20.59 -14.09
C THR B 64 63.65 20.19 -12.72
N GLU B 65 63.75 18.90 -12.41
CA GLU B 65 63.38 18.46 -11.07
C GLU B 65 64.54 18.66 -10.09
N GLU B 66 65.73 18.94 -10.61
CA GLU B 66 66.81 19.49 -9.79
C GLU B 66 66.43 20.84 -9.22
N ASN B 67 65.64 21.63 -9.96
CA ASN B 67 65.24 22.97 -9.55
C ASN B 67 63.95 23.00 -8.75
N VAL B 68 63.35 21.85 -8.42
CA VAL B 68 62.10 21.88 -7.68
C VAL B 68 62.36 22.18 -6.20
N GLN B 69 63.12 21.32 -5.52
CA GLN B 69 63.46 21.64 -4.14
C GLN B 69 64.71 22.49 -4.02
N ASN B 70 65.28 22.93 -5.14
CA ASN B 70 66.28 23.99 -5.09
C ASN B 70 65.66 25.32 -4.68
N MET B 71 64.37 25.50 -4.98
CA MET B 71 63.65 26.67 -4.49
C MET B 71 62.82 26.36 -3.25
N ASN B 72 62.44 25.09 -3.02
CA ASN B 72 61.73 24.76 -1.79
C ASN B 72 62.64 24.79 -0.58
N ASN B 73 63.92 24.47 -0.75
CA ASN B 73 64.87 24.63 0.33
C ASN B 73 65.23 26.09 0.56
N ALA B 74 64.98 26.95 -0.42
CA ALA B 74 65.07 28.39 -0.23
C ALA B 74 63.74 29.02 0.16
N GLY B 75 62.63 28.43 -0.26
CA GLY B 75 61.33 28.97 0.11
C GLY B 75 60.96 28.69 1.56
N ASP B 76 61.19 27.45 2.00
CA ASP B 76 60.99 27.11 3.42
C ASP B 76 62.00 27.80 4.32
N LYS B 77 63.15 28.18 3.77
CA LYS B 77 64.07 29.06 4.51
C LYS B 77 63.47 30.44 4.70
N TRP B 78 62.60 30.88 3.78
CA TRP B 78 61.95 32.18 3.90
C TRP B 78 60.66 32.11 4.68
N SER B 79 59.89 31.03 4.52
CA SER B 79 58.64 30.89 5.26
C SER B 79 58.87 30.68 6.75
N ALA B 80 60.02 30.12 7.13
CA ALA B 80 60.34 29.94 8.53
C ALA B 80 60.94 31.20 9.15
N PHE B 81 61.60 32.03 8.35
CA PHE B 81 62.13 33.30 8.85
C PHE B 81 61.03 34.26 9.23
N LEU B 82 59.88 34.18 8.55
CA LEU B 82 58.76 35.05 8.86
C LEU B 82 58.15 34.72 10.22
N LYS B 83 57.92 33.43 10.48
CA LYS B 83 57.30 33.05 11.75
C LYS B 83 58.26 33.18 12.94
N GLU B 84 59.57 33.19 12.69
CA GLU B 84 60.51 33.50 13.76
C GLU B 84 60.43 34.97 14.13
N GLN B 85 60.38 35.84 13.12
CA GLN B 85 60.32 37.28 13.34
C GLN B 85 58.91 37.75 13.71
N SER B 86 57.89 36.93 13.51
CA SER B 86 56.54 37.32 13.87
C SER B 86 56.33 37.26 15.38
N THR B 87 56.92 36.26 16.04
CA THR B 87 56.78 36.16 17.49
C THR B 87 57.61 37.21 18.21
N LEU B 88 58.70 37.67 17.59
CA LEU B 88 59.47 38.77 18.18
C LEU B 88 58.72 40.09 18.07
N ALA B 89 57.82 40.23 17.10
CA ALA B 89 57.07 41.46 16.92
C ALA B 89 55.95 41.62 17.94
N GLN B 90 55.62 40.58 18.69
CA GLN B 90 54.55 40.62 19.68
C GLN B 90 54.93 41.43 20.91
N MET B 91 56.23 41.71 21.10
CA MET B 91 56.69 42.42 22.28
C MET B 91 56.31 43.90 22.29
N TYR B 92 55.90 44.45 21.15
CA TYR B 92 55.60 45.87 21.03
C TYR B 92 54.13 46.07 20.72
N PRO B 93 53.28 46.36 21.71
CA PRO B 93 51.86 46.55 21.43
C PRO B 93 51.60 47.86 20.70
N LEU B 94 50.41 47.94 20.11
CA LEU B 94 50.09 48.98 19.13
C LEU B 94 49.45 50.22 19.74
N GLN B 95 49.13 50.22 21.03
CA GLN B 95 48.51 51.37 21.67
C GLN B 95 49.52 52.41 22.13
N GLU B 96 50.80 52.22 21.86
CA GLU B 96 51.82 53.16 22.27
C GLU B 96 52.62 53.72 21.09
N ILE B 97 52.44 53.16 19.90
CA ILE B 97 53.15 53.64 18.72
C ILE B 97 52.44 54.88 18.19
N GLN B 98 53.21 55.95 17.97
CA GLN B 98 52.68 57.21 17.47
C GLN B 98 53.00 57.44 16.00
N ASN B 99 54.10 56.87 15.52
CA ASN B 99 54.51 57.03 14.13
C ASN B 99 53.77 56.01 13.27
N LEU B 100 53.16 56.48 12.18
CA LEU B 100 52.27 55.64 11.39
C LEU B 100 53.01 54.70 10.46
N THR B 101 54.23 55.04 10.04
CA THR B 101 54.99 54.17 9.16
C THR B 101 55.48 52.92 9.89
N VAL B 102 55.99 53.08 11.11
CA VAL B 102 56.43 51.94 11.90
C VAL B 102 55.24 51.18 12.47
N LYS B 103 54.07 51.81 12.54
CA LYS B 103 52.88 51.12 13.01
C LYS B 103 52.33 50.17 11.94
N LEU B 104 52.36 50.61 10.67
CA LEU B 104 51.79 49.82 9.58
C LEU B 104 52.59 48.56 9.32
N GLN B 105 53.91 48.60 9.54
CA GLN B 105 54.73 47.40 9.35
C GLN B 105 54.51 46.39 10.47
N LEU B 106 54.20 46.86 11.67
CA LEU B 106 53.99 45.94 12.79
C LEU B 106 52.66 45.21 12.67
N GLN B 107 51.66 45.84 12.06
CA GLN B 107 50.38 45.17 11.83
C GLN B 107 50.53 44.01 10.87
N ALA B 108 51.37 44.17 9.85
CA ALA B 108 51.61 43.10 8.89
C ALA B 108 52.41 41.95 9.48
N LEU B 109 53.17 42.21 10.54
CA LEU B 109 54.04 41.21 11.13
C LEU B 109 53.44 40.52 12.35
N GLN B 110 52.50 41.16 13.04
CA GLN B 110 51.93 40.62 14.26
C GLN B 110 50.71 39.74 14.01
N GLN B 111 50.22 39.65 12.78
CA GLN B 111 49.02 38.86 12.52
C GLN B 111 49.34 37.37 12.61
N ASN B 112 48.47 36.62 13.29
CA ASN B 112 48.76 35.24 13.61
C ASN B 112 48.40 34.30 12.47
N GLY B 113 47.25 34.51 11.85
CA GLY B 113 46.85 33.64 10.76
C GLY B 113 46.32 32.33 11.30
N SER B 114 46.75 31.23 10.70
CA SER B 114 46.35 29.89 11.11
C SER B 114 47.27 29.32 12.18
N SER B 115 48.19 30.12 12.71
CA SER B 115 49.05 29.70 13.81
C SER B 115 48.38 29.82 15.17
N VAL B 116 47.10 30.21 15.21
CA VAL B 116 46.38 30.38 16.46
C VAL B 116 45.51 29.17 16.79
N LEU B 117 45.30 28.28 15.82
CA LEU B 117 44.45 27.11 16.03
C LEU B 117 45.18 26.05 16.85
N SER B 118 44.48 24.95 17.11
CA SER B 118 45.07 23.81 17.78
C SER B 118 46.09 23.12 16.86
N GLU B 119 46.83 22.17 17.43
CA GLU B 119 47.88 21.52 16.65
C GLU B 119 47.30 20.48 15.70
N ASP B 120 46.16 19.89 16.05
CA ASP B 120 45.49 18.94 15.17
C ASP B 120 44.31 19.55 14.44
N LYS B 121 43.92 20.77 14.78
CA LYS B 121 42.96 21.52 13.97
C LYS B 121 43.63 22.23 12.81
N SER B 122 44.90 22.60 12.96
CA SER B 122 45.63 23.24 11.88
C SER B 122 46.05 22.24 10.81
N LYS B 123 46.13 20.96 11.12
CA LYS B 123 46.44 19.95 10.12
C LYS B 123 45.20 19.31 9.53
N ARG B 124 44.06 19.40 10.22
CA ARG B 124 42.80 19.01 9.60
C ARG B 124 42.38 20.02 8.54
N LEU B 125 42.66 21.30 8.78
CA LEU B 125 42.29 22.33 7.81
C LEU B 125 43.15 22.25 6.56
N ASN B 126 44.44 21.97 6.72
CA ASN B 126 45.32 21.85 5.56
C ASN B 126 45.06 20.59 4.74
N THR B 127 44.40 19.59 5.32
CA THR B 127 44.05 18.39 4.56
C THR B 127 42.81 18.61 3.72
N ILE B 128 41.85 19.40 4.22
CA ILE B 128 40.66 19.75 3.46
C ILE B 128 41.02 20.65 2.29
N LEU B 129 41.96 21.57 2.49
CA LEU B 129 42.35 22.48 1.44
C LEU B 129 43.11 21.78 0.32
N ASN B 130 43.89 20.76 0.66
CA ASN B 130 44.57 19.97 -0.37
C ASN B 130 43.62 19.01 -1.08
N THR B 131 42.61 18.52 -0.37
CA THR B 131 41.65 17.61 -1.00
C THR B 131 40.75 18.35 -1.96
N MET B 132 40.28 19.54 -1.59
CA MET B 132 39.42 20.33 -2.46
C MET B 132 40.18 20.83 -3.69
N SER B 133 41.48 21.08 -3.55
CA SER B 133 42.27 21.50 -4.68
C SER B 133 42.58 20.37 -5.65
N THR B 134 42.54 19.13 -5.17
CA THR B 134 42.88 17.97 -5.99
C THR B 134 41.66 17.43 -6.73
N ILE B 135 40.48 17.51 -6.12
CA ILE B 135 39.24 17.12 -6.79
C ILE B 135 38.96 18.05 -7.96
N TYR B 136 39.30 19.33 -7.81
CA TYR B 136 39.06 20.29 -8.89
C TYR B 136 39.94 20.03 -10.10
N SER B 137 41.23 19.80 -9.88
CA SER B 137 42.16 19.68 -10.99
C SER B 137 42.22 18.29 -11.60
N THR B 138 41.79 17.25 -10.87
CA THR B 138 41.88 15.89 -11.38
C THR B 138 40.53 15.20 -11.52
N GLY B 139 39.43 15.87 -11.20
CA GLY B 139 38.12 15.25 -11.36
C GLY B 139 37.67 15.31 -12.81
N LYS B 140 37.10 14.20 -13.28
CA LYS B 140 36.72 14.09 -14.68
C LYS B 140 35.30 13.53 -14.82
N VAL B 141 34.78 13.68 -16.02
CA VAL B 141 33.39 13.38 -16.34
C VAL B 141 33.38 12.61 -17.66
N CYS B 142 32.72 11.47 -17.68
CA CYS B 142 32.56 10.71 -18.91
C CYS B 142 31.13 10.49 -19.34
N ASN B 143 31.05 10.11 -20.61
CA ASN B 143 29.96 10.08 -21.56
C ASN B 143 28.98 8.96 -21.20
N PRO B 144 27.68 9.21 -21.38
CA PRO B 144 26.71 8.12 -21.14
C PRO B 144 26.82 6.97 -22.11
N ASP B 145 27.03 7.25 -23.41
CA ASP B 145 27.09 6.17 -24.39
C ASP B 145 28.44 5.45 -24.40
N ASN B 146 29.54 6.16 -24.15
CA ASN B 146 30.87 5.56 -24.13
C ASN B 146 31.55 5.91 -22.82
N PRO B 147 31.50 5.02 -21.82
CA PRO B 147 32.10 5.32 -20.52
C PRO B 147 33.62 5.25 -20.48
N GLN B 148 34.30 4.99 -21.60
CA GLN B 148 35.75 4.92 -21.63
C GLN B 148 36.40 6.24 -21.99
N GLU B 149 35.64 7.21 -22.46
CA GLU B 149 36.17 8.53 -22.82
C GLU B 149 35.78 9.56 -21.75
N CYS B 150 36.71 9.85 -20.84
CA CYS B 150 36.45 10.79 -19.75
C CYS B 150 37.24 12.08 -19.97
N LEU B 151 36.56 13.20 -19.75
CA LEU B 151 37.12 14.53 -20.00
C LEU B 151 37.41 15.23 -18.68
N LEU B 152 38.60 15.81 -18.58
CA LEU B 152 38.92 16.74 -17.50
C LEU B 152 38.26 18.08 -17.77
N LEU B 153 38.32 18.97 -16.79
CA LEU B 153 37.70 20.28 -16.97
C LEU B 153 38.53 21.20 -17.84
N GLU B 154 39.83 21.32 -17.54
CA GLU B 154 40.61 22.44 -18.03
C GLU B 154 40.97 22.28 -19.51
N PRO B 155 41.32 21.09 -20.04
CA PRO B 155 41.06 20.85 -21.46
C PRO B 155 39.78 20.06 -21.70
N GLY B 156 39.04 20.39 -22.76
CA GLY B 156 37.98 19.49 -23.17
C GLY B 156 36.58 19.81 -22.67
N LEU B 157 36.44 20.03 -21.37
CA LEU B 157 35.13 20.42 -20.87
C LEU B 157 34.92 21.93 -20.94
N ASN B 158 36.01 22.71 -20.98
CA ASN B 158 35.88 24.14 -21.23
C ASN B 158 35.65 24.45 -22.70
N GLU B 159 36.16 23.61 -23.61
CA GLU B 159 35.98 23.90 -25.02
C GLU B 159 34.58 23.52 -25.50
N ILE B 160 33.87 22.68 -24.75
CA ILE B 160 32.46 22.45 -25.05
C ILE B 160 31.65 23.67 -24.65
N MET B 161 31.89 24.20 -23.46
CA MET B 161 31.12 25.32 -22.96
C MET B 161 31.46 26.64 -23.64
N ALA B 162 32.56 26.71 -24.37
CA ALA B 162 32.93 27.93 -25.09
C ALA B 162 32.61 27.90 -26.57
N ASN B 163 32.46 26.73 -27.17
CA ASN B 163 32.36 26.64 -28.63
C ASN B 163 31.10 25.96 -29.14
N SER B 164 30.48 25.08 -28.36
CA SER B 164 29.34 24.32 -28.85
C SER B 164 28.10 25.19 -28.95
N LEU B 165 27.29 24.91 -29.98
CA LEU B 165 25.99 25.55 -30.16
C LEU B 165 24.86 24.54 -30.04
N ASP B 166 25.14 23.37 -29.47
CA ASP B 166 24.16 22.31 -29.28
C ASP B 166 23.61 22.43 -27.86
N TYR B 167 22.30 22.60 -27.74
CA TYR B 167 21.66 22.74 -26.44
C TYR B 167 21.84 21.50 -25.59
N ASN B 168 21.74 20.31 -26.20
CA ASN B 168 21.80 19.07 -25.45
C ASN B 168 23.20 18.75 -24.97
N GLU B 169 24.23 19.11 -25.73
CA GLU B 169 25.59 18.85 -25.30
C GLU B 169 26.07 19.82 -24.24
N ARG B 170 25.64 21.08 -24.32
CA ARG B 170 25.98 22.04 -23.28
C ARG B 170 25.28 21.72 -21.97
N LEU B 171 24.07 21.17 -22.03
CA LEU B 171 23.36 20.81 -20.81
C LEU B 171 23.95 19.58 -20.15
N TRP B 172 24.53 18.68 -20.94
CA TRP B 172 25.20 17.52 -20.36
C TRP B 172 26.46 17.93 -19.61
N ALA B 173 27.29 18.79 -20.22
CA ALA B 173 28.54 19.19 -19.60
C ALA B 173 28.32 20.08 -18.39
N TRP B 174 27.26 20.89 -18.39
CA TRP B 174 26.97 21.75 -17.26
C TRP B 174 26.53 20.95 -16.05
N GLU B 175 25.64 19.98 -16.26
CA GLU B 175 25.03 19.26 -15.14
C GLU B 175 25.96 18.18 -14.61
N SER B 176 26.66 17.46 -15.48
CA SER B 176 27.50 16.37 -15.02
C SER B 176 28.77 16.85 -14.36
N TRP B 177 29.18 18.10 -14.60
CA TRP B 177 30.30 18.64 -13.83
C TRP B 177 29.86 18.95 -12.40
N ARG B 178 28.64 19.42 -12.22
CA ARG B 178 28.17 19.75 -10.88
C ARG B 178 27.87 18.55 -9.99
N SER B 179 27.53 17.42 -10.59
CA SER B 179 27.22 16.20 -9.85
C SER B 179 28.33 15.69 -8.93
N GLU B 180 29.21 14.84 -9.44
CA GLU B 180 30.30 14.27 -8.63
C GLU B 180 31.11 15.32 -7.88
N VAL B 181 31.81 16.14 -8.64
CA VAL B 181 32.64 17.20 -8.07
C VAL B 181 31.78 17.96 -7.08
N GLY B 182 30.58 18.34 -7.52
CA GLY B 182 29.66 19.05 -6.67
C GLY B 182 29.57 18.45 -5.28
N LYS B 183 29.02 17.24 -5.18
CA LYS B 183 28.87 16.54 -3.90
C LYS B 183 30.15 16.43 -3.05
N GLN B 184 31.26 16.02 -3.64
CA GLN B 184 32.47 15.87 -2.82
C GLN B 184 32.77 17.19 -2.11
N LEU B 185 32.84 18.22 -2.94
CA LEU B 185 33.10 19.54 -2.45
C LEU B 185 32.08 19.88 -1.37
N ARG B 186 30.85 19.38 -1.48
CA ARG B 186 29.85 19.69 -0.48
C ARG B 186 30.35 19.48 0.95
N PRO B 187 30.51 18.15 1.33
CA PRO B 187 30.99 17.96 2.71
C PRO B 187 32.34 18.62 2.95
N LEU B 188 33.22 18.57 1.94
CA LEU B 188 34.52 19.19 2.18
C LEU B 188 34.36 20.63 2.66
N TYR B 189 33.63 21.41 1.89
CA TYR B 189 33.34 22.82 2.12
C TYR B 189 32.63 23.07 3.43
N GLU B 190 31.72 22.18 3.82
CA GLU B 190 31.03 22.36 5.09
C GLU B 190 32.09 22.37 6.18
N GLU B 191 32.89 21.29 6.21
CA GLU B 191 33.94 21.21 7.21
C GLU B 191 34.80 22.47 7.16
N TYR B 192 35.16 22.86 5.95
CA TYR B 192 35.97 24.03 5.67
C TYR B 192 35.44 25.28 6.35
N VAL B 193 34.20 25.65 6.08
CA VAL B 193 33.58 26.82 6.67
C VAL B 193 33.68 26.74 8.17
N VAL B 194 33.28 25.59 8.71
CA VAL B 194 33.36 25.45 10.17
C VAL B 194 34.76 25.79 10.70
N LEU B 195 35.78 25.12 10.18
CA LEU B 195 37.15 25.36 10.64
C LEU B 195 37.65 26.79 10.43
N LYS B 196 37.25 27.40 9.32
CA LYS B 196 37.64 28.75 8.98
C LYS B 196 37.03 29.80 9.90
N ASN B 197 35.87 29.50 10.46
CA ASN B 197 35.25 30.48 11.37
C ASN B 197 35.92 30.56 12.76
N GLU B 198 36.62 29.49 13.13
CA GLU B 198 37.33 29.38 14.40
C GLU B 198 38.66 30.11 14.36
N MET B 199 39.31 30.12 13.20
CA MET B 199 40.57 30.83 13.04
C MET B 199 40.34 32.34 13.10
N ALA B 200 39.23 32.81 12.53
CA ALA B 200 38.99 34.24 12.46
C ALA B 200 38.50 34.82 13.77
N ARG B 201 37.79 34.04 14.58
CA ARG B 201 37.33 34.54 15.86
C ARG B 201 38.44 34.59 16.89
N ALA B 202 39.42 33.70 16.78
CA ALA B 202 40.60 33.75 17.64
C ALA B 202 41.55 34.89 17.26
N ASN B 203 41.36 35.49 16.09
CA ASN B 203 42.08 36.70 15.69
C ASN B 203 41.21 37.95 15.85
N HIS B 204 40.18 37.87 16.69
CA HIS B 204 39.33 39.00 17.09
C HIS B 204 38.55 39.59 15.91
N TYR B 205 38.14 38.73 14.99
CA TYR B 205 37.18 39.10 13.96
C TYR B 205 35.84 38.45 14.25
N GLU B 206 34.81 38.93 13.58
CA GLU B 206 33.47 38.36 13.77
C GLU B 206 33.37 36.99 13.11
N ASP B 207 33.65 36.92 11.82
CA ASP B 207 33.67 35.68 11.08
C ASP B 207 34.83 35.74 10.11
N TYR B 208 34.88 34.78 9.18
CA TYR B 208 35.92 34.75 8.17
C TYR B 208 35.68 35.74 7.05
N GLY B 209 34.44 36.15 6.82
CA GLY B 209 34.18 37.18 5.83
C GLY B 209 34.62 38.56 6.30
N ASP B 210 34.55 38.80 7.61
CA ASP B 210 35.07 40.03 8.18
C ASP B 210 36.59 40.05 8.16
N TYR B 211 37.21 38.86 8.18
CA TYR B 211 38.65 38.75 8.02
C TYR B 211 39.07 39.17 6.62
N TRP B 212 38.28 38.79 5.61
CA TRP B 212 38.60 39.14 4.23
C TRP B 212 38.35 40.60 3.94
N ARG B 213 37.37 41.21 4.59
CA ARG B 213 37.07 42.62 4.39
C ARG B 213 38.03 43.54 5.12
N GLY B 214 38.99 42.99 5.85
CA GLY B 214 39.99 43.78 6.55
C GLY B 214 41.10 44.32 5.70
N ASP B 215 41.14 43.95 4.41
CA ASP B 215 42.11 44.53 3.50
C ASP B 215 41.76 45.98 3.17
N TYR B 216 40.51 46.37 3.32
CA TYR B 216 40.04 47.70 2.97
C TYR B 216 39.90 48.61 4.18
N GLU B 217 40.38 48.19 5.34
CA GLU B 217 40.13 48.91 6.58
C GLU B 217 41.24 49.93 6.86
N VAL B 218 40.83 51.16 7.14
CA VAL B 218 41.74 52.23 7.55
C VAL B 218 41.32 52.70 8.94
N ASN B 219 42.28 52.81 9.85
CA ASN B 219 42.01 53.10 11.25
C ASN B 219 42.75 54.35 11.70
N GLY B 220 42.02 55.44 11.91
CA GLY B 220 42.52 56.61 12.59
C GLY B 220 43.59 57.41 11.89
N VAL B 221 43.33 57.85 10.66
CA VAL B 221 44.28 58.67 9.91
C VAL B 221 43.56 59.99 9.64
N ASP B 222 42.65 60.36 10.56
CA ASP B 222 42.10 61.71 10.71
C ASP B 222 41.39 62.22 9.45
N GLY B 223 40.29 61.55 9.14
CA GLY B 223 39.47 61.93 8.01
C GLY B 223 39.59 61.06 6.79
N TYR B 224 40.27 59.91 6.92
CA TYR B 224 40.42 58.95 5.83
C TYR B 224 40.08 57.55 6.27
N ASP B 225 39.31 57.41 7.35
CA ASP B 225 39.01 56.11 7.93
C ASP B 225 38.01 55.36 7.07
N TYR B 226 37.97 54.04 7.28
CA TYR B 226 37.11 53.17 6.49
C TYR B 226 36.86 51.91 7.29
N SER B 227 35.59 51.63 7.58
CA SER B 227 35.23 50.46 8.37
C SER B 227 35.26 49.20 7.53
N ARG B 228 35.23 48.05 8.21
CA ARG B 228 35.08 46.79 7.51
C ARG B 228 33.62 46.51 7.15
N GLY B 229 32.68 47.11 7.87
CA GLY B 229 31.27 47.00 7.53
C GLY B 229 30.81 48.03 6.54
N GLN B 230 31.64 49.03 6.27
CA GLN B 230 31.32 50.05 5.28
C GLN B 230 31.54 49.55 3.85
N LEU B 231 32.35 48.51 3.67
CA LEU B 231 32.55 47.96 2.34
C LEU B 231 31.29 47.26 1.83
N ILE B 232 30.50 46.66 2.72
CA ILE B 232 29.25 46.04 2.30
C ILE B 232 28.25 47.09 1.87
N GLU B 233 28.28 48.27 2.48
CA GLU B 233 27.31 49.28 2.11
C GLU B 233 27.71 50.03 0.84
N ASP B 234 29.00 50.14 0.56
CA ASP B 234 29.43 50.85 -0.63
C ASP B 234 29.36 49.97 -1.87
N VAL B 235 29.44 48.65 -1.70
CA VAL B 235 29.29 47.75 -2.84
C VAL B 235 27.83 47.70 -3.29
N GLU B 236 26.90 47.61 -2.34
CA GLU B 236 25.49 47.60 -2.67
C GLU B 236 24.97 48.96 -3.12
N HIS B 237 25.65 50.05 -2.74
CA HIS B 237 25.26 51.37 -3.19
C HIS B 237 25.63 51.61 -4.65
N THR B 238 26.84 51.22 -5.05
CA THR B 238 27.26 51.37 -6.43
C THR B 238 26.59 50.37 -7.35
N PHE B 239 26.11 49.25 -6.82
CA PHE B 239 25.51 48.22 -7.66
C PHE B 239 24.12 48.64 -8.13
N GLU B 240 23.40 49.45 -7.36
CA GLU B 240 22.07 49.90 -7.78
C GLU B 240 22.10 50.90 -8.92
N GLU B 241 23.27 51.44 -9.26
CA GLU B 241 23.40 52.32 -10.42
C GLU B 241 23.84 51.59 -11.68
N ILE B 242 24.50 50.43 -11.56
CA ILE B 242 24.82 49.63 -12.73
C ILE B 242 23.60 48.87 -13.22
N LYS B 243 22.59 48.72 -12.38
CA LYS B 243 21.43 47.92 -12.70
C LYS B 243 20.59 48.38 -13.90
N PRO B 244 20.42 49.67 -14.22
CA PRO B 244 19.77 50.00 -15.50
C PRO B 244 20.57 49.64 -16.73
N LEU B 245 21.91 49.73 -16.69
CA LEU B 245 22.71 49.38 -17.85
C LEU B 245 22.76 47.87 -18.06
N TYR B 246 22.74 47.10 -16.95
CA TYR B 246 22.81 45.66 -17.07
C TYR B 246 21.50 45.07 -17.56
N GLU B 247 20.37 45.71 -17.28
CA GLU B 247 19.09 45.19 -17.74
C GLU B 247 18.90 45.36 -19.24
N HIS B 248 19.46 46.41 -19.83
CA HIS B 248 19.36 46.57 -21.27
C HIS B 248 20.35 45.68 -22.00
N LEU B 249 21.48 45.34 -21.38
CA LEU B 249 22.39 44.36 -21.96
C LEU B 249 21.81 42.95 -21.82
N HIS B 250 21.13 42.68 -20.71
CA HIS B 250 20.46 41.40 -20.52
C HIS B 250 19.34 41.20 -21.52
N ALA B 251 18.55 42.24 -21.78
CA ALA B 251 17.41 42.12 -22.68
C ALA B 251 17.83 42.06 -24.13
N TYR B 252 18.97 42.66 -24.48
CA TYR B 252 19.48 42.57 -25.83
C TYR B 252 20.05 41.19 -26.13
N VAL B 253 20.74 40.61 -25.16
CA VAL B 253 21.37 39.30 -25.34
C VAL B 253 20.31 38.21 -25.40
N ARG B 254 19.23 38.37 -24.62
CA ARG B 254 18.14 37.40 -24.60
C ARG B 254 17.41 37.36 -25.94
N ALA B 255 17.25 38.51 -26.60
CA ALA B 255 16.59 38.54 -27.89
C ALA B 255 17.46 37.91 -28.99
N LYS B 256 18.77 38.05 -28.88
CA LYS B 256 19.67 37.45 -29.85
C LYS B 256 19.87 35.97 -29.61
N LEU B 257 19.75 35.52 -28.36
CA LEU B 257 19.84 34.10 -28.05
C LEU B 257 18.58 33.34 -28.45
N MET B 258 17.46 34.04 -28.64
CA MET B 258 16.24 33.40 -29.10
C MET B 258 16.27 33.06 -30.58
N ASN B 259 17.19 33.65 -31.35
CA ASN B 259 17.40 33.23 -32.73
C ASN B 259 18.37 32.08 -32.85
N ALA B 260 19.15 31.80 -31.82
CA ALA B 260 20.12 30.71 -31.83
C ALA B 260 19.59 29.44 -31.18
N TYR B 261 18.75 29.57 -30.15
CA TYR B 261 18.11 28.43 -29.50
C TYR B 261 16.62 28.70 -29.45
N PRO B 262 15.89 28.47 -30.55
CA PRO B 262 14.45 28.69 -30.52
C PRO B 262 13.74 27.58 -29.75
N SER B 263 12.61 27.95 -29.14
CA SER B 263 11.77 27.13 -28.27
C SER B 263 12.49 26.67 -27.00
N TYR B 264 13.51 27.41 -26.55
CA TYR B 264 14.18 27.11 -25.30
C TYR B 264 14.26 28.29 -24.36
N ILE B 265 14.04 29.51 -24.84
CA ILE B 265 14.26 30.73 -24.08
C ILE B 265 12.98 31.56 -24.12
N SER B 266 12.50 31.97 -22.96
CA SER B 266 11.29 32.79 -22.85
C SER B 266 11.63 34.25 -23.09
N PRO B 267 10.77 35.01 -23.75
CA PRO B 267 11.05 36.43 -24.01
C PRO B 267 10.81 37.34 -22.82
N ILE B 268 10.39 36.84 -21.67
CA ILE B 268 10.22 37.66 -20.47
C ILE B 268 10.89 37.07 -19.25
N GLY B 269 11.62 35.96 -19.38
CA GLY B 269 12.19 35.27 -18.25
C GLY B 269 13.70 35.40 -18.16
N CYS B 270 14.26 34.62 -17.24
CA CYS B 270 15.70 34.60 -17.03
C CYS B 270 16.39 33.81 -18.16
N LEU B 271 17.71 33.87 -18.15
CA LEU B 271 18.49 33.14 -19.13
C LEU B 271 18.95 31.80 -18.56
N PRO B 272 18.89 30.73 -19.34
CA PRO B 272 19.35 29.42 -18.84
C PRO B 272 20.85 29.41 -18.61
N ALA B 273 21.25 28.75 -17.52
CA ALA B 273 22.60 28.89 -16.99
C ALA B 273 23.66 28.22 -17.84
N HIS B 274 23.29 27.27 -18.68
CA HIS B 274 24.24 26.52 -19.47
C HIS B 274 24.45 27.11 -20.86
N LEU B 275 23.92 28.30 -21.12
CA LEU B 275 23.98 28.90 -22.44
C LEU B 275 24.73 30.23 -22.43
N LEU B 276 25.65 30.41 -21.48
CA LEU B 276 26.20 31.73 -21.21
C LEU B 276 27.62 31.93 -21.72
N GLY B 277 28.24 30.92 -22.33
CA GLY B 277 29.53 31.08 -22.94
C GLY B 277 30.68 30.43 -22.21
N ASP B 278 30.53 30.16 -20.91
CA ASP B 278 31.52 29.36 -20.20
C ASP B 278 30.79 28.52 -19.17
N MET B 279 31.55 27.92 -18.26
CA MET B 279 30.99 26.91 -17.36
C MET B 279 30.14 27.53 -16.26
N TRP B 280 30.42 28.77 -15.87
CA TRP B 280 29.72 29.38 -14.76
C TRP B 280 28.96 30.65 -15.13
N GLY B 281 29.16 31.20 -16.31
CA GLY B 281 28.61 32.51 -16.60
C GLY B 281 29.39 33.63 -15.99
N ARG B 282 30.68 33.42 -15.71
CA ARG B 282 31.50 34.48 -15.13
C ARG B 282 31.75 35.60 -16.12
N PHE B 283 32.03 35.26 -17.37
CA PHE B 283 32.12 36.22 -18.46
C PHE B 283 31.15 35.83 -19.55
N TRP B 284 30.60 36.83 -20.23
CA TRP B 284 29.75 36.61 -21.40
C TRP B 284 30.51 36.85 -22.70
N THR B 285 31.84 36.74 -22.67
CA THR B 285 32.63 37.17 -23.80
C THR B 285 32.57 36.20 -24.98
N ASN B 286 32.22 34.94 -24.74
CA ASN B 286 32.09 33.96 -25.82
C ASN B 286 30.75 34.05 -26.52
N LEU B 287 29.87 34.96 -26.11
CA LEU B 287 28.60 35.19 -26.78
C LEU B 287 28.68 36.26 -27.84
N TYR B 288 29.89 36.65 -28.26
CA TYR B 288 30.03 37.76 -29.18
C TYR B 288 29.68 37.38 -30.61
N SER B 289 29.94 36.13 -31.00
CA SER B 289 29.66 35.71 -32.36
C SER B 289 28.16 35.54 -32.61
N LEU B 290 27.35 35.45 -31.56
CA LEU B 290 25.91 35.39 -31.69
C LEU B 290 25.23 36.73 -31.49
N THR B 291 25.89 37.68 -30.83
CA THR B 291 25.26 38.93 -30.42
C THR B 291 25.93 40.15 -31.03
N VAL B 292 26.71 39.97 -32.10
CA VAL B 292 27.43 41.08 -32.71
C VAL B 292 26.43 42.01 -33.40
N PRO B 293 26.55 43.33 -33.21
CA PRO B 293 25.53 44.23 -33.79
C PRO B 293 25.61 44.37 -35.29
N PHE B 294 26.81 44.46 -35.86
CA PHE B 294 27.01 44.63 -37.30
C PHE B 294 28.04 43.59 -37.74
N GLY B 295 27.56 42.41 -38.12
CA GLY B 295 28.43 41.27 -38.34
C GLY B 295 29.29 41.33 -39.57
N GLN B 296 28.88 42.10 -40.58
CA GLN B 296 29.63 42.17 -41.83
C GLN B 296 30.84 43.10 -41.73
N LYS B 297 30.89 43.97 -40.72
CA LYS B 297 32.04 44.84 -40.53
C LYS B 297 33.02 44.16 -39.59
N PRO B 298 34.29 44.00 -39.98
CA PRO B 298 35.26 43.36 -39.09
C PRO B 298 35.82 44.33 -38.07
N ASN B 299 36.32 43.77 -36.97
CA ASN B 299 36.95 44.56 -35.93
C ASN B 299 38.34 45.01 -36.38
N ILE B 300 38.84 46.04 -35.72
CA ILE B 300 40.19 46.54 -36.00
C ILE B 300 41.20 45.55 -35.46
N ASP B 301 42.02 44.99 -36.34
CA ASP B 301 43.05 44.03 -35.95
C ASP B 301 44.31 44.36 -36.72
N VAL B 302 45.44 44.39 -36.02
CA VAL B 302 46.71 44.76 -36.65
C VAL B 302 47.71 43.62 -36.54
N THR B 303 47.22 42.39 -36.43
CA THR B 303 48.12 41.24 -36.37
C THR B 303 48.75 40.90 -37.71
N ASP B 304 48.28 41.50 -38.81
CA ASP B 304 48.85 41.24 -40.12
C ASP B 304 49.78 42.35 -40.59
N ALA B 305 49.57 43.58 -40.11
CA ALA B 305 50.53 44.64 -40.38
C ALA B 305 51.80 44.49 -39.57
N MET B 306 51.75 43.75 -38.47
CA MET B 306 52.96 43.50 -37.69
C MET B 306 53.88 42.51 -38.38
N VAL B 307 53.32 41.62 -39.19
CA VAL B 307 54.14 40.66 -39.92
C VAL B 307 54.67 41.26 -41.22
N ASP B 308 53.92 42.18 -41.85
CA ASP B 308 54.38 42.83 -43.07
C ASP B 308 55.55 43.77 -42.80
N GLN B 309 55.65 44.30 -41.58
CA GLN B 309 56.80 45.08 -41.17
C GLN B 309 57.81 44.26 -40.39
N ALA B 310 57.54 42.95 -40.22
CA ALA B 310 58.41 41.98 -39.54
C ALA B 310 58.73 42.41 -38.12
N TRP B 311 57.69 42.61 -37.33
CA TRP B 311 57.85 42.94 -35.91
C TRP B 311 58.14 41.66 -35.14
N ASP B 312 59.32 41.58 -34.53
CA ASP B 312 59.68 40.44 -33.70
C ASP B 312 59.25 40.69 -32.25
N ALA B 313 59.59 39.79 -31.36
CA ALA B 313 59.27 39.97 -29.94
C ALA B 313 60.41 40.67 -29.20
N GLN B 314 60.91 41.73 -29.80
CA GLN B 314 61.75 42.74 -29.17
C GLN B 314 61.35 44.15 -29.56
N ARG B 315 60.76 44.34 -30.74
CA ARG B 315 60.28 45.65 -31.14
C ARG B 315 59.00 46.02 -30.39
N ILE B 316 58.15 45.02 -30.13
CA ILE B 316 56.89 45.31 -29.44
C ILE B 316 57.11 45.56 -27.95
N PHE B 317 58.26 45.16 -27.40
CA PHE B 317 58.62 45.56 -26.04
C PHE B 317 59.36 46.87 -26.01
N LYS B 318 59.91 47.31 -27.14
CA LYS B 318 60.48 48.65 -27.23
C LYS B 318 59.40 49.68 -27.52
N GLU B 319 58.29 49.27 -28.14
CA GLU B 319 57.18 50.19 -28.33
C GLU B 319 56.42 50.43 -27.03
N ALA B 320 56.31 49.42 -26.18
CA ALA B 320 55.71 49.62 -24.87
C ALA B 320 56.59 50.47 -23.98
N GLU B 321 57.91 50.39 -24.15
CA GLU B 321 58.82 51.19 -23.36
C GLU B 321 58.77 52.66 -23.77
N LYS B 322 58.45 52.95 -25.03
CA LYS B 322 58.33 54.34 -25.48
C LYS B 322 57.00 54.95 -25.07
N PHE B 323 55.98 54.13 -24.78
CA PHE B 323 54.69 54.65 -24.36
C PHE B 323 54.77 55.23 -22.95
N PHE B 324 55.57 54.61 -22.08
CA PHE B 324 55.67 55.09 -20.70
C PHE B 324 56.62 56.26 -20.58
N VAL B 325 57.59 56.38 -21.47
CA VAL B 325 58.48 57.54 -21.45
C VAL B 325 57.74 58.79 -21.92
N SER B 326 56.79 58.62 -22.85
CA SER B 326 56.02 59.73 -23.40
C SER B 326 55.13 60.41 -22.37
N VAL B 327 54.72 59.71 -21.31
CA VAL B 327 53.92 60.32 -20.26
C VAL B 327 54.76 60.83 -19.10
N GLY B 328 56.07 60.57 -19.09
CA GLY B 328 56.95 61.10 -18.07
C GLY B 328 57.55 60.06 -17.16
N LEU B 329 57.10 58.82 -17.22
CA LEU B 329 57.66 57.77 -16.41
C LEU B 329 59.05 57.40 -16.93
N PRO B 330 59.92 56.82 -16.08
CA PRO B 330 61.29 56.51 -16.54
C PRO B 330 61.38 55.37 -17.53
N ASN B 331 62.62 55.05 -17.91
CA ASN B 331 62.95 53.97 -18.84
C ASN B 331 62.88 52.63 -18.13
N MET B 332 63.39 51.58 -18.77
CA MET B 332 63.62 50.34 -18.06
C MET B 332 64.90 50.46 -17.24
N THR B 333 65.23 49.34 -16.59
CA THR B 333 66.45 49.18 -15.84
C THR B 333 67.33 48.28 -16.70
N GLN B 334 68.58 48.69 -16.92
CA GLN B 334 69.52 47.93 -17.74
C GLN B 334 69.50 46.45 -17.37
N GLY B 335 69.43 46.16 -16.08
CA GLY B 335 69.38 44.79 -15.61
C GLY B 335 68.17 44.10 -16.21
N PHE B 336 67.08 44.85 -16.33
CA PHE B 336 65.86 44.32 -16.90
C PHE B 336 66.12 43.99 -18.35
N TRP B 337 66.54 44.99 -19.11
CA TRP B 337 66.82 44.76 -20.53
C TRP B 337 67.78 43.59 -20.74
N GLU B 338 68.54 43.26 -19.71
CA GLU B 338 69.50 42.16 -19.79
C GLU B 338 68.83 40.80 -19.54
N ASN B 339 68.20 40.65 -18.38
CA ASN B 339 67.53 39.40 -18.04
C ASN B 339 66.04 39.48 -18.36
N SER B 340 65.50 38.44 -18.98
CA SER B 340 64.10 38.44 -19.34
C SER B 340 63.84 37.25 -20.24
N MET B 341 62.57 36.88 -20.32
CA MET B 341 62.21 35.70 -21.10
C MET B 341 61.25 36.13 -22.19
N LEU B 342 61.60 37.20 -22.91
CA LEU B 342 60.72 37.86 -23.87
C LEU B 342 60.38 37.03 -25.09
N THR B 343 60.87 35.80 -25.21
CA THR B 343 60.49 34.91 -26.28
C THR B 343 60.57 33.47 -25.81
N ASP B 344 59.88 32.60 -26.51
CA ASP B 344 59.90 31.19 -26.18
C ASP B 344 61.16 30.53 -26.75
N PRO B 345 61.83 29.67 -25.98
CA PRO B 345 62.99 28.95 -26.52
C PRO B 345 62.63 27.95 -27.61
N GLY B 346 61.65 27.07 -27.36
CA GLY B 346 61.14 26.16 -28.35
C GLY B 346 61.67 24.74 -28.23
N ASN B 347 62.92 24.58 -27.78
CA ASN B 347 63.54 23.26 -27.66
C ASN B 347 63.10 22.55 -26.39
N VAL B 348 63.85 21.52 -25.98
CA VAL B 348 63.58 20.78 -24.76
C VAL B 348 63.88 21.58 -23.49
N GLN B 349 64.37 22.81 -23.65
CA GLN B 349 64.36 23.78 -22.56
C GLN B 349 62.91 24.13 -22.26
N LYS B 350 62.37 23.58 -21.18
CA LYS B 350 60.98 23.83 -20.81
C LYS B 350 60.80 25.04 -19.90
N ALA B 351 59.54 25.40 -19.65
CA ALA B 351 59.22 26.54 -18.80
C ALA B 351 57.74 26.92 -18.90
N VAL B 352 57.28 27.72 -17.94
CA VAL B 352 55.89 28.17 -17.91
C VAL B 352 55.77 29.45 -18.74
N CYS B 353 54.72 29.54 -19.55
CA CYS B 353 54.52 30.70 -20.42
C CYS B 353 53.57 31.77 -19.91
N HIS B 354 52.91 31.54 -18.78
CA HIS B 354 51.98 32.52 -18.24
C HIS B 354 52.69 33.87 -18.18
N PRO B 355 52.04 34.94 -18.59
CA PRO B 355 52.69 36.26 -18.57
C PRO B 355 52.70 36.85 -17.17
N THR B 356 53.91 37.09 -16.66
CA THR B 356 54.10 37.45 -15.26
C THR B 356 55.17 38.53 -15.19
N ALA B 357 55.02 39.46 -14.25
CA ALA B 357 56.04 40.45 -13.95
C ALA B 357 56.65 40.13 -12.59
N TRP B 358 57.96 40.31 -12.46
CA TRP B 358 58.70 39.85 -11.30
C TRP B 358 59.45 41.01 -10.65
N ASP B 359 59.58 40.93 -9.33
CA ASP B 359 60.10 41.98 -8.46
C ASP B 359 61.08 41.38 -7.46
N LEU B 360 62.12 40.70 -7.97
CA LEU B 360 63.01 39.87 -7.17
C LEU B 360 63.74 40.60 -6.05
N GLY B 361 63.92 41.92 -6.16
CA GLY B 361 64.53 42.67 -5.08
C GLY B 361 65.83 43.34 -5.45
N LYS B 362 66.17 44.41 -4.71
CA LYS B 362 67.39 45.21 -4.90
C LYS B 362 67.51 45.76 -6.32
N GLY B 363 66.38 46.08 -6.95
CA GLY B 363 66.41 46.62 -8.29
C GLY B 363 66.51 45.59 -9.39
N ASP B 364 65.79 44.48 -9.28
CA ASP B 364 65.77 43.44 -10.29
C ASP B 364 64.34 43.23 -10.74
N PHE B 365 64.03 43.66 -11.96
CA PHE B 365 62.67 43.62 -12.50
C PHE B 365 62.70 42.85 -13.81
N ARG B 366 61.95 41.75 -13.88
CA ARG B 366 61.98 40.85 -15.02
C ARG B 366 60.57 40.48 -15.45
N ILE B 367 60.42 40.16 -16.73
CA ILE B 367 59.15 39.78 -17.33
C ILE B 367 59.34 38.44 -18.04
N LEU B 368 58.41 37.52 -17.84
CA LEU B 368 58.46 36.19 -18.44
C LEU B 368 57.16 35.93 -19.20
N MET B 369 57.24 35.86 -20.53
CA MET B 369 56.07 35.51 -21.34
C MET B 369 56.50 34.94 -22.69
N CYS B 370 55.74 33.96 -23.19
CA CYS B 370 55.98 33.40 -24.49
C CYS B 370 55.30 34.44 -25.37
N THR B 371 56.10 35.23 -26.06
CA THR B 371 55.58 36.34 -26.86
C THR B 371 55.50 35.96 -28.33
N LYS B 372 54.27 35.82 -28.84
CA LYS B 372 54.02 35.66 -30.26
C LYS B 372 53.90 37.05 -30.89
N VAL B 373 53.57 37.08 -32.18
CA VAL B 373 53.34 38.33 -32.89
C VAL B 373 51.84 38.37 -33.19
N THR B 374 51.07 38.93 -32.26
CA THR B 374 49.62 39.01 -32.36
C THR B 374 49.23 40.38 -31.79
N MET B 375 47.96 40.75 -31.94
CA MET B 375 47.52 42.03 -31.40
C MET B 375 47.36 41.98 -29.88
N ASP B 376 46.92 40.86 -29.33
CA ASP B 376 46.71 40.79 -27.89
C ASP B 376 47.99 40.51 -27.12
N ASP B 377 49.01 39.95 -27.78
CA ASP B 377 50.33 39.89 -27.15
C ASP B 377 51.02 41.23 -27.22
N PHE B 378 50.64 42.08 -28.16
CA PHE B 378 51.04 43.48 -28.13
C PHE B 378 50.36 44.22 -26.97
N LEU B 379 49.12 43.84 -26.65
CA LEU B 379 48.41 44.50 -25.56
C LEU B 379 48.82 43.97 -24.20
N THR B 380 49.14 42.67 -24.11
CA THR B 380 49.62 42.09 -22.85
C THR B 380 50.99 42.63 -22.48
N ALA B 381 51.79 43.05 -23.45
CA ALA B 381 53.06 43.69 -23.15
C ALA B 381 52.86 45.05 -22.51
N HIS B 382 51.81 45.78 -22.90
CA HIS B 382 51.50 47.03 -22.23
C HIS B 382 50.90 46.80 -20.86
N HIS B 383 50.21 45.68 -20.67
CA HIS B 383 49.62 45.38 -19.37
C HIS B 383 50.70 44.98 -18.36
N GLU B 384 51.65 44.15 -18.78
CA GLU B 384 52.65 43.66 -17.85
C GLU B 384 53.71 44.69 -17.54
N MET B 385 54.02 45.58 -18.48
CA MET B 385 54.98 46.64 -18.21
C MET B 385 54.40 47.69 -17.27
N GLY B 386 53.08 47.79 -17.16
CA GLY B 386 52.49 48.63 -16.13
C GLY B 386 52.68 48.08 -14.73
N HIS B 387 52.79 46.76 -14.60
CA HIS B 387 53.13 46.16 -13.32
C HIS B 387 54.58 46.45 -12.94
N ILE B 388 55.47 46.53 -13.92
CA ILE B 388 56.88 46.80 -13.65
C ILE B 388 57.07 48.26 -13.25
N GLN B 389 56.37 49.17 -13.94
CA GLN B 389 56.43 50.58 -13.59
C GLN B 389 55.78 50.88 -12.25
N TYR B 390 54.88 50.02 -11.77
CA TYR B 390 54.31 50.20 -10.46
C TYR B 390 55.27 49.71 -9.38
N ASP B 391 55.95 48.58 -9.63
CA ASP B 391 56.97 48.08 -8.72
C ASP B 391 58.20 48.98 -8.67
N MET B 392 58.53 49.63 -9.78
CA MET B 392 59.70 50.50 -9.82
C MET B 392 59.48 51.80 -9.07
N ALA B 393 58.25 52.15 -8.75
CA ALA B 393 57.94 53.44 -8.14
C ALA B 393 57.98 53.40 -6.63
N TYR B 394 57.54 52.31 -5.99
CA TYR B 394 57.63 52.19 -4.54
C TYR B 394 58.87 51.41 -4.09
N ALA B 395 59.93 51.44 -4.87
CA ALA B 395 61.14 50.72 -4.48
C ALA B 395 61.94 51.43 -3.40
N ALA B 396 61.57 52.66 -3.04
CA ALA B 396 62.21 53.36 -1.93
C ALA B 396 61.49 53.14 -0.61
N GLN B 397 60.40 52.37 -0.61
CA GLN B 397 59.65 52.09 0.59
C GLN B 397 60.31 50.97 1.38
N PRO B 398 59.95 50.79 2.65
CA PRO B 398 60.34 49.58 3.39
C PRO B 398 59.76 48.32 2.76
N PHE B 399 60.31 47.18 3.19
CA PHE B 399 60.02 45.91 2.54
C PHE B 399 58.57 45.47 2.75
N LEU B 400 58.02 45.73 3.92
CA LEU B 400 56.65 45.32 4.19
C LEU B 400 55.62 46.24 3.55
N LEU B 401 56.02 47.43 3.12
CA LEU B 401 55.12 48.40 2.51
C LEU B 401 55.32 48.51 1.00
N ARG B 402 55.67 47.40 0.35
CA ARG B 402 55.90 47.37 -1.08
C ARG B 402 54.80 46.52 -1.72
N ASN B 403 53.66 47.14 -1.96
CA ASN B 403 52.53 46.53 -2.65
C ASN B 403 51.61 47.67 -3.07
N GLY B 404 50.49 47.33 -3.69
CA GLY B 404 49.46 48.31 -3.94
C GLY B 404 48.77 48.74 -2.67
N ALA B 405 48.01 49.84 -2.75
CA ALA B 405 47.37 50.40 -1.56
C ALA B 405 46.29 49.47 -1.01
N ASN B 406 45.56 48.79 -1.88
CA ASN B 406 44.80 47.61 -1.49
C ASN B 406 44.98 46.57 -2.58
N GLU B 407 44.17 45.51 -2.52
CA GLU B 407 44.31 44.41 -3.45
C GLU B 407 43.81 44.73 -4.85
N GLY B 408 43.04 45.80 -5.02
CA GLY B 408 42.49 46.13 -6.31
C GLY B 408 43.28 47.12 -7.13
N PHE B 409 44.22 47.86 -6.52
CA PHE B 409 44.94 48.88 -7.26
C PHE B 409 45.96 48.30 -8.22
N HIS B 410 46.45 47.09 -7.96
CA HIS B 410 47.62 46.62 -8.69
C HIS B 410 47.25 46.16 -10.09
N GLU B 411 46.09 45.53 -10.23
CA GLU B 411 45.61 45.09 -11.53
C GLU B 411 44.78 46.14 -12.25
N ALA B 412 44.52 47.28 -11.62
CA ALA B 412 43.82 48.37 -12.28
C ALA B 412 44.77 49.31 -13.01
N VAL B 413 46.01 49.44 -12.52
CA VAL B 413 47.01 50.24 -13.20
C VAL B 413 47.44 49.55 -14.49
N GLY B 414 47.52 48.23 -14.47
CA GLY B 414 47.91 47.50 -15.66
C GLY B 414 46.87 47.49 -16.76
N GLU B 415 45.60 47.70 -16.43
CA GLU B 415 44.57 47.59 -17.46
C GLU B 415 44.22 48.93 -18.11
N ILE B 416 44.62 50.06 -17.51
CA ILE B 416 44.46 51.33 -18.21
C ILE B 416 45.58 51.58 -19.19
N MET B 417 46.65 50.78 -19.16
CA MET B 417 47.70 50.89 -20.17
C MET B 417 47.30 50.17 -21.45
N SER B 418 46.71 48.98 -21.32
CA SER B 418 46.21 48.28 -22.49
C SER B 418 44.90 48.86 -23.00
N LEU B 419 44.24 49.71 -22.21
CA LEU B 419 43.03 50.38 -22.67
C LEU B 419 43.37 51.54 -23.59
N SER B 420 44.44 52.26 -23.29
CA SER B 420 44.85 53.43 -24.06
C SER B 420 45.71 53.06 -25.25
N ALA B 421 46.31 51.87 -25.27
CA ALA B 421 47.13 51.43 -26.37
C ALA B 421 46.36 50.73 -27.47
N ALA B 422 45.10 50.39 -27.23
CA ALA B 422 44.29 49.68 -28.21
C ALA B 422 43.38 50.61 -29.00
N THR B 423 43.45 51.90 -28.78
CA THR B 423 42.62 52.84 -29.52
C THR B 423 43.18 53.03 -30.93
N PRO B 424 42.30 53.21 -31.92
CA PRO B 424 42.80 53.49 -33.28
C PRO B 424 43.49 54.83 -33.42
N LYS B 425 43.27 55.77 -32.50
CA LYS B 425 44.06 57.00 -32.47
C LYS B 425 45.52 56.71 -32.15
N HIS B 426 45.77 55.73 -31.28
CA HIS B 426 47.13 55.36 -30.91
C HIS B 426 47.79 54.53 -32.01
N LEU B 427 47.05 53.61 -32.62
CA LEU B 427 47.66 52.64 -33.52
C LEU B 427 48.06 53.27 -34.85
N LYS B 428 47.35 54.28 -35.31
CA LYS B 428 47.70 54.91 -36.57
C LYS B 428 48.93 55.81 -36.46
N SER B 429 49.39 56.10 -35.24
CA SER B 429 50.61 56.87 -35.04
C SER B 429 51.80 56.00 -34.65
N ILE B 430 51.59 54.71 -34.42
CA ILE B 430 52.69 53.83 -34.01
C ILE B 430 53.36 53.18 -35.22
N GLY B 431 52.72 53.20 -36.39
CA GLY B 431 53.22 52.56 -37.59
C GLY B 431 52.25 51.58 -38.22
N LEU B 432 51.36 51.01 -37.42
CA LEU B 432 50.28 50.18 -37.93
C LEU B 432 49.13 51.08 -38.37
N LEU B 433 48.09 50.48 -38.96
CA LEU B 433 46.77 51.09 -39.16
C LEU B 433 46.84 52.36 -40.01
N SER B 434 47.07 52.15 -41.33
CA SER B 434 47.43 53.08 -42.41
C SER B 434 46.77 54.46 -42.29
N PRO B 435 47.51 55.55 -42.54
CA PRO B 435 47.15 56.85 -41.96
C PRO B 435 45.88 57.48 -42.51
N ASP B 436 45.31 56.95 -43.59
CA ASP B 436 44.00 57.36 -44.08
C ASP B 436 43.00 56.26 -43.75
N PHE B 437 42.48 56.32 -42.52
CA PHE B 437 41.56 55.29 -42.01
C PHE B 437 40.63 55.99 -41.02
N GLN B 438 39.42 56.30 -41.48
CA GLN B 438 38.41 56.90 -40.61
C GLN B 438 37.49 55.80 -40.08
N GLU B 439 37.41 55.69 -38.76
CA GLU B 439 36.62 54.63 -38.15
C GLU B 439 35.14 55.00 -38.17
N ASP B 440 34.31 54.00 -38.39
CA ASP B 440 32.88 54.21 -38.50
C ASP B 440 32.27 54.26 -37.10
N ASN B 441 31.05 54.76 -37.00
CA ASN B 441 30.32 54.69 -35.74
C ASN B 441 29.60 53.37 -35.55
N GLU B 442 29.76 52.44 -36.49
CA GLU B 442 29.24 51.09 -36.35
C GLU B 442 30.29 50.11 -35.87
N THR B 443 31.57 50.43 -36.01
CA THR B 443 32.62 49.67 -35.35
C THR B 443 32.87 50.14 -33.93
N GLU B 444 32.43 51.34 -33.58
CA GLU B 444 32.49 51.78 -32.19
C GLU B 444 31.41 51.11 -31.35
N ILE B 445 30.28 50.77 -31.96
CA ILE B 445 29.26 49.98 -31.26
C ILE B 445 29.69 48.52 -31.17
N ASN B 446 30.39 48.02 -32.20
CA ASN B 446 30.94 46.67 -32.13
C ASN B 446 32.05 46.57 -31.09
N PHE B 447 32.81 47.64 -30.90
CA PHE B 447 33.88 47.61 -29.90
C PHE B 447 33.31 47.68 -28.50
N LEU B 448 32.29 48.52 -28.28
CA LEU B 448 31.80 48.75 -26.94
C LEU B 448 30.99 47.58 -26.42
N LEU B 449 30.30 46.86 -27.29
CA LEU B 449 29.51 45.72 -26.83
C LEU B 449 30.40 44.53 -26.51
N LYS B 450 31.55 44.40 -27.17
CA LYS B 450 32.51 43.37 -26.78
C LYS B 450 33.14 43.69 -25.43
N GLN B 451 33.30 44.97 -25.11
CA GLN B 451 33.81 45.36 -23.80
C GLN B 451 32.77 45.12 -22.71
N ALA B 452 31.49 45.35 -23.02
CA ALA B 452 30.45 45.17 -22.03
C ALA B 452 30.12 43.72 -21.77
N LEU B 453 30.48 42.82 -22.67
CA LEU B 453 30.26 41.40 -22.41
C LEU B 453 31.23 40.86 -21.38
N THR B 454 32.39 41.50 -21.26
CA THR B 454 33.41 41.11 -20.28
C THR B 454 33.36 41.97 -19.03
N ILE B 455 33.17 43.27 -19.17
CA ILE B 455 33.19 44.16 -18.02
C ILE B 455 31.85 44.16 -17.29
N VAL B 456 30.78 44.48 -18.00
CA VAL B 456 29.47 44.66 -17.37
C VAL B 456 28.84 43.31 -17.08
N GLY B 457 29.08 42.30 -17.93
CA GLY B 457 28.49 40.99 -17.74
C GLY B 457 29.04 40.23 -16.54
N THR B 458 30.18 40.65 -16.01
CA THR B 458 30.78 39.96 -14.86
C THR B 458 30.44 40.62 -13.53
N LEU B 459 29.88 41.81 -13.53
CA LEU B 459 29.66 42.55 -12.28
C LEU B 459 28.48 42.04 -11.45
N PRO B 460 27.31 41.66 -12.02
CA PRO B 460 26.33 40.99 -11.17
C PRO B 460 26.75 39.61 -10.70
N PHE B 461 27.58 38.91 -11.47
CA PHE B 461 28.09 37.62 -11.02
C PHE B 461 29.04 37.77 -9.85
N THR B 462 29.92 38.78 -9.90
CA THR B 462 30.91 38.97 -8.85
C THR B 462 30.26 39.46 -7.56
N TYR B 463 29.25 40.32 -7.68
CA TYR B 463 28.57 40.84 -6.50
C TYR B 463 27.74 39.77 -5.82
N MET B 464 27.09 38.90 -6.59
CA MET B 464 26.21 37.89 -6.02
C MET B 464 27.02 36.81 -5.29
N LEU B 465 28.20 36.47 -5.81
CA LEU B 465 28.97 35.39 -5.24
C LEU B 465 29.59 35.78 -3.91
N GLU B 466 30.10 37.01 -3.80
CA GLU B 466 30.65 37.45 -2.54
C GLU B 466 29.56 37.74 -1.52
N LYS B 467 28.38 38.12 -1.98
CA LYS B 467 27.25 38.29 -1.05
C LYS B 467 26.79 36.96 -0.49
N TRP B 468 26.84 35.90 -1.30
CA TRP B 468 26.49 34.57 -0.81
C TRP B 468 27.52 34.06 0.18
N ARG B 469 28.79 34.32 -0.07
CA ARG B 469 29.84 33.83 0.81
C ARG B 469 29.91 34.63 2.11
N TRP B 470 29.61 35.93 2.05
CA TRP B 470 29.60 36.75 3.26
C TRP B 470 28.48 36.35 4.21
N MET B 471 27.35 35.90 3.67
CA MET B 471 26.23 35.51 4.51
C MET B 471 26.35 34.09 5.01
N VAL B 472 27.04 33.22 4.27
CA VAL B 472 27.30 31.87 4.75
C VAL B 472 28.27 31.89 5.92
N PHE B 473 29.25 32.79 5.88
CA PHE B 473 30.27 32.84 6.93
C PHE B 473 29.73 33.43 8.22
N LYS B 474 28.74 34.31 8.16
CA LYS B 474 28.19 34.91 9.37
C LYS B 474 26.92 34.22 9.86
N GLY B 475 26.45 33.19 9.16
CA GLY B 475 25.36 32.38 9.64
C GLY B 475 23.98 32.84 9.24
N GLU B 476 23.86 33.85 8.38
CA GLU B 476 22.55 34.29 7.95
C GLU B 476 21.89 33.33 6.97
N ILE B 477 22.67 32.44 6.36
CA ILE B 477 22.14 31.34 5.58
C ILE B 477 22.48 30.05 6.34
N PRO B 478 21.48 29.31 6.83
CA PRO B 478 21.75 28.05 7.51
C PRO B 478 22.23 26.99 6.53
N LYS B 479 22.80 25.92 7.09
CA LYS B 479 23.46 24.89 6.28
C LYS B 479 22.48 24.06 5.46
N ASP B 480 21.21 24.02 5.84
CA ASP B 480 20.20 23.32 5.07
C ASP B 480 19.54 24.20 4.02
N GLN B 481 20.06 25.40 3.80
CA GLN B 481 19.47 26.34 2.86
C GLN B 481 20.54 26.99 1.98
N TRP B 482 21.69 26.33 1.82
CA TRP B 482 22.77 26.90 1.03
C TRP B 482 22.41 26.94 -0.45
N MET B 483 21.95 25.83 -1.00
CA MET B 483 21.61 25.78 -2.41
C MET B 483 20.26 26.39 -2.72
N LYS B 484 19.39 26.50 -1.73
CA LYS B 484 18.12 27.17 -1.96
C LYS B 484 18.32 28.68 -2.08
N LYS B 485 19.19 29.24 -1.27
CA LYS B 485 19.51 30.66 -1.35
C LYS B 485 20.40 31.00 -2.54
N TRP B 486 21.19 30.04 -3.03
CA TRP B 486 22.09 30.29 -4.14
C TRP B 486 21.31 30.57 -5.43
N TRP B 487 20.27 29.80 -5.70
CA TRP B 487 19.52 29.98 -6.93
C TRP B 487 18.40 31.00 -6.80
N GLU B 488 18.03 31.40 -5.58
CA GLU B 488 17.16 32.56 -5.44
C GLU B 488 17.90 33.85 -5.68
N MET B 489 19.17 33.91 -5.32
CA MET B 489 19.98 35.09 -5.59
C MET B 489 20.45 35.17 -7.04
N LYS B 490 20.48 34.04 -7.75
CA LYS B 490 20.85 34.08 -9.16
C LYS B 490 19.68 34.51 -10.03
N ARG B 491 18.47 34.09 -9.68
CA ARG B 491 17.29 34.52 -10.43
C ARG B 491 16.99 35.99 -10.20
N GLU B 492 17.34 36.53 -9.05
CA GLU B 492 16.96 37.88 -8.69
C GLU B 492 18.00 38.91 -9.07
N ILE B 493 19.27 38.64 -8.82
CA ILE B 493 20.34 39.61 -9.09
C ILE B 493 20.88 39.45 -10.51
N VAL B 494 21.18 38.22 -10.91
CA VAL B 494 21.87 37.99 -12.17
C VAL B 494 20.89 37.81 -13.33
N GLY B 495 19.68 37.34 -13.06
CA GLY B 495 18.75 37.03 -14.13
C GLY B 495 19.08 35.75 -14.84
N VAL B 496 19.53 34.75 -14.10
CA VAL B 496 19.99 33.48 -14.65
C VAL B 496 19.28 32.37 -13.88
N VAL B 497 18.71 31.41 -14.60
CA VAL B 497 17.92 30.33 -14.01
C VAL B 497 18.63 29.00 -14.26
N GLU B 498 18.49 28.09 -13.31
CA GLU B 498 19.04 26.75 -13.42
C GLU B 498 18.20 25.90 -14.36
N PRO B 499 18.81 25.02 -15.15
CA PRO B 499 18.03 24.19 -16.07
C PRO B 499 17.51 22.91 -15.44
N VAL B 500 18.09 22.50 -14.32
CA VAL B 500 17.57 21.39 -13.51
C VAL B 500 17.61 21.80 -12.05
N PRO B 501 16.64 21.34 -11.26
CA PRO B 501 16.61 21.71 -9.84
C PRO B 501 17.68 20.98 -9.02
N HIS B 502 18.15 21.66 -7.99
CA HIS B 502 19.29 21.21 -7.20
C HIS B 502 18.99 21.31 -5.71
N ASP B 503 19.14 20.19 -5.02
CA ASP B 503 18.87 20.11 -3.58
C ASP B 503 20.15 20.38 -2.80
N GLU B 504 20.14 20.07 -1.51
CA GLU B 504 21.29 20.30 -0.62
C GLU B 504 22.33 19.20 -0.67
N THR B 505 22.35 18.37 -1.70
CA THR B 505 23.48 17.50 -1.94
C THR B 505 24.50 18.10 -2.90
N TYR B 506 24.17 19.25 -3.50
CA TYR B 506 25.04 19.95 -4.42
C TYR B 506 25.80 21.06 -3.70
N CYS B 507 26.92 21.47 -4.29
CA CYS B 507 27.69 22.60 -3.80
C CYS B 507 28.18 23.45 -4.97
N ASP B 508 27.25 23.84 -5.85
CA ASP B 508 27.49 24.59 -7.10
C ASP B 508 28.40 25.82 -7.03
N PRO B 509 28.42 26.62 -5.96
CA PRO B 509 29.49 27.64 -5.89
C PRO B 509 30.88 27.06 -5.74
N ALA B 510 31.04 25.91 -5.08
CA ALA B 510 32.37 25.36 -4.86
C ALA B 510 32.97 24.73 -6.11
N SER B 511 32.18 24.58 -7.19
CA SER B 511 32.69 24.11 -8.45
C SER B 511 33.47 25.17 -9.23
N LEU B 512 33.46 26.42 -8.77
CA LEU B 512 34.33 27.44 -9.29
C LEU B 512 35.72 27.31 -8.67
N PHE B 513 36.72 27.86 -9.36
CA PHE B 513 38.10 27.74 -8.91
C PHE B 513 38.33 28.48 -7.60
N HIS B 514 37.95 29.76 -7.52
CA HIS B 514 38.27 30.61 -6.40
C HIS B 514 37.59 30.19 -5.10
N VAL B 515 36.51 29.43 -5.17
CA VAL B 515 35.80 29.04 -3.97
C VAL B 515 36.47 27.82 -3.33
N SER B 516 36.79 26.81 -4.14
CA SER B 516 37.44 25.62 -3.63
C SER B 516 38.94 25.77 -3.44
N ASN B 517 39.52 26.87 -3.89
CA ASN B 517 40.95 27.12 -3.69
C ASN B 517 41.21 28.29 -2.77
N ASP B 518 40.18 28.74 -2.03
CA ASP B 518 40.30 29.67 -0.90
C ASP B 518 40.85 31.03 -1.30
N TYR B 519 40.11 31.72 -2.17
CA TYR B 519 40.51 33.05 -2.62
C TYR B 519 39.36 34.03 -2.45
N SER B 520 39.70 35.26 -2.09
CA SER B 520 38.72 36.32 -2.02
C SER B 520 38.33 36.78 -3.43
N PHE B 521 37.08 37.20 -3.58
CA PHE B 521 36.52 37.48 -4.89
C PHE B 521 36.04 38.91 -5.07
N ILE B 522 36.08 39.74 -4.02
CA ILE B 522 35.60 41.12 -4.15
C ILE B 522 36.63 42.02 -4.80
N ARG B 523 37.85 41.54 -5.00
CA ARG B 523 38.87 42.32 -5.67
C ARG B 523 38.57 42.50 -7.16
N TYR B 524 37.77 41.62 -7.76
CA TYR B 524 37.41 41.77 -9.16
C TYR B 524 36.28 42.75 -9.37
N TYR B 525 35.57 43.12 -8.29
CA TYR B 525 34.55 44.14 -8.38
C TYR B 525 35.16 45.53 -8.25
N THR B 526 36.04 45.72 -7.27
CA THR B 526 36.58 47.04 -7.00
C THR B 526 37.60 47.45 -8.04
N ARG B 527 38.33 46.49 -8.61
CA ARG B 527 39.28 46.78 -9.67
C ARG B 527 38.58 47.30 -10.92
N THR B 528 37.37 46.80 -11.20
CA THR B 528 36.61 47.27 -12.34
C THR B 528 36.15 48.72 -12.15
N LEU B 529 35.89 49.12 -10.91
CA LEU B 529 35.44 50.48 -10.68
C LEU B 529 36.60 51.46 -10.61
N TYR B 530 37.75 51.06 -10.07
CA TYR B 530 38.92 51.93 -10.05
C TYR B 530 39.49 52.14 -11.44
N GLN B 531 39.29 51.18 -12.35
CA GLN B 531 39.88 51.22 -13.68
C GLN B 531 39.35 52.37 -14.50
N PHE B 532 38.04 52.63 -14.41
CA PHE B 532 37.46 53.75 -15.14
C PHE B 532 37.50 55.05 -14.37
N GLN B 533 37.73 55.00 -13.06
CA GLN B 533 37.99 56.21 -12.30
C GLN B 533 39.37 56.76 -12.61
N PHE B 534 40.36 55.89 -12.79
CA PHE B 534 41.69 56.34 -13.15
C PHE B 534 41.73 56.86 -14.57
N GLN B 535 41.01 56.21 -15.48
CA GLN B 535 41.05 56.59 -16.88
C GLN B 535 40.35 57.92 -17.13
N GLU B 536 39.26 58.18 -16.40
CA GLU B 536 38.57 59.46 -16.58
C GLU B 536 39.35 60.61 -15.98
N ALA B 537 40.06 60.38 -14.87
CA ALA B 537 40.86 61.44 -14.28
C ALA B 537 42.11 61.72 -15.11
N LEU B 538 42.71 60.70 -15.70
CA LEU B 538 43.91 60.90 -16.52
C LEU B 538 43.59 61.43 -17.90
N CYS B 539 42.34 61.33 -18.35
CA CYS B 539 41.95 61.91 -19.63
C CYS B 539 41.45 63.33 -19.50
N GLN B 540 41.14 63.78 -18.28
CA GLN B 540 40.88 65.19 -18.05
C GLN B 540 42.17 65.98 -17.92
N ALA B 541 43.21 65.36 -17.37
CA ALA B 541 44.50 66.02 -17.29
C ALA B 541 45.18 66.08 -18.65
N ALA B 542 44.89 65.13 -19.53
CA ALA B 542 45.44 65.12 -20.87
C ALA B 542 44.59 65.90 -21.87
N LYS B 543 43.53 66.55 -21.39
CA LYS B 543 42.64 67.42 -22.19
C LYS B 543 42.02 66.67 -23.37
N HIS B 544 41.24 65.65 -23.05
CA HIS B 544 40.53 64.89 -24.07
C HIS B 544 39.17 65.53 -24.33
N GLU B 545 38.73 65.46 -25.59
CA GLU B 545 37.58 66.22 -26.05
C GLU B 545 36.35 65.36 -26.29
N GLY B 546 36.47 64.27 -27.04
CA GLY B 546 35.33 63.49 -27.41
C GLY B 546 34.86 62.53 -26.34
N PRO B 547 34.38 61.35 -26.74
CA PRO B 547 33.98 60.34 -25.77
C PRO B 547 35.17 59.73 -25.06
N LEU B 548 34.89 59.07 -23.94
CA LEU B 548 35.94 58.56 -23.08
C LEU B 548 36.64 57.35 -23.66
N HIS B 549 35.95 56.56 -24.49
CA HIS B 549 36.52 55.31 -24.99
C HIS B 549 37.50 55.52 -26.14
N LYS B 550 37.62 56.73 -26.68
CA LYS B 550 38.61 57.03 -27.70
C LYS B 550 39.83 57.73 -27.15
N CYS B 551 39.97 57.78 -25.82
CA CYS B 551 40.99 58.62 -25.22
C CYS B 551 42.35 57.94 -25.25
N ASP B 552 43.40 58.76 -25.24
CA ASP B 552 44.78 58.31 -25.27
C ASP B 552 45.59 59.27 -24.42
N ILE B 553 46.29 58.72 -23.43
CA ILE B 553 47.02 59.53 -22.47
C ILE B 553 48.49 59.71 -22.84
N SER B 554 48.89 59.24 -24.02
CA SER B 554 50.29 59.39 -24.43
C SER B 554 50.57 60.84 -24.81
N ASN B 555 51.86 61.19 -24.78
CA ASN B 555 52.39 62.54 -25.04
C ASN B 555 51.83 63.57 -24.07
N SER B 556 51.48 63.17 -22.86
CA SER B 556 50.96 64.10 -21.85
C SER B 556 51.73 63.86 -20.57
N THR B 557 52.63 64.78 -20.24
CA THR B 557 53.44 64.64 -19.04
C THR B 557 52.70 65.03 -17.78
N GLU B 558 51.67 65.87 -17.88
CA GLU B 558 50.90 66.27 -16.72
C GLU B 558 49.88 65.22 -16.30
N ALA B 559 49.62 64.22 -17.14
CA ALA B 559 48.83 63.07 -16.73
C ALA B 559 49.68 61.99 -16.12
N GLY B 560 50.94 61.87 -16.55
CA GLY B 560 51.87 60.96 -15.91
C GLY B 560 52.43 61.44 -14.59
N GLN B 561 52.14 62.68 -14.20
CA GLN B 561 52.48 63.16 -12.87
C GLN B 561 51.41 62.86 -11.83
N LYS B 562 50.14 62.87 -12.24
CA LYS B 562 49.07 62.48 -11.32
C LYS B 562 49.13 61.00 -11.01
N LEU B 563 49.53 60.19 -11.97
CA LEU B 563 49.65 58.75 -11.74
C LEU B 563 50.84 58.44 -10.85
N PHE B 564 51.97 59.13 -11.07
CA PHE B 564 53.18 58.84 -10.32
C PHE B 564 53.10 59.25 -8.85
N ASN B 565 52.25 60.21 -8.50
CA ASN B 565 52.11 60.56 -7.10
C ASN B 565 51.29 59.56 -6.31
N MET B 566 50.56 58.67 -6.99
CA MET B 566 49.96 57.51 -6.34
C MET B 566 50.85 56.28 -6.44
N LEU B 567 51.58 56.16 -7.55
CA LEU B 567 52.47 55.01 -7.77
C LEU B 567 53.59 54.95 -6.75
N ARG B 568 54.12 56.10 -6.34
CA ARG B 568 55.28 56.12 -5.47
C ARG B 568 54.95 55.85 -4.01
N LEU B 569 53.68 55.72 -3.65
CA LEU B 569 53.32 55.57 -2.25
C LEU B 569 53.43 54.14 -1.75
N GLY B 570 52.90 53.18 -2.50
CA GLY B 570 52.82 51.83 -2.00
C GLY B 570 51.71 51.70 -0.98
N LYS B 571 51.94 50.97 0.11
CA LYS B 571 51.02 50.93 1.24
C LYS B 571 51.44 51.90 2.34
N SER B 572 52.21 52.94 2.01
CA SER B 572 52.64 53.89 3.03
C SER B 572 51.49 54.72 3.55
N GLU B 573 50.51 55.01 2.71
CA GLU B 573 49.36 55.84 3.04
C GLU B 573 48.09 55.03 2.85
N PRO B 574 46.97 55.45 3.48
CA PRO B 574 45.69 54.78 3.23
C PRO B 574 45.24 54.84 1.79
N TRP B 575 44.48 53.83 1.38
CA TRP B 575 44.01 53.76 0.00
C TRP B 575 42.95 54.80 -0.30
N THR B 576 42.27 55.33 0.72
CA THR B 576 41.36 56.44 0.51
C THR B 576 42.10 57.71 0.18
N LEU B 577 43.35 57.83 0.60
CA LEU B 577 44.19 58.98 0.29
C LEU B 577 44.90 58.80 -1.05
N ALA B 578 45.24 57.58 -1.43
CA ALA B 578 45.84 57.33 -2.73
C ALA B 578 44.83 57.50 -3.87
N LEU B 579 43.53 57.37 -3.61
CA LEU B 579 42.54 57.76 -4.61
C LEU B 579 42.52 59.27 -4.82
N GLU B 580 42.61 60.03 -3.73
CA GLU B 580 42.49 61.49 -3.84
C GLU B 580 43.69 62.13 -4.51
N ASN B 581 44.83 61.43 -4.57
CA ASN B 581 45.96 61.91 -5.33
C ASN B 581 45.79 61.75 -6.83
N VAL B 582 44.75 61.05 -7.29
CA VAL B 582 44.49 60.88 -8.71
C VAL B 582 43.11 61.42 -9.06
N VAL B 583 42.06 60.86 -8.46
CA VAL B 583 40.71 61.13 -8.94
C VAL B 583 40.05 62.29 -8.21
N GLY B 584 40.62 62.78 -7.13
CA GLY B 584 40.02 63.88 -6.41
C GLY B 584 38.86 63.52 -5.51
N ALA B 585 38.72 62.24 -5.15
CA ALA B 585 37.69 61.79 -4.23
C ALA B 585 38.28 60.70 -3.34
N LYS B 586 37.53 60.33 -2.30
CA LYS B 586 37.99 59.33 -1.34
C LYS B 586 37.29 57.99 -1.46
N ASN B 587 36.17 57.91 -2.16
CA ASN B 587 35.43 56.68 -2.27
C ASN B 587 35.39 56.19 -3.71
N MET B 588 35.05 54.92 -3.88
CA MET B 588 34.92 54.39 -5.23
C MET B 588 33.58 54.81 -5.81
N ASN B 589 33.59 55.08 -7.12
CA ASN B 589 32.49 55.73 -7.79
C ASN B 589 32.22 55.00 -9.10
N VAL B 590 30.96 54.94 -9.49
CA VAL B 590 30.54 54.16 -10.65
C VAL B 590 30.11 55.03 -11.81
N ARG B 591 29.97 56.34 -11.61
CA ARG B 591 29.70 57.24 -12.72
C ARG B 591 30.77 57.28 -13.83
N PRO B 592 32.08 57.13 -13.58
CA PRO B 592 33.00 57.01 -14.72
C PRO B 592 32.84 55.73 -15.53
N LEU B 593 32.36 54.65 -14.93
CA LEU B 593 32.07 53.45 -15.71
C LEU B 593 30.85 53.66 -16.59
N LEU B 594 29.84 54.38 -16.09
CA LEU B 594 28.65 54.64 -16.87
C LEU B 594 28.88 55.67 -17.96
N ASN B 595 29.88 56.55 -17.80
CA ASN B 595 30.23 57.48 -18.86
C ASN B 595 31.01 56.82 -19.98
N TYR B 596 31.69 55.71 -19.69
CA TYR B 596 32.41 54.98 -20.71
C TYR B 596 31.46 54.29 -21.67
N PHE B 597 30.40 53.68 -21.15
CA PHE B 597 29.44 52.92 -21.95
C PHE B 597 28.22 53.73 -22.31
N GLU B 598 28.31 55.05 -22.25
CA GLU B 598 27.22 55.94 -22.64
C GLU B 598 26.83 55.89 -24.12
N PRO B 599 27.75 55.78 -25.10
CA PRO B 599 27.28 55.59 -26.48
C PRO B 599 26.64 54.23 -26.74
N LEU B 600 26.88 53.23 -25.90
CA LEU B 600 26.22 51.95 -26.03
C LEU B 600 24.88 51.91 -25.32
N PHE B 601 24.75 52.63 -24.21
CA PHE B 601 23.49 52.70 -23.48
C PHE B 601 22.41 53.41 -24.29
N THR B 602 22.80 54.38 -25.12
CA THR B 602 21.85 55.03 -26.00
C THR B 602 21.39 54.10 -27.12
N TRP B 603 22.31 53.29 -27.64
CA TRP B 603 21.97 52.37 -28.72
C TRP B 603 21.17 51.17 -28.22
N LEU B 604 21.37 50.76 -26.97
CA LEU B 604 20.62 49.62 -26.45
C LEU B 604 19.18 49.98 -26.15
N LYS B 605 18.92 51.23 -25.79
CA LYS B 605 17.55 51.65 -25.49
C LYS B 605 16.71 51.81 -26.74
N ASP B 606 17.34 51.97 -27.91
CA ASP B 606 16.60 51.99 -29.17
C ASP B 606 16.40 50.60 -29.74
N GLN B 607 17.29 49.66 -29.41
CA GLN B 607 17.08 48.28 -29.84
C GLN B 607 16.08 47.55 -28.97
N ASN B 608 15.77 48.08 -27.78
CA ASN B 608 14.83 47.47 -26.84
C ASN B 608 13.53 48.24 -26.77
N LYS B 609 13.04 48.75 -27.90
CA LYS B 609 11.77 49.49 -27.91
C LYS B 609 10.58 48.54 -27.73
N ASN B 610 10.53 47.49 -28.53
CA ASN B 610 9.44 46.54 -28.48
C ASN B 610 9.68 45.38 -27.54
N SER B 611 10.92 45.16 -27.13
CA SER B 611 11.24 44.07 -26.22
C SER B 611 10.79 44.41 -24.81
N PHE B 612 10.85 43.42 -23.94
CA PHE B 612 10.60 43.59 -22.52
C PHE B 612 11.94 43.66 -21.80
N VAL B 613 12.08 44.64 -20.92
CA VAL B 613 13.34 44.88 -20.22
C VAL B 613 13.15 44.49 -18.76
N GLY B 614 13.92 43.53 -18.31
CA GLY B 614 13.72 42.90 -17.02
C GLY B 614 13.38 41.44 -17.16
N TRP B 615 13.32 40.77 -16.01
CA TRP B 615 13.05 39.34 -15.98
C TRP B 615 12.09 39.03 -14.85
N SER B 616 11.37 37.92 -15.02
CA SER B 616 10.50 37.38 -13.99
C SER B 616 11.14 36.14 -13.41
N THR B 617 11.12 36.02 -12.08
CA THR B 617 11.80 34.94 -11.38
C THR B 617 10.93 33.71 -11.22
N ASP B 618 9.90 33.54 -12.05
CA ASP B 618 9.00 32.40 -11.97
C ASP B 618 9.12 31.42 -13.12
N TRP B 619 9.52 31.88 -14.31
CA TRP B 619 9.69 30.97 -15.42
C TRP B 619 10.90 30.07 -15.21
N SER B 620 10.81 28.86 -15.75
CA SER B 620 11.85 27.86 -15.59
C SER B 620 11.85 26.97 -16.83
N PRO B 621 13.02 26.45 -17.22
CA PRO B 621 13.05 25.55 -18.39
C PRO B 621 12.33 24.23 -18.19
N TYR B 622 12.12 23.80 -16.94
CA TYR B 622 11.44 22.54 -16.65
C TYR B 622 10.04 22.75 -16.08
N ALA B 623 9.50 23.96 -16.18
CA ALA B 623 8.27 24.29 -15.49
C ALA B 623 7.01 23.88 -16.24
N ASP B 624 7.10 23.68 -17.55
CA ASP B 624 5.91 23.37 -18.34
C ASP B 624 5.71 21.87 -18.52
N GLN B 625 6.63 21.03 -18.03
CA GLN B 625 6.44 19.59 -18.01
C GLN B 625 6.37 19.05 -16.59
N SER B 626 6.19 19.90 -15.59
CA SER B 626 6.08 19.49 -14.21
C SER B 626 4.63 19.21 -13.83
N ILE B 627 4.46 18.36 -12.82
CA ILE B 627 3.17 18.04 -12.24
C ILE B 627 3.24 18.37 -10.75
N LYS B 628 2.22 19.05 -10.24
CA LYS B 628 2.15 19.38 -8.82
C LYS B 628 1.45 18.28 -8.03
N VAL B 629 1.98 17.96 -6.87
CA VAL B 629 1.42 16.95 -5.97
C VAL B 629 1.03 17.65 -4.68
N ARG B 630 -0.09 17.24 -4.09
CA ARG B 630 -0.54 17.79 -2.82
C ARG B 630 -0.99 16.66 -1.91
N ILE B 631 -0.44 16.61 -0.70
CA ILE B 631 -0.61 15.49 0.22
C ILE B 631 -1.21 16.00 1.51
N SER B 632 -2.31 15.40 1.94
CA SER B 632 -3.05 15.79 3.14
C SER B 632 -3.05 14.60 4.10
N LEU B 633 -2.01 14.52 4.95
CA LEU B 633 -1.83 13.33 5.78
C LEU B 633 -2.81 13.30 6.94
N LYS B 634 -3.05 14.44 7.59
CA LYS B 634 -3.89 14.46 8.78
C LYS B 634 -5.37 14.51 8.47
N SER B 635 -5.77 14.49 7.20
CA SER B 635 -7.18 14.33 6.87
C SER B 635 -7.50 12.89 6.48
N ALA B 636 -6.56 12.20 5.85
CA ALA B 636 -6.77 10.80 5.49
C ALA B 636 -6.65 9.89 6.70
N LEU B 637 -5.77 10.23 7.63
CA LEU B 637 -5.55 9.42 8.83
C LEU B 637 -5.97 10.14 10.10
N GLY B 638 -5.54 11.38 10.28
CA GLY B 638 -5.82 12.11 11.51
C GLY B 638 -4.80 11.79 12.57
N ASP B 639 -5.18 10.96 13.54
CA ASP B 639 -4.18 10.22 14.29
C ASP B 639 -3.85 8.97 13.49
N LYS B 640 -2.95 8.13 14.06
CA LYS B 640 -2.28 7.02 13.36
C LYS B 640 -1.53 7.51 12.12
N ALA B 641 -1.08 8.76 12.13
CA ALA B 641 -0.50 9.42 10.97
C ALA B 641 1.00 9.55 11.14
N TYR B 642 1.75 9.19 10.10
CA TYR B 642 3.20 9.21 10.15
C TYR B 642 3.72 10.60 9.79
N GLU B 643 5.04 10.75 9.95
CA GLU B 643 5.72 12.02 9.70
C GLU B 643 6.46 11.95 8.38
N TRP B 644 6.37 13.01 7.60
CA TRP B 644 6.88 13.04 6.23
C TRP B 644 8.32 13.55 6.23
N ASN B 645 9.27 12.63 6.35
CA ASN B 645 10.69 12.93 6.27
C ASN B 645 11.19 12.65 4.85
N ASP B 646 12.52 12.66 4.69
CA ASP B 646 13.14 12.41 3.40
C ASP B 646 13.13 10.95 2.99
N ASN B 647 12.83 10.04 3.91
CA ASN B 647 12.69 8.63 3.53
C ASN B 647 11.37 8.38 2.82
N GLU B 648 10.34 9.17 3.10
CA GLU B 648 9.09 9.05 2.40
C GLU B 648 9.13 9.67 1.01
N MET B 649 10.01 10.65 0.78
CA MET B 649 10.20 11.17 -0.56
C MET B 649 10.98 10.21 -1.43
N TYR B 650 11.82 9.38 -0.82
CA TYR B 650 12.52 8.35 -1.57
C TYR B 650 11.57 7.26 -2.02
N LEU B 651 10.61 6.89 -1.18
CA LEU B 651 9.61 5.90 -1.56
C LEU B 651 8.65 6.47 -2.60
N PHE B 652 8.43 7.78 -2.59
CA PHE B 652 7.55 8.38 -3.60
C PHE B 652 8.23 8.41 -4.96
N ARG B 653 9.54 8.66 -4.98
CA ARG B 653 10.28 8.65 -6.24
C ARG B 653 10.44 7.26 -6.80
N SER B 654 10.33 6.23 -5.96
CA SER B 654 10.39 4.86 -6.42
C SER B 654 9.06 4.37 -6.95
N SER B 655 7.95 4.87 -6.41
CA SER B 655 6.63 4.51 -6.90
C SER B 655 6.32 5.17 -8.23
N VAL B 656 6.87 6.35 -8.48
CA VAL B 656 6.71 7.00 -9.78
C VAL B 656 7.58 6.29 -10.82
N ALA B 657 8.79 5.88 -10.43
CA ALA B 657 9.63 5.13 -11.34
C ALA B 657 9.10 3.74 -11.60
N TYR B 658 8.41 3.15 -10.62
CA TYR B 658 7.69 1.89 -10.86
C TYR B 658 6.56 2.10 -11.85
N ALA B 659 5.82 3.20 -11.71
CA ALA B 659 4.68 3.47 -12.58
C ALA B 659 5.11 3.82 -13.99
N MET B 660 6.32 4.38 -14.15
CA MET B 660 6.81 4.66 -15.50
C MET B 660 7.30 3.40 -16.20
N ARG B 661 7.88 2.46 -15.46
CA ARG B 661 8.32 1.20 -16.04
C ARG B 661 7.16 0.35 -16.51
N GLN B 662 6.04 0.38 -15.81
CA GLN B 662 4.89 -0.44 -16.17
C GLN B 662 4.17 0.08 -17.38
N TYR B 663 4.12 1.40 -17.54
CA TYR B 663 3.41 1.99 -18.67
C TYR B 663 4.15 1.76 -19.98
N PHE B 664 5.48 1.85 -19.96
CA PHE B 664 6.24 1.63 -21.17
C PHE B 664 6.33 0.16 -21.55
N LEU B 665 5.99 -0.76 -20.64
CA LEU B 665 5.99 -2.17 -20.93
C LEU B 665 4.67 -2.67 -21.48
N LYS B 666 3.56 -2.13 -21.00
CA LYS B 666 2.24 -2.62 -21.38
C LYS B 666 1.57 -1.81 -22.47
N VAL B 667 2.10 -0.64 -22.82
CA VAL B 667 1.55 0.18 -23.88
C VAL B 667 2.50 0.25 -25.07
N LYS B 668 3.80 0.36 -24.82
CA LYS B 668 4.77 0.54 -25.89
C LYS B 668 5.71 -0.64 -26.07
N ASN B 669 5.65 -1.63 -25.17
CA ASN B 669 6.48 -2.85 -25.20
C ASN B 669 7.98 -2.56 -25.21
N GLN B 670 8.39 -1.47 -24.56
CA GLN B 670 9.79 -1.16 -24.37
C GLN B 670 10.15 -1.40 -22.91
N MET B 671 11.41 -1.77 -22.67
CA MET B 671 11.89 -1.92 -21.31
C MET B 671 12.89 -0.80 -21.03
N ILE B 672 12.45 0.20 -20.28
CA ILE B 672 13.24 1.37 -19.93
C ILE B 672 13.44 1.37 -18.43
N LEU B 673 14.69 1.38 -17.99
CA LEU B 673 15.02 1.17 -16.58
C LEU B 673 15.04 2.51 -15.86
N PHE B 674 13.84 3.01 -15.58
CA PHE B 674 13.70 4.23 -14.78
C PHE B 674 14.12 3.97 -13.34
N GLY B 675 14.81 4.94 -12.75
CA GLY B 675 15.18 4.90 -11.36
C GLY B 675 14.60 6.09 -10.61
N GLU B 676 14.83 6.09 -9.30
CA GLU B 676 14.36 7.20 -8.48
C GLU B 676 15.17 8.47 -8.71
N GLU B 677 16.37 8.37 -9.27
CA GLU B 677 17.17 9.52 -9.63
C GLU B 677 16.68 10.21 -10.91
N ASP B 678 15.77 9.60 -11.64
CA ASP B 678 15.17 10.20 -12.83
C ASP B 678 13.91 10.99 -12.50
N VAL B 679 13.50 11.03 -11.24
CA VAL B 679 12.35 11.80 -10.80
C VAL B 679 12.89 13.02 -10.08
N ARG B 680 12.80 14.18 -10.71
CA ARG B 680 13.42 15.40 -10.22
C ARG B 680 12.39 16.23 -9.48
N VAL B 681 12.61 16.48 -8.19
CA VAL B 681 11.64 17.12 -7.31
C VAL B 681 12.09 18.56 -7.06
N ALA B 682 11.15 19.50 -7.17
CA ALA B 682 11.41 20.91 -6.86
C ALA B 682 10.28 21.46 -6.00
N ASN B 683 10.59 22.58 -5.32
CA ASN B 683 9.62 23.45 -4.63
C ASN B 683 8.88 22.72 -3.51
N LEU B 684 9.63 22.20 -2.55
CA LEU B 684 9.04 21.43 -1.47
C LEU B 684 8.53 22.36 -0.37
N LYS B 685 7.31 22.12 0.10
CA LYS B 685 6.70 22.97 1.13
C LYS B 685 6.19 22.23 2.37
N PRO B 686 5.83 23.03 3.44
CA PRO B 686 5.35 22.30 4.63
C PRO B 686 3.98 21.68 4.40
N ARG B 687 3.08 22.39 3.72
CA ARG B 687 1.76 21.86 3.43
C ARG B 687 1.91 20.46 2.85
N ILE B 688 3.08 20.23 2.27
CA ILE B 688 3.45 19.00 1.62
C ILE B 688 3.01 19.06 0.18
N SER B 689 3.79 19.78 -0.60
CA SER B 689 3.55 19.95 -2.03
C SER B 689 4.90 20.13 -2.70
N PHE B 690 4.98 19.69 -3.94
CA PHE B 690 6.19 19.77 -4.74
C PHE B 690 5.81 19.58 -6.19
N ASN B 691 6.73 19.93 -7.07
CA ASN B 691 6.61 19.63 -8.49
C ASN B 691 7.58 18.53 -8.84
N PHE B 692 7.25 17.75 -9.86
CA PHE B 692 8.18 16.73 -10.31
C PHE B 692 8.06 16.56 -11.82
N PHE B 693 9.17 16.21 -12.45
CA PHE B 693 9.18 15.77 -13.84
C PHE B 693 10.11 14.58 -13.95
N VAL B 694 9.97 13.82 -15.03
CA VAL B 694 10.68 12.57 -15.23
C VAL B 694 11.55 12.70 -16.47
N THR B 695 12.82 12.32 -16.35
CA THR B 695 13.75 12.30 -17.47
C THR B 695 14.06 10.86 -17.87
N ALA B 696 14.72 10.73 -19.02
CA ALA B 696 15.29 9.46 -19.47
C ALA B 696 16.36 8.98 -18.47
N PRO B 697 16.62 7.66 -18.40
CA PRO B 697 17.44 7.12 -17.29
C PRO B 697 18.86 7.66 -17.17
N LYS B 698 19.59 7.86 -18.27
CA LYS B 698 20.87 8.55 -18.18
C LYS B 698 21.03 9.54 -19.33
N ASN B 699 20.00 10.36 -19.53
CA ASN B 699 20.02 11.44 -20.51
C ASN B 699 19.19 12.58 -19.90
N VAL B 700 19.88 13.58 -19.35
CA VAL B 700 19.20 14.67 -18.63
C VAL B 700 18.51 15.62 -19.60
N SER B 701 18.89 15.61 -20.87
CA SER B 701 18.27 16.47 -21.87
C SER B 701 16.92 15.95 -22.34
N ASP B 702 16.58 14.70 -22.04
CA ASP B 702 15.38 14.05 -22.58
C ASP B 702 14.33 14.02 -21.49
N ILE B 703 13.51 15.07 -21.44
CA ILE B 703 12.39 15.11 -20.51
C ILE B 703 11.22 14.38 -21.14
N ILE B 704 10.67 13.42 -20.41
CA ILE B 704 9.45 12.72 -20.82
C ILE B 704 8.30 13.72 -20.82
N PRO B 705 7.47 13.77 -21.87
CA PRO B 705 6.40 14.77 -21.92
C PRO B 705 5.34 14.54 -20.86
N ARG B 706 4.67 15.63 -20.48
CA ARG B 706 3.75 15.61 -19.35
C ARG B 706 2.51 14.78 -19.65
N THR B 707 2.07 14.74 -20.91
CA THR B 707 0.89 13.96 -21.25
C THR B 707 1.12 12.46 -21.20
N GLU B 708 2.37 12.02 -21.22
CA GLU B 708 2.67 10.61 -21.05
C GLU B 708 2.89 10.23 -19.60
N VAL B 709 3.34 11.17 -18.77
CA VAL B 709 3.42 10.94 -17.34
C VAL B 709 2.04 10.92 -16.73
N GLU B 710 1.10 11.67 -17.31
CA GLU B 710 -0.29 11.65 -16.83
C GLU B 710 -0.97 10.33 -17.13
N LYS B 711 -0.59 9.67 -18.24
CA LYS B 711 -1.16 8.36 -18.55
C LYS B 711 -0.54 7.26 -17.71
N ALA B 712 0.73 7.41 -17.32
CA ALA B 712 1.38 6.41 -16.49
C ALA B 712 0.88 6.46 -15.06
N ILE B 713 0.55 7.65 -14.57
CA ILE B 713 0.05 7.79 -13.20
C ILE B 713 -1.38 7.29 -13.11
N ARG B 714 -2.17 7.49 -14.17
CA ARG B 714 -3.54 6.98 -14.20
C ARG B 714 -3.60 5.46 -14.17
N MET B 715 -2.61 4.79 -14.76
CA MET B 715 -2.60 3.34 -14.80
C MET B 715 -2.29 2.74 -13.43
N SER B 716 -1.45 3.41 -12.64
CA SER B 716 -1.00 2.87 -11.36
C SER B 716 -1.36 3.77 -10.19
N ARG B 717 -2.47 4.51 -10.27
CA ARG B 717 -2.82 5.43 -9.18
C ARG B 717 -3.28 4.69 -7.95
N SER B 718 -4.00 3.58 -8.12
CA SER B 718 -4.46 2.80 -6.99
C SER B 718 -3.32 2.09 -6.29
N ARG B 719 -2.24 1.82 -7.00
CA ARG B 719 -1.07 1.19 -6.41
C ARG B 719 -0.19 2.18 -5.66
N ILE B 720 -0.17 3.43 -6.08
CA ILE B 720 0.58 4.47 -5.37
C ILE B 720 -0.18 4.92 -4.12
N ASN B 721 -1.51 4.90 -4.17
CA ASN B 721 -2.33 5.26 -3.03
C ASN B 721 -2.17 4.25 -1.88
N ASP B 722 -2.09 2.97 -2.20
CA ASP B 722 -1.96 1.95 -1.16
C ASP B 722 -0.60 1.97 -0.50
N ALA B 723 0.43 2.41 -1.21
CA ALA B 723 1.77 2.47 -0.62
C ALA B 723 1.91 3.56 0.43
N PHE B 724 1.00 4.52 0.48
CA PHE B 724 1.09 5.64 1.41
C PHE B 724 -0.13 5.78 2.30
N ARG B 725 -1.12 4.87 2.19
CA ARG B 725 -2.38 4.87 2.94
C ARG B 725 -3.21 6.12 2.68
N LEU B 726 -3.15 6.66 1.48
CA LEU B 726 -3.98 7.80 1.08
C LEU B 726 -5.02 7.32 0.08
N ASN B 727 -6.10 8.11 -0.07
CA ASN B 727 -7.16 7.65 -0.96
C ASN B 727 -7.68 8.80 -1.83
N ASP B 728 -6.92 9.14 -2.87
CA ASP B 728 -7.36 9.83 -4.09
C ASP B 728 -7.90 11.26 -3.89
N ASN B 729 -8.11 11.67 -2.65
CA ASN B 729 -8.48 13.04 -2.29
C ASN B 729 -7.48 13.67 -1.35
N SER B 730 -6.67 12.85 -0.68
CA SER B 730 -5.54 13.30 0.10
C SER B 730 -4.23 13.07 -0.62
N LEU B 731 -4.26 12.59 -1.86
CA LEU B 731 -3.10 12.53 -2.73
C LEU B 731 -3.59 12.95 -4.12
N GLU B 732 -3.53 14.24 -4.40
CA GLU B 732 -4.01 14.78 -5.67
C GLU B 732 -2.85 15.22 -6.55
N PHE B 733 -3.11 15.22 -7.85
CA PHE B 733 -2.08 15.48 -8.83
C PHE B 733 -2.32 16.73 -9.67
N LEU B 734 -3.43 17.44 -9.47
CA LEU B 734 -3.72 18.77 -10.01
C LEU B 734 -3.65 18.81 -11.55
N GLY B 735 -4.61 18.12 -12.15
CA GLY B 735 -4.70 18.07 -13.59
C GLY B 735 -4.98 16.65 -14.04
N ILE B 736 -4.95 15.74 -13.08
CA ILE B 736 -5.35 14.36 -13.28
C ILE B 736 -6.53 14.11 -12.36
N GLN B 737 -7.73 14.02 -12.92
CA GLN B 737 -8.89 13.80 -12.08
C GLN B 737 -9.47 12.40 -12.31
N PRO B 738 -9.96 11.75 -11.25
CA PRO B 738 -10.55 10.41 -11.41
C PRO B 738 -11.89 10.46 -12.13
N THR B 739 -12.10 9.48 -13.01
CA THR B 739 -13.21 9.54 -13.97
C THR B 739 -14.24 8.42 -13.81
N LEU B 740 -13.78 7.17 -13.85
CA LEU B 740 -14.62 6.02 -14.14
C LEU B 740 -15.53 5.66 -12.97
N GLY B 741 -16.45 4.73 -13.23
CA GLY B 741 -17.23 4.08 -12.19
C GLY B 741 -18.70 4.39 -12.25
N PRO B 742 -19.49 3.49 -12.83
CA PRO B 742 -20.95 3.64 -12.83
C PRO B 742 -21.56 3.04 -11.58
N PRO B 743 -22.41 3.77 -10.88
CA PRO B 743 -23.15 3.17 -9.75
C PRO B 743 -24.50 2.58 -10.17
N ASN B 744 -24.44 1.47 -10.90
CA ASN B 744 -25.65 0.76 -11.33
C ASN B 744 -25.87 -0.44 -10.39
N GLN B 745 -26.44 -0.13 -9.23
CA GLN B 745 -26.61 -1.10 -8.15
C GLN B 745 -27.72 -2.13 -8.37
N PRO B 746 -29.01 -1.76 -8.53
CA PRO B 746 -30.06 -2.78 -8.34
C PRO B 746 -30.28 -3.60 -9.60
N PRO B 747 -30.30 -4.93 -9.48
CA PRO B 747 -30.96 -5.78 -10.48
C PRO B 747 -32.43 -6.05 -10.17
N VAL B 748 -32.95 -5.44 -9.11
CA VAL B 748 -34.25 -5.79 -8.56
C VAL B 748 -35.19 -4.60 -8.51
N SER B 749 -34.66 -3.37 -8.46
CA SER B 749 -35.39 -2.13 -8.19
C SER B 749 -36.13 -2.26 -6.85
N ILE B 750 -35.31 -2.24 -5.79
CA ILE B 750 -35.62 -2.69 -4.44
C ILE B 750 -36.88 -2.07 -3.83
N TRP B 751 -37.31 -0.90 -4.31
CA TRP B 751 -38.59 -0.38 -3.83
C TRP B 751 -39.79 -1.15 -4.37
N LEU B 752 -39.62 -1.92 -5.44
CA LEU B 752 -40.75 -2.67 -5.98
C LEU B 752 -41.04 -3.93 -5.21
N ILE B 753 -40.05 -4.49 -4.52
CA ILE B 753 -40.30 -5.71 -3.79
C ILE B 753 -40.93 -5.40 -2.43
N VAL B 754 -40.59 -4.25 -1.87
CA VAL B 754 -41.17 -3.87 -0.60
C VAL B 754 -42.63 -3.57 -0.90
N PHE B 755 -42.87 -2.77 -1.93
CA PHE B 755 -44.22 -2.44 -2.32
C PHE B 755 -44.96 -3.75 -2.55
N GLY B 756 -44.33 -4.67 -3.26
CA GLY B 756 -44.93 -5.96 -3.54
C GLY B 756 -45.40 -6.63 -2.26
N VAL B 757 -44.49 -6.89 -1.34
CA VAL B 757 -44.85 -7.54 -0.08
C VAL B 757 -45.96 -6.80 0.67
N VAL B 758 -45.93 -5.48 0.69
CA VAL B 758 -46.95 -4.71 1.40
C VAL B 758 -48.33 -4.88 0.76
N MET B 759 -48.38 -4.79 -0.56
CA MET B 759 -49.64 -4.95 -1.27
C MET B 759 -50.23 -6.31 -0.99
N GLY B 760 -49.37 -7.33 -1.00
CA GLY B 760 -49.83 -8.68 -0.73
C GLY B 760 -50.61 -8.71 0.56
N VAL B 761 -49.95 -8.35 1.66
CA VAL B 761 -50.62 -8.34 2.95
C VAL B 761 -51.90 -7.51 2.91
N ILE B 762 -51.84 -6.30 2.38
CA ILE B 762 -53.04 -5.47 2.33
C ILE B 762 -54.22 -6.22 1.72
N VAL B 763 -54.03 -6.77 0.52
CA VAL B 763 -55.11 -7.49 -0.14
C VAL B 763 -55.59 -8.72 0.64
N VAL B 764 -54.66 -9.51 1.16
CA VAL B 764 -55.06 -10.68 1.93
C VAL B 764 -55.94 -10.23 3.10
N GLY B 765 -55.55 -9.14 3.74
CA GLY B 765 -56.28 -8.60 4.87
C GLY B 765 -57.68 -8.17 4.48
N ILE B 766 -57.80 -7.42 3.39
CA ILE B 766 -59.13 -6.99 2.95
C ILE B 766 -60.00 -8.21 2.68
N VAL B 767 -59.41 -9.28 2.15
CA VAL B 767 -60.20 -10.47 1.89
C VAL B 767 -60.63 -11.17 3.17
N ILE B 768 -59.71 -11.29 4.12
CA ILE B 768 -60.01 -11.93 5.40
C ILE B 768 -60.96 -11.03 6.18
N LEU B 769 -61.19 -9.82 5.68
CA LEU B 769 -62.09 -8.89 6.34
C LEU B 769 -63.47 -8.92 5.72
N ILE B 770 -63.56 -9.18 4.42
CA ILE B 770 -64.88 -9.23 3.80
C ILE B 770 -65.58 -10.59 3.91
N PHE B 771 -64.87 -11.59 4.41
CA PHE B 771 -65.46 -12.91 4.62
C PHE B 771 -65.80 -13.19 6.06
N THR B 772 -65.13 -12.52 7.00
CA THR B 772 -65.61 -12.51 8.38
C THR B 772 -66.93 -11.76 8.48
N GLY B 773 -67.11 -10.72 7.67
CA GLY B 773 -68.36 -10.00 7.64
C GLY B 773 -69.51 -10.74 6.99
N ILE B 774 -69.25 -11.84 6.30
CA ILE B 774 -70.34 -12.72 5.86
C ILE B 774 -70.56 -13.83 6.86
N ARG B 775 -69.60 -14.08 7.75
CA ARG B 775 -69.84 -14.97 8.88
C ARG B 775 -70.34 -14.21 10.10
N ASP B 776 -71.04 -13.10 9.92
CA ASP B 776 -71.75 -12.40 10.97
C ASP B 776 -73.15 -12.05 10.50
N ARG B 777 -73.76 -13.00 9.79
CA ARG B 777 -75.17 -12.90 9.44
C ARG B 777 -75.92 -14.01 10.16
N VAL C 25 -60.19 -59.62 35.89
CA VAL C 25 -60.01 -61.06 35.92
C VAL C 25 -59.43 -61.47 37.27
N LEU C 26 -58.49 -60.67 37.79
CA LEU C 26 -58.01 -60.87 39.14
C LEU C 26 -59.12 -60.46 40.10
N PRO C 27 -59.39 -61.29 41.10
CA PRO C 27 -60.48 -61.04 42.05
C PRO C 27 -60.42 -59.86 43.03
N ASN C 28 -60.55 -58.61 42.57
CA ASN C 28 -60.58 -57.51 43.52
C ASN C 28 -62.03 -57.14 43.82
N PRO C 29 -62.43 -57.05 45.09
CA PRO C 29 -63.80 -56.68 45.41
C PRO C 29 -63.97 -55.19 45.65
N GLY C 30 -65.21 -54.71 45.61
CA GLY C 30 -65.49 -53.32 45.91
C GLY C 30 -64.98 -52.34 44.88
N LEU C 31 -64.98 -52.70 43.60
CA LEU C 31 -64.55 -51.77 42.56
C LEU C 31 -65.56 -50.63 42.40
N ASP C 32 -66.85 -50.96 42.39
CA ASP C 32 -67.88 -49.94 42.47
C ASP C 32 -67.90 -49.34 43.88
N ALA C 33 -68.50 -48.15 43.98
CA ALA C 33 -68.46 -47.27 45.15
C ALA C 33 -67.04 -46.89 45.56
N ARG C 34 -66.11 -46.93 44.60
CA ARG C 34 -64.78 -46.36 44.73
C ARG C 34 -64.37 -45.56 43.50
N ILE C 35 -64.95 -45.84 42.33
CA ILE C 35 -64.74 -45.08 41.11
C ILE C 35 -66.08 -44.46 40.74
N PRO C 36 -66.13 -43.41 39.90
CA PRO C 36 -67.44 -42.94 39.42
C PRO C 36 -68.13 -43.95 38.52
N SER C 37 -69.46 -43.94 38.50
CA SER C 37 -70.24 -44.88 37.70
C SER C 37 -70.64 -44.24 36.39
N LEU C 38 -71.08 -45.07 35.45
CA LEU C 38 -71.27 -44.66 34.06
C LEU C 38 -72.49 -43.75 33.90
N ALA C 39 -73.57 -44.04 34.62
CA ALA C 39 -74.75 -43.19 34.55
C ALA C 39 -74.57 -41.88 35.31
N GLU C 40 -73.54 -41.79 36.15
CA GLU C 40 -73.27 -40.62 36.97
C GLU C 40 -72.31 -39.65 36.25
N LEU C 41 -71.69 -40.09 35.17
CA LEU C 41 -70.69 -39.30 34.46
C LEU C 41 -71.28 -38.16 33.65
N GLU C 42 -72.55 -38.25 33.26
CA GLU C 42 -73.20 -37.13 32.56
C GLU C 42 -73.59 -35.98 33.47
N THR C 43 -73.48 -36.17 34.78
CA THR C 43 -73.78 -35.07 35.69
C THR C 43 -72.52 -34.55 36.38
N ILE C 44 -71.39 -35.24 36.21
CA ILE C 44 -70.19 -34.90 36.98
C ILE C 44 -69.43 -33.75 36.34
N GLU C 45 -69.68 -33.48 35.05
CA GLU C 45 -68.91 -32.44 34.39
C GLU C 45 -69.56 -31.08 34.52
N GLN C 46 -70.85 -31.04 34.85
CA GLN C 46 -71.51 -29.78 35.15
C GLN C 46 -71.38 -29.42 36.62
N GLU C 47 -70.57 -30.17 37.36
CA GLU C 47 -70.17 -29.75 38.70
C GLU C 47 -68.67 -29.69 38.90
N GLU C 48 -67.85 -30.31 38.04
CA GLU C 48 -66.40 -30.17 38.11
C GLU C 48 -65.88 -28.99 37.29
N ALA C 49 -66.79 -28.13 36.80
CA ALA C 49 -66.36 -26.85 36.25
C ALA C 49 -65.75 -25.96 37.32
N SER C 50 -66.22 -26.10 38.56
CA SER C 50 -65.53 -25.58 39.73
C SER C 50 -64.70 -26.71 40.35
N SER C 51 -63.67 -26.30 41.10
CA SER C 51 -62.76 -27.15 41.86
C SER C 51 -61.94 -28.12 41.00
N ARG C 52 -61.89 -27.89 39.68
CA ARG C 52 -61.06 -28.66 38.78
C ARG C 52 -60.81 -27.78 37.56
N PRO C 53 -59.57 -27.75 37.07
CA PRO C 53 -59.27 -26.92 35.90
C PRO C 53 -59.77 -27.57 34.62
N LYS C 54 -59.76 -26.78 33.55
CA LYS C 54 -60.34 -27.22 32.29
C LYS C 54 -59.63 -26.52 31.13
N TRP C 55 -59.50 -27.23 30.02
CA TRP C 55 -58.88 -26.66 28.83
C TRP C 55 -59.81 -25.62 28.22
N ASP C 56 -59.21 -24.68 27.48
CA ASP C 56 -59.99 -23.68 26.77
C ASP C 56 -60.38 -24.17 25.38
N ASN C 57 -59.43 -24.74 24.65
CA ASN C 57 -59.64 -25.25 23.32
C ASN C 57 -59.26 -26.72 23.27
N LYS C 58 -59.44 -27.33 22.11
CA LYS C 58 -58.88 -28.64 21.85
C LYS C 58 -57.43 -28.54 21.39
N ALA C 59 -57.08 -27.49 20.66
CA ALA C 59 -55.70 -27.27 20.23
C ALA C 59 -54.79 -26.91 21.39
N GLN C 60 -55.34 -26.40 22.49
CA GLN C 60 -54.55 -26.18 23.69
C GLN C 60 -54.10 -27.48 24.35
N TYR C 61 -54.84 -28.57 24.11
CA TYR C 61 -54.50 -29.88 24.65
C TYR C 61 -53.57 -30.66 23.74
N MET C 62 -53.70 -30.51 22.42
CA MET C 62 -52.81 -31.21 21.51
C MET C 62 -51.42 -30.57 21.46
N LEU C 63 -51.34 -29.24 21.65
CA LEU C 63 -50.06 -28.57 21.63
C LEU C 63 -49.24 -28.78 22.90
N THR C 64 -49.89 -29.04 24.03
CA THR C 64 -49.17 -29.36 25.25
C THR C 64 -48.86 -30.84 25.38
N CYS C 65 -49.40 -31.67 24.49
CA CYS C 65 -49.04 -33.08 24.44
C CYS C 65 -47.96 -33.35 23.41
N LEU C 66 -47.90 -32.57 22.34
CA LEU C 66 -46.79 -32.66 21.40
C LEU C 66 -45.50 -32.13 22.02
N GLY C 67 -45.60 -31.08 22.84
CA GLY C 67 -44.44 -30.54 23.52
C GLY C 67 -43.91 -31.45 24.61
N PHE C 68 -44.73 -32.36 25.13
CA PHE C 68 -44.28 -33.32 26.11
C PHE C 68 -43.64 -34.55 25.49
N CYS C 69 -43.96 -34.85 24.23
CA CYS C 69 -43.28 -35.94 23.54
C CYS C 69 -42.04 -35.48 22.78
N VAL C 70 -42.09 -34.33 22.12
CA VAL C 70 -40.96 -33.83 21.33
C VAL C 70 -40.14 -32.90 22.21
N GLY C 71 -38.98 -33.37 22.67
CA GLY C 71 -38.00 -32.45 23.20
C GLY C 71 -36.64 -33.05 23.52
N LEU C 72 -35.59 -32.48 22.93
CA LEU C 72 -34.18 -32.69 23.25
C LEU C 72 -33.66 -34.12 23.09
N GLY C 73 -34.49 -35.05 22.63
CA GLY C 73 -34.06 -36.41 22.41
C GLY C 73 -34.15 -36.73 20.94
N ASN C 74 -34.89 -35.90 20.22
CA ASN C 74 -34.91 -35.98 18.78
C ASN C 74 -33.72 -35.26 18.14
N VAL C 75 -32.93 -34.54 18.94
CA VAL C 75 -31.85 -33.73 18.41
C VAL C 75 -30.51 -34.47 18.56
N TRP C 76 -30.20 -34.94 19.77
CA TRP C 76 -28.89 -35.55 20.01
C TRP C 76 -28.97 -37.03 20.38
N ARG C 77 -30.15 -37.64 20.34
CA ARG C 77 -30.21 -39.04 20.71
C ARG C 77 -30.74 -39.90 19.58
N PHE C 78 -31.79 -39.45 18.90
CA PHE C 78 -32.35 -40.25 17.81
C PHE C 78 -31.52 -40.27 16.53
N PRO C 79 -30.99 -39.15 15.98
CA PRO C 79 -30.23 -39.29 14.71
C PRO C 79 -28.89 -40.00 14.86
N TYR C 80 -28.34 -40.10 16.06
CA TYR C 80 -27.18 -40.96 16.26
C TYR C 80 -27.57 -42.43 16.21
N LEU C 81 -28.66 -42.79 16.91
CA LEU C 81 -29.14 -44.16 16.91
C LEU C 81 -29.73 -44.55 15.56
N CYS C 82 -30.16 -43.59 14.76
CA CYS C 82 -30.71 -43.92 13.44
C CYS C 82 -29.61 -44.32 12.47
N GLN C 83 -28.39 -43.83 12.69
CA GLN C 83 -27.27 -44.15 11.81
C GLN C 83 -26.33 -45.20 12.41
N SER C 84 -25.90 -44.99 13.65
CA SER C 84 -24.99 -45.91 14.31
C SER C 84 -25.53 -47.34 14.35
N HIS C 85 -26.85 -47.49 14.29
CA HIS C 85 -27.47 -48.81 14.31
C HIS C 85 -28.02 -49.17 12.94
N GLY C 86 -27.19 -49.07 11.92
CA GLY C 86 -27.61 -49.39 10.57
C GLY C 86 -28.77 -48.51 10.14
N GLY C 87 -28.51 -47.21 10.03
CA GLY C 87 -29.52 -46.26 9.64
C GLY C 87 -30.23 -46.67 8.36
N GLY C 88 -31.24 -45.92 7.97
CA GLY C 88 -32.00 -46.25 6.78
C GLY C 88 -32.81 -47.50 7.00
N ALA C 89 -32.30 -48.38 7.85
CA ALA C 89 -32.97 -49.63 8.18
C ALA C 89 -33.53 -49.53 9.59
N PHE C 90 -32.75 -48.92 10.49
CA PHE C 90 -33.18 -48.75 11.87
C PHE C 90 -34.57 -48.13 11.86
N MET C 91 -34.89 -47.46 10.75
CA MET C 91 -36.18 -46.85 10.57
C MET C 91 -37.15 -47.99 10.71
N ILE C 92 -36.94 -49.05 9.94
CA ILE C 92 -37.78 -50.24 10.00
C ILE C 92 -37.99 -50.63 11.46
N PRO C 93 -36.94 -51.08 12.14
CA PRO C 93 -37.09 -51.47 13.55
C PRO C 93 -37.91 -50.49 14.39
N PHE C 94 -37.49 -49.23 14.40
CA PHE C 94 -38.14 -48.18 15.16
C PHE C 94 -39.62 -48.08 14.83
N LEU C 95 -39.98 -48.33 13.58
CA LEU C 95 -41.37 -48.25 13.16
C LEU C 95 -42.24 -49.33 13.76
N ILE C 96 -41.96 -50.59 13.43
CA ILE C 96 -42.72 -51.72 13.95
C ILE C 96 -42.91 -51.55 15.45
N LEU C 97 -41.82 -51.63 16.20
CA LEU C 97 -41.90 -51.45 17.65
C LEU C 97 -42.84 -50.31 18.06
N LEU C 98 -42.99 -49.32 17.18
CA LEU C 98 -43.87 -48.18 17.47
C LEU C 98 -45.33 -48.59 17.45
N VAL C 99 -45.85 -48.90 16.27
CA VAL C 99 -47.24 -49.31 16.15
C VAL C 99 -47.51 -50.61 16.89
N LEU C 100 -46.77 -50.86 17.97
CA LEU C 100 -46.94 -52.07 18.76
C LEU C 100 -46.84 -51.78 20.25
N GLU C 101 -45.85 -50.98 20.64
CA GLU C 101 -45.71 -50.62 22.05
C GLU C 101 -46.39 -49.28 22.25
N GLY C 102 -45.76 -48.28 21.64
CA GLY C 102 -46.19 -46.90 21.62
C GLY C 102 -47.66 -46.68 21.39
N ILE C 103 -48.18 -47.03 20.21
CA ILE C 103 -49.60 -46.78 19.96
C ILE C 103 -50.47 -47.33 21.07
N PRO C 104 -50.55 -48.64 21.22
CA PRO C 104 -51.37 -49.26 22.27
C PRO C 104 -51.21 -48.60 23.66
N LEU C 105 -49.99 -48.34 24.11
CA LEU C 105 -49.76 -47.74 25.42
C LEU C 105 -50.34 -46.34 25.54
N LEU C 106 -49.97 -45.48 24.60
CA LEU C 106 -50.47 -44.12 24.57
C LEU C 106 -51.99 -44.11 24.55
N TYR C 107 -52.59 -45.00 23.77
CA TYR C 107 -54.06 -45.02 23.71
C TYR C 107 -54.66 -45.39 25.05
N LEU C 108 -54.13 -46.42 25.67
CA LEU C 108 -54.63 -46.86 26.97
C LEU C 108 -54.37 -45.86 28.07
N GLU C 109 -53.44 -44.94 27.86
CA GLU C 109 -53.13 -43.94 28.87
C GLU C 109 -54.07 -42.75 28.74
N PHE C 110 -54.45 -42.46 27.50
CA PHE C 110 -55.36 -41.37 27.21
C PHE C 110 -56.78 -41.73 27.62
N ALA C 111 -57.12 -43.00 27.49
CA ALA C 111 -58.48 -43.45 27.83
C ALA C 111 -58.69 -43.84 29.28
N ILE C 112 -57.66 -43.76 30.12
CA ILE C 112 -57.81 -44.13 31.52
C ILE C 112 -57.95 -42.91 32.43
N GLY C 113 -57.47 -41.77 31.95
CA GLY C 113 -57.52 -40.53 32.68
C GLY C 113 -58.84 -39.83 32.44
N GLN C 114 -59.35 -39.98 31.23
CA GLN C 114 -60.63 -39.37 30.88
C GLN C 114 -61.79 -40.04 31.60
N ARG C 115 -61.64 -41.31 31.96
CA ARG C 115 -62.71 -42.08 32.58
C ARG C 115 -62.74 -41.94 34.10
N LEU C 116 -61.60 -42.15 34.75
CA LEU C 116 -61.56 -42.17 36.21
C LEU C 116 -61.39 -40.79 36.83
N ARG C 117 -61.14 -39.77 36.01
CA ARG C 117 -61.24 -38.35 36.37
C ARG C 117 -60.27 -37.94 37.49
N ARG C 118 -59.12 -38.60 37.57
CA ARG C 118 -58.12 -38.29 38.58
C ARG C 118 -56.78 -38.09 37.90
N GLY C 119 -55.76 -37.84 38.71
CA GLY C 119 -54.41 -37.68 38.20
C GLY C 119 -53.73 -38.99 37.91
N SER C 120 -52.45 -39.12 38.27
CA SER C 120 -51.76 -40.39 38.07
C SER C 120 -51.85 -41.27 39.30
N LEU C 121 -51.64 -40.72 40.49
CA LEU C 121 -51.72 -41.51 41.71
C LEU C 121 -53.16 -41.80 42.11
N GLY C 122 -54.11 -40.97 41.67
CA GLY C 122 -55.51 -41.23 41.97
C GLY C 122 -56.14 -42.32 41.13
N VAL C 123 -55.59 -42.58 39.94
CA VAL C 123 -56.14 -43.62 39.08
C VAL C 123 -55.75 -45.00 39.59
N TRP C 124 -54.47 -45.22 39.90
CA TRP C 124 -54.04 -46.54 40.34
C TRP C 124 -54.39 -46.83 41.79
N SER C 125 -54.76 -45.82 42.57
CA SER C 125 -55.28 -46.05 43.90
C SER C 125 -56.79 -46.20 43.92
N SER C 126 -57.47 -45.91 42.81
CA SER C 126 -58.90 -46.15 42.72
C SER C 126 -59.19 -47.61 42.38
N ILE C 127 -58.37 -48.21 41.53
CA ILE C 127 -58.48 -49.62 41.21
C ILE C 127 -57.47 -50.39 42.06
N HIS C 128 -57.99 -51.21 42.97
CA HIS C 128 -57.25 -51.99 43.96
C HIS C 128 -56.31 -51.13 44.79
N PRO C 129 -56.82 -50.43 45.83
CA PRO C 129 -56.01 -49.42 46.56
C PRO C 129 -54.77 -49.94 47.27
N ALA C 130 -54.59 -51.26 47.31
CA ALA C 130 -53.33 -51.85 47.72
C ALA C 130 -52.26 -51.77 46.66
N LEU C 131 -52.57 -51.27 45.46
CA LEU C 131 -51.53 -51.19 44.45
C LEU C 131 -50.68 -49.95 44.68
N LYS C 132 -51.17 -48.77 44.31
CA LYS C 132 -50.74 -47.44 44.74
C LYS C 132 -49.25 -47.10 44.51
N GLY C 133 -48.44 -48.06 44.09
CA GLY C 133 -47.03 -47.82 43.88
C GLY C 133 -46.72 -47.27 42.51
N LEU C 134 -47.64 -47.45 41.57
CA LEU C 134 -47.46 -46.88 40.24
C LEU C 134 -47.59 -45.36 40.27
N GLY C 135 -48.32 -44.83 41.24
CA GLY C 135 -48.37 -43.38 41.38
C GLY C 135 -47.13 -42.83 42.07
N LEU C 136 -46.57 -43.60 43.00
CA LEU C 136 -45.38 -43.14 43.70
C LEU C 136 -44.12 -43.43 42.90
N ALA C 137 -44.19 -44.37 41.96
CA ALA C 137 -43.05 -44.61 41.08
C ALA C 137 -43.00 -43.60 39.95
N SER C 138 -44.17 -43.09 39.56
CA SER C 138 -44.22 -42.08 38.50
C SER C 138 -43.81 -40.73 39.03
N MET C 139 -44.01 -40.48 40.33
CA MET C 139 -43.62 -39.21 40.92
C MET C 139 -42.12 -39.17 41.17
N LEU C 140 -41.53 -40.30 41.57
CA LEU C 140 -40.09 -40.35 41.78
C LEU C 140 -39.34 -40.32 40.45
N THR C 141 -39.95 -40.82 39.38
CA THR C 141 -39.28 -40.81 38.08
C THR C 141 -39.36 -39.42 37.45
N SER C 142 -40.49 -38.74 37.62
CA SER C 142 -40.64 -37.38 37.10
C SER C 142 -39.83 -36.37 37.88
N PHE C 143 -39.50 -36.65 39.15
CA PHE C 143 -38.63 -35.77 39.90
C PHE C 143 -37.19 -35.85 39.44
N MET C 144 -36.72 -37.04 39.09
CA MET C 144 -35.32 -37.23 38.73
C MET C 144 -35.02 -36.85 37.28
N VAL C 145 -35.97 -37.02 36.36
CA VAL C 145 -35.74 -36.61 34.98
C VAL C 145 -35.80 -35.09 34.88
N GLY C 146 -36.76 -34.47 35.54
CA GLY C 146 -36.87 -33.02 35.54
C GLY C 146 -35.83 -32.31 36.37
N LEU C 147 -35.07 -33.04 37.20
CA LEU C 147 -33.99 -32.42 37.94
C LEU C 147 -32.78 -32.17 37.06
N TYR C 148 -32.41 -33.13 36.22
CA TYR C 148 -31.25 -32.94 35.36
C TYR C 148 -31.58 -32.34 34.01
N TYR C 149 -32.83 -32.44 33.55
CA TYR C 149 -33.20 -31.70 32.34
C TYR C 149 -33.35 -30.21 32.57
N ASN C 150 -33.40 -29.74 33.81
CA ASN C 150 -33.35 -28.31 34.05
C ASN C 150 -31.93 -27.80 34.19
N THR C 151 -30.93 -28.68 34.18
CA THR C 151 -29.54 -28.28 34.09
C THR C 151 -29.05 -28.22 32.66
N ILE C 152 -29.65 -29.01 31.77
CA ILE C 152 -29.33 -28.90 30.34
C ILE C 152 -29.86 -27.59 29.78
N ILE C 153 -31.06 -27.18 30.19
CA ILE C 153 -31.58 -25.85 29.84
C ILE C 153 -30.79 -24.75 30.53
N SER C 154 -30.17 -25.04 31.67
CA SER C 154 -29.25 -24.09 32.28
C SER C 154 -27.99 -23.90 31.44
N TRP C 155 -27.52 -24.98 30.80
CA TRP C 155 -26.37 -24.86 29.91
C TRP C 155 -26.75 -24.20 28.59
N ILE C 156 -28.00 -24.39 28.14
CA ILE C 156 -28.42 -23.87 26.85
C ILE C 156 -28.55 -22.36 26.89
N MET C 157 -29.14 -21.82 27.95
CA MET C 157 -29.26 -20.38 28.08
C MET C 157 -27.97 -19.70 28.50
N TRP C 158 -26.92 -20.46 28.83
CA TRP C 158 -25.59 -19.86 28.96
C TRP C 158 -24.98 -19.58 27.59
N TYR C 159 -25.22 -20.45 26.62
CA TYR C 159 -24.78 -20.21 25.26
C TYR C 159 -25.64 -19.18 24.54
N LEU C 160 -26.85 -18.91 25.05
CA LEU C 160 -27.70 -17.89 24.48
C LEU C 160 -27.29 -16.50 24.96
N PHE C 161 -26.77 -16.39 26.19
CA PHE C 161 -26.31 -15.11 26.69
C PHE C 161 -24.98 -14.71 26.04
N ASN C 162 -24.15 -15.69 25.68
CA ASN C 162 -22.87 -15.46 25.03
C ASN C 162 -23.00 -15.33 23.53
N SER C 163 -24.20 -15.12 23.02
CA SER C 163 -24.42 -14.66 21.65
C SER C 163 -24.48 -13.13 21.69
N PHE C 164 -25.01 -12.51 20.63
CA PHE C 164 -25.16 -11.05 20.50
C PHE C 164 -23.81 -10.34 20.47
N GLN C 165 -22.79 -11.01 19.91
CA GLN C 165 -21.48 -10.42 19.68
C GLN C 165 -20.89 -11.11 18.46
N GLU C 166 -20.32 -10.32 17.56
CA GLU C 166 -19.98 -10.85 16.23
C GLU C 166 -18.78 -11.81 16.27
N PRO C 167 -17.64 -11.52 16.95
CA PRO C 167 -16.73 -12.64 17.21
C PRO C 167 -17.28 -13.46 18.37
N LEU C 168 -17.82 -14.63 18.08
CA LEU C 168 -18.39 -15.48 19.11
C LEU C 168 -17.27 -15.98 20.03
N PRO C 169 -17.58 -16.21 21.31
CA PRO C 169 -16.52 -16.60 22.26
C PRO C 169 -15.93 -17.98 22.01
N TRP C 170 -16.59 -18.84 21.23
CA TRP C 170 -16.06 -20.14 20.85
C TRP C 170 -15.46 -20.13 19.44
N SER C 171 -14.88 -19.01 19.02
CA SER C 171 -14.34 -18.89 17.68
C SER C 171 -12.83 -18.74 17.61
N ASP C 172 -12.18 -18.39 18.73
CA ASP C 172 -10.74 -18.16 18.71
C ASP C 172 -10.16 -18.43 20.10
N CYS C 173 -8.87 -18.76 20.13
CA CYS C 173 -8.18 -19.10 21.36
C CYS C 173 -7.73 -17.84 22.10
N PRO C 174 -7.78 -17.85 23.43
CA PRO C 174 -7.24 -16.73 24.20
C PRO C 174 -5.73 -16.81 24.32
N LEU C 175 -5.13 -15.68 24.69
CA LEU C 175 -3.71 -15.58 24.96
C LEU C 175 -3.47 -15.73 26.46
N ASN C 176 -2.25 -16.11 26.84
CA ASN C 176 -2.03 -16.63 28.19
C ASN C 176 -1.59 -15.58 29.20
N GLU C 177 -0.34 -15.14 29.13
CA GLU C 177 0.13 -14.05 29.98
C GLU C 177 0.99 -13.05 29.23
N ASN C 178 1.83 -13.54 28.33
CA ASN C 178 2.81 -12.70 27.65
C ASN C 178 2.38 -12.34 26.23
N GLN C 179 1.18 -12.76 25.82
CA GLN C 179 0.56 -12.46 24.53
C GLN C 179 1.39 -12.92 23.34
N THR C 180 2.23 -13.93 23.52
CA THR C 180 3.06 -14.47 22.44
C THR C 180 2.52 -15.77 21.88
N GLY C 181 1.92 -16.61 22.72
CA GLY C 181 1.33 -17.85 22.26
C GLY C 181 -0.04 -18.06 22.86
N TYR C 182 -0.74 -19.06 22.35
CA TYR C 182 -2.06 -19.40 22.85
C TYR C 182 -1.97 -20.09 24.19
N VAL C 183 -3.12 -20.28 24.83
CA VAL C 183 -3.23 -21.17 25.97
C VAL C 183 -2.96 -22.59 25.49
N ASP C 184 -2.29 -23.38 26.33
CA ASP C 184 -1.70 -24.65 25.88
C ASP C 184 -2.76 -25.68 25.49
N GLU C 185 -3.84 -25.78 26.26
CA GLU C 185 -4.85 -26.78 25.92
C GLU C 185 -5.86 -26.28 24.89
N CYS C 186 -5.83 -25.00 24.53
CA CYS C 186 -6.61 -24.53 23.39
C CYS C 186 -5.93 -24.83 22.07
N ALA C 187 -4.60 -25.02 22.08
CA ALA C 187 -3.85 -25.33 20.87
C ALA C 187 -3.82 -26.81 20.56
N ARG C 188 -3.74 -27.66 21.58
CA ARG C 188 -3.76 -29.10 21.34
C ARG C 188 -5.15 -29.60 21.02
N SER C 189 -6.17 -29.05 21.68
CA SER C 189 -7.56 -29.34 21.37
C SER C 189 -8.10 -28.30 20.40
N SER C 190 -9.42 -28.19 20.34
CA SER C 190 -10.11 -27.21 19.49
C SER C 190 -10.59 -26.02 20.33
N PRO C 191 -10.78 -24.82 19.67
CA PRO C 191 -11.25 -23.71 20.53
C PRO C 191 -12.67 -23.93 21.06
N VAL C 192 -13.49 -24.62 20.28
CA VAL C 192 -14.85 -24.90 20.71
C VAL C 192 -14.81 -25.94 21.83
N ASP C 193 -13.90 -26.89 21.70
CA ASP C 193 -13.72 -27.94 22.69
C ASP C 193 -13.10 -27.36 23.94
N TYR C 194 -12.61 -26.14 23.83
CA TYR C 194 -12.00 -25.45 24.96
C TYR C 194 -13.03 -24.58 25.65
N PHE C 195 -14.03 -24.11 24.91
CA PHE C 195 -15.07 -23.27 25.53
C PHE C 195 -16.05 -24.03 26.43
N TRP C 196 -16.21 -25.33 26.17
CA TRP C 196 -17.10 -26.22 26.91
C TRP C 196 -16.43 -26.71 28.18
N TYR C 197 -15.23 -27.25 28.08
CA TYR C 197 -14.64 -27.92 29.22
C TYR C 197 -13.91 -26.98 30.18
N ARG C 198 -13.48 -25.81 29.74
CA ARG C 198 -12.74 -24.91 30.61
C ARG C 198 -13.43 -23.57 30.88
N GLU C 199 -14.19 -23.03 29.94
CA GLU C 199 -14.84 -21.75 30.17
C GLU C 199 -16.32 -21.86 30.50
N THR C 200 -16.95 -23.00 30.24
CA THR C 200 -18.31 -23.22 30.71
C THR C 200 -18.34 -24.10 31.95
N LEU C 201 -17.73 -25.29 31.87
CA LEU C 201 -17.84 -26.28 32.93
C LEU C 201 -16.76 -26.13 34.00
N ASN C 202 -15.54 -25.77 33.57
CA ASN C 202 -14.32 -25.81 34.38
C ASN C 202 -14.13 -27.19 34.96
N ILE C 203 -14.12 -28.21 34.10
CA ILE C 203 -14.28 -29.60 34.50
C ILE C 203 -13.02 -30.10 35.20
N SER C 204 -13.16 -31.12 36.03
CA SER C 204 -12.06 -31.75 36.74
C SER C 204 -11.65 -33.03 36.02
N THR C 205 -10.65 -33.70 36.57
CA THR C 205 -10.12 -34.89 35.94
C THR C 205 -10.82 -36.17 36.38
N SER C 206 -11.67 -36.11 37.40
CA SER C 206 -12.34 -37.31 37.89
C SER C 206 -13.67 -36.93 38.51
N ILE C 207 -14.46 -37.95 38.85
CA ILE C 207 -15.69 -37.73 39.60
C ILE C 207 -15.40 -37.64 41.10
N SER C 208 -14.21 -38.04 41.52
CA SER C 208 -13.84 -37.95 42.92
C SER C 208 -13.43 -36.53 43.30
N ASP C 209 -12.79 -35.83 42.38
CA ASP C 209 -12.30 -34.47 42.63
C ASP C 209 -13.41 -33.48 42.30
N SER C 210 -13.92 -32.79 43.31
CA SER C 210 -14.91 -31.75 43.15
C SER C 210 -14.44 -30.49 43.85
N GLY C 211 -14.93 -29.34 43.38
CA GLY C 211 -14.47 -28.08 43.91
C GLY C 211 -15.55 -27.18 44.47
N SER C 212 -15.63 -25.96 43.96
CA SER C 212 -16.58 -24.96 44.44
C SER C 212 -17.82 -24.98 43.56
N ILE C 213 -18.68 -23.97 43.74
CA ILE C 213 -20.02 -23.99 43.14
C ILE C 213 -20.01 -23.41 41.72
N GLN C 214 -18.93 -22.74 41.30
CA GLN C 214 -18.78 -22.16 39.95
C GLN C 214 -19.91 -21.16 39.66
N TRP C 215 -19.83 -20.01 40.31
CA TRP C 215 -20.85 -18.95 40.24
C TRP C 215 -21.65 -18.70 38.96
N TRP C 216 -21.00 -18.55 37.81
CA TRP C 216 -21.75 -18.28 36.59
C TRP C 216 -22.82 -19.34 36.30
N MET C 217 -22.44 -20.60 36.44
CA MET C 217 -23.34 -21.71 36.21
C MET C 217 -24.52 -21.62 37.17
N LEU C 218 -24.24 -21.23 38.41
CA LEU C 218 -25.27 -21.10 39.44
C LEU C 218 -26.27 -20.01 39.08
N LEU C 219 -25.78 -18.89 38.58
CA LEU C 219 -26.66 -17.81 38.18
C LEU C 219 -27.56 -18.33 37.08
N CYS C 220 -26.99 -19.06 36.14
CA CYS C 220 -27.78 -19.59 35.04
C CYS C 220 -28.87 -20.56 35.52
N LEU C 221 -28.52 -21.40 36.49
CA LEU C 221 -29.45 -22.35 37.06
C LEU C 221 -30.62 -21.59 37.66
N ALA C 222 -30.30 -20.55 38.40
CA ALA C 222 -31.32 -19.72 39.01
C ALA C 222 -32.24 -19.26 37.90
N CYS C 223 -31.69 -18.62 36.87
CA CYS C 223 -32.51 -18.15 35.77
C CYS C 223 -33.44 -19.22 35.22
N ALA C 224 -32.91 -20.41 34.94
CA ALA C 224 -33.74 -21.50 34.41
C ALA C 224 -34.92 -21.83 35.32
N TRP C 225 -34.66 -22.09 36.60
CA TRP C 225 -35.77 -22.42 37.48
C TRP C 225 -36.78 -21.28 37.61
N SER C 226 -36.29 -20.05 37.53
CA SER C 226 -37.18 -18.90 37.62
C SER C 226 -38.08 -18.82 36.40
N VAL C 227 -37.52 -19.05 35.23
CA VAL C 227 -38.31 -19.01 34.01
C VAL C 227 -39.29 -20.15 34.01
N LEU C 228 -38.99 -21.20 34.77
CA LEU C 228 -39.91 -22.34 34.83
C LEU C 228 -41.06 -22.08 35.81
N TYR C 229 -40.80 -21.33 36.87
CA TYR C 229 -41.85 -21.03 37.85
C TYR C 229 -42.87 -20.01 37.37
N MET C 230 -42.47 -19.16 36.43
CA MET C 230 -43.33 -18.15 35.83
C MET C 230 -44.34 -18.77 34.87
N CYS C 231 -43.97 -19.86 34.22
CA CYS C 231 -44.85 -20.47 33.22
C CYS C 231 -45.83 -21.47 33.82
N THR C 232 -45.45 -22.18 34.89
CA THR C 232 -46.32 -23.15 35.53
C THR C 232 -46.82 -22.69 36.89
N ILE C 233 -47.16 -21.41 37.04
CA ILE C 233 -47.51 -20.89 38.36
C ILE C 233 -48.91 -21.35 38.78
N ARG C 234 -49.93 -20.96 38.02
CA ARG C 234 -51.32 -21.32 38.34
C ARG C 234 -51.76 -22.57 37.61
N GLY C 235 -51.00 -23.65 37.72
CA GLY C 235 -51.42 -24.94 37.20
C GLY C 235 -51.47 -25.04 35.70
N ILE C 236 -52.68 -25.09 35.14
CA ILE C 236 -52.88 -25.33 33.72
C ILE C 236 -53.42 -24.12 32.97
N GLU C 237 -53.92 -23.11 33.67
CA GLU C 237 -54.37 -21.90 33.00
C GLU C 237 -53.24 -20.91 32.74
N THR C 238 -51.99 -21.34 32.81
CA THR C 238 -50.87 -20.48 32.42
C THR C 238 -50.11 -21.22 31.31
N THR C 239 -49.82 -22.49 31.56
CA THR C 239 -49.11 -23.27 30.55
C THR C 239 -49.89 -23.41 29.24
N GLY C 240 -50.99 -22.67 29.10
CA GLY C 240 -51.78 -22.73 27.88
C GLY C 240 -51.17 -21.84 26.81
N LYS C 241 -51.11 -20.55 27.08
CA LYS C 241 -50.51 -19.59 26.15
C LYS C 241 -49.06 -20.01 25.99
N ALA C 242 -48.50 -20.43 27.13
CA ALA C 242 -47.15 -20.89 27.19
C ALA C 242 -47.00 -21.99 26.16
N VAL C 243 -47.74 -23.09 26.31
CA VAL C 243 -47.62 -24.17 25.32
C VAL C 243 -47.72 -23.64 23.91
N TYR C 244 -48.72 -22.82 23.61
CA TYR C 244 -48.87 -22.22 22.28
C TYR C 244 -47.54 -21.79 21.70
N ILE C 245 -46.98 -20.74 22.32
CA ILE C 245 -45.70 -20.25 21.82
C ILE C 245 -44.59 -21.29 21.86
N THR C 246 -44.38 -21.88 23.04
CA THR C 246 -43.33 -22.87 23.24
C THR C 246 -43.56 -24.16 22.50
N SER C 247 -44.47 -24.15 21.54
CA SER C 247 -44.76 -25.36 20.78
C SER C 247 -44.76 -25.10 19.30
N THR C 248 -45.03 -23.85 18.90
CA THR C 248 -45.00 -23.56 17.46
C THR C 248 -43.58 -23.18 16.99
N LEU C 249 -43.02 -22.20 17.67
CA LEU C 249 -41.70 -21.60 17.50
C LEU C 249 -40.65 -22.63 17.14
N PRO C 250 -40.54 -23.66 17.97
CA PRO C 250 -39.58 -24.75 17.72
C PRO C 250 -39.75 -25.27 16.30
N TYR C 251 -40.99 -25.52 15.90
CA TYR C 251 -41.24 -26.01 14.53
C TYR C 251 -40.76 -25.07 13.41
N VAL C 252 -41.17 -23.81 13.49
CA VAL C 252 -40.76 -22.82 12.50
C VAL C 252 -39.25 -22.71 12.38
N VAL C 253 -38.56 -22.67 13.51
CA VAL C 253 -37.10 -22.54 13.46
C VAL C 253 -36.47 -23.78 12.82
N LEU C 254 -36.97 -24.94 13.19
CA LEU C 254 -36.45 -26.18 12.64
C LEU C 254 -36.59 -26.12 11.14
N THR C 255 -37.72 -25.59 10.66
CA THR C 255 -37.91 -25.48 9.22
C THR C 255 -36.85 -24.54 8.64
N ILE C 256 -36.78 -23.31 9.13
CA ILE C 256 -35.79 -22.37 8.63
C ILE C 256 -34.39 -22.99 8.56
N PHE C 257 -34.11 -23.97 9.41
CA PHE C 257 -32.78 -24.60 9.39
C PHE C 257 -32.56 -25.64 8.29
N LEU C 258 -33.65 -26.02 7.63
CA LEU C 258 -33.66 -26.99 6.55
C LEU C 258 -33.28 -26.35 5.22
N ILE C 259 -33.88 -25.19 4.91
CA ILE C 259 -33.57 -24.51 3.65
C ILE C 259 -32.24 -23.77 3.68
N ARG C 260 -31.66 -23.58 4.87
CA ARG C 260 -30.30 -23.10 5.01
C ARG C 260 -29.31 -24.26 5.03
N GLY C 261 -29.69 -25.36 5.69
CA GLY C 261 -28.79 -26.50 5.79
C GLY C 261 -28.55 -27.20 4.47
N LEU C 262 -29.59 -27.31 3.64
CA LEU C 262 -29.51 -27.99 2.35
C LEU C 262 -28.90 -27.14 1.24
N THR C 263 -28.19 -26.07 1.58
CA THR C 263 -27.67 -25.15 0.59
C THR C 263 -26.16 -24.90 0.74
N LEU C 264 -25.52 -25.40 1.79
CA LEU C 264 -24.23 -24.84 2.14
C LEU C 264 -23.05 -25.37 1.33
N LYS C 265 -22.57 -26.57 1.65
CA LYS C 265 -21.54 -27.19 0.81
C LYS C 265 -21.69 -28.70 0.75
N GLY C 266 -22.17 -29.30 1.84
CA GLY C 266 -21.98 -30.71 2.03
C GLY C 266 -23.18 -31.44 2.56
N ALA C 267 -24.32 -30.77 2.61
CA ALA C 267 -25.57 -31.51 2.72
C ALA C 267 -25.86 -32.18 1.38
N THR C 268 -26.67 -33.24 1.44
CA THR C 268 -26.94 -34.31 0.49
C THR C 268 -25.74 -35.28 0.44
N ASN C 269 -24.63 -34.96 1.10
CA ASN C 269 -23.57 -35.90 1.39
C ASN C 269 -23.60 -36.37 2.83
N GLY C 270 -24.42 -35.75 3.67
CA GLY C 270 -24.65 -36.21 5.02
C GLY C 270 -26.05 -36.75 5.19
N ILE C 271 -26.90 -36.52 4.18
CA ILE C 271 -28.23 -37.12 4.16
C ILE C 271 -28.15 -38.55 3.64
N VAL C 272 -27.35 -38.75 2.57
CA VAL C 272 -27.09 -40.08 2.03
C VAL C 272 -26.40 -40.99 3.02
N PHE C 273 -25.44 -40.47 3.78
CA PHE C 273 -24.74 -41.22 4.81
C PHE C 273 -25.65 -41.65 5.96
N LEU C 274 -26.69 -40.88 6.24
CA LEU C 274 -27.66 -41.28 7.27
C LEU C 274 -28.52 -42.44 6.79
N PHE C 275 -28.87 -42.48 5.51
CA PHE C 275 -29.80 -43.46 4.96
C PHE C 275 -29.10 -44.54 4.14
N THR C 276 -27.92 -44.98 4.56
CA THR C 276 -27.29 -46.15 3.96
C THR C 276 -27.67 -47.39 4.76
N PRO C 277 -28.36 -48.36 4.16
CA PRO C 277 -28.82 -49.53 4.93
C PRO C 277 -27.69 -50.52 5.17
N ASN C 278 -27.57 -50.96 6.42
CA ASN C 278 -26.65 -52.02 6.83
C ASN C 278 -27.51 -53.06 7.55
N VAL C 279 -27.90 -54.12 6.82
CA VAL C 279 -28.87 -55.07 7.34
C VAL C 279 -28.29 -56.02 8.37
N THR C 280 -26.97 -56.02 8.55
CA THR C 280 -26.36 -56.91 9.55
C THR C 280 -26.68 -56.43 10.96
N GLU C 281 -26.87 -55.12 11.15
CA GLU C 281 -27.17 -54.55 12.46
C GLU C 281 -28.58 -54.88 12.95
N LEU C 282 -29.46 -55.39 12.09
CA LEU C 282 -30.80 -55.78 12.51
C LEU C 282 -30.77 -57.03 13.41
N ALA C 283 -29.79 -57.89 13.18
CA ALA C 283 -29.67 -59.13 13.95
C ALA C 283 -28.82 -58.94 15.19
N GLN C 284 -29.18 -57.97 16.03
CA GLN C 284 -28.42 -57.64 17.22
C GLN C 284 -29.37 -57.41 18.39
N PRO C 285 -29.04 -57.95 19.57
CA PRO C 285 -29.87 -57.70 20.75
C PRO C 285 -29.76 -56.29 21.32
N ASP C 286 -28.73 -55.54 20.94
CA ASP C 286 -28.56 -54.17 21.39
C ASP C 286 -29.29 -53.16 20.53
N THR C 287 -29.60 -53.53 19.28
CA THR C 287 -30.38 -52.67 18.40
C THR C 287 -31.81 -52.49 18.89
N TRP C 288 -32.51 -53.58 19.15
CA TRP C 288 -33.92 -53.55 19.50
C TRP C 288 -34.18 -53.05 20.93
N LEU C 289 -33.15 -52.94 21.76
CA LEU C 289 -33.34 -52.38 23.09
C LEU C 289 -33.43 -50.86 23.03
N ASP C 290 -32.42 -50.20 22.47
CA ASP C 290 -32.44 -48.75 22.37
C ASP C 290 -33.44 -48.26 21.33
N ALA C 291 -33.79 -49.10 20.35
CA ALA C 291 -34.95 -48.77 19.53
C ALA C 291 -36.25 -48.92 20.31
N GLY C 292 -36.27 -49.80 21.29
CA GLY C 292 -37.44 -49.97 22.14
C GLY C 292 -37.50 -48.96 23.26
N ALA C 293 -36.34 -48.61 23.82
CA ALA C 293 -36.29 -47.64 24.91
C ALA C 293 -36.34 -46.20 24.42
N GLN C 294 -36.23 -45.97 23.11
CA GLN C 294 -36.46 -44.63 22.58
C GLN C 294 -37.94 -44.35 22.39
N VAL C 295 -38.73 -45.39 22.10
CA VAL C 295 -40.18 -45.24 21.92
C VAL C 295 -40.84 -44.81 23.22
N PHE C 296 -40.39 -45.36 24.35
CA PHE C 296 -40.91 -44.91 25.64
C PHE C 296 -40.42 -43.53 26.02
N PHE C 297 -39.40 -42.99 25.33
CA PHE C 297 -38.97 -41.62 25.54
C PHE C 297 -39.26 -40.70 24.36
N SER C 298 -39.55 -41.24 23.18
CA SER C 298 -40.10 -40.40 22.12
C SER C 298 -41.49 -39.93 22.47
N PHE C 299 -42.26 -40.78 23.14
CA PHE C 299 -43.48 -40.38 23.83
C PHE C 299 -43.09 -40.00 25.25
N SER C 300 -44.06 -39.88 26.14
CA SER C 300 -43.75 -39.63 27.55
C SER C 300 -44.49 -40.63 28.42
N LEU C 301 -44.45 -41.88 28.01
CA LEU C 301 -45.17 -42.94 28.69
C LEU C 301 -44.53 -43.26 30.03
N ALA C 302 -45.35 -43.76 30.95
CA ALA C 302 -44.96 -44.16 32.32
C ALA C 302 -44.39 -43.00 33.12
N PHE C 303 -44.79 -41.77 32.80
CA PHE C 303 -44.35 -40.59 33.53
C PHE C 303 -45.42 -40.01 34.44
N GLY C 304 -46.69 -40.22 34.11
CA GLY C 304 -47.77 -39.72 34.92
C GLY C 304 -48.25 -38.33 34.57
N GLY C 305 -47.87 -37.80 33.41
CA GLY C 305 -48.31 -36.49 33.02
C GLY C 305 -49.38 -36.54 31.94
N LEU C 306 -49.33 -37.58 31.11
CA LEU C 306 -50.33 -37.76 30.07
C LEU C 306 -51.67 -38.24 30.61
N ILE C 307 -51.70 -38.78 31.82
CA ILE C 307 -52.97 -39.14 32.44
C ILE C 307 -53.61 -37.91 33.09
N SER C 308 -52.80 -37.06 33.71
CA SER C 308 -53.31 -35.84 34.32
C SER C 308 -53.72 -34.79 33.29
N PHE C 309 -53.12 -34.81 32.09
CA PHE C 309 -53.56 -33.89 31.05
C PHE C 309 -54.83 -34.38 30.37
N SER C 310 -55.00 -35.69 30.25
CA SER C 310 -56.19 -36.25 29.62
C SER C 310 -57.42 -36.19 30.51
N SER C 311 -57.23 -36.05 31.82
CA SER C 311 -58.34 -36.04 32.77
C SER C 311 -59.09 -34.73 32.82
N TYR C 312 -58.67 -33.71 32.08
CA TYR C 312 -59.37 -32.44 32.04
C TYR C 312 -60.31 -32.32 30.86
N ASN C 313 -60.33 -33.30 29.96
CA ASN C 313 -61.15 -33.23 28.77
C ASN C 313 -62.62 -33.51 29.09
N SER C 314 -63.46 -33.37 28.09
CA SER C 314 -64.86 -33.74 28.23
C SER C 314 -64.99 -35.26 28.21
N VAL C 315 -66.14 -35.74 28.69
CA VAL C 315 -66.34 -37.18 28.80
C VAL C 315 -66.56 -37.83 27.44
N HIS C 316 -67.14 -37.11 26.49
CA HIS C 316 -67.37 -37.65 25.15
C HIS C 316 -66.30 -37.21 24.16
N ASN C 317 -65.12 -36.84 24.64
CA ASN C 317 -64.01 -36.51 23.77
C ASN C 317 -63.43 -37.77 23.16
N ASN C 318 -63.11 -37.72 21.88
CA ASN C 318 -62.56 -38.87 21.16
C ASN C 318 -61.09 -39.01 21.52
N CYS C 319 -60.76 -40.04 22.29
CA CYS C 319 -59.39 -40.33 22.67
C CYS C 319 -58.74 -41.37 21.77
N GLU C 320 -59.50 -41.97 20.86
CA GLU C 320 -58.92 -42.89 19.88
C GLU C 320 -58.31 -42.13 18.73
N LYS C 321 -58.94 -41.03 18.31
CA LYS C 321 -58.38 -40.20 17.25
C LYS C 321 -57.23 -39.33 17.73
N ASP C 322 -57.15 -39.06 19.04
CA ASP C 322 -56.04 -38.24 19.55
C ASP C 322 -54.75 -39.03 19.60
N SER C 323 -54.80 -40.31 19.98
CA SER C 323 -53.59 -41.11 20.12
C SER C 323 -52.96 -41.49 18.79
N VAL C 324 -53.72 -41.45 17.69
CA VAL C 324 -53.16 -41.69 16.38
C VAL C 324 -52.55 -40.43 15.80
N ILE C 325 -53.19 -39.27 16.02
CA ILE C 325 -52.65 -38.01 15.52
C ILE C 325 -51.38 -37.62 16.26
N VAL C 326 -51.33 -37.87 17.58
CA VAL C 326 -50.15 -37.54 18.36
C VAL C 326 -48.97 -38.44 17.98
N SER C 327 -49.24 -39.71 17.70
CA SER C 327 -48.18 -40.63 17.36
C SER C 327 -47.71 -40.50 15.92
N ILE C 328 -48.56 -40.02 15.01
CA ILE C 328 -48.14 -39.79 13.64
C ILE C 328 -47.20 -38.59 13.56
N ILE C 329 -47.51 -37.52 14.31
CA ILE C 329 -46.65 -36.34 14.32
C ILE C 329 -45.34 -36.63 15.05
N ASN C 330 -45.36 -37.49 16.06
CA ASN C 330 -44.12 -37.88 16.74
C ASN C 330 -43.24 -38.79 15.90
N GLY C 331 -43.82 -39.57 15.00
CA GLY C 331 -43.01 -40.43 14.14
C GLY C 331 -42.51 -39.68 12.92
N PHE C 332 -43.21 -38.62 12.54
CA PHE C 332 -42.78 -37.79 11.42
C PHE C 332 -41.73 -36.78 11.84
N THR C 333 -41.81 -36.29 13.08
CA THR C 333 -40.86 -35.28 13.55
C THR C 333 -39.47 -35.88 13.76
N SER C 334 -39.40 -37.13 14.24
CA SER C 334 -38.12 -37.75 14.54
C SER C 334 -37.31 -38.02 13.28
N VAL C 335 -37.98 -38.25 12.14
CA VAL C 335 -37.26 -38.29 10.87
C VAL C 335 -36.88 -36.87 10.45
N TYR C 336 -37.73 -35.90 10.75
CA TYR C 336 -37.55 -34.53 10.27
C TYR C 336 -36.40 -33.81 10.97
N VAL C 337 -36.17 -34.09 12.25
CA VAL C 337 -35.03 -33.49 12.91
C VAL C 337 -33.74 -34.17 12.49
N ALA C 338 -33.79 -35.46 12.12
CA ALA C 338 -32.58 -36.16 11.68
C ALA C 338 -32.12 -35.69 10.31
N ILE C 339 -33.04 -35.18 9.48
CA ILE C 339 -32.64 -34.58 8.20
C ILE C 339 -31.92 -33.25 8.45
N VAL C 340 -32.40 -32.47 9.43
CA VAL C 340 -31.80 -31.18 9.72
C VAL C 340 -30.44 -31.34 10.41
N VAL C 341 -30.32 -32.35 11.27
CA VAL C 341 -29.09 -32.53 12.03
C VAL C 341 -27.97 -33.04 11.13
N TYR C 342 -28.25 -34.06 10.32
CA TYR C 342 -27.22 -34.63 9.48
C TYR C 342 -26.94 -33.82 8.23
N SER C 343 -27.69 -32.74 7.97
CA SER C 343 -27.28 -31.79 6.96
C SER C 343 -26.14 -30.91 7.46
N VAL C 344 -26.11 -30.67 8.77
CA VAL C 344 -25.06 -29.83 9.37
C VAL C 344 -23.80 -30.65 9.63
N ILE C 345 -23.95 -31.93 9.98
CA ILE C 345 -22.80 -32.83 10.07
C ILE C 345 -22.18 -33.04 8.70
N GLY C 346 -23.00 -33.08 7.65
CA GLY C 346 -22.46 -33.18 6.30
C GLY C 346 -21.76 -31.92 5.83
N PHE C 347 -22.14 -30.76 6.38
CA PHE C 347 -21.46 -29.53 6.03
C PHE C 347 -20.16 -29.38 6.81
N ARG C 348 -20.12 -29.84 8.05
CA ARG C 348 -18.91 -29.74 8.86
C ARG C 348 -17.85 -30.73 8.39
N ALA C 349 -18.28 -31.88 7.88
CA ALA C 349 -17.32 -32.91 7.46
C ALA C 349 -16.74 -32.59 6.09
N THR C 350 -17.51 -31.88 5.26
CA THR C 350 -17.00 -31.45 3.97
C THR C 350 -16.03 -30.28 4.14
N GLN C 351 -16.27 -29.45 5.15
CA GLN C 351 -15.39 -28.32 5.41
C GLN C 351 -14.06 -28.79 5.99
N ARG C 352 -14.11 -29.76 6.91
CA ARG C 352 -12.88 -30.25 7.52
C ARG C 352 -12.07 -31.08 6.54
N TYR C 353 -12.73 -31.64 5.53
CA TYR C 353 -12.02 -32.37 4.49
C TYR C 353 -11.33 -31.41 3.53
N ASP C 354 -11.88 -30.20 3.39
CA ASP C 354 -11.26 -29.23 2.49
C ASP C 354 -10.19 -28.41 3.19
N ASP C 355 -10.35 -28.14 4.48
CA ASP C 355 -9.26 -27.50 5.22
C ASP C 355 -8.22 -28.50 5.72
N CYS C 356 -8.38 -29.80 5.45
CA CYS C 356 -7.30 -30.76 5.54
C CYS C 356 -6.58 -30.97 4.23
N PHE C 357 -7.32 -31.07 3.12
CA PHE C 357 -6.71 -31.38 1.83
C PHE C 357 -5.95 -30.18 1.27
N SER C 358 -6.29 -28.98 1.72
CA SER C 358 -5.54 -27.81 1.30
C SER C 358 -4.22 -27.65 2.05
N THR C 359 -4.04 -28.33 3.17
CA THR C 359 -2.75 -28.33 3.84
C THR C 359 -1.82 -29.39 3.28
N ASN C 360 -2.36 -30.49 2.75
CA ASN C 360 -1.53 -31.44 2.01
C ASN C 360 -1.06 -30.83 0.69
N ILE C 361 -1.86 -29.93 0.12
CA ILE C 361 -1.42 -29.16 -1.03
C ILE C 361 -0.30 -28.21 -0.62
N LEU C 362 -0.48 -27.51 0.51
CA LEU C 362 0.44 -26.46 0.94
C LEU C 362 1.81 -26.99 1.35
N THR C 363 1.94 -28.27 1.66
CA THR C 363 3.22 -28.82 2.08
C THR C 363 4.20 -28.95 0.92
N LEU C 364 3.74 -29.42 -0.24
CA LEU C 364 4.67 -29.67 -1.35
C LEU C 364 4.97 -28.40 -2.12
N ILE C 365 4.02 -27.45 -2.11
CA ILE C 365 4.27 -26.13 -2.69
C ILE C 365 5.35 -25.38 -1.92
N ASN C 366 5.38 -25.60 -0.60
CA ASN C 366 6.40 -24.99 0.23
C ASN C 366 7.72 -25.78 0.21
N GLY C 367 7.74 -26.91 -0.49
CA GLY C 367 8.94 -27.72 -0.57
C GLY C 367 9.50 -27.98 -1.95
N PHE C 368 8.71 -27.69 -3.00
CA PHE C 368 9.15 -28.00 -4.36
C PHE C 368 9.03 -26.83 -5.33
N ASP C 369 8.73 -25.65 -4.81
CA ASP C 369 8.66 -24.42 -5.60
C ASP C 369 7.80 -24.52 -6.85
N LEU C 370 6.50 -24.62 -6.65
CA LEU C 370 5.54 -24.67 -7.74
C LEU C 370 4.61 -23.45 -7.71
N PRO C 371 4.05 -23.09 -8.93
CA PRO C 371 3.17 -21.91 -8.86
C PRO C 371 2.06 -22.07 -7.82
N GLU C 372 1.28 -21.01 -7.63
CA GLU C 372 0.18 -21.03 -6.66
C GLU C 372 -0.88 -22.05 -7.04
N GLY C 373 -1.78 -21.66 -7.93
CA GLY C 373 -2.85 -22.54 -8.37
C GLY C 373 -2.33 -23.80 -9.03
N ASN C 374 -1.19 -24.29 -8.55
CA ASN C 374 -0.58 -25.49 -9.09
C ASN C 374 -0.74 -26.69 -8.15
N VAL C 375 -1.27 -27.78 -8.69
CA VAL C 375 -1.48 -28.99 -7.91
C VAL C 375 -2.74 -28.90 -7.04
N THR C 376 -3.90 -28.86 -7.69
CA THR C 376 -5.17 -28.78 -6.98
C THR C 376 -5.62 -30.15 -6.50
N GLN C 377 -6.94 -30.33 -6.35
CA GLN C 377 -7.48 -31.60 -5.89
C GLN C 377 -7.55 -32.63 -7.00
N GLU C 378 -7.81 -32.17 -8.22
CA GLU C 378 -7.88 -33.11 -9.35
C GLU C 378 -6.54 -33.76 -9.65
N ASN C 379 -5.44 -33.09 -9.31
CA ASN C 379 -4.10 -33.59 -9.65
C ASN C 379 -3.24 -33.69 -8.41
N PHE C 380 -3.69 -34.41 -7.39
CA PHE C 380 -2.85 -34.58 -6.21
C PHE C 380 -1.89 -35.75 -6.38
N VAL C 381 -2.42 -36.94 -6.67
CA VAL C 381 -1.64 -38.18 -6.63
C VAL C 381 -0.63 -38.26 -7.77
N ASP C 382 -0.97 -37.77 -8.95
CA ASP C 382 -0.02 -37.77 -10.07
C ASP C 382 1.10 -36.76 -9.84
N MET C 383 0.81 -35.66 -9.14
CA MET C 383 1.85 -34.71 -8.78
C MET C 383 2.60 -35.12 -7.52
N GLN C 384 2.14 -36.15 -6.81
CA GLN C 384 2.97 -36.75 -5.77
C GLN C 384 4.15 -37.49 -6.37
N GLN C 385 3.93 -38.23 -7.46
CA GLN C 385 4.98 -39.04 -8.06
C GLN C 385 5.81 -38.29 -9.07
N ARG C 386 5.34 -37.14 -9.57
CA ARG C 386 6.19 -36.33 -10.42
C ARG C 386 7.33 -35.70 -9.61
N CYS C 387 7.08 -35.40 -8.34
CA CYS C 387 8.12 -34.82 -7.50
C CYS C 387 9.14 -35.85 -7.06
N ASN C 388 8.69 -37.04 -6.64
CA ASN C 388 9.64 -38.04 -6.16
C ASN C 388 10.42 -38.71 -7.30
N ALA C 389 9.93 -38.63 -8.54
CA ALA C 389 10.74 -39.04 -9.68
C ALA C 389 11.66 -37.93 -10.17
N SER C 390 11.36 -36.69 -9.81
CA SER C 390 12.24 -35.58 -10.17
C SER C 390 13.49 -35.57 -9.32
N ASP C 391 13.33 -35.69 -8.01
CA ASP C 391 14.45 -35.69 -7.07
C ASP C 391 14.09 -36.46 -5.80
N PRO C 392 14.75 -37.57 -5.54
CA PRO C 392 14.55 -38.29 -4.27
C PRO C 392 15.23 -37.55 -3.13
N ALA C 393 15.02 -38.08 -1.91
CA ALA C 393 15.49 -37.58 -0.62
C ALA C 393 14.95 -36.20 -0.25
N ALA C 394 14.03 -35.64 -1.02
CA ALA C 394 13.27 -34.45 -0.63
C ALA C 394 11.81 -34.75 -0.37
N TYR C 395 11.38 -35.98 -0.66
CA TYR C 395 10.03 -36.42 -0.37
C TYR C 395 9.95 -37.10 1.00
N ALA C 396 11.10 -37.49 1.54
CA ALA C 396 11.16 -38.28 2.78
C ALA C 396 10.89 -37.45 4.03
N GLN C 397 11.03 -36.12 3.97
CA GLN C 397 10.70 -35.28 5.10
C GLN C 397 9.28 -34.72 5.02
N LEU C 398 8.54 -35.04 3.97
CA LEU C 398 7.21 -34.51 3.78
C LEU C 398 6.19 -35.30 4.59
N VAL C 399 5.38 -34.60 5.37
CA VAL C 399 4.35 -35.22 6.19
C VAL C 399 3.00 -34.95 5.53
N PHE C 400 2.37 -36.01 5.04
CA PHE C 400 1.05 -35.90 4.42
C PHE C 400 0.00 -36.50 5.34
N GLN C 401 -1.26 -36.24 5.01
CA GLN C 401 -2.38 -36.69 5.81
C GLN C 401 -3.18 -37.73 5.04
N THR C 402 -3.83 -38.62 5.79
CA THR C 402 -4.64 -39.66 5.17
C THR C 402 -6.11 -39.36 5.40
N CYS C 403 -6.48 -38.09 5.31
CA CYS C 403 -7.83 -37.67 5.63
C CYS C 403 -8.77 -37.91 4.45
N ASP C 404 -9.97 -38.38 4.76
CA ASP C 404 -10.96 -38.83 3.79
C ASP C 404 -12.32 -38.80 4.45
N ILE C 405 -13.36 -38.48 3.67
CA ILE C 405 -14.72 -38.57 4.20
C ILE C 405 -15.11 -40.03 4.41
N ASN C 406 -16.16 -40.22 5.21
CA ASN C 406 -16.62 -41.41 5.95
C ASN C 406 -15.75 -41.66 7.17
N ALA C 407 -14.67 -40.89 7.36
CA ALA C 407 -13.96 -40.80 8.62
C ALA C 407 -14.21 -39.49 9.34
N PHE C 408 -14.60 -38.44 8.60
CA PHE C 408 -15.04 -37.20 9.21
C PHE C 408 -16.54 -37.17 9.45
N LEU C 409 -17.30 -38.03 8.77
CA LEU C 409 -18.72 -38.19 9.02
C LEU C 409 -19.01 -39.17 10.15
N SER C 410 -17.99 -39.85 10.67
CA SER C 410 -18.22 -41.01 11.53
C SER C 410 -17.65 -40.83 12.93
N GLU C 411 -17.86 -39.68 13.55
CA GLU C 411 -17.61 -39.56 14.98
C GLU C 411 -18.85 -39.96 15.75
N ALA C 412 -18.64 -40.53 16.93
CA ALA C 412 -19.71 -41.11 17.75
C ALA C 412 -20.15 -40.16 18.86
N VAL C 413 -20.18 -38.85 18.59
CA VAL C 413 -20.56 -37.89 19.61
C VAL C 413 -22.07 -37.97 19.83
N GLU C 414 -22.49 -37.81 21.09
CA GLU C 414 -23.87 -38.10 21.48
C GLU C 414 -24.15 -37.49 22.84
N GLY C 415 -25.30 -36.83 22.95
CA GLY C 415 -25.91 -36.55 24.24
C GLY C 415 -25.83 -35.11 24.71
N THR C 416 -24.65 -34.52 24.62
CA THR C 416 -24.50 -33.07 24.76
C THR C 416 -23.55 -32.49 23.73
N GLY C 417 -22.67 -33.29 23.13
CA GLY C 417 -21.72 -32.77 22.18
C GLY C 417 -22.27 -32.48 20.81
N LEU C 418 -23.46 -32.97 20.49
CA LEU C 418 -24.06 -32.67 19.20
C LEU C 418 -24.62 -31.26 19.14
N ALA C 419 -24.66 -30.53 20.25
CA ALA C 419 -25.10 -29.14 20.25
C ALA C 419 -24.05 -28.16 20.73
N PHE C 420 -23.06 -28.61 21.52
CA PHE C 420 -22.12 -27.70 22.16
C PHE C 420 -20.71 -27.75 21.58
N ILE C 421 -20.33 -28.83 20.88
CA ILE C 421 -19.02 -28.91 20.26
C ILE C 421 -19.07 -29.33 18.80
N VAL C 422 -20.26 -29.54 18.24
CA VAL C 422 -20.38 -30.01 16.85
C VAL C 422 -21.27 -29.05 16.07
N PHE C 423 -22.46 -28.77 16.60
CA PHE C 423 -23.37 -27.89 15.90
C PHE C 423 -22.92 -26.44 15.97
N THR C 424 -22.34 -26.01 17.08
CA THR C 424 -21.94 -24.63 17.24
C THR C 424 -20.60 -24.32 16.58
N GLU C 425 -19.87 -25.35 16.12
CA GLU C 425 -18.67 -25.11 15.33
C GLU C 425 -19.04 -24.85 13.87
N ALA C 426 -20.06 -25.54 13.37
CA ALA C 426 -20.51 -25.32 11.99
C ALA C 426 -21.25 -24.00 11.83
N ILE C 427 -21.75 -23.41 12.93
CA ILE C 427 -22.44 -22.13 12.85
C ILE C 427 -21.43 -21.00 12.63
N THR C 428 -20.24 -21.10 13.22
CA THR C 428 -19.23 -20.05 13.10
C THR C 428 -18.66 -19.93 11.69
N LYS C 429 -18.78 -20.96 10.86
CA LYS C 429 -18.30 -20.92 9.49
C LYS C 429 -19.38 -20.57 8.49
N MET C 430 -20.56 -20.17 8.95
CA MET C 430 -21.62 -19.72 8.07
C MET C 430 -21.50 -18.22 7.85
N PRO C 431 -22.36 -17.64 7.00
CA PRO C 431 -22.26 -16.20 6.70
C PRO C 431 -22.55 -15.28 7.87
N LEU C 432 -23.73 -15.40 8.48
CA LEU C 432 -24.15 -14.55 9.58
C LEU C 432 -24.08 -15.36 10.87
N SER C 433 -22.89 -15.36 11.49
CA SER C 433 -22.66 -16.22 12.65
C SER C 433 -23.47 -15.87 13.89
N PRO C 434 -23.55 -14.62 14.38
CA PRO C 434 -24.31 -14.39 15.60
C PRO C 434 -25.82 -14.32 15.43
N LEU C 435 -26.37 -14.71 14.28
CA LEU C 435 -27.82 -14.80 14.11
C LEU C 435 -28.31 -16.23 14.02
N TRP C 436 -27.53 -17.12 13.38
CA TRP C 436 -27.88 -18.54 13.39
C TRP C 436 -27.58 -19.20 14.73
N SER C 437 -26.86 -18.54 15.62
CA SER C 437 -26.64 -19.05 16.96
C SER C 437 -27.71 -18.59 17.95
N VAL C 438 -28.34 -17.44 17.71
CA VAL C 438 -29.46 -17.04 18.55
C VAL C 438 -30.70 -17.86 18.20
N LEU C 439 -30.92 -18.10 16.91
CA LEU C 439 -32.05 -18.90 16.47
C LEU C 439 -31.90 -20.37 16.87
N PHE C 440 -30.67 -20.86 16.98
CA PHE C 440 -30.49 -22.26 17.32
C PHE C 440 -30.68 -22.52 18.80
N PHE C 441 -30.26 -21.60 19.65
CA PHE C 441 -30.35 -21.82 21.09
C PHE C 441 -31.66 -21.35 21.71
N ILE C 442 -32.52 -20.67 20.97
CA ILE C 442 -33.82 -20.32 21.54
C ILE C 442 -34.77 -21.50 21.25
N MET C 443 -34.47 -22.24 20.18
CA MET C 443 -35.28 -23.39 19.79
C MET C 443 -35.11 -24.53 20.80
N LEU C 444 -33.85 -24.80 21.15
CA LEU C 444 -33.55 -25.84 22.11
C LEU C 444 -34.20 -25.44 23.43
N PHE C 445 -34.12 -24.15 23.73
CA PHE C 445 -34.72 -23.63 24.94
C PHE C 445 -36.19 -23.98 24.96
N CYS C 446 -36.91 -23.65 23.89
CA CYS C 446 -38.33 -23.95 23.79
C CYS C 446 -38.63 -25.45 24.02
N LEU C 447 -37.86 -26.31 23.35
CA LEU C 447 -38.07 -27.75 23.52
C LEU C 447 -37.95 -28.14 25.00
N GLY C 448 -36.86 -27.71 25.62
CA GLY C 448 -36.62 -27.99 27.01
C GLY C 448 -37.80 -27.53 27.84
N LEU C 449 -38.24 -26.31 27.60
CA LEU C 449 -39.38 -25.74 28.34
C LEU C 449 -40.64 -26.58 28.27
N SER C 450 -41.01 -27.04 27.07
CA SER C 450 -42.22 -27.88 26.98
C SER C 450 -42.04 -29.18 27.77
N SER C 451 -40.87 -29.79 27.65
CA SER C 451 -40.65 -31.04 28.39
C SER C 451 -40.77 -30.77 29.90
N MET C 452 -40.27 -29.61 30.32
CA MET C 452 -40.31 -29.21 31.71
C MET C 452 -41.75 -29.06 32.17
N PHE C 453 -42.59 -28.43 31.37
CA PHE C 453 -44.00 -28.29 31.73
C PHE C 453 -44.52 -29.68 32.03
N GLY C 454 -44.27 -30.61 31.11
CA GLY C 454 -44.71 -31.98 31.33
C GLY C 454 -44.28 -32.58 32.66
N ASN C 455 -42.98 -32.57 32.95
CA ASN C 455 -42.48 -33.14 34.20
C ASN C 455 -42.98 -32.45 35.48
N MET C 456 -43.25 -31.15 35.36
CA MET C 456 -43.75 -30.38 36.50
C MET C 456 -45.17 -30.80 36.76
N GLU C 457 -45.94 -31.01 35.70
CA GLU C 457 -47.31 -31.46 35.87
C GLU C 457 -47.22 -32.81 36.56
N GLY C 458 -46.18 -33.55 36.21
CA GLY C 458 -45.94 -34.85 36.80
C GLY C 458 -45.60 -34.91 38.29
N VAL C 459 -44.95 -33.88 38.84
CA VAL C 459 -44.61 -33.91 40.28
C VAL C 459 -45.52 -33.16 41.30
N VAL C 460 -46.30 -32.21 40.81
CA VAL C 460 -47.23 -31.37 41.55
C VAL C 460 -48.57 -32.06 41.83
N VAL C 461 -49.18 -32.68 40.82
CA VAL C 461 -50.49 -33.31 40.96
C VAL C 461 -50.47 -34.54 41.88
N PRO C 462 -49.48 -35.45 41.86
CA PRO C 462 -49.45 -36.47 42.92
C PRO C 462 -49.11 -35.94 44.31
N LEU C 463 -48.56 -34.73 44.41
CA LEU C 463 -48.27 -34.15 45.72
C LEU C 463 -49.46 -33.41 46.31
N GLN C 464 -50.56 -33.30 45.56
CA GLN C 464 -51.82 -32.79 46.09
C GLN C 464 -52.74 -33.90 46.56
N ASP C 465 -52.72 -35.06 45.91
CA ASP C 465 -53.51 -36.20 46.34
C ASP C 465 -52.92 -36.88 47.58
N LEU C 466 -51.65 -36.62 47.89
CA LEU C 466 -51.06 -37.06 49.14
C LEU C 466 -51.44 -36.13 50.29
N ARG C 467 -51.81 -34.89 49.98
CA ARG C 467 -52.16 -33.84 50.94
C ARG C 467 -51.05 -33.61 51.96
N VAL C 468 -49.90 -33.16 51.45
CA VAL C 468 -48.79 -32.81 52.33
C VAL C 468 -48.97 -31.44 52.93
N ILE C 469 -49.79 -30.59 52.31
CA ILE C 469 -50.06 -29.24 52.82
C ILE C 469 -51.55 -29.15 53.09
N PRO C 470 -52.02 -28.25 53.96
CA PRO C 470 -53.47 -28.10 54.22
C PRO C 470 -54.21 -27.60 52.99
N PRO C 471 -55.54 -27.74 52.95
CA PRO C 471 -56.33 -27.22 51.81
C PRO C 471 -56.44 -25.71 51.73
N LYS C 472 -55.74 -24.95 52.59
CA LYS C 472 -55.36 -23.57 52.34
C LYS C 472 -54.13 -23.57 51.44
N TRP C 473 -53.38 -22.45 51.40
CA TRP C 473 -52.10 -22.33 50.71
C TRP C 473 -52.25 -22.58 49.21
N PRO C 474 -52.75 -21.60 48.44
CA PRO C 474 -53.15 -21.85 47.04
C PRO C 474 -52.04 -22.27 46.09
N LYS C 475 -52.40 -22.46 44.81
CA LYS C 475 -51.56 -23.14 43.82
C LYS C 475 -50.24 -22.41 43.55
N GLU C 476 -50.14 -21.12 43.90
CA GLU C 476 -48.87 -20.42 43.81
C GLU C 476 -47.86 -20.93 44.84
N VAL C 477 -48.33 -21.46 45.96
CA VAL C 477 -47.42 -21.76 47.07
C VAL C 477 -46.81 -23.16 46.93
N LEU C 478 -47.55 -24.13 46.41
CA LEU C 478 -47.01 -25.48 46.28
C LEU C 478 -46.00 -25.56 45.14
N THR C 479 -46.28 -24.86 44.04
CA THR C 479 -45.33 -24.85 42.92
C THR C 479 -44.07 -24.08 43.28
N GLY C 480 -44.19 -23.10 44.18
CA GLY C 480 -43.03 -22.32 44.56
C GLY C 480 -42.07 -23.06 45.47
N LEU C 481 -42.58 -24.05 46.20
CA LEU C 481 -41.71 -24.84 47.07
C LEU C 481 -41.12 -26.04 46.33
N ILE C 482 -41.66 -26.36 45.16
CA ILE C 482 -41.06 -27.38 44.32
C ILE C 482 -39.94 -26.77 43.48
N CYS C 483 -40.17 -25.57 42.95
CA CYS C 483 -39.17 -24.91 42.14
C CYS C 483 -38.00 -24.42 42.98
N LEU C 484 -38.23 -24.16 44.28
CA LEU C 484 -37.15 -23.76 45.16
C LEU C 484 -36.47 -24.98 45.77
N GLY C 485 -37.22 -26.07 45.94
CA GLY C 485 -36.63 -27.27 46.54
C GLY C 485 -35.79 -28.05 45.56
N THR C 486 -36.18 -28.06 44.29
CA THR C 486 -35.39 -28.73 43.27
C THR C 486 -34.22 -27.87 42.82
N PHE C 487 -34.22 -26.59 43.17
CA PHE C 487 -33.09 -25.71 42.88
C PHE C 487 -31.90 -26.02 43.77
N LEU C 488 -32.14 -26.30 45.06
CA LEU C 488 -31.03 -26.53 45.97
C LEU C 488 -30.40 -27.91 45.78
N ILE C 489 -31.17 -28.88 45.31
CA ILE C 489 -30.59 -30.18 44.96
C ILE C 489 -29.79 -30.10 43.67
N GLY C 490 -30.09 -29.15 42.80
CA GLY C 490 -29.36 -28.92 41.58
C GLY C 490 -28.01 -28.26 41.72
N PHE C 491 -27.48 -28.14 42.95
CA PHE C 491 -26.15 -27.62 43.18
C PHE C 491 -25.07 -28.65 42.87
N ILE C 492 -25.46 -29.91 42.68
CA ILE C 492 -24.49 -30.97 42.40
C ILE C 492 -23.89 -30.80 41.02
N PHE C 493 -24.70 -30.42 40.04
CA PHE C 493 -24.24 -30.28 38.66
C PHE C 493 -23.60 -28.94 38.37
N THR C 494 -23.45 -28.09 39.36
CA THR C 494 -22.71 -26.83 39.19
C THR C 494 -21.28 -26.92 39.70
N LEU C 495 -20.89 -28.05 40.28
CA LEU C 495 -19.54 -28.22 40.78
C LEU C 495 -18.55 -28.39 39.64
N ASN C 496 -17.29 -28.63 39.98
CA ASN C 496 -16.27 -28.87 38.96
C ASN C 496 -16.50 -30.21 38.28
N SER C 497 -16.88 -31.23 39.04
CA SER C 497 -17.20 -32.54 38.51
C SER C 497 -18.67 -32.71 38.20
N GLY C 498 -19.38 -31.62 37.93
CA GLY C 498 -20.81 -31.66 37.74
C GLY C 498 -21.29 -32.26 36.45
N GLN C 499 -20.42 -32.41 35.46
CA GLN C 499 -20.81 -33.04 34.21
C GLN C 499 -20.64 -34.54 34.25
N TYR C 500 -19.82 -35.07 35.14
CA TYR C 500 -19.75 -36.50 35.34
C TYR C 500 -20.94 -37.02 36.13
N TRP C 501 -21.54 -36.15 36.96
CA TRP C 501 -22.73 -36.55 37.71
C TRP C 501 -23.95 -36.59 36.80
N LEU C 502 -24.04 -35.67 35.84
CA LEU C 502 -25.21 -35.63 34.98
C LEU C 502 -25.18 -36.72 33.92
N SER C 503 -23.98 -37.11 33.46
CA SER C 503 -23.89 -38.21 32.51
C SER C 503 -24.11 -39.56 33.18
N LEU C 504 -23.97 -39.63 34.50
CA LEU C 504 -24.21 -40.88 35.23
C LEU C 504 -25.70 -41.20 35.27
N LEU C 505 -26.47 -40.38 35.96
CA LEU C 505 -27.89 -40.65 36.23
C LEU C 505 -28.88 -40.81 35.07
N ASP C 506 -28.77 -39.93 34.08
CA ASP C 506 -29.63 -39.93 32.90
C ASP C 506 -30.13 -41.33 32.46
N SER C 507 -29.36 -41.92 31.55
CA SER C 507 -29.61 -43.23 30.97
C SER C 507 -30.29 -44.16 31.95
N TYR C 508 -29.48 -44.68 32.86
CA TYR C 508 -29.90 -45.60 33.91
C TYR C 508 -31.30 -45.30 34.36
N ALA C 509 -31.39 -44.20 35.13
CA ALA C 509 -32.64 -43.71 35.71
C ALA C 509 -33.79 -43.96 34.75
N GLY C 510 -33.82 -43.10 33.73
CA GLY C 510 -34.83 -43.15 32.68
C GLY C 510 -35.20 -44.58 32.37
N SER C 511 -34.33 -45.22 31.60
CA SER C 511 -34.51 -46.60 31.17
C SER C 511 -35.24 -47.49 32.16
N ILE C 512 -34.55 -47.81 33.25
CA ILE C 512 -35.14 -48.72 34.22
C ILE C 512 -36.56 -48.34 34.61
N PRO C 513 -36.66 -47.22 35.44
CA PRO C 513 -38.05 -46.89 35.79
C PRO C 513 -39.07 -46.91 34.65
N LEU C 514 -38.78 -46.26 33.53
CA LEU C 514 -39.71 -46.24 32.41
C LEU C 514 -40.22 -47.64 32.11
N LEU C 515 -39.34 -48.51 31.65
CA LEU C 515 -39.78 -49.86 31.32
C LEU C 515 -40.64 -50.52 32.40
N ILE C 516 -40.13 -50.56 33.63
CA ILE C 516 -40.91 -51.25 34.68
C ILE C 516 -42.31 -50.65 34.92
N ILE C 517 -42.39 -49.33 35.04
CA ILE C 517 -43.68 -48.69 35.29
C ILE C 517 -44.62 -48.89 34.10
N ALA C 518 -44.06 -48.94 32.91
CA ALA C 518 -44.84 -49.11 31.70
C ALA C 518 -45.45 -50.50 31.62
N PHE C 519 -44.80 -51.51 32.19
CA PHE C 519 -45.40 -52.86 32.14
C PHE C 519 -46.63 -53.12 33.02
N CYS C 520 -46.64 -52.53 34.21
CA CYS C 520 -47.69 -52.65 35.22
C CYS C 520 -48.89 -51.75 34.95
N GLU C 521 -48.75 -50.77 34.06
CA GLU C 521 -49.92 -50.04 33.60
C GLU C 521 -50.73 -50.86 32.61
N MET C 522 -50.05 -51.55 31.69
CA MET C 522 -50.71 -52.47 30.78
C MET C 522 -51.25 -53.70 31.49
N PHE C 523 -50.67 -54.08 32.63
CA PHE C 523 -51.15 -55.25 33.35
C PHE C 523 -52.38 -54.92 34.19
N SER C 524 -52.34 -53.84 34.96
CA SER C 524 -53.38 -53.54 35.94
C SER C 524 -54.62 -52.89 35.35
N VAL C 525 -54.71 -52.75 34.03
CA VAL C 525 -55.93 -52.27 33.38
C VAL C 525 -56.61 -53.48 32.77
N VAL C 526 -55.82 -54.36 32.17
CA VAL C 526 -56.37 -55.53 31.49
C VAL C 526 -56.76 -56.64 32.46
N TYR C 527 -55.96 -56.89 33.50
CA TYR C 527 -56.20 -58.04 34.36
C TYR C 527 -56.66 -57.72 35.77
N VAL C 528 -56.59 -56.47 36.21
CA VAL C 528 -57.06 -56.06 37.52
C VAL C 528 -58.34 -55.24 37.42
N TYR C 529 -58.35 -54.22 36.57
CA TYR C 529 -59.57 -53.48 36.29
C TYR C 529 -60.53 -54.32 35.46
N GLY C 530 -60.00 -55.04 34.48
CA GLY C 530 -60.82 -55.86 33.60
C GLY C 530 -60.95 -55.23 32.23
N VAL C 531 -60.51 -55.94 31.20
CA VAL C 531 -60.57 -55.39 29.84
C VAL C 531 -61.99 -55.45 29.28
N ASP C 532 -62.89 -56.20 29.91
CA ASP C 532 -64.29 -56.18 29.51
C ASP C 532 -65.05 -55.03 30.14
N ARG C 533 -64.64 -54.55 31.30
CA ARG C 533 -65.32 -53.41 31.89
C ARG C 533 -64.82 -52.19 31.10
N PHE C 534 -63.53 -52.24 30.78
CA PHE C 534 -62.88 -51.19 30.01
C PHE C 534 -63.56 -50.96 28.68
N ASN C 535 -63.74 -52.02 27.90
CA ASN C 535 -64.39 -51.88 26.61
C ASN C 535 -65.73 -51.17 26.71
N LYS C 536 -66.58 -51.63 27.62
CA LYS C 536 -67.88 -51.03 27.79
C LYS C 536 -67.75 -49.55 28.10
N ASP C 537 -66.95 -49.23 29.12
CA ASP C 537 -66.78 -47.82 29.47
C ASP C 537 -66.27 -46.95 28.30
N ILE C 538 -65.37 -47.49 27.49
CA ILE C 538 -64.86 -46.74 26.35
C ILE C 538 -66.03 -46.49 25.42
N GLU C 539 -66.69 -47.56 24.98
CA GLU C 539 -67.83 -47.43 24.09
C GLU C 539 -68.80 -46.37 24.59
N PHE C 540 -68.93 -46.23 25.90
CA PHE C 540 -69.86 -45.23 26.43
C PHE C 540 -69.46 -43.80 26.06
N MET C 541 -68.18 -43.59 25.82
CA MET C 541 -67.63 -42.27 25.51
C MET C 541 -67.69 -41.95 24.02
N ILE C 542 -67.33 -42.91 23.17
CA ILE C 542 -67.18 -42.68 21.74
C ILE C 542 -68.25 -43.40 20.94
N GLY C 543 -68.69 -44.57 21.39
CA GLY C 543 -69.25 -45.56 20.51
C GLY C 543 -68.15 -46.38 19.87
N HIS C 544 -68.57 -47.41 19.12
CA HIS C 544 -67.72 -48.32 18.35
C HIS C 544 -66.56 -48.92 19.15
N LYS C 545 -66.87 -49.90 20.02
CA LYS C 545 -65.94 -50.76 20.77
C LYS C 545 -64.73 -51.13 19.92
N PRO C 546 -63.51 -51.02 20.47
CA PRO C 546 -62.30 -51.00 19.64
C PRO C 546 -62.05 -52.29 18.87
N ASN C 547 -61.18 -52.18 17.88
CA ASN C 547 -61.06 -53.15 16.80
C ASN C 547 -60.38 -54.43 17.30
N ILE C 548 -60.16 -55.36 16.36
CA ILE C 548 -59.40 -56.57 16.68
C ILE C 548 -57.93 -56.22 16.88
N PHE C 549 -57.47 -55.14 16.25
CA PHE C 549 -56.08 -54.70 16.44
C PHE C 549 -55.84 -54.16 17.84
N TRP C 550 -56.83 -53.47 18.42
CA TRP C 550 -56.67 -52.98 19.79
C TRP C 550 -56.79 -54.10 20.81
N GLN C 551 -57.65 -55.09 20.54
CA GLN C 551 -57.84 -56.17 21.49
C GLN C 551 -56.66 -57.14 21.50
N VAL C 552 -55.95 -57.27 20.38
CA VAL C 552 -54.83 -58.20 20.32
C VAL C 552 -53.60 -57.60 21.00
N THR C 553 -53.29 -56.33 20.71
CA THR C 553 -52.10 -55.72 21.28
C THR C 553 -52.25 -55.43 22.76
N TRP C 554 -53.47 -55.17 23.25
CA TRP C 554 -53.65 -54.94 24.68
C TRP C 554 -53.47 -56.22 25.47
N ARG C 555 -53.95 -57.34 24.93
CA ARG C 555 -54.01 -58.57 25.70
C ARG C 555 -52.70 -59.37 25.64
N VAL C 556 -52.19 -59.66 24.44
CA VAL C 556 -51.12 -60.63 24.29
C VAL C 556 -49.83 -60.01 23.74
N VAL C 557 -49.92 -59.08 22.79
CA VAL C 557 -48.73 -58.69 22.03
C VAL C 557 -47.85 -57.73 22.82
N SER C 558 -48.41 -56.62 23.27
CA SER C 558 -47.59 -55.60 23.94
C SER C 558 -47.12 -55.96 25.36
N PRO C 559 -47.87 -56.71 26.19
CA PRO C 559 -47.21 -57.24 27.40
C PRO C 559 -46.10 -58.23 27.12
N LEU C 560 -46.19 -59.02 26.04
CA LEU C 560 -45.11 -59.94 25.70
C LEU C 560 -43.92 -59.19 25.11
N LEU C 561 -44.18 -58.19 24.27
CA LEU C 561 -43.12 -57.44 23.62
C LEU C 561 -42.38 -56.53 24.59
N MET C 562 -43.00 -56.15 25.70
CA MET C 562 -42.34 -55.37 26.75
C MET C 562 -41.59 -56.23 27.74
N LEU C 563 -41.66 -57.55 27.63
CA LEU C 563 -40.82 -58.41 28.46
C LEU C 563 -39.47 -58.69 27.83
N ILE C 564 -39.41 -58.82 26.49
CA ILE C 564 -38.12 -59.07 25.86
C ILE C 564 -37.27 -57.80 25.79
N ILE C 565 -37.86 -56.62 25.98
CA ILE C 565 -37.04 -55.43 26.19
C ILE C 565 -36.49 -55.44 27.62
N PHE C 566 -37.27 -55.93 28.56
CA PHE C 566 -36.81 -56.09 29.94
C PHE C 566 -35.83 -57.24 30.09
N LEU C 567 -35.89 -58.24 29.21
CA LEU C 567 -34.92 -59.32 29.28
C LEU C 567 -33.61 -58.95 28.61
N PHE C 568 -33.66 -58.10 27.57
CA PHE C 568 -32.45 -57.64 26.90
C PHE C 568 -31.68 -56.62 27.74
N PHE C 569 -32.30 -56.06 28.77
CA PHE C 569 -31.58 -55.11 29.63
C PHE C 569 -30.53 -55.81 30.47
N PHE C 570 -30.87 -56.95 31.05
CA PHE C 570 -29.92 -57.68 31.87
C PHE C 570 -28.97 -58.55 31.05
N VAL C 571 -29.12 -58.55 29.73
CA VAL C 571 -28.13 -59.15 28.85
C VAL C 571 -27.06 -58.13 28.48
N VAL C 572 -27.45 -56.89 28.16
CA VAL C 572 -26.48 -55.85 27.81
C VAL C 572 -25.91 -55.15 29.03
N GLU C 573 -26.46 -55.36 30.22
CA GLU C 573 -25.85 -54.73 31.39
C GLU C 573 -24.70 -55.56 31.93
N VAL C 574 -24.78 -56.89 31.83
CA VAL C 574 -23.74 -57.74 32.41
C VAL C 574 -22.49 -57.82 31.57
N SER C 575 -22.52 -57.41 30.29
CA SER C 575 -21.28 -57.30 29.52
C SER C 575 -21.31 -56.02 28.67
N GLN C 576 -20.94 -54.89 29.29
CA GLN C 576 -20.51 -53.71 28.54
C GLN C 576 -19.32 -53.00 29.15
N GLU C 577 -18.82 -53.43 30.32
CA GLU C 577 -17.64 -52.86 31.00
C GLU C 577 -17.82 -51.38 31.29
N LEU C 578 -18.74 -51.10 32.23
CA LEU C 578 -19.20 -49.77 32.61
C LEU C 578 -18.07 -48.79 32.95
N THR C 579 -17.92 -47.75 32.12
CA THR C 579 -16.86 -46.77 32.24
C THR C 579 -17.45 -45.38 31.97
N TYR C 580 -16.60 -44.36 32.04
CA TYR C 580 -17.02 -43.01 31.70
C TYR C 580 -15.85 -42.22 31.14
N SER C 581 -16.18 -41.13 30.45
CA SER C 581 -15.18 -40.32 29.75
C SER C 581 -14.80 -39.11 30.57
N ILE C 582 -13.48 -38.86 30.69
CA ILE C 582 -12.97 -37.67 31.37
C ILE C 582 -12.24 -36.79 30.36
N TRP C 583 -11.80 -35.62 30.81
CA TRP C 583 -11.09 -34.68 29.95
C TRP C 583 -9.58 -34.76 30.13
N ASP C 584 -9.09 -34.51 31.36
CA ASP C 584 -7.69 -34.68 31.78
C ASP C 584 -6.67 -33.96 30.90
N PRO C 585 -6.53 -32.63 31.02
CA PRO C 585 -5.66 -31.91 30.08
C PRO C 585 -4.18 -32.22 30.25
N GLY C 586 -3.71 -32.47 31.46
CA GLY C 586 -2.33 -32.85 31.68
C GLY C 586 -2.15 -34.34 31.61
N TYR C 587 -2.21 -34.90 30.41
CA TYR C 587 -2.21 -36.35 30.21
C TYR C 587 -1.55 -36.67 28.88
N GLU C 588 -0.74 -37.73 28.88
CA GLU C 588 0.02 -38.11 27.69
C GLU C 588 -0.93 -38.61 26.61
N GLU C 589 -0.63 -38.25 25.35
CA GLU C 589 -1.50 -38.39 24.17
C GLU C 589 -2.94 -37.91 24.50
N PHE C 590 -3.02 -36.58 24.68
CA PHE C 590 -4.20 -36.00 25.32
C PHE C 590 -5.48 -36.10 24.50
N PRO C 591 -5.62 -35.48 23.30
CA PRO C 591 -6.97 -35.28 22.75
C PRO C 591 -7.49 -36.47 21.94
N LYS C 592 -7.62 -37.64 22.59
CA LYS C 592 -8.22 -38.79 21.91
C LYS C 592 -9.54 -39.24 22.52
N SER C 593 -9.54 -39.73 23.76
CA SER C 593 -10.65 -40.25 24.56
C SER C 593 -10.03 -40.73 25.86
N GLN C 594 -10.87 -41.15 26.79
CA GLN C 594 -10.43 -41.77 28.03
C GLN C 594 -11.61 -42.53 28.62
N LYS C 595 -11.33 -43.69 29.23
CA LYS C 595 -12.33 -44.46 29.96
C LYS C 595 -11.65 -44.96 31.23
N ILE C 596 -12.10 -44.52 32.41
CA ILE C 596 -11.38 -44.90 33.62
C ILE C 596 -12.22 -45.54 34.73
N SER C 597 -13.31 -46.23 34.37
CA SER C 597 -13.85 -47.30 35.22
C SER C 597 -14.31 -46.89 36.62
N TYR C 598 -15.53 -46.31 36.75
CA TYR C 598 -16.20 -45.69 37.91
C TYR C 598 -15.86 -46.32 39.25
N PRO C 599 -15.73 -45.54 40.33
CA PRO C 599 -15.35 -46.10 41.63
C PRO C 599 -16.44 -47.02 42.20
N ASN C 600 -16.07 -47.75 43.25
CA ASN C 600 -16.96 -48.77 43.77
C ASN C 600 -18.11 -48.22 44.58
N TRP C 601 -18.03 -46.97 45.06
CA TRP C 601 -19.15 -46.37 45.77
C TRP C 601 -20.22 -45.81 44.84
N VAL C 602 -20.03 -45.87 43.51
CA VAL C 602 -21.03 -45.32 42.61
C VAL C 602 -22.17 -46.28 42.39
N TYR C 603 -22.01 -47.54 42.79
CA TYR C 603 -23.12 -48.48 42.74
C TYR C 603 -24.19 -48.16 43.77
N VAL C 604 -23.83 -47.43 44.83
CA VAL C 604 -24.82 -46.91 45.76
C VAL C 604 -25.75 -45.92 45.04
N VAL C 605 -25.17 -45.07 44.18
CA VAL C 605 -25.96 -44.09 43.45
C VAL C 605 -26.79 -44.77 42.36
N VAL C 606 -26.28 -45.83 41.75
CA VAL C 606 -26.99 -46.53 40.68
C VAL C 606 -28.19 -47.29 41.25
N VAL C 607 -28.03 -47.91 42.42
CA VAL C 607 -29.11 -48.62 43.10
C VAL C 607 -30.18 -47.63 43.56
N ILE C 608 -29.78 -46.44 44.00
CA ILE C 608 -30.73 -45.47 44.51
C ILE C 608 -31.58 -44.86 43.39
N VAL C 609 -30.98 -44.48 42.28
CA VAL C 609 -31.74 -43.76 41.26
C VAL C 609 -32.53 -44.70 40.35
N ALA C 610 -32.13 -45.97 40.28
CA ALA C 610 -32.77 -46.88 39.33
C ALA C 610 -33.57 -47.95 40.04
N GLY C 611 -33.18 -48.28 41.28
CA GLY C 611 -33.83 -49.34 42.00
C GLY C 611 -35.07 -48.95 42.76
N VAL C 612 -34.98 -47.93 43.62
CA VAL C 612 -36.12 -47.57 44.48
C VAL C 612 -37.32 -47.00 43.73
N PRO C 613 -37.26 -46.38 42.49
CA PRO C 613 -38.52 -46.21 41.77
C PRO C 613 -39.08 -47.52 41.24
N SER C 614 -38.22 -48.52 41.04
CA SER C 614 -38.69 -49.81 40.56
C SER C 614 -39.25 -50.66 41.70
N LEU C 615 -38.75 -50.44 42.91
CA LEU C 615 -39.09 -51.33 44.01
C LEU C 615 -40.24 -50.83 44.87
N THR C 616 -40.70 -49.60 44.66
CA THR C 616 -41.89 -49.13 45.37
C THR C 616 -43.16 -49.74 44.81
N ILE C 617 -43.11 -50.30 43.60
CA ILE C 617 -44.27 -50.98 43.03
C ILE C 617 -44.50 -52.32 43.72
N PRO C 618 -43.49 -53.18 44.00
CA PRO C 618 -43.78 -54.28 44.92
C PRO C 618 -43.75 -53.89 46.38
N GLY C 619 -42.93 -52.92 46.76
CA GLY C 619 -42.73 -52.54 48.15
C GLY C 619 -43.95 -52.04 48.88
N TYR C 620 -44.79 -51.26 48.21
CA TYR C 620 -46.05 -50.85 48.83
C TYR C 620 -47.06 -51.99 48.77
N ALA C 621 -46.95 -52.87 47.77
CA ALA C 621 -47.90 -53.97 47.63
C ALA C 621 -47.66 -55.05 48.67
N ILE C 622 -46.46 -55.11 49.23
CA ILE C 622 -46.21 -56.05 50.33
C ILE C 622 -46.62 -55.42 51.65
N TYR C 623 -46.51 -54.09 51.76
CA TYR C 623 -46.84 -53.42 53.01
C TYR C 623 -48.35 -53.40 53.23
N LYS C 624 -49.12 -53.18 52.17
CA LYS C 624 -50.57 -53.05 52.34
C LYS C 624 -51.22 -54.41 52.56
N LEU C 625 -50.65 -55.48 51.99
CA LEU C 625 -51.20 -56.81 52.16
C LEU C 625 -50.87 -57.43 53.51
N ILE C 626 -49.95 -56.85 54.28
CA ILE C 626 -49.66 -57.32 55.62
C ILE C 626 -50.11 -56.35 56.70
N ARG C 627 -50.65 -55.20 56.34
CA ARG C 627 -51.22 -54.33 57.36
C ARG C 627 -52.65 -54.74 57.71
N ASN C 628 -53.41 -55.20 56.72
CA ASN C 628 -54.76 -55.69 56.98
C ASN C 628 -54.74 -57.09 57.57
N HIS C 629 -54.19 -58.05 56.82
CA HIS C 629 -54.18 -59.45 57.23
C HIS C 629 -53.08 -59.70 58.26
CA THR D 29 41.85 -33.96 -66.03
C THR D 29 41.71 -32.76 -65.11
N ILE D 30 40.67 -32.78 -64.27
CA ILE D 30 40.47 -31.66 -63.34
C ILE D 30 41.48 -31.73 -62.20
N GLU D 31 41.93 -32.93 -61.84
CA GLU D 31 42.97 -33.04 -60.82
C GLU D 31 44.33 -32.62 -61.37
N GLU D 32 44.59 -32.91 -62.65
CA GLU D 32 45.87 -32.56 -63.24
C GLU D 32 45.96 -31.06 -63.49
N GLN D 33 44.84 -30.40 -63.74
CA GLN D 33 44.84 -28.94 -63.82
C GLN D 33 44.71 -28.28 -62.45
N ALA D 34 44.40 -29.05 -61.41
CA ALA D 34 44.47 -28.55 -60.05
C ALA D 34 45.89 -28.57 -59.51
N LYS D 35 46.72 -29.51 -59.97
CA LYS D 35 48.14 -29.48 -59.62
C LYS D 35 48.84 -28.29 -60.27
N THR D 36 48.35 -27.87 -61.43
CA THR D 36 48.89 -26.72 -62.12
C THR D 36 48.56 -25.41 -61.41
N PHE D 37 47.38 -25.30 -60.80
CA PHE D 37 47.01 -24.09 -60.09
C PHE D 37 47.83 -23.91 -58.80
N LEU D 38 48.03 -25.00 -58.06
CA LEU D 38 48.78 -24.91 -56.81
C LEU D 38 50.28 -24.86 -57.03
N ASP D 39 50.77 -25.24 -58.21
CA ASP D 39 52.19 -25.07 -58.49
C ASP D 39 52.53 -23.60 -58.68
N LYS D 40 51.70 -22.86 -59.41
CA LYS D 40 51.95 -21.43 -59.55
C LYS D 40 51.35 -20.62 -58.41
N PHE D 41 50.56 -21.23 -57.53
CA PHE D 41 50.21 -20.55 -56.30
C PHE D 41 51.40 -20.49 -55.36
N ASN D 42 52.15 -21.59 -55.24
CA ASN D 42 53.21 -21.71 -54.26
C ASN D 42 54.42 -20.85 -54.58
N HIS D 43 54.60 -20.45 -55.84
CA HIS D 43 55.75 -19.62 -56.18
C HIS D 43 55.53 -18.18 -55.71
N GLU D 44 54.41 -17.58 -56.06
CA GLU D 44 54.15 -16.20 -55.66
C GLU D 44 53.69 -16.07 -54.21
N ALA D 45 53.34 -17.16 -53.55
CA ALA D 45 52.98 -17.06 -52.14
C ALA D 45 54.22 -16.93 -51.26
N GLU D 46 55.32 -17.58 -51.63
CA GLU D 46 56.52 -17.56 -50.79
C GLU D 46 57.25 -16.23 -50.87
N ASP D 47 57.35 -15.64 -52.05
CA ASP D 47 58.03 -14.36 -52.19
C ASP D 47 57.25 -13.23 -51.56
N LEU D 48 55.92 -13.35 -51.51
CA LEU D 48 55.09 -12.26 -51.03
C LEU D 48 54.77 -12.37 -49.54
N PHE D 49 54.84 -13.58 -48.98
CA PHE D 49 54.75 -13.74 -47.53
C PHE D 49 56.05 -13.32 -46.85
N TYR D 50 57.18 -13.47 -47.54
CA TYR D 50 58.47 -13.05 -47.00
C TYR D 50 58.53 -11.53 -46.81
N GLN D 51 57.96 -10.78 -47.75
CA GLN D 51 57.92 -9.33 -47.60
C GLN D 51 56.95 -8.91 -46.51
N SER D 52 55.87 -9.66 -46.33
CA SER D 52 54.91 -9.34 -45.27
C SER D 52 55.45 -9.70 -43.88
N SER D 53 56.37 -10.65 -43.81
CA SER D 53 56.92 -11.07 -42.52
C SER D 53 58.19 -10.33 -42.15
N LEU D 54 59.02 -9.97 -43.13
CA LEU D 54 60.22 -9.20 -42.84
C LEU D 54 59.87 -7.77 -42.46
N ALA D 55 58.81 -7.21 -43.03
CA ALA D 55 58.39 -5.86 -42.64
C ALA D 55 57.78 -5.85 -41.25
N SER D 56 57.19 -6.96 -40.82
CA SER D 56 56.68 -7.06 -39.46
C SER D 56 57.78 -7.33 -38.45
N TRP D 57 58.87 -7.99 -38.88
CA TRP D 57 60.02 -8.18 -38.01
C TRP D 57 60.71 -6.85 -37.73
N ASN D 58 60.80 -5.99 -38.74
CA ASN D 58 61.47 -4.70 -38.58
C ASN D 58 60.67 -3.75 -37.70
N TYR D 59 59.35 -3.92 -37.64
CA TYR D 59 58.57 -3.09 -36.73
C TYR D 59 58.73 -3.54 -35.28
N ASN D 60 58.68 -4.84 -35.03
CA ASN D 60 58.77 -5.33 -33.66
C ASN D 60 60.16 -5.19 -33.08
N THR D 61 61.17 -5.12 -33.94
CA THR D 61 62.54 -4.86 -33.51
C THR D 61 62.82 -3.37 -33.32
N ASN D 62 62.18 -2.53 -34.14
CA ASN D 62 62.52 -1.11 -34.25
C ASN D 62 61.20 -0.33 -34.30
N ILE D 63 60.69 0.07 -33.14
CA ILE D 63 59.42 0.77 -33.04
C ILE D 63 59.61 2.18 -33.59
N THR D 64 59.14 2.42 -34.82
CA THR D 64 58.93 3.73 -35.38
C THR D 64 57.54 3.76 -35.99
N GLU D 65 56.98 4.96 -36.12
CA GLU D 65 55.69 5.08 -36.79
C GLU D 65 55.87 5.14 -38.31
N GLU D 66 57.10 5.34 -38.77
CA GLU D 66 57.45 5.07 -40.16
C GLU D 66 57.26 3.60 -40.50
N ASN D 67 57.49 2.70 -39.54
CA ASN D 67 57.39 1.27 -39.75
C ASN D 67 56.00 0.71 -39.48
N VAL D 68 55.01 1.54 -39.17
CA VAL D 68 53.68 1.01 -38.87
C VAL D 68 52.97 0.62 -40.16
N GLN D 69 52.74 1.57 -41.05
CA GLN D 69 52.14 1.21 -42.33
C GLN D 69 53.18 0.82 -43.36
N ASN D 70 54.45 0.74 -42.98
CA ASN D 70 55.43 0.08 -43.84
C ASN D 70 55.18 -1.42 -43.90
N MET D 71 54.59 -1.98 -42.84
CA MET D 71 54.16 -3.38 -42.87
C MET D 71 52.67 -3.53 -43.18
N ASN D 72 51.85 -2.51 -42.92
CA ASN D 72 50.45 -2.59 -43.30
C ASN D 72 50.25 -2.48 -44.80
N ASN D 73 51.12 -1.73 -45.48
CA ASN D 73 51.08 -1.71 -46.94
C ASN D 73 51.65 -2.98 -47.54
N ALA D 74 52.42 -3.75 -46.77
CA ALA D 74 52.82 -5.09 -47.16
C ALA D 74 51.88 -6.17 -46.65
N GLY D 75 51.23 -5.93 -45.51
CA GLY D 75 50.30 -6.91 -44.98
C GLY D 75 48.99 -6.96 -45.75
N ASP D 76 48.43 -5.78 -46.07
CA ASP D 76 47.24 -5.72 -46.92
C ASP D 76 47.54 -6.15 -48.35
N LYS D 77 48.80 -6.06 -48.78
CA LYS D 77 49.20 -6.66 -50.03
C LYS D 77 49.12 -8.18 -49.97
N TRP D 78 49.31 -8.76 -48.78
CA TRP D 78 49.23 -10.20 -48.59
C TRP D 78 47.82 -10.66 -48.30
N SER D 79 47.06 -9.89 -47.52
CA SER D 79 45.69 -10.27 -47.20
C SER D 79 44.78 -10.20 -48.42
N ALA D 80 45.11 -9.35 -49.39
CA ALA D 80 44.32 -9.26 -50.60
C ALA D 80 44.72 -10.32 -51.63
N PHE D 81 45.97 -10.77 -51.59
CA PHE D 81 46.40 -11.84 -52.48
C PHE D 81 45.73 -13.16 -52.14
N LEU D 82 45.40 -13.38 -50.86
CA LEU D 82 44.73 -14.60 -50.46
C LEU D 82 43.30 -14.67 -51.01
N LYS D 83 42.55 -13.58 -50.87
CA LYS D 83 41.16 -13.59 -51.33
C LYS D 83 41.05 -13.54 -52.85
N GLU D 84 42.09 -13.10 -53.55
CA GLU D 84 42.10 -13.23 -55.00
C GLU D 84 42.29 -14.67 -55.42
N GLN D 85 43.21 -15.37 -54.77
CA GLN D 85 43.50 -16.76 -55.08
C GLN D 85 42.47 -17.72 -54.46
N SER D 86 41.65 -17.25 -53.52
CA SER D 86 40.65 -18.12 -52.94
C SER D 86 39.47 -18.32 -53.89
N THR D 87 39.10 -17.28 -54.64
CA THR D 87 38.00 -17.42 -55.59
C THR D 87 38.41 -18.23 -56.81
N LEU D 88 39.70 -18.22 -57.15
CA LEU D 88 40.19 -19.07 -58.23
C LEU D 88 40.20 -20.54 -57.84
N ALA D 89 40.29 -20.84 -56.55
CA ALA D 89 40.32 -22.21 -56.07
C ALA D 89 38.94 -22.86 -56.07
N GLN D 90 37.88 -22.09 -56.27
CA GLN D 90 36.52 -22.61 -56.28
C GLN D 90 36.21 -23.40 -57.55
N MET D 91 37.04 -23.28 -58.59
CA MET D 91 36.79 -23.95 -59.87
C MET D 91 37.02 -25.45 -59.81
N TYR D 92 37.69 -25.95 -58.77
CA TYR D 92 38.04 -27.36 -58.68
C TYR D 92 37.33 -27.98 -57.48
N PRO D 93 36.20 -28.66 -57.68
CA PRO D 93 35.51 -29.28 -56.54
C PRO D 93 36.26 -30.49 -56.01
N LEU D 94 35.88 -30.89 -54.80
CA LEU D 94 36.66 -31.83 -54.00
C LEU D 94 36.24 -33.29 -54.19
N GLN D 95 35.16 -33.56 -54.92
CA GLN D 95 34.70 -34.92 -55.11
C GLN D 95 35.41 -35.63 -56.27
N GLU D 96 36.37 -34.98 -56.91
CA GLU D 96 37.10 -35.59 -58.01
C GLU D 96 38.60 -35.68 -57.76
N ILE D 97 39.09 -35.07 -56.69
CA ILE D 97 40.51 -35.13 -56.37
C ILE D 97 40.80 -36.44 -55.67
N GLN D 98 41.81 -37.17 -56.17
CA GLN D 98 42.21 -38.45 -55.60
C GLN D 98 43.48 -38.37 -54.78
N ASN D 99 44.35 -37.42 -55.09
CA ASN D 99 45.60 -37.23 -54.37
C ASN D 99 45.35 -36.41 -53.11
N LEU D 100 45.83 -36.91 -51.98
CA LEU D 100 45.48 -36.32 -50.69
C LEU D 100 46.30 -35.06 -50.38
N THR D 101 47.50 -34.93 -50.95
CA THR D 101 48.31 -33.74 -50.69
C THR D 101 47.74 -32.52 -51.38
N VAL D 102 47.31 -32.67 -52.64
CA VAL D 102 46.71 -31.56 -53.36
C VAL D 102 45.28 -31.32 -52.87
N LYS D 103 44.66 -32.30 -52.23
CA LYS D 103 43.33 -32.10 -51.67
C LYS D 103 43.37 -31.27 -50.40
N LEU D 104 44.38 -31.49 -49.55
CA LEU D 104 44.47 -30.79 -48.28
C LEU D 104 44.76 -29.32 -48.45
N GLN D 105 45.50 -28.94 -49.51
CA GLN D 105 45.79 -27.54 -49.75
C GLN D 105 44.56 -26.81 -50.28
N LEU D 106 43.70 -27.51 -51.03
CA LEU D 106 42.51 -26.86 -51.57
C LEU D 106 41.46 -26.61 -50.50
N GLN D 107 41.41 -27.44 -49.46
CA GLN D 107 40.49 -27.21 -48.36
C GLN D 107 40.86 -25.94 -47.60
N ALA D 108 42.15 -25.68 -47.44
CA ALA D 108 42.60 -24.48 -46.76
C ALA D 108 42.35 -23.23 -47.58
N LEU D 109 42.23 -23.36 -48.90
CA LEU D 109 42.09 -22.20 -49.77
C LEU D 109 40.65 -21.93 -50.17
N GLN D 110 39.78 -22.92 -50.13
CA GLN D 110 38.40 -22.76 -50.56
C GLN D 110 37.46 -22.31 -49.46
N GLN D 111 37.93 -22.23 -48.22
CA GLN D 111 37.05 -21.84 -47.11
C GLN D 111 36.71 -20.37 -47.20
N ASN D 112 35.43 -20.04 -47.01
CA ASN D 112 34.95 -18.69 -47.27
C ASN D 112 35.17 -17.78 -46.06
N GLY D 113 34.88 -18.27 -44.87
CA GLY D 113 35.06 -17.45 -43.68
C GLY D 113 33.91 -16.47 -43.55
N SER D 114 34.25 -15.22 -43.26
CA SER D 114 33.26 -14.16 -43.11
C SER D 114 32.97 -13.45 -44.43
N SER D 115 33.49 -13.98 -45.54
CA SER D 115 33.19 -13.45 -46.87
C SER D 115 31.87 -13.96 -47.43
N VAL D 116 31.12 -14.74 -46.66
CA VAL D 116 29.86 -15.31 -47.10
C VAL D 116 28.66 -14.52 -46.60
N LEU D 117 28.87 -13.61 -45.63
CA LEU D 117 27.79 -12.83 -45.06
C LEU D 117 27.37 -11.72 -46.01
N SER D 118 26.37 -10.95 -45.59
CA SER D 118 25.94 -9.77 -46.33
C SER D 118 27.01 -8.68 -46.25
N GLU D 119 26.81 -7.62 -47.03
CA GLU D 119 27.81 -6.56 -47.08
C GLU D 119 27.71 -5.65 -45.86
N ASP D 120 26.53 -5.52 -45.28
CA ASP D 120 26.36 -4.73 -44.06
C ASP D 120 26.27 -5.60 -42.81
N LYS D 121 26.18 -6.92 -42.96
CA LYS D 121 26.33 -7.81 -41.83
C LYS D 121 27.79 -8.11 -41.52
N SER D 122 28.65 -8.05 -42.53
CA SER D 122 30.07 -8.27 -42.32
C SER D 122 30.75 -7.07 -41.68
N LYS D 123 30.16 -5.88 -41.79
CA LYS D 123 30.71 -4.70 -41.13
C LYS D 123 30.07 -4.43 -39.79
N ARG D 124 28.89 -4.98 -39.53
CA ARG D 124 28.33 -4.95 -38.18
C ARG D 124 29.09 -5.90 -37.27
N LEU D 125 29.54 -7.04 -37.80
CA LEU D 125 30.27 -7.99 -36.99
C LEU D 125 31.66 -7.47 -36.63
N ASN D 126 32.32 -6.79 -37.57
CA ASN D 126 33.65 -6.24 -37.31
C ASN D 126 33.60 -5.05 -36.36
N THR D 127 32.44 -4.40 -36.21
CA THR D 127 32.33 -3.30 -35.27
C THR D 127 32.15 -3.80 -33.84
N ILE D 128 31.42 -4.91 -33.68
CA ILE D 128 31.25 -5.53 -32.37
C ILE D 128 32.57 -6.10 -31.87
N LEU D 129 33.36 -6.68 -32.78
CA LEU D 129 34.63 -7.27 -32.38
C LEU D 129 35.66 -6.21 -31.99
N ASN D 130 35.61 -5.04 -32.63
CA ASN D 130 36.50 -3.96 -32.21
C ASN D 130 36.03 -3.28 -30.94
N THR D 131 34.71 -3.23 -30.71
CA THR D 131 34.19 -2.62 -29.50
C THR D 131 34.48 -3.48 -28.27
N MET D 132 34.31 -4.80 -28.40
CA MET D 132 34.58 -5.70 -27.29
C MET D 132 36.07 -5.76 -26.97
N SER D 133 36.93 -5.58 -27.97
CA SER D 133 38.36 -5.57 -27.73
C SER D 133 38.83 -4.27 -27.08
N THR D 134 38.09 -3.18 -27.24
CA THR D 134 38.48 -1.89 -26.71
C THR D 134 37.98 -1.68 -25.28
N ILE D 135 36.81 -2.22 -24.96
CA ILE D 135 36.30 -2.19 -23.59
C ILE D 135 37.20 -2.99 -22.66
N TYR D 136 37.76 -4.10 -23.15
CA TYR D 136 38.64 -4.94 -22.34
C TYR D 136 39.94 -4.25 -22.02
N SER D 137 40.59 -3.62 -23.01
CA SER D 137 41.90 -3.06 -22.81
C SER D 137 41.89 -1.66 -22.22
N THR D 138 40.78 -0.93 -22.32
CA THR D 138 40.73 0.44 -21.84
C THR D 138 39.70 0.66 -20.73
N GLY D 139 38.97 -0.36 -20.32
CA GLY D 139 38.01 -0.21 -19.24
C GLY D 139 38.70 -0.21 -17.88
N LYS D 140 38.27 0.71 -17.02
CA LYS D 140 38.91 0.86 -15.72
C LYS D 140 37.88 0.94 -14.60
N VAL D 141 38.39 0.78 -13.39
CA VAL D 141 37.58 0.64 -12.19
C VAL D 141 38.20 1.53 -11.12
N CYS D 142 37.40 2.40 -10.50
CA CYS D 142 37.87 3.21 -9.39
C CYS D 142 37.13 3.01 -8.09
N ASN D 143 37.79 3.50 -7.07
CA ASN D 143 37.70 3.29 -5.64
C ASN D 143 36.45 3.96 -5.10
N PRO D 144 35.78 3.34 -4.12
CA PRO D 144 34.61 3.99 -3.51
C PRO D 144 34.96 5.24 -2.72
N ASP D 145 36.06 5.22 -1.96
CA ASP D 145 36.40 6.37 -1.13
C ASP D 145 37.06 7.49 -1.94
N ASN D 146 37.86 7.16 -2.94
CA ASN D 146 38.54 8.16 -3.77
C ASN D 146 38.22 7.89 -5.23
N PRO D 147 37.23 8.56 -5.81
CA PRO D 147 36.86 8.31 -7.21
C PRO D 147 37.83 8.87 -8.24
N GLN D 148 38.94 9.48 -7.84
CA GLN D 148 39.90 10.04 -8.79
C GLN D 148 41.02 9.06 -9.13
N GLU D 149 41.15 7.96 -8.40
CA GLU D 149 42.17 6.95 -8.67
C GLU D 149 41.53 5.72 -9.34
N CYS D 150 41.64 5.63 -10.66
CA CYS D 150 41.04 4.53 -11.40
C CYS D 150 42.13 3.62 -11.94
N LEU D 151 41.92 2.30 -11.79
CA LEU D 151 42.89 1.29 -12.16
C LEU D 151 42.44 0.55 -13.41
N LEU D 152 43.34 0.39 -14.37
CA LEU D 152 43.14 -0.51 -15.48
C LEU D 152 43.33 -1.96 -15.02
N LEU D 153 43.00 -2.90 -15.90
CA LEU D 153 43.13 -4.30 -15.53
C LEU D 153 44.58 -4.77 -15.57
N GLU D 154 45.27 -4.49 -16.68
CA GLU D 154 46.50 -5.22 -16.99
C GLU D 154 47.68 -4.77 -16.12
N PRO D 155 47.87 -3.45 -15.82
CA PRO D 155 48.57 -3.13 -14.56
C PRO D 155 47.62 -2.78 -13.43
N GLY D 156 47.94 -3.19 -12.21
CA GLY D 156 47.22 -2.66 -11.07
C GLY D 156 46.05 -3.46 -10.55
N LEU D 157 45.16 -3.89 -11.43
CA LEU D 157 44.08 -4.77 -10.97
C LEU D 157 44.49 -6.24 -10.99
N ASN D 158 45.50 -6.61 -11.79
CA ASN D 158 46.05 -7.94 -11.71
C ASN D 158 46.98 -8.11 -10.52
N GLU D 159 47.65 -7.05 -10.08
CA GLU D 159 48.58 -7.20 -8.96
C GLU D 159 47.84 -7.24 -7.63
N ILE D 160 46.59 -6.77 -7.59
CA ILE D 160 45.78 -6.98 -6.40
C ILE D 160 45.37 -8.45 -6.31
N MET D 161 44.90 -9.02 -7.42
CA MET D 161 44.43 -10.39 -7.40
C MET D 161 45.55 -11.42 -7.31
N ALA D 162 46.79 -11.02 -7.52
CA ALA D 162 47.92 -11.95 -7.42
C ALA D 162 48.68 -11.84 -6.11
N ASN D 163 48.61 -10.70 -5.42
CA ASN D 163 49.48 -10.46 -4.28
C ASN D 163 48.76 -10.17 -2.97
N SER D 164 47.54 -9.66 -3.01
CA SER D 164 46.86 -9.26 -1.78
C SER D 164 46.39 -10.47 -0.99
N LEU D 165 46.44 -10.34 0.34
CA LEU D 165 45.91 -11.34 1.25
C LEU D 165 44.74 -10.78 2.06
N ASP D 166 44.16 -9.67 1.61
CA ASP D 166 43.03 -9.03 2.26
C ASP D 166 41.76 -9.50 1.58
N TYR D 167 40.87 -10.12 2.35
CA TYR D 167 39.61 -10.64 1.82
C TYR D 167 38.75 -9.52 1.23
N ASN D 168 38.71 -8.37 1.90
CA ASN D 168 37.83 -7.29 1.48
C ASN D 168 38.34 -6.58 0.23
N GLU D 169 39.65 -6.49 0.06
CA GLU D 169 40.18 -5.84 -1.14
C GLU D 169 40.11 -6.74 -2.36
N ARG D 170 40.30 -8.05 -2.19
CA ARG D 170 40.14 -8.98 -3.30
C ARG D 170 38.69 -9.08 -3.74
N LEU D 171 37.75 -8.95 -2.82
CA LEU D 171 36.34 -9.01 -3.18
C LEU D 171 35.89 -7.75 -3.90
N TRP D 172 36.50 -6.61 -3.59
CA TRP D 172 36.18 -5.39 -4.31
C TRP D 172 36.65 -5.46 -5.76
N ALA D 173 37.89 -5.91 -5.98
CA ALA D 173 38.44 -5.95 -7.33
C ALA D 173 37.78 -7.02 -8.18
N TRP D 174 37.34 -8.12 -7.57
CA TRP D 174 36.67 -9.18 -8.32
C TRP D 174 35.31 -8.73 -8.80
N GLU D 175 34.54 -8.09 -7.92
CA GLU D 175 33.15 -7.76 -8.24
C GLU D 175 33.05 -6.52 -9.11
N SER D 176 33.86 -5.50 -8.84
CA SER D 176 33.75 -4.26 -9.60
C SER D 176 34.32 -4.38 -11.00
N TRP D 177 35.15 -5.37 -11.27
CA TRP D 177 35.57 -5.63 -12.64
C TRP D 177 34.42 -6.25 -13.44
N ARG D 178 33.65 -7.11 -12.82
CA ARG D 178 32.54 -7.76 -13.53
C ARG D 178 31.35 -6.84 -13.82
N SER D 179 31.16 -5.81 -13.00
CA SER D 179 30.05 -4.88 -13.17
C SER D 179 30.00 -4.16 -14.52
N GLU D 180 30.65 -3.01 -14.62
CA GLU D 180 30.66 -2.22 -15.86
C GLU D 180 31.03 -3.03 -17.11
N VAL D 181 32.29 -3.48 -17.12
CA VAL D 181 32.79 -4.26 -18.23
C VAL D 181 31.81 -5.40 -18.49
N GLY D 182 31.43 -6.08 -17.42
CA GLY D 182 30.48 -7.17 -17.51
C GLY D 182 29.30 -6.81 -18.39
N LYS D 183 28.47 -5.88 -17.93
CA LYS D 183 27.28 -5.44 -18.67
C LYS D 183 27.53 -5.03 -20.12
N GLN D 184 28.52 -4.20 -20.40
CA GLN D 184 28.73 -3.77 -21.79
C GLN D 184 28.88 -5.00 -22.68
N LEU D 185 29.83 -5.83 -22.26
CA LEU D 185 30.11 -7.04 -22.95
C LEU D 185 28.82 -7.84 -23.10
N ARG D 186 27.92 -7.76 -22.13
CA ARG D 186 26.68 -8.52 -22.24
C ARG D 186 25.99 -8.34 -23.59
N PRO D 187 25.40 -7.09 -23.79
CA PRO D 187 24.73 -6.95 -25.10
C PRO D 187 25.68 -7.14 -26.28
N LEU D 188 26.93 -6.69 -26.12
CA LEU D 188 27.84 -6.86 -27.25
C LEU D 188 27.89 -8.33 -27.69
N TYR D 189 28.18 -9.20 -26.73
CA TYR D 189 28.29 -10.63 -26.90
C TYR D 189 27.02 -11.28 -27.41
N GLU D 190 25.86 -10.80 -26.96
CA GLU D 190 24.62 -11.37 -27.45
C GLU D 190 24.59 -11.16 -28.97
N GLU D 191 24.75 -9.91 -29.37
CA GLU D 191 24.75 -9.61 -30.80
C GLU D 191 25.77 -10.50 -31.51
N TYR D 192 26.95 -10.58 -30.91
CA TYR D 192 28.07 -11.38 -31.41
C TYR D 192 27.67 -12.81 -31.72
N VAL D 193 27.14 -13.52 -30.73
CA VAL D 193 26.72 -14.91 -30.90
C VAL D 193 25.75 -14.98 -32.07
N VAL D 194 24.75 -14.12 -32.05
CA VAL D 194 23.78 -14.15 -33.14
C VAL D 194 24.47 -14.09 -34.50
N LEU D 195 25.27 -13.06 -34.73
CA LEU D 195 25.96 -12.89 -36.01
C LEU D 195 26.90 -14.03 -36.38
N LYS D 196 27.58 -14.58 -35.38
CA LYS D 196 28.51 -15.68 -35.58
C LYS D 196 27.83 -16.97 -35.98
N ASN D 197 26.58 -17.16 -35.57
CA ASN D 197 25.89 -18.39 -35.95
C ASN D 197 25.44 -18.43 -37.42
N GLU D 198 25.30 -17.26 -38.02
CA GLU D 198 24.88 -17.07 -39.41
C GLU D 198 26.04 -17.33 -40.37
N MET D 199 27.24 -16.95 -39.96
CA MET D 199 28.43 -17.20 -40.78
C MET D 199 28.73 -18.68 -40.87
N ALA D 200 28.53 -19.41 -39.78
CA ALA D 200 28.89 -20.83 -39.74
C ALA D 200 27.88 -21.70 -40.45
N ARG D 201 26.60 -21.31 -40.46
CA ARG D 201 25.60 -22.11 -41.16
C ARG D 201 25.67 -21.92 -42.66
N ALA D 202 26.10 -20.75 -43.12
CA ALA D 202 26.33 -20.53 -44.54
C ALA D 202 27.59 -21.22 -45.05
N ASN D 203 28.45 -21.70 -44.15
CA ASN D 203 29.59 -22.53 -44.49
C ASN D 203 29.32 -24.00 -44.20
N HIS D 204 28.04 -24.39 -44.11
CA HIS D 204 27.58 -25.77 -43.99
C HIS D 204 28.04 -26.42 -42.69
N TYR D 205 28.11 -25.64 -41.62
CA TYR D 205 28.28 -26.16 -40.27
C TYR D 205 26.97 -26.03 -39.51
N GLU D 206 26.90 -26.73 -38.38
CA GLU D 206 25.69 -26.66 -37.56
C GLU D 206 25.61 -25.34 -36.83
N ASP D 207 26.65 -25.01 -36.06
CA ASP D 207 26.74 -23.74 -35.36
C ASP D 207 28.19 -23.28 -35.43
N TYR D 208 28.53 -22.25 -34.66
CA TYR D 208 29.89 -21.74 -34.63
C TYR D 208 30.81 -22.60 -33.77
N GLY D 209 30.26 -23.36 -32.82
CA GLY D 209 31.10 -24.28 -32.08
C GLY D 209 31.52 -25.48 -32.89
N ASP D 210 30.68 -25.91 -33.82
CA ASP D 210 31.05 -26.96 -34.76
C ASP D 210 32.08 -26.47 -35.76
N TYR D 211 32.09 -25.16 -36.03
CA TYR D 211 33.13 -24.57 -36.87
C TYR D 211 34.48 -24.64 -36.18
N TRP D 212 34.50 -24.41 -34.88
CA TRP D 212 35.75 -24.43 -34.12
C TRP D 212 36.26 -25.86 -33.93
N ARG D 213 35.38 -26.83 -33.83
CA ARG D 213 35.77 -28.22 -33.67
C ARG D 213 36.23 -28.86 -34.97
N GLY D 214 36.20 -28.13 -36.08
CA GLY D 214 36.65 -28.64 -37.36
C GLY D 214 38.14 -28.66 -37.56
N ASP D 215 38.90 -28.13 -36.60
CA ASP D 215 40.35 -28.24 -36.65
C ASP D 215 40.82 -29.65 -36.37
N TYR D 216 40.01 -30.46 -35.69
CA TYR D 216 40.37 -31.80 -35.30
C TYR D 216 39.77 -32.86 -36.20
N GLU D 217 39.17 -32.47 -37.33
CA GLU D 217 38.42 -33.39 -38.16
C GLU D 217 39.30 -34.00 -39.23
N VAL D 218 39.25 -35.33 -39.34
CA VAL D 218 39.93 -36.09 -40.38
C VAL D 218 38.88 -36.85 -41.17
N ASN D 219 38.94 -36.75 -42.49
CA ASN D 219 37.92 -37.30 -43.38
C ASN D 219 38.52 -38.28 -44.37
N GLY D 220 38.25 -39.57 -44.17
CA GLY D 220 38.51 -40.59 -45.17
C GLY D 220 39.96 -40.89 -45.47
N VAL D 221 40.76 -41.24 -44.46
CA VAL D 221 42.16 -41.59 -44.66
C VAL D 221 42.30 -43.03 -44.15
N ASP D 222 41.20 -43.78 -44.25
CA ASP D 222 41.17 -45.25 -44.20
C ASP D 222 41.71 -45.79 -42.86
N GLY D 223 40.97 -45.49 -41.80
CA GLY D 223 41.31 -45.97 -40.48
C GLY D 223 41.91 -44.94 -39.56
N TYR D 224 41.90 -43.66 -39.95
CA TYR D 224 42.42 -42.58 -39.14
C TYR D 224 41.43 -41.44 -39.03
N ASP D 225 40.15 -41.70 -39.30
CA ASP D 225 39.14 -40.66 -39.34
C ASP D 225 38.79 -40.18 -37.95
N TYR D 226 38.20 -38.98 -37.89
CA TYR D 226 37.87 -38.35 -36.63
C TYR D 226 36.75 -37.36 -36.88
N SER D 227 35.61 -37.55 -36.20
CA SER D 227 34.47 -36.69 -36.39
C SER D 227 34.64 -35.38 -35.62
N ARG D 228 33.78 -34.41 -35.94
CA ARG D 228 33.73 -33.18 -35.16
C ARG D 228 32.90 -33.36 -33.90
N GLY D 229 32.00 -34.32 -33.88
CA GLY D 229 31.25 -34.64 -32.66
C GLY D 229 31.95 -35.62 -31.77
N GLN D 230 33.01 -36.26 -32.26
CA GLN D 230 33.79 -37.18 -31.46
C GLN D 230 34.73 -36.46 -30.50
N LEU D 231 35.05 -35.18 -30.76
CA LEU D 231 35.89 -34.42 -29.85
C LEU D 231 35.17 -34.13 -28.54
N ILE D 232 33.85 -33.95 -28.59
CA ILE D 232 33.09 -33.71 -27.36
C ILE D 232 33.06 -34.97 -26.51
N GLU D 233 33.06 -36.14 -27.13
CA GLU D 233 32.99 -37.37 -26.35
C GLU D 233 34.36 -37.77 -25.80
N ASP D 234 35.44 -37.41 -26.47
CA ASP D 234 36.76 -37.76 -25.97
C ASP D 234 37.25 -36.79 -24.91
N VAL D 235 36.76 -35.56 -24.90
CA VAL D 235 37.13 -34.63 -23.85
C VAL D 235 36.43 -35.00 -22.55
N GLU D 236 35.15 -35.34 -22.61
CA GLU D 236 34.43 -35.76 -21.41
C GLU D 236 34.83 -37.14 -20.93
N HIS D 237 35.39 -37.98 -21.80
CA HIS D 237 35.87 -39.30 -21.38
C HIS D 237 37.17 -39.19 -20.59
N THR D 238 38.11 -38.38 -21.07
CA THR D 238 39.37 -38.20 -20.35
C THR D 238 39.21 -37.37 -19.10
N PHE D 239 38.16 -36.54 -19.03
CA PHE D 239 37.99 -35.68 -17.86
C PHE D 239 37.52 -36.46 -16.64
N GLU D 240 36.79 -37.56 -16.84
CA GLU D 240 36.33 -38.36 -15.71
C GLU D 240 37.44 -39.13 -15.03
N GLU D 241 38.63 -39.19 -15.62
CA GLU D 241 39.78 -39.82 -14.99
C GLU D 241 40.67 -38.84 -14.26
N ILE D 242 40.65 -37.56 -14.63
CA ILE D 242 41.39 -36.54 -13.88
C ILE D 242 40.66 -36.17 -12.61
N LYS D 243 39.37 -36.48 -12.53
CA LYS D 243 38.55 -36.06 -11.40
C LYS D 243 38.94 -36.61 -10.03
N PRO D 244 39.48 -37.84 -9.86
CA PRO D 244 40.00 -38.18 -8.53
C PRO D 244 41.24 -37.41 -8.11
N LEU D 245 42.13 -37.08 -9.06
CA LEU D 245 43.33 -36.33 -8.70
C LEU D 245 43.00 -34.88 -8.38
N TYR D 246 42.00 -34.31 -9.07
CA TYR D 246 41.65 -32.92 -8.84
C TYR D 246 40.92 -32.72 -7.52
N GLU D 247 40.19 -33.74 -7.05
CA GLU D 247 39.46 -33.62 -5.80
C GLU D 247 40.40 -33.63 -4.60
N HIS D 248 41.51 -34.36 -4.68
CA HIS D 248 42.47 -34.35 -3.58
C HIS D 248 43.33 -33.09 -3.59
N LEU D 249 43.54 -32.49 -4.77
CA LEU D 249 44.21 -31.20 -4.81
C LEU D 249 43.28 -30.10 -4.34
N HIS D 250 41.98 -30.21 -4.66
CA HIS D 250 40.99 -29.25 -4.19
C HIS D 250 40.85 -29.30 -2.67
N ALA D 251 40.83 -30.50 -2.10
CA ALA D 251 40.64 -30.65 -0.67
C ALA D 251 41.88 -30.27 0.13
N TYR D 252 43.06 -30.39 -0.46
CA TYR D 252 44.29 -29.97 0.21
C TYR D 252 44.41 -28.45 0.22
N VAL D 253 44.03 -27.80 -0.87
CA VAL D 253 44.13 -26.35 -0.99
C VAL D 253 43.11 -25.68 -0.09
N ARG D 254 41.92 -26.28 0.04
CA ARG D 254 40.87 -25.74 0.89
C ARG D 254 41.26 -25.76 2.35
N ALA D 255 41.97 -26.80 2.79
CA ALA D 255 42.41 -26.87 4.18
C ALA D 255 43.51 -25.86 4.47
N LYS D 256 44.36 -25.57 3.50
CA LYS D 256 45.42 -24.58 3.70
C LYS D 256 44.90 -23.16 3.57
N LEU D 257 43.84 -22.95 2.80
CA LEU D 257 43.22 -21.63 2.70
C LEU D 257 42.40 -21.30 3.94
N MET D 258 42.01 -22.29 4.74
CA MET D 258 41.29 -22.03 5.98
C MET D 258 42.19 -21.49 7.08
N ASN D 259 43.51 -21.64 6.94
CA ASN D 259 44.44 -21.02 7.87
C ASN D 259 44.79 -19.60 7.46
N ALA D 260 44.52 -19.22 6.22
CA ALA D 260 44.82 -17.88 5.72
C ALA D 260 43.62 -16.96 5.78
N TYR D 261 42.41 -17.48 5.57
CA TYR D 261 41.17 -16.72 5.67
C TYR D 261 40.24 -17.47 6.60
N PRO D 262 40.41 -17.35 7.92
CA PRO D 262 39.50 -18.02 8.84
C PRO D 262 38.14 -17.32 8.88
N SER D 263 37.11 -18.13 9.16
CA SER D 263 35.70 -17.75 9.19
C SER D 263 35.18 -17.24 7.85
N TYR D 264 35.80 -17.66 6.74
CA TYR D 264 35.31 -17.33 5.41
C TYR D 264 35.12 -18.53 4.50
N ILE D 265 35.69 -19.68 4.85
CA ILE D 265 35.73 -20.85 3.99
C ILE D 265 35.18 -22.03 4.76
N SER D 266 34.22 -22.74 4.18
CA SER D 266 33.61 -23.90 4.80
C SER D 266 34.48 -25.14 4.54
N PRO D 267 34.60 -26.05 5.52
CA PRO D 267 35.43 -27.23 5.32
C PRO D 267 34.78 -28.34 4.49
N ILE D 268 33.56 -28.15 4.01
CA ILE D 268 32.91 -29.13 3.14
C ILE D 268 32.34 -28.52 1.88
N GLY D 269 32.56 -27.23 1.63
CA GLY D 269 31.94 -26.55 0.51
C GLY D 269 32.93 -26.19 -0.59
N CYS D 270 32.44 -25.40 -1.53
CA CYS D 270 33.25 -24.92 -2.64
C CYS D 270 34.20 -23.82 -2.18
N LEU D 271 35.09 -23.43 -3.07
CA LEU D 271 36.03 -22.36 -2.79
C LEU D 271 35.51 -21.04 -3.33
N PRO D 272 35.64 -19.95 -2.58
CA PRO D 272 35.19 -18.65 -3.07
C PRO D 272 36.02 -18.16 -4.25
N ALA D 273 35.34 -17.55 -5.23
CA ALA D 273 35.93 -17.33 -6.54
C ALA D 273 36.99 -16.24 -6.54
N HIS D 274 36.99 -15.36 -5.55
CA HIS D 274 37.91 -14.23 -5.50
C HIS D 274 39.17 -14.53 -4.72
N LEU D 275 39.39 -15.79 -4.33
CA LEU D 275 40.51 -16.16 -3.48
C LEU D 275 41.43 -17.15 -4.17
N LEU D 276 41.48 -17.15 -5.50
CA LEU D 276 42.10 -18.23 -6.23
C LEU D 276 43.45 -17.88 -6.85
N GLY D 277 43.93 -16.66 -6.68
CA GLY D 277 45.26 -16.30 -7.12
C GLY D 277 45.31 -15.41 -8.35
N ASP D 278 44.26 -15.38 -9.16
CA ASP D 278 44.18 -14.40 -10.23
C ASP D 278 42.72 -13.99 -10.39
N MET D 279 42.42 -13.30 -11.49
CA MET D 279 41.12 -12.66 -11.63
C MET D 279 40.02 -13.66 -11.93
N TRP D 280 40.35 -14.78 -12.58
CA TRP D 280 39.34 -15.73 -13.00
C TRP D 280 39.50 -17.12 -12.40
N GLY D 281 40.61 -17.41 -11.74
CA GLY D 281 40.87 -18.77 -11.32
C GLY D 281 41.35 -19.65 -12.45
N ARG D 282 41.95 -19.07 -13.49
CA ARG D 282 42.45 -19.86 -14.60
C ARG D 282 43.66 -20.69 -14.19
N PHE D 283 44.57 -20.12 -13.42
CA PHE D 283 45.67 -20.85 -12.82
C PHE D 283 45.63 -20.65 -11.31
N TRP D 284 46.04 -21.69 -10.58
CA TRP D 284 46.19 -21.59 -9.13
C TRP D 284 47.64 -21.41 -8.73
N THR D 285 48.47 -20.87 -9.61
CA THR D 285 49.90 -20.86 -9.37
C THR D 285 50.33 -19.82 -8.35
N ASN D 286 49.53 -18.78 -8.12
CA ASN D 286 49.84 -17.77 -7.11
C ASN D 286 49.45 -18.19 -5.71
N LEU D 287 48.88 -19.39 -5.54
CA LEU D 287 48.56 -19.93 -4.24
C LEU D 287 49.67 -20.77 -3.66
N TYR D 288 50.89 -20.68 -4.21
CA TYR D 288 51.97 -21.55 -3.78
C TYR D 288 52.56 -21.13 -2.45
N SER D 289 52.59 -19.82 -2.18
CA SER D 289 53.17 -19.34 -0.93
C SER D 289 52.29 -19.63 0.27
N LEU D 290 51.01 -19.96 0.05
CA LEU D 290 50.12 -20.36 1.12
C LEU D 290 49.98 -21.87 1.26
N THR D 291 50.29 -22.62 0.21
CA THR D 291 50.01 -24.05 0.16
C THR D 291 51.26 -24.88 0.01
N VAL D 292 52.43 -24.32 0.29
CA VAL D 292 53.69 -25.04 0.11
C VAL D 292 53.80 -26.15 1.16
N PRO D 293 54.18 -27.38 0.76
CA PRO D 293 54.19 -28.47 1.74
C PRO D 293 55.29 -28.38 2.77
N PHE D 294 56.50 -27.99 2.36
CA PHE D 294 57.65 -27.89 3.26
C PHE D 294 58.29 -26.53 3.04
N GLY D 295 57.84 -25.53 3.80
CA GLY D 295 58.18 -24.15 3.51
C GLY D 295 59.61 -23.77 3.84
N GLN D 296 60.26 -24.49 4.75
CA GLN D 296 61.62 -24.14 5.15
C GLN D 296 62.67 -24.63 4.15
N LYS D 297 62.31 -25.54 3.26
CA LYS D 297 63.23 -26.01 2.23
C LYS D 297 63.03 -25.17 0.97
N PRO D 298 64.08 -24.55 0.43
CA PRO D 298 63.92 -23.75 -0.77
C PRO D 298 63.93 -24.62 -2.03
N ASN D 299 63.35 -24.07 -3.09
CA ASN D 299 63.34 -24.74 -4.38
C ASN D 299 64.70 -24.63 -5.05
N ILE D 300 64.93 -25.53 -6.01
CA ILE D 300 66.18 -25.51 -6.75
C ILE D 300 66.17 -24.33 -7.71
N ASP D 301 67.12 -23.41 -7.54
CA ASP D 301 67.23 -22.24 -8.37
C ASP D 301 68.70 -22.02 -8.70
N VAL D 302 68.99 -21.78 -9.98
CA VAL D 302 70.38 -21.63 -10.41
C VAL D 302 70.60 -20.24 -11.01
N THR D 303 69.79 -19.26 -10.61
CA THR D 303 69.97 -17.91 -11.10
C THR D 303 71.17 -17.20 -10.49
N ASP D 304 71.79 -17.77 -9.47
CA ASP D 304 72.96 -17.16 -8.85
C ASP D 304 74.26 -17.84 -9.27
N ALA D 305 74.21 -19.11 -9.65
CA ALA D 305 75.38 -19.76 -10.23
C ALA D 305 75.63 -19.31 -11.65
N MET D 306 74.62 -18.76 -12.34
CA MET D 306 74.82 -18.25 -13.68
C MET D 306 75.56 -16.93 -13.66
N VAL D 307 75.45 -16.17 -12.57
CA VAL D 307 76.16 -14.91 -12.45
C VAL D 307 77.58 -15.12 -11.94
N ASP D 308 77.80 -16.14 -11.11
CA ASP D 308 79.14 -16.42 -10.61
C ASP D 308 80.05 -16.96 -11.71
N GLN D 309 79.48 -17.59 -12.73
CA GLN D 309 80.23 -17.99 -13.91
C GLN D 309 80.10 -16.99 -15.05
N ALA D 310 79.38 -15.89 -14.82
CA ALA D 310 79.19 -14.79 -15.77
C ALA D 310 78.59 -15.27 -17.09
N TRP D 311 77.43 -15.91 -16.99
CA TRP D 311 76.70 -16.34 -18.17
C TRP D 311 75.95 -15.16 -18.77
N ASP D 312 76.30 -14.77 -20.00
CA ASP D 312 75.61 -13.69 -20.69
C ASP D 312 74.44 -14.27 -21.49
N ALA D 313 73.77 -13.42 -22.25
CA ALA D 313 72.67 -13.89 -23.09
C ALA D 313 73.15 -14.26 -24.50
N GLN D 314 74.25 -15.01 -24.52
CA GLN D 314 74.72 -15.77 -25.68
C GLN D 314 75.17 -17.16 -25.32
N ARG D 315 75.64 -17.38 -24.08
CA ARG D 315 76.02 -18.72 -23.64
C ARG D 315 74.78 -19.56 -23.39
N ILE D 316 73.72 -18.96 -22.87
CA ILE D 316 72.51 -19.73 -22.58
C ILE D 316 71.74 -20.09 -23.84
N PHE D 317 72.00 -19.41 -24.96
CA PHE D 317 71.46 -19.84 -26.24
C PHE D 317 72.37 -20.84 -26.94
N LYS D 318 73.64 -20.91 -26.54
CA LYS D 318 74.51 -21.97 -27.04
C LYS D 318 74.33 -23.25 -26.24
N GLU D 319 73.87 -23.15 -25.00
CA GLU D 319 73.56 -24.35 -24.23
C GLU D 319 72.27 -25.00 -24.70
N ALA D 320 71.29 -24.19 -25.10
CA ALA D 320 70.08 -24.74 -25.69
C ALA D 320 70.35 -25.38 -27.05
N GLU D 321 71.32 -24.84 -27.78
CA GLU D 321 71.66 -25.41 -29.09
C GLU D 321 72.38 -26.74 -28.95
N LYS D 322 73.11 -26.95 -27.85
CA LYS D 322 73.78 -28.22 -27.62
C LYS D 322 72.83 -29.29 -27.12
N PHE D 323 71.69 -28.89 -26.53
CA PHE D 323 70.71 -29.86 -26.06
C PHE D 323 70.01 -30.55 -27.21
N PHE D 324 69.76 -29.84 -28.30
CA PHE D 324 69.06 -30.43 -29.43
C PHE D 324 69.99 -31.23 -30.33
N VAL D 325 71.28 -30.91 -30.33
CA VAL D 325 72.24 -31.71 -31.10
C VAL D 325 72.47 -33.04 -30.42
N SER D 326 72.41 -33.07 -29.09
CA SER D 326 72.63 -34.30 -28.33
C SER D 326 71.57 -35.36 -28.56
N VAL D 327 70.36 -34.99 -28.97
CA VAL D 327 69.33 -35.96 -29.29
C VAL D 327 69.27 -36.32 -30.77
N GLY D 328 70.05 -35.65 -31.60
CA GLY D 328 70.14 -35.98 -33.01
C GLY D 328 69.57 -34.94 -33.95
N LEU D 329 68.91 -33.91 -33.43
CA LEU D 329 68.40 -32.84 -34.27
C LEU D 329 69.55 -31.99 -34.77
N PRO D 330 69.37 -31.26 -35.89
CA PRO D 330 70.49 -30.46 -36.43
C PRO D 330 70.83 -29.23 -35.61
N ASN D 331 71.80 -28.47 -36.13
CA ASN D 331 72.30 -27.25 -35.52
C ASN D 331 71.33 -26.10 -35.81
N MET D 332 71.76 -24.88 -35.56
CA MET D 332 71.02 -23.73 -36.07
C MET D 332 71.37 -23.53 -37.54
N THR D 333 70.78 -22.47 -38.08
CA THR D 333 71.04 -22.00 -39.42
C THR D 333 71.91 -20.75 -39.27
N GLN D 334 73.02 -20.71 -40.00
CA GLN D 334 73.94 -19.58 -39.94
C GLN D 334 73.20 -18.25 -39.99
N GLY D 335 72.19 -18.18 -40.85
CA GLY D 335 71.39 -16.97 -40.97
C GLY D 335 70.76 -16.65 -39.63
N PHE D 336 70.36 -17.69 -38.92
CA PHE D 336 69.75 -17.52 -37.62
C PHE D 336 70.79 -16.92 -36.68
N TRP D 337 71.91 -17.62 -36.55
CA TRP D 337 72.97 -17.13 -35.66
C TRP D 337 73.37 -15.70 -35.99
N GLU D 338 73.07 -15.27 -37.22
CA GLU D 338 73.39 -13.92 -37.66
C GLU D 338 72.34 -12.90 -37.21
N ASN D 339 71.09 -13.11 -37.62
CA ASN D 339 70.01 -12.21 -37.25
C ASN D 339 69.26 -12.73 -36.02
N SER D 340 68.97 -11.85 -35.08
CA SER D 340 68.28 -12.28 -33.88
C SER D 340 68.32 -11.14 -32.88
N MET D 341 67.40 -11.18 -31.92
CA MET D 341 67.30 -10.09 -30.97
C MET D 341 67.53 -10.67 -29.58
N LEU D 342 68.60 -11.47 -29.43
CA LEU D 342 68.87 -12.25 -28.22
C LEU D 342 69.19 -11.42 -26.99
N THR D 343 69.19 -10.10 -27.07
CA THR D 343 69.37 -9.24 -25.91
C THR D 343 68.63 -7.93 -26.13
N ASP D 344 68.35 -7.25 -25.03
CA ASP D 344 67.68 -5.96 -25.11
C ASP D 344 68.68 -4.87 -25.44
N PRO D 345 68.33 -3.94 -26.33
CA PRO D 345 69.22 -2.81 -26.63
C PRO D 345 69.39 -1.85 -25.46
N GLY D 346 68.28 -1.40 -24.87
CA GLY D 346 68.30 -0.56 -23.69
C GLY D 346 68.10 0.92 -23.94
N ASN D 347 68.58 1.42 -25.08
CA ASN D 347 68.49 2.83 -25.41
C ASN D 347 67.10 3.18 -25.95
N VAL D 348 67.00 4.33 -26.61
CA VAL D 348 65.75 4.79 -27.23
C VAL D 348 65.36 3.97 -28.45
N GLN D 349 66.20 2.99 -28.83
CA GLN D 349 65.79 1.94 -29.75
C GLN D 349 64.74 1.09 -29.05
N LYS D 350 63.47 1.30 -29.40
CA LYS D 350 62.38 0.55 -28.78
C LYS D 350 62.05 -0.76 -29.48
N ALA D 351 61.16 -1.55 -28.87
CA ALA D 351 60.75 -2.83 -29.42
C ALA D 351 59.96 -3.66 -28.42
N VAL D 352 59.27 -4.69 -28.92
CA VAL D 352 58.47 -5.56 -28.07
C VAL D 352 59.37 -6.69 -27.55
N CYS D 353 59.25 -7.01 -26.26
CA CYS D 353 60.08 -8.04 -25.65
C CYS D 353 59.46 -9.44 -25.53
N HIS D 354 58.19 -9.58 -25.88
CA HIS D 354 57.53 -10.88 -25.77
C HIS D 354 58.40 -11.90 -26.49
N PRO D 355 58.60 -13.07 -25.88
CA PRO D 355 59.45 -14.10 -26.50
C PRO D 355 58.72 -14.83 -27.62
N THR D 356 59.25 -14.71 -28.83
CA THR D 356 58.56 -15.18 -30.03
C THR D 356 59.59 -15.84 -30.94
N ALA D 357 59.17 -16.89 -31.64
CA ALA D 357 59.97 -17.51 -32.68
C ALA D 357 59.36 -17.20 -34.04
N TRP D 358 60.20 -16.95 -35.03
CA TRP D 358 59.77 -16.44 -36.33
C TRP D 358 60.22 -17.35 -37.45
N ASP D 359 59.39 -17.42 -38.49
CA ASP D 359 59.50 -18.34 -39.61
C ASP D 359 59.29 -17.60 -40.93
N LEU D 360 60.10 -16.55 -41.15
CA LEU D 360 59.88 -15.57 -42.23
C LEU D 360 59.86 -16.18 -43.63
N GLY D 361 60.48 -17.32 -43.84
CA GLY D 361 60.41 -17.96 -45.15
C GLY D 361 61.75 -18.12 -45.84
N LYS D 362 61.83 -19.10 -46.73
CA LYS D 362 63.04 -19.42 -47.52
C LYS D 362 64.25 -19.72 -46.64
N GLY D 363 64.02 -20.31 -45.48
CA GLY D 363 65.12 -20.63 -44.57
C GLY D 363 65.58 -19.49 -43.70
N ASP D 364 64.65 -18.69 -43.16
CA ASP D 364 64.98 -17.59 -42.27
C ASP D 364 64.26 -17.80 -40.95
N PHE D 365 65.01 -18.16 -39.91
CA PHE D 365 64.45 -18.50 -38.60
C PHE D 365 65.10 -17.59 -37.56
N ARG D 366 64.28 -16.80 -36.86
CA ARG D 366 64.77 -15.80 -35.94
C ARG D 366 64.00 -15.86 -34.63
N ILE D 367 64.66 -15.45 -33.54
CA ILE D 367 64.09 -15.43 -32.20
C ILE D 367 64.24 -14.02 -31.64
N LEU D 368 63.18 -13.48 -31.04
CA LEU D 368 63.19 -12.15 -30.45
C LEU D 368 62.74 -12.23 -28.99
N MET D 369 63.66 -11.97 -28.06
CA MET D 369 63.31 -11.91 -26.65
C MET D 369 64.31 -11.07 -25.87
N CYS D 370 63.82 -10.33 -24.88
CA CYS D 370 64.67 -9.55 -24.00
C CYS D 370 65.14 -10.63 -23.05
N THR D 371 66.40 -11.02 -23.18
CA THR D 371 66.95 -12.11 -22.39
C THR D 371 67.76 -11.59 -21.21
N LYS D 372 67.23 -11.81 -20.00
CA LYS D 372 67.97 -11.55 -18.79
C LYS D 372 68.77 -12.79 -18.42
N VAL D 373 69.42 -12.76 -17.26
CA VAL D 373 70.15 -13.92 -16.75
C VAL D 373 69.37 -14.41 -15.53
N THR D 374 68.42 -15.30 -15.78
CA THR D 374 67.55 -15.85 -14.75
C THR D 374 67.35 -17.32 -15.08
N MET D 375 66.73 -18.07 -14.17
CA MET D 375 66.50 -19.49 -14.44
C MET D 375 65.36 -19.71 -15.42
N ASP D 376 64.33 -18.87 -15.38
CA ASP D 376 63.20 -19.07 -16.29
C ASP D 376 63.45 -18.48 -17.67
N ASP D 377 64.38 -17.53 -17.80
CA ASP D 377 64.82 -17.14 -19.13
C ASP D 377 65.77 -18.15 -19.73
N PHE D 378 66.43 -18.95 -18.89
CA PHE D 378 67.13 -20.13 -19.39
C PHE D 378 66.15 -21.19 -19.86
N LEU D 379 64.98 -21.29 -19.22
CA LEU D 379 64.00 -22.28 -19.62
C LEU D 379 63.18 -21.82 -20.82
N THR D 380 62.91 -20.52 -20.93
CA THR D 380 62.19 -19.99 -22.09
C THR D 380 63.03 -20.10 -23.35
N ALA D 381 64.36 -20.08 -23.23
CA ALA D 381 65.21 -20.32 -24.39
C ALA D 381 65.10 -21.74 -24.91
N HIS D 382 64.90 -22.71 -24.01
CA HIS D 382 64.66 -24.08 -24.46
C HIS D 382 63.26 -24.24 -25.03
N HIS D 383 62.31 -23.44 -24.57
CA HIS D 383 60.94 -23.53 -25.08
C HIS D 383 60.86 -22.94 -26.48
N GLU D 384 61.49 -21.78 -26.71
CA GLU D 384 61.38 -21.11 -27.99
C GLU D 384 62.22 -21.78 -29.07
N MET D 385 63.35 -22.38 -28.69
CA MET D 385 64.15 -23.10 -29.67
C MET D 385 63.48 -24.40 -30.12
N GLY D 386 62.56 -24.93 -29.33
CA GLY D 386 61.76 -26.04 -29.80
C GLY D 386 60.77 -25.66 -30.88
N HIS D 387 60.32 -24.40 -30.86
CA HIS D 387 59.49 -23.91 -31.95
C HIS D 387 60.30 -23.75 -33.23
N ILE D 388 61.57 -23.39 -33.12
CA ILE D 388 62.42 -23.22 -34.30
C ILE D 388 62.76 -24.57 -34.91
N GLN D 389 63.05 -25.57 -34.07
CA GLN D 389 63.32 -26.92 -34.54
C GLN D 389 62.09 -27.59 -35.13
N TYR D 390 60.89 -27.14 -34.77
CA TYR D 390 59.69 -27.67 -35.37
C TYR D 390 59.44 -27.04 -36.73
N ASP D 391 59.69 -25.73 -36.86
CA ASP D 391 59.60 -25.05 -38.14
C ASP D 391 60.68 -25.49 -39.12
N MET D 392 61.86 -25.84 -38.61
CA MET D 392 62.95 -26.25 -39.48
C MET D 392 62.72 -27.64 -40.06
N ALA D 393 61.81 -28.42 -39.51
CA ALA D 393 61.62 -29.80 -39.91
C ALA D 393 60.62 -29.96 -41.05
N TYR D 394 59.54 -29.17 -41.07
CA TYR D 394 58.59 -29.21 -42.17
C TYR D 394 58.86 -28.15 -43.23
N ALA D 395 60.09 -27.70 -43.38
CA ALA D 395 60.40 -26.69 -44.38
C ALA D 395 60.45 -27.24 -45.80
N ALA D 396 60.36 -28.55 -45.98
CA ALA D 396 60.28 -29.15 -47.30
C ALA D 396 58.84 -29.34 -47.76
N GLN D 397 57.87 -29.00 -46.93
CA GLN D 397 56.47 -29.14 -47.27
C GLN D 397 56.01 -27.97 -48.14
N PRO D 398 54.86 -28.11 -48.80
CA PRO D 398 54.23 -26.93 -49.44
C PRO D 398 53.85 -25.86 -48.42
N PHE D 399 53.55 -24.68 -48.96
CA PHE D 399 53.38 -23.50 -48.12
C PHE D 399 52.12 -23.59 -47.24
N LEU D 400 51.06 -24.17 -47.76
CA LEU D 400 49.83 -24.28 -46.99
C LEU D 400 49.88 -25.39 -45.95
N LEU D 401 50.83 -26.31 -46.06
CA LEU D 401 50.96 -27.44 -45.15
C LEU D 401 52.13 -27.27 -44.19
N ARG D 402 52.43 -26.04 -43.81
CA ARG D 402 53.54 -25.74 -42.90
C ARG D 402 52.95 -25.21 -41.60
N ASN D 403 52.56 -26.14 -40.74
CA ASN D 403 52.07 -25.86 -39.39
C ASN D 403 52.11 -27.17 -38.62
N GLY D 404 51.67 -27.13 -37.37
CA GLY D 404 51.47 -28.36 -36.63
C GLY D 404 50.30 -29.15 -37.16
N ALA D 405 50.22 -30.43 -36.74
CA ALA D 405 49.18 -31.32 -37.25
C ALA D 405 47.78 -30.89 -36.80
N ASN D 406 47.65 -30.37 -35.58
CA ASN D 406 46.50 -29.57 -35.21
C ASN D 406 47.00 -28.39 -34.40
N GLU D 407 46.08 -27.68 -33.76
CA GLU D 407 46.43 -26.47 -33.02
C GLU D 407 47.14 -26.75 -31.71
N GLY D 408 47.10 -27.98 -31.22
CA GLY D 408 47.70 -28.29 -29.94
C GLY D 408 49.11 -28.87 -30.00
N PHE D 409 49.56 -29.33 -31.18
CA PHE D 409 50.88 -29.94 -31.26
C PHE D 409 52.01 -28.94 -31.17
N HIS D 410 51.76 -27.68 -31.53
CA HIS D 410 52.87 -26.76 -31.71
C HIS D 410 53.41 -26.27 -30.37
N GLU D 411 52.52 -26.03 -29.41
CA GLU D 411 52.93 -25.60 -28.08
C GLU D 411 53.21 -26.77 -27.14
N ALA D 412 52.99 -28.00 -27.58
CA ALA D 412 53.33 -29.17 -26.77
C ALA D 412 54.75 -29.63 -26.99
N VAL D 413 55.29 -29.42 -28.21
CA VAL D 413 56.68 -29.75 -28.48
C VAL D 413 57.60 -28.80 -27.73
N GLY D 414 57.21 -27.53 -27.62
CA GLY D 414 58.03 -26.56 -26.91
C GLY D 414 58.06 -26.75 -25.41
N GLU D 415 57.07 -27.41 -24.83
CA GLU D 415 57.04 -27.52 -23.38
C GLU D 415 57.67 -28.79 -22.86
N ILE D 416 57.91 -29.78 -23.71
CA ILE D 416 58.69 -30.93 -23.25
C ILE D 416 60.18 -30.68 -23.32
N MET D 417 60.61 -29.59 -23.95
CA MET D 417 62.01 -29.20 -23.93
C MET D 417 62.37 -28.48 -22.63
N SER D 418 61.50 -27.59 -22.18
CA SER D 418 61.72 -26.94 -20.89
C SER D 418 61.38 -27.86 -19.72
N LEU D 419 60.69 -28.97 -19.97
CA LEU D 419 60.42 -29.93 -18.92
C LEU D 419 61.64 -30.78 -18.62
N SER D 420 62.38 -31.15 -19.66
CA SER D 420 63.56 -31.99 -19.52
C SER D 420 64.81 -31.21 -19.18
N ALA D 421 64.82 -29.90 -19.41
CA ALA D 421 65.97 -29.07 -19.10
C ALA D 421 65.96 -28.52 -17.68
N ALA D 422 64.85 -28.65 -16.96
CA ALA D 422 64.73 -28.14 -15.61
C ALA D 422 64.96 -29.19 -14.54
N THR D 423 65.29 -30.41 -14.93
CA THR D 423 65.53 -31.45 -13.96
C THR D 423 66.91 -31.27 -13.33
N PRO D 424 67.06 -31.60 -12.04
CA PRO D 424 68.39 -31.52 -11.41
C PRO D 424 69.38 -32.52 -11.95
N LYS D 425 68.94 -33.59 -12.60
CA LYS D 425 69.85 -34.49 -13.31
C LYS D 425 70.51 -33.77 -14.48
N HIS D 426 69.76 -32.89 -15.16
CA HIS D 426 70.30 -32.14 -16.29
C HIS D 426 71.20 -31.01 -15.83
N LEU D 427 70.82 -30.32 -14.76
CA LEU D 427 71.51 -29.09 -14.38
C LEU D 427 72.87 -29.35 -13.77
N LYS D 428 73.04 -30.48 -13.08
CA LYS D 428 74.33 -30.80 -12.48
C LYS D 428 75.37 -31.25 -13.50
N SER D 429 74.96 -31.53 -14.74
CA SER D 429 75.88 -31.87 -15.81
C SER D 429 76.12 -30.72 -16.78
N ILE D 430 75.40 -29.60 -16.64
CA ILE D 430 75.58 -28.48 -17.55
C ILE D 430 76.61 -27.48 -17.02
N GLY D 431 76.98 -27.56 -15.74
CA GLY D 431 77.91 -26.63 -15.12
C GLY D 431 77.36 -25.97 -13.88
N LEU D 432 76.04 -25.82 -13.79
CA LEU D 432 75.40 -25.34 -12.59
C LEU D 432 75.22 -26.50 -11.61
N LEU D 433 74.72 -26.20 -10.41
CA LEU D 433 74.18 -27.18 -9.46
C LEU D 433 75.22 -28.24 -9.05
N SER D 434 76.18 -27.78 -8.22
CA SER D 434 77.45 -28.40 -7.79
C SER D 434 77.38 -29.91 -7.61
N PRO D 435 78.40 -30.65 -8.08
CA PRO D 435 78.20 -32.08 -8.43
C PRO D 435 77.94 -33.01 -7.25
N ASP D 436 78.11 -32.55 -6.01
CA ASP D 436 77.70 -33.31 -4.84
C ASP D 436 76.44 -32.66 -4.26
N PHE D 437 75.30 -33.04 -4.81
CA PHE D 437 74.01 -32.46 -4.44
C PHE D 437 72.95 -33.53 -4.64
N GLN D 438 72.55 -34.17 -3.54
CA GLN D 438 71.50 -35.17 -3.57
C GLN D 438 70.17 -34.53 -3.19
N GLU D 439 69.20 -34.62 -4.09
CA GLU D 439 67.91 -33.97 -3.86
C GLU D 439 67.06 -34.80 -2.92
N ASP D 440 66.33 -34.10 -2.06
CA ASP D 440 65.52 -34.77 -1.05
C ASP D 440 64.19 -35.19 -1.67
N ASN D 441 63.48 -36.07 -0.99
CA ASN D 441 62.12 -36.42 -1.42
C ASN D 441 61.09 -35.45 -0.90
N GLU D 442 61.51 -34.40 -0.21
CA GLU D 442 60.63 -33.32 0.22
C GLU D 442 60.67 -32.13 -0.71
N THR D 443 61.73 -31.99 -1.50
CA THR D 443 61.74 -31.02 -2.58
C THR D 443 61.11 -31.56 -3.85
N GLU D 444 60.98 -32.88 -3.97
CA GLU D 444 60.23 -33.45 -5.08
C GLU D 444 58.73 -33.29 -4.88
N ILE D 445 58.27 -33.26 -3.64
CA ILE D 445 56.87 -32.96 -3.35
C ILE D 445 56.62 -31.47 -3.52
N ASN D 446 57.60 -30.62 -3.17
CA ASN D 446 57.48 -29.20 -3.41
C ASN D 446 57.49 -28.87 -4.90
N PHE D 447 58.22 -29.64 -5.70
CA PHE D 447 58.26 -29.41 -7.13
C PHE D 447 56.96 -29.84 -7.79
N LEU D 448 56.41 -30.98 -7.37
CA LEU D 448 55.26 -31.55 -8.05
C LEU D 448 53.99 -30.78 -7.74
N LEU D 449 53.88 -30.22 -6.54
CA LEU D 449 52.67 -29.47 -6.20
C LEU D 449 52.65 -28.10 -6.88
N LYS D 450 53.82 -27.52 -7.15
CA LYS D 450 53.86 -26.30 -7.93
C LYS D 450 53.48 -26.57 -9.39
N GLN D 451 53.80 -27.76 -9.89
CA GLN D 451 53.38 -28.13 -11.24
C GLN D 451 51.88 -28.38 -11.31
N ALA D 452 51.31 -28.98 -10.27
CA ALA D 452 49.89 -29.30 -10.27
C ALA D 452 49.02 -28.08 -10.05
N LEU D 453 49.57 -27.00 -9.51
CA LEU D 453 48.79 -25.78 -9.36
C LEU D 453 48.56 -25.09 -10.69
N THR D 454 49.46 -25.31 -11.65
CA THR D 454 49.36 -24.76 -12.99
C THR D 454 48.77 -25.72 -13.99
N ILE D 455 49.16 -27.00 -13.93
CA ILE D 455 48.70 -27.98 -14.91
C ILE D 455 47.32 -28.52 -14.53
N VAL D 456 47.19 -29.08 -13.34
CA VAL D 456 45.95 -29.74 -12.96
C VAL D 456 44.89 -28.73 -12.56
N GLY D 457 45.29 -27.61 -11.97
CA GLY D 457 44.34 -26.60 -11.55
C GLY D 457 43.65 -25.86 -12.68
N THR D 458 44.19 -25.95 -13.90
CA THR D 458 43.61 -25.26 -15.04
C THR D 458 42.70 -26.15 -15.87
N LEU D 459 42.72 -27.46 -15.66
CA LEU D 459 41.97 -28.38 -16.52
C LEU D 459 40.47 -28.41 -16.26
N PRO D 460 39.95 -28.37 -15.01
CA PRO D 460 38.50 -28.18 -14.89
C PRO D 460 38.02 -26.81 -15.34
N PHE D 461 38.85 -25.78 -15.24
CA PHE D 461 38.47 -24.46 -15.73
C PHE D 461 38.36 -24.45 -17.25
N THR D 462 39.32 -25.09 -17.93
CA THR D 462 39.34 -25.09 -19.39
C THR D 462 38.20 -25.93 -19.96
N TYR D 463 37.89 -27.04 -19.31
CA TYR D 463 36.82 -27.91 -19.78
C TYR D 463 35.46 -27.27 -19.59
N MET D 464 35.26 -26.58 -18.47
CA MET D 464 33.96 -26.00 -18.16
C MET D 464 33.66 -24.83 -19.10
N LEU D 465 34.68 -24.04 -19.46
CA LEU D 465 34.44 -22.84 -20.26
C LEU D 465 34.10 -23.20 -21.70
N GLU D 466 34.77 -24.19 -22.27
CA GLU D 466 34.43 -24.59 -23.63
C GLU D 466 33.12 -25.35 -23.68
N LYS D 467 32.76 -26.03 -22.60
CA LYS D 467 31.46 -26.69 -22.55
C LYS D 467 30.34 -25.68 -22.47
N TRP D 468 30.56 -24.56 -21.78
CA TRP D 468 29.56 -23.50 -21.73
C TRP D 468 29.42 -22.80 -23.07
N ARG D 469 30.52 -22.59 -23.77
CA ARG D 469 30.46 -21.92 -25.06
C ARG D 469 29.90 -22.81 -26.15
N TRP D 470 30.17 -24.12 -26.09
CA TRP D 470 29.62 -25.05 -27.07
C TRP D 470 28.12 -25.17 -26.95
N MET D 471 27.57 -25.05 -25.75
CA MET D 471 26.13 -25.17 -25.57
C MET D 471 25.41 -23.85 -25.81
N VAL D 472 26.08 -22.72 -25.63
CA VAL D 472 25.48 -21.43 -25.96
C VAL D 472 25.36 -21.29 -27.48
N PHE D 473 26.34 -21.81 -28.23
CA PHE D 473 26.33 -21.66 -29.67
C PHE D 473 25.29 -22.55 -30.35
N LYS D 474 24.97 -23.69 -29.76
CA LYS D 474 23.99 -24.59 -30.34
C LYS D 474 22.59 -24.42 -29.76
N GLY D 475 22.40 -23.52 -28.81
CA GLY D 475 21.08 -23.20 -28.32
C GLY D 475 20.58 -24.03 -27.16
N GLU D 476 21.42 -24.90 -26.58
CA GLU D 476 20.98 -25.69 -25.45
C GLU D 476 20.88 -24.87 -24.17
N ILE D 477 21.52 -23.71 -24.12
CA ILE D 477 21.31 -22.74 -23.05
C ILE D 477 20.61 -21.54 -23.67
N PRO D 478 19.38 -21.24 -23.27
CA PRO D 478 18.68 -20.04 -23.77
C PRO D 478 19.31 -18.78 -23.23
N LYS D 479 18.97 -17.66 -23.88
CA LYS D 479 19.61 -16.38 -23.60
C LYS D 479 19.23 -15.82 -22.23
N ASP D 480 18.12 -16.25 -21.65
CA ASP D 480 17.74 -15.82 -20.31
C ASP D 480 18.29 -16.72 -19.22
N GLN D 481 19.17 -17.65 -19.58
CA GLN D 481 19.73 -18.60 -18.61
C GLN D 481 21.24 -18.74 -18.77
N TRP D 482 21.89 -17.72 -19.34
CA TRP D 482 23.33 -17.79 -19.56
C TRP D 482 24.09 -17.76 -18.25
N MET D 483 23.78 -16.79 -17.39
CA MET D 483 24.48 -16.66 -16.13
C MET D 483 23.99 -17.64 -15.08
N LYS D 484 22.79 -18.17 -15.22
CA LYS D 484 22.32 -19.18 -14.30
C LYS D 484 23.04 -20.51 -14.54
N LYS D 485 23.25 -20.86 -15.80
CA LYS D 485 24.00 -22.06 -16.13
C LYS D 485 25.49 -21.93 -15.90
N TRP D 486 26.02 -20.70 -15.95
CA TRP D 486 27.46 -20.51 -15.77
C TRP D 486 27.89 -20.85 -14.35
N TRP D 487 27.12 -20.43 -13.35
CA TRP D 487 27.51 -20.69 -11.97
C TRP D 487 27.01 -22.03 -11.45
N GLU D 488 26.08 -22.68 -12.15
CA GLU D 488 25.78 -24.06 -11.82
C GLU D 488 26.87 -25.01 -12.31
N MET D 489 27.49 -24.69 -13.43
CA MET D 489 28.60 -25.49 -13.93
C MET D 489 29.90 -25.21 -13.20
N LYS D 490 30.03 -24.06 -12.55
CA LYS D 490 31.24 -23.79 -11.78
C LYS D 490 31.18 -24.45 -10.42
N ARG D 491 30.00 -24.52 -9.81
CA ARG D 491 29.86 -25.20 -8.53
C ARG D 491 29.99 -26.70 -8.67
N GLU D 492 29.63 -27.24 -9.84
CA GLU D 492 29.58 -28.68 -10.02
C GLU D 492 30.87 -29.26 -10.57
N ILE D 493 31.46 -28.61 -11.57
CA ILE D 493 32.67 -29.13 -12.22
C ILE D 493 33.92 -28.62 -11.53
N VAL D 494 33.99 -27.32 -11.26
CA VAL D 494 35.22 -26.71 -10.77
C VAL D 494 35.28 -26.70 -9.25
N GLY D 495 34.14 -26.70 -8.57
CA GLY D 495 34.14 -26.58 -7.13
C GLY D 495 34.41 -25.17 -6.66
N VAL D 496 33.88 -24.18 -7.38
CA VAL D 496 34.14 -22.77 -7.11
C VAL D 496 32.79 -22.07 -7.04
N VAL D 497 32.58 -21.27 -6.01
CA VAL D 497 31.30 -20.61 -5.78
C VAL D 497 31.50 -19.09 -5.89
N GLU D 498 30.47 -18.41 -6.37
CA GLU D 498 30.47 -16.96 -6.48
C GLU D 498 30.26 -16.33 -5.11
N PRO D 499 30.90 -15.19 -4.84
CA PRO D 499 30.73 -14.56 -3.53
C PRO D 499 29.54 -13.61 -3.47
N VAL D 500 29.04 -13.19 -4.62
CA VAL D 500 27.78 -12.43 -4.72
C VAL D 500 26.97 -12.98 -5.87
N PRO D 501 25.64 -12.97 -5.74
CA PRO D 501 24.80 -13.52 -6.80
C PRO D 501 24.72 -12.61 -8.02
N HIS D 502 24.57 -13.22 -9.18
CA HIS D 502 24.65 -12.53 -10.46
C HIS D 502 23.48 -12.91 -11.35
N ASP D 503 22.74 -11.91 -11.82
CA ASP D 503 21.59 -12.11 -12.68
C ASP D 503 22.00 -12.05 -14.14
N GLU D 504 21.02 -11.92 -15.05
CA GLU D 504 21.27 -11.89 -16.48
C GLU D 504 21.64 -10.51 -17.00
N THR D 505 22.07 -9.60 -16.15
CA THR D 505 22.69 -8.37 -16.62
C THR D 505 24.21 -8.47 -16.67
N TYR D 506 24.77 -9.57 -16.18
CA TYR D 506 26.20 -9.83 -16.18
C TYR D 506 26.59 -10.70 -17.36
N CYS D 507 27.86 -10.64 -17.74
CA CYS D 507 28.42 -11.51 -18.75
C CYS D 507 29.81 -12.00 -18.34
N ASP D 508 29.91 -12.54 -17.12
CA ASP D 508 31.15 -13.00 -16.47
C ASP D 508 32.12 -13.85 -17.29
N PRO D 509 31.68 -14.75 -18.20
CA PRO D 509 32.67 -15.35 -19.10
C PRO D 509 33.31 -14.37 -20.07
N ALA D 510 32.60 -13.34 -20.50
CA ALA D 510 33.15 -12.40 -21.47
C ALA D 510 34.18 -11.45 -20.88
N SER D 511 34.33 -11.44 -19.56
CA SER D 511 35.37 -10.65 -18.90
C SER D 511 36.74 -11.29 -19.00
N LEU D 512 36.84 -12.52 -19.50
CA LEU D 512 38.11 -13.13 -19.82
C LEU D 512 38.58 -12.62 -21.19
N PHE D 513 39.88 -12.72 -21.43
CA PHE D 513 40.47 -12.22 -22.67
C PHE D 513 39.98 -12.99 -23.89
N HIS D 514 40.10 -14.33 -23.84
CA HIS D 514 39.84 -15.17 -25.01
C HIS D 514 38.39 -15.18 -25.44
N VAL D 515 37.46 -14.82 -24.56
CA VAL D 515 36.05 -14.84 -24.92
C VAL D 515 35.67 -13.56 -25.66
N SER D 516 36.09 -12.40 -25.16
CA SER D 516 35.79 -11.14 -25.80
C SER D 516 36.71 -10.81 -26.96
N ASN D 517 37.77 -11.60 -27.18
CA ASN D 517 38.67 -11.38 -28.30
C ASN D 517 38.60 -12.52 -29.32
N ASP D 518 37.57 -13.38 -29.23
CA ASP D 518 37.19 -14.35 -30.26
C ASP D 518 38.28 -15.39 -30.51
N TYR D 519 38.60 -16.16 -29.48
CA TYR D 519 39.61 -17.21 -29.58
C TYR D 519 39.05 -18.53 -29.06
N SER D 520 39.44 -19.62 -29.72
CA SER D 520 39.09 -20.95 -29.25
C SER D 520 39.92 -21.30 -28.03
N PHE D 521 39.34 -22.09 -27.13
CA PHE D 521 39.93 -22.37 -25.84
C PHE D 521 40.20 -23.84 -25.58
N ILE D 522 39.80 -24.75 -26.47
CA ILE D 522 40.01 -26.17 -26.25
C ILE D 522 41.44 -26.59 -26.57
N ARG D 523 42.22 -25.72 -27.20
CA ARG D 523 43.61 -26.02 -27.48
C ARG D 523 44.47 -26.08 -26.22
N TYR D 524 44.05 -25.45 -25.13
CA TYR D 524 44.79 -25.52 -23.88
C TYR D 524 44.50 -26.78 -23.11
N TYR D 525 43.43 -27.50 -23.47
CA TYR D 525 43.15 -28.79 -22.85
C TYR D 525 43.92 -29.89 -23.54
N THR D 526 43.92 -29.92 -24.87
CA THR D 526 44.53 -31.01 -25.60
C THR D 526 46.04 -30.92 -25.59
N ARG D 527 46.59 -29.71 -25.53
CA ARG D 527 48.03 -29.53 -25.42
C ARG D 527 48.57 -30.06 -24.11
N THR D 528 47.79 -29.97 -23.04
CA THR D 528 48.20 -30.51 -21.75
C THR D 528 48.24 -32.04 -21.78
N LEU D 529 47.37 -32.66 -22.56
CA LEU D 529 47.36 -34.11 -22.62
C LEU D 529 48.42 -34.66 -23.56
N TYR D 530 48.68 -33.98 -24.69
CA TYR D 530 49.74 -34.40 -25.59
C TYR D 530 51.12 -34.23 -24.99
N GLN D 531 51.28 -33.28 -24.05
CA GLN D 531 52.57 -32.95 -23.50
C GLN D 531 53.15 -34.10 -22.68
N PHE D 532 52.30 -34.78 -21.91
CA PHE D 532 52.77 -35.91 -21.13
C PHE D 532 52.71 -37.22 -21.89
N GLN D 533 51.97 -37.26 -23.00
CA GLN D 533 52.04 -38.42 -23.89
C GLN D 533 53.35 -38.44 -24.66
N PHE D 534 53.83 -37.26 -25.07
CA PHE D 534 55.11 -37.20 -25.77
C PHE D 534 56.26 -37.49 -24.83
N GLN D 535 56.18 -37.00 -23.58
CA GLN D 535 57.27 -37.15 -22.63
C GLN D 535 57.40 -38.59 -22.17
N GLU D 536 56.28 -39.29 -22.01
CA GLU D 536 56.35 -40.69 -21.58
C GLU D 536 56.85 -41.60 -22.70
N ALA D 537 56.50 -41.28 -23.95
CA ALA D 537 57.00 -42.09 -25.06
C ALA D 537 58.47 -41.84 -25.33
N LEU D 538 58.93 -40.60 -25.16
CA LEU D 538 60.35 -40.30 -25.39
C LEU D 538 61.23 -40.72 -24.24
N CYS D 539 60.67 -40.97 -23.06
CA CYS D 539 61.46 -41.47 -21.94
C CYS D 539 61.50 -42.98 -21.89
N GLN D 540 60.63 -43.66 -22.62
CA GLN D 540 60.77 -45.10 -22.80
C GLN D 540 61.80 -45.44 -23.87
N ALA D 541 61.92 -44.59 -24.89
CA ALA D 541 62.94 -44.79 -25.90
C ALA D 541 64.32 -44.44 -25.38
N ALA D 542 64.40 -43.53 -24.41
CA ALA D 542 65.67 -43.16 -23.79
C ALA D 542 66.03 -44.03 -22.60
N LYS D 543 65.22 -45.05 -22.31
CA LYS D 543 65.44 -46.05 -21.26
C LYS D 543 65.57 -45.41 -19.88
N HIS D 544 64.50 -44.74 -19.46
CA HIS D 544 64.47 -44.13 -18.14
C HIS D 544 63.95 -45.15 -17.12
N GLU D 545 64.47 -45.06 -15.90
CA GLU D 545 64.26 -46.08 -14.89
C GLU D 545 63.32 -45.67 -13.77
N GLY D 546 63.54 -44.50 -13.17
CA GLY D 546 62.78 -44.09 -12.02
C GLY D 546 61.43 -43.49 -12.37
N PRO D 547 61.00 -42.50 -11.60
CA PRO D 547 59.74 -41.81 -11.90
C PRO D 547 59.86 -40.94 -13.15
N LEU D 548 58.71 -40.57 -13.68
CA LEU D 548 58.66 -39.86 -14.95
C LEU D 548 59.12 -38.42 -14.82
N HIS D 549 58.96 -37.80 -13.66
CA HIS D 549 59.26 -36.39 -13.51
C HIS D 549 60.75 -36.10 -13.35
N LYS D 550 61.59 -37.11 -13.21
CA LYS D 550 63.03 -36.93 -13.15
C LYS D 550 63.71 -37.27 -14.47
N CYS D 551 62.93 -37.44 -15.54
CA CYS D 551 63.47 -37.96 -16.78
C CYS D 551 64.18 -36.87 -17.58
N ASP D 552 65.14 -37.31 -18.39
CA ASP D 552 65.94 -36.43 -19.23
C ASP D 552 66.22 -37.17 -20.53
N ILE D 553 65.84 -36.56 -21.65
CA ILE D 553 65.95 -37.21 -22.95
C ILE D 553 67.24 -36.83 -23.67
N SER D 554 68.13 -36.11 -23.03
CA SER D 554 69.39 -35.74 -23.68
C SER D 554 70.31 -36.95 -23.78
N ASN D 555 71.26 -36.85 -24.71
CA ASN D 555 72.24 -37.90 -25.05
C ASN D 555 71.56 -39.19 -25.52
N SER D 556 70.38 -39.09 -26.13
CA SER D 556 69.66 -40.25 -26.63
C SER D 556 69.24 -39.95 -28.07
N THR D 557 69.92 -40.55 -29.03
CA THR D 557 69.61 -40.32 -30.43
C THR D 557 68.40 -41.09 -30.91
N GLU D 558 68.06 -42.20 -30.24
CA GLU D 558 66.90 -42.98 -30.64
C GLU D 558 65.60 -42.40 -30.12
N ALA D 559 65.66 -41.44 -29.20
CA ALA D 559 64.48 -40.68 -28.82
C ALA D 559 64.28 -39.46 -29.70
N GLY D 560 65.36 -38.89 -30.21
CA GLY D 560 65.26 -37.82 -31.17
C GLY D 560 64.91 -38.25 -32.57
N GLN D 561 64.86 -39.56 -32.83
CA GLN D 561 64.35 -40.07 -34.10
C GLN D 561 62.85 -40.28 -34.09
N LYS D 562 62.28 -40.66 -32.95
CA LYS D 562 60.82 -40.77 -32.86
C LYS D 562 60.16 -39.40 -32.93
N LEU D 563 60.81 -38.38 -32.38
CA LEU D 563 60.26 -37.03 -32.44
C LEU D 563 60.36 -36.47 -33.85
N PHE D 564 61.48 -36.71 -34.54
CA PHE D 564 61.69 -36.13 -35.86
C PHE D 564 60.79 -36.73 -36.93
N ASN D 565 60.30 -37.96 -36.75
CA ASN D 565 59.39 -38.53 -37.72
C ASN D 565 57.98 -37.96 -37.61
N MET D 566 57.65 -37.28 -36.52
CA MET D 566 56.44 -36.48 -36.43
C MET D 566 56.70 -35.03 -36.79
N LEU D 567 57.89 -34.52 -36.46
CA LEU D 567 58.25 -33.13 -36.73
C LEU D 567 58.29 -32.84 -38.22
N ARG D 568 58.75 -33.78 -39.02
CA ARG D 568 58.95 -33.54 -40.44
C ARG D 568 57.66 -33.58 -41.25
N LEU D 569 56.53 -33.93 -40.64
CA LEU D 569 55.30 -34.11 -41.41
C LEU D 569 54.57 -32.79 -41.65
N GLY D 570 54.40 -31.97 -40.62
CA GLY D 570 53.57 -30.79 -40.77
C GLY D 570 52.10 -31.18 -40.75
N LYS D 571 51.29 -30.56 -41.60
CA LYS D 571 49.91 -30.99 -41.81
C LYS D 571 49.76 -31.89 -43.02
N SER D 572 50.84 -32.57 -43.43
CA SER D 572 50.76 -33.44 -44.58
C SER D 572 49.92 -34.68 -44.31
N GLU D 573 49.93 -35.16 -43.08
CA GLU D 573 49.21 -36.35 -42.67
C GLU D 573 48.22 -36.00 -41.57
N PRO D 574 47.20 -36.84 -41.33
CA PRO D 574 46.29 -36.60 -40.22
C PRO D 574 46.98 -36.61 -38.85
N TRP D 575 46.41 -35.86 -37.91
CA TRP D 575 47.00 -35.76 -36.59
C TRP D 575 46.84 -37.06 -35.80
N THR D 576 45.88 -37.90 -36.16
CA THR D 576 45.78 -39.21 -35.53
C THR D 576 46.91 -40.13 -35.96
N LEU D 577 47.50 -39.88 -37.12
CA LEU D 577 48.65 -40.62 -37.61
C LEU D 577 49.96 -40.06 -37.07
N ALA D 578 50.03 -38.74 -36.87
CA ALA D 578 51.23 -38.15 -36.28
C ALA D 578 51.37 -38.49 -34.81
N LEU D 579 50.28 -38.82 -34.11
CA LEU D 579 50.43 -39.38 -32.76
C LEU D 579 51.05 -40.78 -32.81
N GLU D 580 50.63 -41.61 -33.75
CA GLU D 580 51.10 -42.98 -33.78
C GLU D 580 52.57 -43.10 -34.18
N ASN D 581 53.13 -42.07 -34.80
CA ASN D 581 54.55 -42.05 -35.07
C ASN D 581 55.40 -41.76 -33.84
N VAL D 582 54.77 -41.38 -32.72
CA VAL D 582 55.49 -41.12 -31.48
C VAL D 582 54.99 -42.02 -30.38
N VAL D 583 53.70 -41.92 -30.03
CA VAL D 583 53.21 -42.56 -28.82
C VAL D 583 52.67 -43.96 -29.05
N GLY D 584 52.48 -44.38 -30.30
CA GLY D 584 51.96 -45.70 -30.57
C GLY D 584 50.47 -45.85 -30.41
N ALA D 585 49.72 -44.76 -30.41
CA ALA D 585 48.27 -44.80 -30.33
C ALA D 585 47.71 -43.71 -31.22
N LYS D 586 46.39 -43.74 -31.44
CA LYS D 586 45.73 -42.79 -32.31
C LYS D 586 44.89 -41.75 -31.58
N ASN D 587 44.59 -41.95 -30.31
CA ASN D 587 43.76 -41.02 -29.57
C ASN D 587 44.55 -40.39 -28.42
N MET D 588 44.02 -39.30 -27.90
CA MET D 588 44.66 -38.67 -26.76
C MET D 588 44.30 -39.42 -25.49
N ASN D 589 45.27 -39.49 -24.59
CA ASN D 589 45.20 -40.38 -23.43
C ASN D 589 45.65 -39.61 -22.20
N VAL D 590 45.06 -39.92 -21.07
CA VAL D 590 45.29 -39.17 -19.84
C VAL D 590 46.07 -39.98 -18.81
N ARG D 591 46.28 -41.27 -19.04
CA ARG D 591 47.14 -42.05 -18.16
C ARG D 591 48.60 -41.59 -18.08
N PRO D 592 49.26 -41.05 -19.12
CA PRO D 592 50.60 -40.48 -18.88
C PRO D 592 50.62 -39.24 -18.02
N LEU D 593 49.53 -38.46 -17.98
CA LEU D 593 49.46 -37.34 -17.06
C LEU D 593 49.31 -37.81 -15.64
N LEU D 594 48.55 -38.89 -15.42
CA LEU D 594 48.36 -39.42 -14.08
C LEU D 594 49.58 -40.16 -13.58
N ASN D 595 50.43 -40.68 -14.48
CA ASN D 595 51.68 -41.29 -14.06
C ASN D 595 52.73 -40.26 -13.68
N TYR D 596 52.63 -39.05 -14.21
CA TYR D 596 53.55 -37.98 -13.85
C TYR D 596 53.33 -37.54 -12.41
N PHE D 597 52.08 -37.37 -12.00
CA PHE D 597 51.72 -36.88 -10.68
C PHE D 597 51.41 -37.99 -9.70
N GLU D 598 51.87 -39.20 -9.98
CA GLU D 598 51.70 -40.35 -9.08
C GLU D 598 52.41 -40.23 -7.74
N PRO D 599 53.65 -39.70 -7.63
CA PRO D 599 54.19 -39.48 -6.27
C PRO D 599 53.50 -38.40 -5.47
N LEU D 600 52.76 -37.49 -6.12
CA LEU D 600 51.98 -36.48 -5.41
C LEU D 600 50.61 -36.99 -5.02
N PHE D 601 50.02 -37.85 -5.85
CA PHE D 601 48.71 -38.42 -5.53
C PHE D 601 48.77 -39.34 -4.32
N THR D 602 49.91 -40.01 -4.11
CA THR D 602 50.08 -40.82 -2.91
C THR D 602 50.21 -39.94 -1.67
N TRP D 603 50.91 -38.82 -1.79
CA TRP D 603 51.11 -37.93 -0.65
C TRP D 603 49.84 -37.14 -0.32
N LEU D 604 49.00 -36.85 -1.32
CA LEU D 604 47.78 -36.10 -1.05
C LEU D 604 46.74 -36.95 -0.35
N LYS D 605 46.73 -38.26 -0.61
CA LYS D 605 45.76 -39.13 0.05
C LYS D 605 46.09 -39.41 1.50
N ASP D 606 47.34 -39.18 1.91
CA ASP D 606 47.70 -39.28 3.31
C ASP D 606 47.49 -37.97 4.05
N GLN D 607 47.56 -36.84 3.35
CA GLN D 607 47.25 -35.57 3.97
C GLN D 607 45.75 -35.33 4.10
N ASN D 608 44.93 -36.08 3.38
CA ASN D 608 43.48 -35.95 3.40
C ASN D 608 42.81 -37.10 4.13
N LYS D 609 43.41 -37.59 5.21
CA LYS D 609 42.81 -38.69 5.96
C LYS D 609 41.60 -38.24 6.76
N ASN D 610 41.75 -37.15 7.52
CA ASN D 610 40.68 -36.63 8.34
C ASN D 610 39.83 -35.58 7.65
N SER D 611 40.31 -35.03 6.54
CA SER D 611 39.55 -34.03 5.81
C SER D 611 38.41 -34.69 5.02
N PHE D 612 37.55 -33.86 4.49
CA PHE D 612 36.49 -34.29 3.60
C PHE D 612 36.92 -34.01 2.17
N VAL D 613 36.75 -34.99 1.29
CA VAL D 613 37.20 -34.90 -0.09
C VAL D 613 35.97 -34.78 -0.97
N GLY D 614 35.86 -33.68 -1.70
CA GLY D 614 34.66 -33.34 -2.44
C GLY D 614 34.04 -32.06 -1.90
N TRP D 615 33.02 -31.62 -2.61
CA TRP D 615 32.34 -30.38 -2.26
C TRP D 615 30.84 -30.54 -2.40
N SER D 616 30.11 -29.72 -1.65
CA SER D 616 28.66 -29.64 -1.75
C SER D 616 28.29 -28.34 -2.44
N THR D 617 27.35 -28.42 -3.39
CA THR D 617 26.98 -27.28 -4.21
C THR D 617 25.88 -26.42 -3.58
N ASP D 618 25.70 -26.51 -2.26
CA ASP D 618 24.67 -25.75 -1.57
C ASP D 618 25.20 -24.64 -0.68
N TRP D 619 26.41 -24.78 -0.15
CA TRP D 619 26.98 -23.73 0.69
C TRP D 619 27.34 -22.51 -0.16
N SER D 620 27.24 -21.34 0.46
CA SER D 620 27.50 -20.08 -0.23
C SER D 620 28.04 -19.09 0.79
N PRO D 621 28.90 -18.15 0.37
CA PRO D 621 29.42 -17.16 1.32
C PRO D 621 28.36 -16.19 1.83
N TYR D 622 27.25 -16.02 1.12
CA TYR D 622 26.19 -15.11 1.52
C TYR D 622 24.94 -15.84 2.02
N ALA D 623 25.05 -17.13 2.30
CA ALA D 623 23.87 -17.93 2.57
C ALA D 623 23.41 -17.87 4.01
N ASP D 624 24.27 -17.47 4.94
CA ASP D 624 23.91 -17.46 6.35
C ASP D 624 23.40 -16.11 6.82
N GLN D 625 23.41 -15.10 5.96
CA GLN D 625 22.79 -13.82 6.25
C GLN D 625 21.62 -13.51 5.33
N SER D 626 21.11 -14.51 4.62
CA SER D 626 19.98 -14.34 3.73
C SER D 626 18.67 -14.59 4.46
N ILE D 627 17.60 -14.00 3.95
CA ILE D 627 16.25 -14.20 4.44
C ILE D 627 15.41 -14.68 3.26
N LYS D 628 14.60 -15.73 3.47
CA LYS D 628 13.72 -16.25 2.44
C LYS D 628 12.36 -15.55 2.49
N VAL D 629 11.83 -15.24 1.32
CA VAL D 629 10.53 -14.60 1.17
C VAL D 629 9.63 -15.54 0.40
N ARG D 630 8.35 -15.60 0.77
CA ARG D 630 7.38 -16.44 0.07
C ARG D 630 6.11 -15.64 -0.15
N ILE D 631 5.65 -15.59 -1.39
CA ILE D 631 4.55 -14.71 -1.80
C ILE D 631 3.45 -15.56 -2.42
N SER D 632 2.23 -15.41 -1.90
CA SER D 632 1.07 -16.18 -2.35
C SER D 632 0.03 -15.20 -2.89
N LEU D 633 0.13 -14.89 -4.18
CA LEU D 633 -0.69 -13.84 -4.76
C LEU D 633 -2.14 -14.28 -4.95
N LYS D 634 -2.36 -15.51 -5.42
CA LYS D 634 -3.71 -15.96 -5.73
C LYS D 634 -4.47 -16.46 -4.51
N SER D 635 -3.89 -16.39 -3.31
CA SER D 635 -4.66 -16.67 -2.11
C SER D 635 -5.09 -15.38 -1.42
N ALA D 636 -4.27 -14.35 -1.49
CA ALA D 636 -4.63 -13.05 -0.91
C ALA D 636 -5.66 -12.32 -1.75
N LEU D 637 -5.59 -12.47 -3.07
CA LEU D 637 -6.50 -11.80 -3.98
C LEU D 637 -7.40 -12.77 -4.72
N GLY D 638 -6.83 -13.82 -5.32
CA GLY D 638 -7.60 -14.76 -6.11
C GLY D 638 -7.73 -14.27 -7.54
N ASP D 639 -8.90 -13.75 -7.88
CA ASP D 639 -8.98 -12.82 -8.99
C ASP D 639 -8.65 -11.43 -8.48
N LYS D 640 -8.70 -10.44 -9.37
CA LYS D 640 -8.15 -9.09 -9.17
C LYS D 640 -6.66 -9.14 -8.83
N ALA D 641 -5.96 -10.15 -9.31
CA ALA D 641 -4.58 -10.42 -8.92
C ALA D 641 -3.65 -10.07 -10.07
N TYR D 642 -2.58 -9.35 -9.77
CA TYR D 642 -1.63 -8.91 -10.78
C TYR D 642 -0.59 -9.98 -11.06
N GLU D 643 0.23 -9.71 -12.06
CA GLU D 643 1.26 -10.64 -12.52
C GLU D 643 2.62 -10.15 -12.04
N TRP D 644 3.44 -11.08 -11.54
CA TRP D 644 4.70 -10.74 -10.89
C TRP D 644 5.83 -10.75 -11.91
N ASN D 645 6.08 -9.59 -12.52
CA ASN D 645 7.18 -9.40 -13.45
C ASN D 645 8.36 -8.78 -12.72
N ASP D 646 9.36 -8.34 -13.49
CA ASP D 646 10.56 -7.73 -12.93
C ASP D 646 10.34 -6.30 -12.43
N ASN D 647 9.23 -5.67 -12.78
CA ASN D 647 8.93 -4.36 -12.22
C ASN D 647 8.44 -4.46 -10.78
N GLU D 648 7.83 -5.58 -10.40
CA GLU D 648 7.43 -5.78 -9.03
C GLU D 648 8.59 -6.17 -8.13
N MET D 649 9.64 -6.76 -8.69
CA MET D 649 10.84 -7.02 -7.89
C MET D 649 11.63 -5.75 -7.65
N TYR D 650 11.50 -4.77 -8.55
CA TYR D 650 12.13 -3.48 -8.34
C TYR D 650 11.44 -2.70 -7.22
N LEU D 651 10.12 -2.78 -7.16
CA LEU D 651 9.38 -2.15 -6.08
C LEU D 651 9.63 -2.85 -4.75
N PHE D 652 9.91 -4.15 -4.78
CA PHE D 652 10.20 -4.87 -3.54
C PHE D 652 11.56 -4.49 -3.01
N ARG D 653 12.54 -4.30 -3.90
CA ARG D 653 13.87 -3.88 -3.47
C ARG D 653 13.89 -2.44 -2.98
N SER D 654 12.92 -1.63 -3.38
CA SER D 654 12.81 -0.26 -2.92
C SER D 654 12.13 -0.19 -1.56
N SER D 655 11.19 -1.10 -1.29
CA SER D 655 10.52 -1.11 0.01
C SER D 655 11.42 -1.66 1.10
N VAL D 656 12.34 -2.56 0.75
CA VAL D 656 13.32 -3.03 1.72
C VAL D 656 14.35 -1.95 1.99
N ALA D 657 14.77 -1.23 0.96
CA ALA D 657 15.69 -0.13 1.15
C ALA D 657 15.06 1.04 1.89
N TYR D 658 13.75 1.23 1.72
CA TYR D 658 13.02 2.20 2.53
C TYR D 658 13.00 1.76 3.99
N ALA D 659 12.77 0.47 4.23
CA ALA D 659 12.68 -0.03 5.59
C ALA D 659 14.03 -0.04 6.29
N MET D 660 15.13 -0.14 5.54
CA MET D 660 16.44 -0.07 6.15
C MET D 660 16.83 1.37 6.51
N ARG D 661 16.41 2.35 5.70
CA ARG D 661 16.68 3.75 6.00
C ARG D 661 15.94 4.22 7.23
N GLN D 662 14.73 3.72 7.45
CA GLN D 662 13.94 4.17 8.60
C GLN D 662 14.44 3.59 9.90
N TYR D 663 14.95 2.36 9.88
CA TYR D 663 15.42 1.73 11.10
C TYR D 663 16.72 2.37 11.58
N PHE D 664 17.62 2.72 10.67
CA PHE D 664 18.87 3.34 11.08
C PHE D 664 18.69 4.79 11.50
N LEU D 665 17.55 5.41 11.17
CA LEU D 665 17.29 6.77 11.57
C LEU D 665 16.61 6.88 12.93
N LYS D 666 15.73 5.94 13.25
CA LYS D 666 14.94 6.02 14.47
C LYS D 666 15.49 5.18 15.60
N VAL D 667 16.47 4.31 15.35
CA VAL D 667 17.08 3.50 16.39
C VAL D 667 18.54 3.90 16.62
N LYS D 668 19.27 4.19 15.55
CA LYS D 668 20.68 4.49 15.65
C LYS D 668 21.04 5.93 15.32
N ASN D 669 20.08 6.71 14.83
CA ASN D 669 20.25 8.14 14.46
C ASN D 669 21.35 8.35 13.42
N GLN D 670 21.55 7.39 12.53
CA GLN D 670 22.45 7.53 11.40
C GLN D 670 21.64 7.69 10.13
N MET D 671 22.19 8.40 9.16
CA MET D 671 21.55 8.53 7.85
C MET D 671 22.40 7.77 6.85
N ILE D 672 21.93 6.59 6.46
CA ILE D 672 22.62 5.72 5.52
C ILE D 672 21.74 5.58 4.29
N LEU D 673 22.28 5.93 3.13
CA LEU D 673 21.49 6.04 1.90
C LEU D 673 21.46 4.71 1.19
N PHE D 674 20.63 3.80 1.72
CA PHE D 674 20.41 2.52 1.07
C PHE D 674 19.64 2.71 -0.22
N GLY D 675 20.03 1.95 -1.24
CA GLY D 675 19.33 1.92 -2.51
C GLY D 675 18.83 0.52 -2.83
N GLU D 676 18.11 0.42 -3.94
CA GLU D 676 17.61 -0.88 -4.37
C GLU D 676 18.72 -1.78 -4.92
N GLU D 677 19.86 -1.20 -5.28
CA GLU D 677 21.01 -1.98 -5.72
C GLU D 677 21.77 -2.61 -4.56
N ASP D 678 21.46 -2.24 -3.32
CA ASP D 678 22.04 -2.84 -2.14
C ASP D 678 21.25 -4.05 -1.63
N VAL D 679 20.15 -4.37 -2.28
CA VAL D 679 19.35 -5.54 -1.94
C VAL D 679 19.61 -6.59 -2.99
N ARG D 680 20.36 -7.62 -2.62
CA ARG D 680 20.85 -8.62 -3.56
C ARG D 680 19.95 -9.85 -3.51
N VAL D 681 19.31 -10.17 -4.63
CA VAL D 681 18.29 -11.21 -4.72
C VAL D 681 18.88 -12.44 -5.40
N ALA D 682 18.64 -13.62 -4.82
CA ALA D 682 19.07 -14.88 -5.39
C ALA D 682 17.93 -15.89 -5.34
N ASN D 683 18.04 -16.92 -6.19
CA ASN D 683 17.22 -18.13 -6.16
C ASN D 683 15.74 -17.85 -6.38
N LEU D 684 15.43 -17.25 -7.52
CA LEU D 684 14.06 -16.86 -7.82
C LEU D 684 13.29 -18.04 -8.40
N LYS D 685 12.08 -18.29 -7.90
CA LYS D 685 11.27 -19.41 -8.36
C LYS D 685 9.85 -19.05 -8.81
N PRO D 686 9.16 -20.07 -9.48
CA PRO D 686 7.81 -19.70 -9.91
C PRO D 686 6.84 -19.54 -8.75
N ARG D 687 6.93 -20.41 -7.74
CA ARG D 687 6.06 -20.31 -6.58
C ARG D 687 6.10 -18.88 -6.07
N ILE D 688 7.19 -18.21 -6.40
CA ILE D 688 7.46 -16.83 -6.00
C ILE D 688 8.16 -16.85 -4.66
N SER D 689 9.44 -17.16 -4.71
CA SER D 689 10.29 -17.20 -3.54
C SER D 689 11.70 -16.85 -3.97
N PHE D 690 12.44 -16.25 -3.07
CA PHE D 690 13.80 -15.82 -3.30
C PHE D 690 14.46 -15.57 -1.95
N ASN D 691 15.78 -15.48 -1.97
CA ASN D 691 16.55 -15.06 -0.82
C ASN D 691 17.07 -13.66 -1.07
N PHE D 692 17.27 -12.90 0.00
CA PHE D 692 17.86 -11.58 -0.15
C PHE D 692 18.73 -11.26 1.06
N PHE D 693 19.77 -10.48 0.81
CA PHE D 693 20.57 -9.89 1.88
C PHE D 693 20.87 -8.45 1.49
N VAL D 694 21.25 -7.66 2.48
CA VAL D 694 21.45 -6.22 2.32
C VAL D 694 22.90 -5.88 2.63
N THR D 695 23.54 -5.13 1.74
CA THR D 695 24.90 -4.66 1.93
C THR D 695 24.90 -3.16 2.20
N ALA D 696 26.06 -2.66 2.62
CA ALA D 696 26.33 -1.23 2.73
C ALA D 696 26.22 -0.57 1.36
N PRO D 697 25.90 0.75 1.30
CA PRO D 697 25.54 1.38 0.02
C PRO D 697 26.58 1.32 -1.09
N LYS D 698 27.86 1.51 -0.80
CA LYS D 698 28.88 1.29 -1.82
C LYS D 698 30.09 0.57 -1.21
N ASN D 699 29.80 -0.52 -0.49
CA ASN D 699 30.82 -1.40 0.06
C ASN D 699 30.25 -2.80 0.03
N VAL D 700 30.66 -3.59 -0.96
CA VAL D 700 30.09 -4.91 -1.18
C VAL D 700 30.58 -5.91 -0.14
N SER D 701 31.69 -5.62 0.54
CA SER D 701 32.23 -6.48 1.57
C SER D 701 31.48 -6.38 2.89
N ASP D 702 30.63 -5.36 3.05
CA ASP D 702 29.98 -5.08 4.34
C ASP D 702 28.54 -5.55 4.26
N ILE D 703 28.31 -6.80 4.62
CA ILE D 703 26.96 -7.33 4.70
C ILE D 703 26.35 -6.95 6.03
N ILE D 704 25.18 -6.32 5.99
CA ILE D 704 24.42 -6.03 7.20
C ILE D 704 23.98 -7.34 7.84
N PRO D 705 24.15 -7.52 9.15
CA PRO D 705 23.80 -8.79 9.78
C PRO D 705 22.30 -9.08 9.74
N ARG D 706 21.97 -10.37 9.77
CA ARG D 706 20.60 -10.80 9.57
C ARG D 706 19.70 -10.40 10.73
N THR D 707 20.23 -10.33 11.94
CA THR D 707 19.42 -9.96 13.09
C THR D 707 19.04 -8.48 13.10
N GLU D 708 19.74 -7.65 12.32
CA GLU D 708 19.37 -6.25 12.20
C GLU D 708 18.42 -6.01 11.03
N VAL D 709 18.47 -6.87 10.01
CA VAL D 709 17.49 -6.80 8.94
C VAL D 709 16.15 -7.33 9.41
N GLU D 710 16.16 -8.26 10.37
CA GLU D 710 14.92 -8.76 10.95
C GLU D 710 14.23 -7.70 11.81
N LYS D 711 15.00 -6.82 12.44
CA LYS D 711 14.40 -5.75 13.22
C LYS D 711 13.89 -4.62 12.34
N ALA D 712 14.52 -4.40 11.19
CA ALA D 712 14.07 -3.36 10.28
C ALA D 712 12.80 -3.76 9.56
N ILE D 713 12.64 -5.04 9.27
CA ILE D 713 11.44 -5.52 8.59
C ILE D 713 10.26 -5.54 9.54
N ARG D 714 10.50 -5.84 10.81
CA ARG D 714 9.45 -5.82 11.82
C ARG D 714 8.89 -4.42 12.05
N MET D 715 9.72 -3.39 11.90
CA MET D 715 9.28 -2.03 12.12
C MET D 715 8.38 -1.54 10.99
N SER D 716 8.62 -1.99 9.76
CA SER D 716 7.89 -1.51 8.60
C SER D 716 7.16 -2.62 7.85
N ARG D 717 6.72 -3.67 8.57
CA ARG D 717 6.06 -4.78 7.89
C ARG D 717 4.68 -4.41 7.38
N SER D 718 3.96 -3.58 8.15
CA SER D 718 2.63 -3.16 7.73
C SER D 718 2.69 -2.22 6.53
N ARG D 719 3.80 -1.51 6.37
CA ARG D 719 3.97 -0.61 5.25
C ARG D 719 4.38 -1.34 3.97
N ILE D 720 5.09 -2.47 4.10
CA ILE D 720 5.45 -3.27 2.94
C ILE D 720 4.26 -4.11 2.48
N ASN D 721 3.40 -4.52 3.42
CA ASN D 721 2.21 -5.27 3.07
C ASN D 721 1.22 -4.45 2.27
N ASP D 722 1.06 -3.16 2.61
CA ASP D 722 0.12 -2.31 1.91
C ASP D 722 0.58 -1.96 0.50
N ALA D 723 1.89 -1.95 0.27
CA ALA D 723 2.41 -1.65 -1.05
C ALA D 723 2.15 -2.76 -2.07
N PHE D 724 1.84 -3.97 -1.62
CA PHE D 724 1.64 -5.10 -2.51
C PHE D 724 0.27 -5.75 -2.36
N ARG D 725 -0.61 -5.21 -1.50
CA ARG D 725 -1.95 -5.72 -1.19
C ARG D 725 -1.92 -7.13 -0.61
N LEU D 726 -0.89 -7.47 0.15
CA LEU D 726 -0.81 -8.74 0.85
C LEU D 726 -0.99 -8.51 2.33
N ASN D 727 -1.34 -9.58 3.05
CA ASN D 727 -1.61 -9.39 4.48
C ASN D 727 -0.99 -10.51 5.32
N ASP D 728 0.33 -10.44 5.53
CA ASP D 728 1.08 -11.07 6.62
C ASP D 728 1.05 -12.61 6.64
N ASN D 729 0.22 -13.24 5.83
CA ASN D 729 0.19 -14.68 5.63
C ASN D 729 0.43 -15.06 4.19
N SER D 730 0.24 -14.13 3.26
CA SER D 730 0.62 -14.27 1.87
C SER D 730 1.90 -13.52 1.55
N LEU D 731 2.56 -12.93 2.55
CA LEU D 731 3.90 -12.38 2.42
C LEU D 731 4.63 -12.75 3.70
N GLU D 732 5.29 -13.89 3.70
CA GLU D 732 5.99 -14.38 4.87
C GLU D 732 7.50 -14.31 4.68
N PHE D 733 8.20 -14.22 5.81
CA PHE D 733 9.63 -13.99 5.80
C PHE D 733 10.44 -15.13 6.41
N LEU D 734 9.80 -16.18 6.91
CA LEU D 734 10.41 -17.45 7.31
C LEU D 734 11.49 -17.26 8.39
N GLY D 735 11.03 -16.85 9.57
CA GLY D 735 11.92 -16.65 10.69
C GLY D 735 11.57 -15.36 11.40
N ILE D 736 10.64 -14.62 10.80
CA ILE D 736 10.05 -13.42 11.39
C ILE D 736 8.57 -13.70 11.53
N GLN D 737 8.12 -13.95 12.76
CA GLN D 737 6.72 -14.24 12.96
C GLN D 737 6.02 -13.09 13.70
N PRO D 738 4.77 -12.78 13.33
CA PRO D 738 4.04 -11.69 14.03
C PRO D 738 3.65 -12.09 15.44
N THR D 739 3.78 -11.14 16.36
CA THR D 739 3.69 -11.42 17.79
C THR D 739 2.54 -10.74 18.51
N LEU D 740 2.46 -9.42 18.40
CA LEU D 740 1.71 -8.57 19.33
C LEU D 740 0.21 -8.69 19.13
N GLY D 741 -0.53 -8.09 20.06
CA GLY D 741 -1.96 -7.88 19.91
C GLY D 741 -2.80 -8.64 20.90
N PRO D 742 -3.24 -7.98 21.97
CA PRO D 742 -4.16 -8.61 22.92
C PRO D 742 -5.60 -8.40 22.50
N PRO D 743 -6.39 -9.47 22.46
CA PRO D 743 -7.84 -9.31 22.21
C PRO D 743 -8.65 -9.14 23.50
N ASN D 744 -8.49 -7.97 24.13
CA ASN D 744 -9.24 -7.65 25.35
C ASN D 744 -10.40 -6.74 24.98
N GLN D 745 -11.46 -7.36 24.46
CA GLN D 745 -12.62 -6.65 23.92
C GLN D 745 -13.55 -6.03 24.97
N PRO D 746 -14.18 -6.77 25.89
CA PRO D 746 -15.34 -6.19 26.60
C PRO D 746 -14.92 -5.33 27.77
N PRO D 747 -15.45 -4.11 27.86
CA PRO D 747 -15.50 -3.41 29.15
C PRO D 747 -16.77 -3.68 29.95
N VAL D 748 -17.63 -4.55 29.44
CA VAL D 748 -18.98 -4.73 29.96
C VAL D 748 -19.24 -6.17 30.39
N SER D 749 -18.52 -7.15 29.84
CA SER D 749 -18.78 -8.58 29.97
C SER D 749 -20.21 -8.88 29.50
N ILE D 750 -20.36 -8.77 28.18
CA ILE D 750 -21.63 -8.63 27.44
C ILE D 750 -22.67 -9.70 27.77
N TRP D 751 -22.25 -10.87 28.25
CA TRP D 751 -23.25 -11.85 28.69
C TRP D 751 -23.94 -11.44 29.98
N LEU D 752 -23.36 -10.53 30.75
CA LEU D 752 -24.00 -10.14 32.01
C LEU D 752 -25.13 -9.14 31.81
N ILE D 753 -25.11 -8.40 30.72
CA ILE D 753 -26.18 -7.43 30.50
C ILE D 753 -27.40 -8.11 29.90
N VAL D 754 -27.17 -9.14 29.10
CA VAL D 754 -28.28 -9.87 28.52
C VAL D 754 -28.96 -10.58 29.68
N PHE D 755 -28.16 -11.26 30.49
CA PHE D 755 -28.69 -11.96 31.63
C PHE D 755 -29.46 -10.97 32.47
N GLY D 756 -28.87 -9.80 32.68
CA GLY D 756 -29.51 -8.75 33.46
C GLY D 756 -30.90 -8.45 32.94
N VAL D 757 -30.99 -8.03 31.68
CA VAL D 757 -32.29 -7.72 31.09
C VAL D 757 -33.28 -8.86 31.19
N VAL D 758 -32.84 -10.09 30.97
CA VAL D 758 -33.75 -11.24 31.03
C VAL D 758 -34.29 -11.45 32.45
N MET D 759 -33.41 -11.38 33.44
CA MET D 759 -33.83 -11.56 34.83
C MET D 759 -34.86 -10.50 35.19
N GLY D 760 -34.61 -9.27 34.76
CA GLY D 760 -35.54 -8.19 35.05
C GLY D 760 -36.93 -8.60 34.64
N VAL D 761 -37.11 -8.87 33.34
CA VAL D 761 -38.42 -9.27 32.85
C VAL D 761 -38.97 -10.46 33.62
N ILE D 762 -38.17 -11.50 33.81
CA ILE D 762 -38.67 -12.66 34.54
C ILE D 762 -39.30 -12.26 35.87
N VAL D 763 -38.55 -11.54 36.70
CA VAL D 763 -39.06 -11.12 38.00
C VAL D 763 -40.31 -10.25 37.91
N VAL D 764 -40.30 -9.26 37.00
CA VAL D 764 -41.46 -8.41 36.88
C VAL D 764 -42.68 -9.26 36.55
N GLY D 765 -42.49 -10.23 35.68
CA GLY D 765 -43.56 -11.13 35.27
C GLY D 765 -44.08 -11.95 36.43
N ILE D 766 -43.19 -12.54 37.22
CA ILE D 766 -43.64 -13.33 38.35
C ILE D 766 -44.45 -12.44 39.29
N VAL D 767 -44.05 -11.18 39.44
CA VAL D 767 -44.79 -10.28 40.32
C VAL D 767 -46.17 -9.94 39.75
N ILE D 768 -46.23 -9.64 38.47
CA ILE D 768 -47.50 -9.33 37.82
C ILE D 768 -48.36 -10.58 37.77
N LEU D 769 -47.77 -11.71 38.12
CA LEU D 769 -48.51 -12.97 38.11
C LEU D 769 -49.02 -13.32 39.50
N ILE D 770 -48.30 -12.93 40.54
CA ILE D 770 -48.78 -13.25 41.89
C ILE D 770 -49.77 -12.21 42.44
N PHE D 771 -49.96 -11.10 41.75
CA PHE D 771 -50.92 -10.09 42.17
C PHE D 771 -52.21 -10.13 41.37
N THR D 772 -52.17 -10.66 40.15
CA THR D 772 -53.41 -11.01 39.46
C THR D 772 -54.11 -12.16 40.17
N GLY D 773 -53.34 -13.08 40.76
CA GLY D 773 -53.92 -14.17 41.52
C GLY D 773 -54.50 -13.78 42.86
N ILE D 774 -54.22 -12.56 43.33
CA ILE D 774 -54.94 -12.05 44.50
C ILE D 774 -56.12 -11.20 44.07
N ARG D 775 -56.16 -10.77 42.81
CA ARG D 775 -57.37 -10.18 42.26
C ARG D 775 -58.28 -11.20 41.59
N ASP D 776 -58.25 -12.45 42.06
CA ASP D 776 -59.20 -13.49 41.67
C ASP D 776 -59.70 -14.20 42.91
N ARG D 777 -59.94 -13.44 43.96
CA ARG D 777 -60.62 -13.94 45.14
C ARG D 777 -61.96 -13.24 45.28
C1 NAG E . -39.11 41.09 15.33
C2 NAG E . -37.96 40.86 14.36
C3 NAG E . -37.89 41.99 13.31
C4 NAG E . -39.25 42.30 12.71
C5 NAG E . -40.31 42.44 13.79
C6 NAG E . -41.72 42.58 13.23
C7 NAG E . -35.64 40.06 14.64
C8 NAG E . -34.43 40.08 15.53
N2 NAG E . -36.69 40.77 15.08
O3 NAG E . -36.99 41.56 12.29
O4 NAG E . -39.28 43.47 11.89
O5 NAG E . -40.32 41.27 14.61
O6 NAG E . -41.76 42.28 11.84
O7 NAG E . -35.67 39.44 13.59
C1 NAG E . -39.12 44.29 10.66
C2 NAG E . -39.91 45.59 10.42
C3 NAG E . -40.00 45.88 8.93
C4 NAG E . -38.62 45.88 8.28
C5 NAG E . -37.88 44.58 8.61
C6 NAG E . -36.45 44.56 8.10
C7 NAG E . -41.65 46.39 11.95
C8 NAG E . -43.04 46.19 12.46
N2 NAG E . -41.23 45.52 11.02
O3 NAG E . -40.63 47.14 8.73
O4 NAG E . -38.74 45.99 6.87
O5 NAG E . -37.81 44.40 10.04
O6 NAG E . -36.29 43.60 7.07
O7 NAG E . -40.93 47.31 12.35
C1 NAG F . 68.79 24.30 -16.42
C2 NAG F . 70.04 24.97 -16.95
C3 NAG F . 71.15 23.94 -17.13
C4 NAG F . 71.43 23.24 -15.81
C5 NAG F . 70.13 22.63 -15.26
C6 NAG F . 70.29 22.04 -13.88
C7 NAG F . 70.17 26.94 -18.42
C8 NAG F . 69.84 27.50 -19.77
N2 NAG F . 69.78 25.68 -18.20
O3 NAG F . 72.31 24.61 -17.62
O4 NAG F . 72.37 22.19 -15.97
O5 NAG F . 69.10 23.64 -15.18
O6 NAG F . 69.34 21.01 -13.64
O7 NAG F . 70.76 27.60 -17.56
C1 NAG F . 73.67 22.59 -15.51
C2 NAG F . 74.44 21.39 -14.95
C3 NAG F . 75.85 21.79 -14.56
C4 NAG F . 76.56 22.47 -15.72
C5 NAG F . 75.72 23.63 -16.24
C6 NAG F . 76.30 24.28 -17.49
C7 NAG F . 73.06 19.66 -13.88
C8 NAG F . 72.41 19.21 -12.61
N2 NAG F . 73.74 20.81 -13.81
O3 NAG F . 76.57 20.64 -14.15
O4 NAG F . 77.83 22.95 -15.32
O5 NAG F . 74.41 23.18 -16.59
O6 NAG F . 75.68 25.52 -17.76
O7 NAG F . 72.98 19.01 -14.92
C1 NAG G . 58.71 57.05 11.36
C2 NAG G . 59.08 58.50 11.03
C3 NAG G . 60.04 58.56 9.85
C4 NAG G . 61.26 57.67 10.10
C5 NAG G . 60.82 56.25 10.48
C6 NAG G . 61.96 55.36 10.90
C7 NAG G . 57.57 60.41 11.40
C8 NAG G . 56.32 61.09 10.96
N2 NAG G . 57.89 59.29 10.74
O3 NAG G . 60.46 59.90 9.64
O4 NAG G . 62.03 57.57 8.91
O5 NAG G . 59.91 56.30 11.59
O6 NAG G . 61.58 53.99 10.93
O7 NAG G . 58.27 60.84 12.31
C1 NAG G . 63.27 58.29 9.01
C2 NAG G . 64.25 57.71 7.98
C3 NAG G . 65.56 58.50 8.00
C4 NAG G . 65.29 59.98 7.79
C5 NAG G . 64.29 60.49 8.82
C6 NAG G . 63.87 61.93 8.60
C7 NAG G . 64.59 55.39 7.29
C8 NAG G . 64.85 53.98 7.73
N2 NAG G . 64.49 56.31 8.25
O3 NAG G . 66.41 58.01 6.97
O4 NAG G . 66.51 60.72 7.91
O5 NAG G . 63.08 59.70 8.75
O6 NAG G . 62.53 62.02 8.17
O7 NAG G . 64.47 55.68 6.10
C1 NAG H . 49.11 35.82 18.35
C2 NAG H . 48.42 36.93 19.19
C3 NAG H . 48.89 36.89 20.64
C4 NAG H . 48.66 35.49 21.22
C5 NAG H . 49.46 34.49 20.40
C6 NAG H . 49.28 33.06 20.87
C7 NAG H . 47.74 38.95 17.98
C8 NAG H . 48.16 40.28 17.46
N2 NAG H . 48.68 38.24 18.61
O3 NAG H . 48.16 37.85 21.38
O4 NAG H . 48.91 35.39 22.61
O5 NAG H . 48.99 34.54 19.04
O6 NAG H . 50.54 32.40 20.97
O7 NAG H . 46.59 38.54 17.86
C1 NAG H . 50.16 35.87 23.14
C2 NAG H . 49.85 36.33 24.57
C3 NAG H . 51.13 36.80 25.26
C4 NAG H . 52.21 35.74 25.20
C5 NAG H . 52.43 35.29 23.75
C6 NAG H . 53.39 34.14 23.63
C7 NAG H . 47.64 37.18 25.16
C8 NAG H . 46.70 38.35 25.09
N2 NAG H . 48.84 37.36 24.59
O3 NAG H . 50.82 37.12 26.61
O4 NAG H . 53.42 36.23 25.74
O5 NAG H . 51.19 34.88 23.16
O6 NAG H . 53.98 34.07 22.34
O7 NAG H . 47.33 36.13 25.71
C1 NAG I . 26.10 56.53 -37.41
C2 NAG I . 24.74 56.07 -36.87
C3 NAG I . 23.69 56.14 -37.98
C4 NAG I . 23.69 57.50 -38.67
C5 NAG I . 25.10 57.92 -39.06
C6 NAG I . 25.18 59.36 -39.55
C7 NAG I . 24.93 54.46 -35.04
C8 NAG I . 25.00 53.02 -34.65
N2 NAG I . 24.82 54.72 -36.34
O3 NAG I . 22.41 55.89 -37.41
O4 NAG I . 22.92 57.38 -39.87
O5 NAG I . 25.98 57.84 -37.94
O6 NAG I . 25.11 60.27 -38.47
O7 NAG I . 24.97 55.35 -34.20
C1 NAG I . 21.73 58.19 -39.88
C2 NAG I . 21.01 57.92 -41.22
C3 NAG I . 19.73 58.73 -41.29
C4 NAG I . 18.85 58.46 -40.07
C5 NAG I . 19.64 58.69 -38.78
C6 NAG I . 18.87 58.29 -37.55
C7 NAG I . 22.10 57.40 -43.35
C8 NAG I . 23.03 57.88 -44.42
N2 NAG I . 21.88 58.24 -42.34
O3 NAG I . 19.04 58.39 -42.47
O4 NAG I . 17.73 59.34 -40.08
O5 NAG I . 20.83 57.88 -38.79
O6 NAG I . 17.85 57.34 -37.85
O7 NAG I . 21.58 56.29 -43.40
C1 NAG J . 53.99 61.97 -29.60
C2 NAG J . 53.45 61.11 -30.74
C3 NAG J . 54.54 60.85 -31.77
C4 NAG J . 55.15 62.16 -32.25
C5 NAG J . 55.64 62.98 -31.04
C6 NAG J . 56.15 64.35 -31.41
C7 NAG J . 51.60 59.58 -30.19
C8 NAG J . 51.23 58.23 -29.64
N2 NAG J . 52.91 59.85 -30.24
O3 NAG J . 53.99 60.14 -32.87
O4 NAG J . 56.25 61.89 -33.12
O5 NAG J . 54.55 63.18 -30.13
O6 NAG J . 55.21 65.36 -31.06
O7 NAG J . 50.75 60.38 -30.58
C1 NAG J . 55.92 62.36 -34.46
C2 NAG J . 57.22 62.65 -35.20
C3 NAG J . 56.90 63.14 -36.62
C4 NAG J . 56.00 62.15 -37.35
C5 NAG J . 54.75 61.84 -36.51
C6 NAG J . 53.89 60.75 -37.11
C7 NAG J . 59.23 63.36 -34.00
C8 NAG J . 59.91 64.49 -33.29
N2 NAG J . 58.02 63.64 -34.50
O3 NAG J . 58.11 63.30 -37.35
O4 NAG J . 55.58 62.71 -38.59
O5 NAG J . 55.15 61.37 -35.20
O6 NAG J . 53.64 59.72 -36.16
O7 NAG J . 59.75 62.26 -34.12
C1 NAG K . 19.12 12.65 -25.22
C2 NAG K . 19.75 11.98 -26.44
C3 NAG K . 19.79 12.95 -27.61
C4 NAG K . 18.40 13.52 -27.89
C5 NAG K . 17.81 14.10 -26.61
C6 NAG K . 16.36 14.51 -26.78
C7 NAG K . 21.41 10.20 -26.10
C8 NAG K . 22.83 9.87 -25.76
N2 NAG K . 21.09 11.50 -26.13
O3 NAG K . 20.29 12.26 -28.75
O4 NAG K . 18.50 14.58 -28.83
O5 NAG K . 17.83 13.12 -25.56
O6 NAG K . 16.04 15.63 -25.97
O7 NAG K . 20.59 9.33 -26.34
C1 NAG K . 18.04 14.20 -30.13
C2 NAG K . 17.35 15.39 -30.79
C3 NAG K . 16.98 15.06 -32.23
C4 NAG K . 18.21 14.59 -33.00
C5 NAG K . 18.84 13.41 -32.27
C6 NAG K . 20.14 12.96 -32.90
C7 NAG K . 15.88 17.08 -29.80
C8 NAG K . 14.63 17.33 -29.01
N2 NAG K . 16.18 15.81 -30.04
O3 NAG K . 16.43 16.22 -32.85
O4 NAG K . 17.84 14.19 -34.32
O5 NAG K . 19.16 13.79 -30.92
O6 NAG K . 21.18 12.91 -31.94
O7 NAG K . 16.60 18.00 -30.19
C1 NAG L . -22.77 -53.32 9.55
C2 NAG L . -21.43 -52.60 9.51
C3 NAG L . -20.31 -53.49 10.08
C4 NAG L . -20.71 -54.15 11.40
C5 NAG L . -22.10 -54.78 11.30
C6 NAG L . -22.61 -55.29 12.63
C7 NAG L . -20.35 -51.13 7.86
C8 NAG L . -20.13 -50.87 6.40
N2 NAG L . -21.10 -52.19 8.15
O3 NAG L . -19.16 -52.67 10.29
O4 NAG L . -19.80 -55.16 11.86
O5 NAG L . -23.04 -53.80 10.86
O6 NAG L . -21.80 -54.85 13.71
O7 NAG L . -19.86 -50.42 8.73
C1 NAG L . -18.60 -55.70 12.55
C2 NAG L . -18.54 -57.14 13.07
C3 NAG L . -17.50 -57.24 14.19
C4 NAG L . -16.15 -56.70 13.74
C5 NAG L . -16.31 -55.29 13.16
C6 NAG L . -15.02 -54.74 12.59
C7 NAG L . -20.45 -58.67 13.01
C8 NAG L . -21.79 -59.00 13.59
N2 NAG L . -19.84 -57.60 13.53
O3 NAG L . -17.37 -58.61 14.59
O4 NAG L . -15.25 -56.66 14.83
O5 NAG L . -17.28 -55.28 12.11
O6 NAG L . -14.54 -53.65 13.36
O7 NAG L . -19.95 -59.34 12.12
C1 NAG M . 64.79 2.09 -37.28
C2 NAG M . 66.21 1.95 -37.81
C3 NAG M . 66.72 3.31 -38.29
C4 NAG M . 65.79 3.89 -39.35
C5 NAG M . 64.36 3.95 -38.80
C6 NAG M . 63.35 4.37 -39.84
C7 NAG M . 67.92 0.35 -37.09
C8 NAG M . 68.78 -0.11 -35.96
N2 NAG M . 67.10 1.39 -36.82
O3 NAG M . 68.05 3.13 -38.79
O4 NAG M . 66.18 5.19 -39.72
O5 NAG M . 63.95 2.67 -38.31
O6 NAG M . 62.22 4.99 -39.24
O7 NAG M . 67.95 -0.17 -38.19
C1 NAG M . 66.87 5.19 -40.99
C2 NAG M . 66.61 6.49 -41.75
C3 NAG M . 67.43 6.52 -43.03
C4 NAG M . 68.90 6.28 -42.74
C5 NAG M . 69.07 4.98 -41.96
C6 NAG M . 70.50 4.73 -41.52
C7 NAG M . 64.41 7.52 -41.39
C8 NAG M . 62.97 7.56 -41.82
N2 NAG M . 65.19 6.66 -42.04
O3 NAG M . 67.25 7.78 -43.67
O4 NAG M . 69.64 6.19 -43.96
O5 NAG M . 68.28 5.02 -40.77
O6 NAG M . 70.68 3.40 -41.07
O7 NAG M . 64.83 8.23 -40.49
C1 NAG N . 50.27 -35.52 -55.16
C2 NAG N . 51.21 -36.71 -55.36
C3 NAG N . 52.65 -36.27 -55.16
C4 NAG N . 53.01 -35.07 -56.03
C5 NAG N . 51.99 -33.95 -55.83
C6 NAG N . 52.18 -32.81 -56.78
C7 NAG N . 50.59 -39.04 -54.87
C8 NAG N . 50.27 -40.03 -53.81
N2 NAG N . 50.87 -37.79 -54.45
O3 NAG N . 53.52 -37.37 -55.47
O4 NAG N . 54.29 -34.57 -55.66
O5 NAG N . 50.66 -34.44 -56.04
O6 NAG N . 51.45 -31.66 -56.37
O7 NAG N . 50.58 -39.33 -56.06
C1 NAG N . 55.29 -34.86 -56.66
C2 NAG N . 56.43 -33.86 -56.50
C3 NAG N . 57.55 -34.16 -57.48
C4 NAG N . 58.00 -35.62 -57.35
C5 NAG N . 56.81 -36.55 -57.50
C6 NAG N . 57.15 -38.00 -57.26
C7 NAG N . 56.36 -31.48 -55.91
C8 NAG N . 55.77 -30.14 -56.22
N2 NAG N . 55.95 -32.50 -56.66
O3 NAG N . 58.65 -33.29 -57.24
O4 NAG N . 58.97 -35.92 -58.36
O5 NAG N . 55.79 -36.20 -56.53
O6 NAG N . 56.58 -38.48 -56.04
O7 NAG N . 57.17 -31.64 -55.00
C1 NAG O . 32.20 -19.75 -51.04
C2 NAG O . 31.55 -21.12 -51.34
C3 NAG O . 30.87 -21.12 -52.71
C4 NAG O . 29.88 -19.97 -52.78
C5 NAG O . 30.63 -18.66 -52.58
C6 NAG O . 29.73 -17.45 -52.62
C7 NAG O . 32.57 -23.08 -50.27
C8 NAG O . 33.64 -24.12 -50.34
N2 NAG O . 32.54 -22.19 -51.26
O3 NAG O . 30.21 -22.36 -52.89
O4 NAG O . 29.07 -19.97 -53.96
O5 NAG O . 31.24 -18.68 -51.29
O6 NAG O . 30.28 -16.43 -53.45
O7 NAG O . 31.75 -23.06 -49.34
C1 NAG O . 29.71 -20.09 -55.25
C2 NAG O . 28.70 -20.80 -56.14
C3 NAG O . 29.25 -20.92 -57.56
C4 NAG O . 29.65 -19.55 -58.10
C5 NAG O . 30.63 -18.88 -57.14
C6 NAG O . 30.96 -17.46 -57.54
C7 NAG O . 27.11 -22.40 -55.21
C8 NAG O . 26.92 -23.80 -54.68
N2 NAG O . 28.35 -22.11 -55.61
O3 NAG O . 28.24 -21.49 -58.39
O4 NAG O . 30.26 -19.69 -59.38
O5 NAG O . 30.06 -18.82 -55.83
O6 NAG O . 32.20 -17.04 -56.98
O7 NAG O . 26.20 -21.60 -55.26
C1 NAG P . 61.03 -39.31 2.38
C2 NAG P . 59.62 -39.40 2.96
C3 NAG P . 59.68 -39.66 4.46
C4 NAG P . 60.60 -40.84 4.80
C5 NAG P . 61.94 -40.73 4.08
C6 NAG P . 62.79 -41.97 4.19
C7 NAG P . 57.98 -38.07 1.70
C8 NAG P . 57.30 -36.74 1.56
N2 NAG P . 58.88 -38.18 2.69
O3 NAG P . 58.37 -39.92 4.94
O4 NAG P . 60.85 -40.82 6.20
O5 NAG P . 61.74 -40.49 2.67
O6 NAG P . 62.31 -42.99 3.32
O7 NAG P . 57.75 -39.00 0.95
C1 NAG P . 60.33 -41.97 6.89
C2 NAG P . 60.66 -41.78 8.38
C3 NAG P . 60.12 -42.95 9.19
C4 NAG P . 58.63 -43.15 8.92
C5 NAG P . 58.36 -43.26 7.42
C6 NAG P . 56.89 -43.31 7.09
C7 NAG P . 62.64 -40.64 9.29
C8 NAG P . 64.13 -40.65 9.38
N2 NAG P . 62.09 -41.64 8.58
O3 NAG P . 60.34 -42.69 10.57
O4 NAG P . 58.18 -44.33 9.57
O5 NAG P . 58.91 -42.13 6.74
O6 NAG P . 56.11 -42.73 8.13
O7 NAG P . 61.95 -39.77 9.81
C1 NAG Q . 76.17 -36.25 -22.72
C2 NAG Q . 76.29 -35.47 -21.41
C3 NAG Q . 77.62 -34.73 -21.35
C4 NAG Q . 78.77 -35.69 -21.59
C5 NAG Q . 78.56 -36.45 -22.90
C6 NAG Q . 79.60 -37.51 -23.16
C7 NAG Q . 74.19 -34.71 -20.37
C8 NAG Q . 73.13 -33.65 -20.35
N2 NAG Q . 75.18 -34.54 -21.25
O3 NAG Q . 77.76 -34.10 -20.08
O4 NAG Q . 80.00 -34.96 -21.64
O5 NAG Q . 77.30 -37.11 -22.87
O6 NAG Q . 79.08 -38.81 -22.91
O7 NAG Q . 74.14 -35.69 -19.62
C1 NAG Q . 80.83 -35.32 -20.51
C2 NAG Q . 82.30 -35.07 -20.87
C3 NAG Q . 83.19 -35.44 -19.70
C4 NAG Q . 82.75 -34.73 -18.42
C5 NAG Q . 81.26 -34.95 -18.17
C6 NAG Q . 80.73 -34.13 -17.01
C7 NAG Q . 83.06 -35.24 -23.20
C8 NAG Q . 83.42 -36.17 -24.32
N2 NAG Q . 82.68 -35.82 -22.06
O3 NAG Q . 84.54 -35.11 -19.99
O4 NAG Q . 83.49 -35.22 -17.31
O5 NAG Q . 80.50 -34.57 -19.32
O6 NAG Q . 79.59 -33.37 -17.40
O7 NAG Q . 83.13 -34.03 -23.31
C1 NAG R . 33.78 -2.20 3.95
C2 NAG R . 34.79 -1.20 4.50
C3 NAG R . 35.93 -1.93 5.21
C4 NAG R . 35.38 -2.89 6.27
C5 NAG R . 34.32 -3.80 5.66
C6 NAG R . 33.61 -4.63 6.70
C7 NAG R . 35.09 0.97 3.39
C8 NAG R . 35.70 1.69 2.23
N2 NAG R . 35.32 -0.35 3.44
O3 NAG R . 36.79 -0.97 5.80
O4 NAG R . 36.42 -3.73 6.76
O5 NAG R . 33.31 -3.01 5.01
O6 NAG R . 33.21 -5.89 6.17
O7 NAG R . 34.42 1.55 4.23
C1 NAG R . 36.86 -3.36 8.06
C2 NAG R . 37.24 -4.61 8.84
C3 NAG R . 37.85 -4.23 10.20
C4 NAG R . 39.02 -3.28 10.00
C5 NAG R . 38.57 -2.06 9.20
C6 NAG R . 39.71 -1.13 8.85
C7 NAG R . 36.15 -6.80 8.88
C8 NAG R . 34.87 -7.55 9.12
N2 NAG R . 36.09 -5.48 9.03
O3 NAG R . 38.28 -5.41 10.87
O4 NAG R . 39.52 -2.85 11.26
O5 NAG R . 38.00 -2.49 7.95
O6 NAG R . 39.74 -0.88 7.46
O7 NAG R . 37.19 -7.37 8.56
C1 NAG S . -20.80 12.66 -23.04
C2 NAG S . -19.50 12.61 -23.87
C3 NAG S . -19.81 12.89 -25.34
C4 NAG S . -20.89 11.96 -25.85
C5 NAG S . -22.12 12.02 -24.96
C6 NAG S . -23.20 11.03 -25.35
C7 NAG S . -17.31 13.16 -22.90
C8 NAG S . -16.42 14.26 -22.40
N2 NAG S . -18.52 13.54 -23.35
O3 NAG S . -18.61 12.72 -26.11
O4 NAG S . -21.24 12.32 -27.18
O5 NAG S . -21.77 11.73 -23.60
O6 NAG S . -24.29 11.08 -24.44
O7 NAG S . -16.97 11.99 -22.90
C1 NAG T . -40.99 12.81 -16.72
C2 NAG T . -40.42 13.92 -17.61
C3 NAG T . -40.26 13.41 -19.04
C4 NAG T . -39.47 12.09 -19.08
C5 NAG T . -40.08 11.08 -18.10
C6 NAG T . -39.29 9.81 -17.97
C7 NAG T . -40.79 16.34 -17.65
C8 NAG T . -41.80 17.44 -17.61
N2 NAG T . -41.27 15.10 -17.58
O3 NAG T . -39.58 14.38 -19.83
O4 NAG T . -39.50 11.55 -20.40
O5 NAG T . -40.14 11.65 -16.79
O6 NAG T . -39.64 9.10 -16.79
O7 NAG T . -39.59 16.58 -17.73
C1 NAG U . 0.41 26.56 12.44
C2 NAG U . 0.66 25.74 13.71
C3 NAG U . 1.46 26.56 14.73
C4 NAG U . 2.73 27.10 14.09
C5 NAG U . 2.40 27.86 12.80
C6 NAG U . 3.62 28.33 12.05
C7 NAG U . -0.79 23.96 14.57
C8 NAG U . -2.13 23.62 15.16
N2 NAG U . -0.58 25.25 14.28
O3 NAG U . 1.78 25.73 15.84
O4 NAG U . 3.40 27.98 14.99
O5 NAG U . 1.66 27.02 11.90
O6 NAG U . 4.80 27.66 12.48
O7 NAG U . 0.06 23.11 14.33
C1 NAG V . -5.69 42.02 2.71
C2 NAG V . -5.55 43.50 3.05
C3 NAG V . -6.67 43.94 3.99
C4 NAG V . -8.03 43.63 3.38
C5 NAG V . -8.12 42.15 3.07
C6 NAG V . -9.40 41.77 2.36
C7 NAG V . -3.55 44.89 3.35
C8 NAG V . -2.22 45.03 4.04
N2 NAG V . -4.25 43.79 3.64
O3 NAG V . -6.56 45.35 4.23
O4 NAG V . -9.06 43.99 4.28
O5 NAG V . -7.03 41.76 2.20
O6 NAG V . -9.85 42.80 1.49
O7 NAG V . -3.97 45.74 2.57
O13 3PH W . -76.59 -14.52 -0.30
P 3PH W . -75.48 -13.98 0.58
O14 3PH W . -75.93 -13.60 1.97
O12 3PH W . -74.23 -14.81 0.54
O11 3PH W . -75.06 -12.60 -0.11
C1 3PH W . -74.37 -11.59 0.63
C2 3PH W . -73.78 -10.58 -0.34
O21 3PH W . -73.19 -9.48 0.36
C21 3PH W . -71.77 -9.37 0.16
O22 3PH W . -71.13 -10.36 -0.20
C22 3PH W . -71.06 -8.06 0.38
C23 3PH W . -69.56 -8.29 0.48
C24 3PH W . -68.81 -6.98 0.61
C25 3PH W . -68.59 -6.31 -0.74
C26 3PH W . -67.81 -5.02 -0.58
C27 3PH W . -66.75 -4.88 -1.66
C28 3PH W . -67.26 -4.11 -2.88
C29 3PH W . -66.53 -2.79 -3.05
C2A 3PH W . -65.03 -2.99 -3.14
C2B 3PH W . -64.27 -1.67 -3.15
C2C 3PH W . -62.78 -1.89 -2.94
C2D 3PH W . -62.05 -0.56 -2.79
C2E 3PH W . -60.58 -0.80 -2.46
C2F 3PH W . -59.87 0.51 -2.09
C2G 3PH W . -59.65 1.37 -3.32
C2H 3PH W . -58.59 0.78 -4.22
C2I 3PH W . -58.30 1.69 -5.39
C3 3PH W . -74.86 -10.04 -1.27
O31 3PH W . -75.21 -8.71 -0.92
C31 3PH W . -74.64 -7.60 -1.68
O32 3PH W . -73.45 -7.64 -1.95
C32 3PH W . -75.49 -6.43 -2.12
C33 3PH W . -74.61 -5.48 -2.93
C34 3PH W . -74.64 -5.80 -4.42
C35 3PH W . -73.34 -5.41 -5.11
C36 3PH W . -72.98 -3.95 -4.84
C37 3PH W . -71.66 -3.57 -5.48
C38 3PH W . -71.85 -3.23 -6.95
C39 3PH W . -72.74 -2.00 -7.12
C3A 3PH W . -72.83 -1.60 -8.59
C3B 3PH W . -73.67 -0.34 -8.78
C3C 3PH W . -75.16 -0.65 -8.68
C3D 3PH W . -75.61 -1.61 -9.78
C3E 3PH W . -77.11 -1.49 -10.02
C3F 3PH W . -77.91 -1.83 -8.78
C3G 3PH W . -78.92 -0.74 -8.45
C3H 3PH W . -80.10 -0.76 -9.42
C3I 3PH W . -80.94 -2.00 -9.22
O13 3PH X . -67.20 21.82 40.06
P 3PH X . -67.20 22.86 38.96
O14 3PH X . -66.59 24.18 39.34
O12 3PH X . -68.50 22.96 38.21
O11 3PH X . -66.17 22.27 37.87
C1 3PH X . -64.78 22.57 37.96
C2 3PH X . -64.13 22.37 36.60
O21 3PH X . -64.44 23.47 35.75
C21 3PH X . -63.40 23.70 34.76
O22 3PH X . -62.83 22.75 34.26
C22 3PH X . -63.02 25.11 34.37
C23 3PH X . -61.59 25.12 33.86
C24 3PH X . -61.48 25.87 32.53
C25 3PH X . -60.68 25.06 31.52
C26 3PH X . -59.30 25.64 31.33
C27 3PH X . -58.25 24.53 31.26
C28 3PH X . -56.87 25.09 30.93
C29 3PH X . -56.10 24.15 30.02
C2A 3PH X . -54.63 24.55 29.94
C2B 3PH X . -54.30 25.18 28.60
C2C 3PH X . -53.35 24.28 27.81
C2D 3PH X . -52.07 24.04 28.59
C2E 3PH X . -51.03 23.31 27.74
C2F 3PH X . -49.62 23.74 28.11
C2G 3PH X . -48.66 22.56 28.07
C2H 3PH X . -48.86 21.64 29.27
C2I 3PH X . -48.43 20.23 28.94
C3 3PH X . -64.65 21.09 35.98
O31 3PH X . -63.81 20.01 36.37
C31 3PH X . -62.66 19.68 35.54
O32 3PH X . -62.57 20.21 34.45
C32 3PH X . -61.62 18.70 36.03
C33 3PH X . -60.58 18.46 34.95
C34 3PH X . -59.20 18.85 35.44
C35 3PH X . -58.13 17.86 34.99
C36 3PH X . -58.60 16.42 35.15
C37 3PH X . -57.43 15.44 35.07
C38 3PH X . -56.51 15.78 33.91
C39 3PH X . -55.51 16.87 34.31
C3A 3PH X . -54.33 16.91 33.35
C3B 3PH X . -53.80 15.52 33.05
C3C 3PH X . -53.39 15.40 31.59
C3D 3PH X . -52.33 14.32 31.40
C3E 3PH X . -51.01 14.93 30.95
C3F 3PH X . -50.26 13.98 30.02
C3G 3PH X . -48.96 14.59 29.52
C3H 3PH X . -49.15 16.04 29.10
C3I 3PH X . -49.11 16.95 30.29
C1 NAG Y . 65.50 56.27 -22.32
C2 NAG Y . 65.92 57.74 -22.14
C3 NAG Y . 66.31 58.36 -23.48
C4 NAG Y . 67.36 57.51 -24.19
C5 NAG Y . 66.85 56.09 -24.34
C6 NAG Y . 67.87 55.15 -24.94
C7 NAG Y . 65.08 59.54 -20.71
C8 NAG Y . 63.86 60.21 -20.14
N2 NAG Y . 64.86 58.51 -21.52
O3 NAG Y . 66.82 59.68 -23.28
O4 NAG Y . 67.64 58.04 -25.48
O5 NAG Y . 66.53 55.56 -23.03
O6 NAG Y . 67.28 53.92 -25.35
O7 NAG Y . 66.20 59.94 -20.43
ZN ZN Z . 49.21 39.64 -14.30
C1 NAG AA . 5.75 -15.63 29.09
C2 NAG AA . 7.15 -15.05 28.83
C3 NAG AA . 8.02 -15.22 30.07
C4 NAG AA . 7.34 -14.63 31.30
C5 NAG AA . 5.94 -15.22 31.46
C6 NAG AA . 5.16 -14.60 32.60
C7 NAG AA . 8.15 -14.98 26.59
C8 NAG AA . 8.77 -15.77 25.48
N2 NAG AA . 7.76 -15.67 27.67
O3 NAG AA . 9.28 -14.57 29.86
O4 NAG AA . 8.11 -14.91 32.46
O5 NAG AA . 5.17 -15.01 30.27
O6 NAG AA . 3.84 -15.12 32.67
O7 NAG AA . 7.98 -13.77 26.51
C1 NAG BA . -11.88 -23.26 37.97
C2 NAG BA . -10.53 -23.99 38.09
C3 NAG BA . -9.63 -23.26 39.10
C4 NAG BA . -9.53 -21.78 38.77
C5 NAG BA . -10.92 -21.16 38.60
C6 NAG BA . -10.89 -19.72 38.15
C7 NAG BA . -9.96 -26.38 38.04
C8 NAG BA . -10.29 -27.75 38.55
N2 NAG BA . -10.73 -25.38 38.49
O3 NAG BA . -8.34 -23.86 39.09
O4 NAG BA . -8.84 -21.10 39.82
O5 NAG BA . -11.64 -21.90 37.61
O6 NAG BA . -12.15 -19.34 37.62
O7 NAG BA . -9.03 -26.18 37.27
C1 NAG CA . 0.69 -26.35 -12.88
C2 NAG CA . -0.27 -25.66 -13.88
C3 NAG CA . -0.15 -26.30 -15.26
C4 NAG CA . 1.30 -26.31 -15.71
C5 NAG CA . 2.20 -26.95 -14.65
C6 NAG CA . 3.67 -26.89 -14.99
C7 NAG CA . -2.39 -24.59 -13.28
C8 NAG CA . -3.79 -24.79 -12.78
N2 NAG CA . -1.64 -25.69 -13.40
O3 NAG CA . -0.95 -25.57 -16.18
O4 NAG CA . 1.44 -27.02 -16.93
O5 NAG CA . 2.03 -26.29 -13.39
O6 NAG CA . 3.94 -25.92 -15.99
O7 NAG CA . -1.95 -23.48 -13.57
C1 NAG DA . 8.24 -41.52 -3.73
C2 NAG DA . 8.59 -42.90 -4.27
C3 NAG DA . 7.36 -43.81 -4.27
C4 NAG DA . 6.76 -43.88 -2.87
C5 NAG DA . 6.42 -42.48 -2.38
C6 NAG DA . 5.91 -42.46 -0.95
C7 NAG DA . 10.17 -43.58 -6.01
C8 NAG DA . 10.65 -43.37 -7.42
N2 NAG DA . 9.15 -42.81 -5.60
O3 NAG DA . 7.73 -45.11 -4.71
O4 NAG DA . 5.59 -44.68 -2.88
O5 NAG DA . 7.59 -41.65 -2.42
O6 NAG DA . 6.54 -43.46 -0.16
O7 NAG DA . 10.70 -44.41 -5.27
O13 3PH EA . -55.56 -11.61 53.43
P 3PH EA . -55.25 -11.86 51.97
O14 3PH EA . -56.35 -12.56 51.21
O12 3PH EA . -54.66 -10.66 51.26
O11 3PH EA . -54.05 -12.93 52.01
C1 3PH EA . -53.75 -13.73 50.87
C2 3PH EA . -52.37 -14.36 51.05
O21 3PH EA . -52.10 -15.28 49.99
C21 3PH EA . -50.97 -14.89 49.17
O22 3PH EA . -50.63 -13.72 49.15
C22 3PH EA . -50.22 -15.92 48.37
C23 3PH EA . -49.36 -15.21 47.33
C24 3PH EA . -48.52 -16.22 46.56
C25 3PH EA . -47.24 -16.58 47.31
C26 3PH EA . -46.41 -17.55 46.49
C27 3PH EA . -44.93 -17.20 46.56
C28 3PH EA . -44.21 -17.92 47.69
C29 3PH EA . -43.17 -18.90 47.15
C2A 3PH EA . -42.17 -18.20 46.24
C2B 3PH EA . -41.23 -19.19 45.56
C2C 3PH EA . -40.44 -18.51 44.44
C2D 3PH EA . -39.63 -19.54 43.66
C2E 3PH EA . -38.95 -18.88 42.46
C2F 3PH EA . -38.29 -19.90 41.55
C2G 3PH EA . -37.04 -20.49 42.18
C2H 3PH EA . -35.93 -19.46 42.21
C2I 3PH EA . -34.65 -20.06 42.75
C3 3PH EA . -52.29 -15.09 52.39
O31 3PH EA . -52.32 -16.51 52.19
C31 3PH EA . -51.07 -17.25 52.20
O32 3PH EA . -50.11 -16.78 51.62
C32 3PH EA . -50.96 -18.57 52.94
C33 3PH EA . -49.51 -19.05 52.83
C34 3PH EA . -48.64 -18.56 53.99
C35 3PH EA . -47.19 -18.41 53.55
C36 3PH EA . -46.65 -19.69 52.93
C37 3PH EA . -45.22 -19.52 52.47
C38 3PH EA . -44.24 -19.72 53.61
C39 3PH EA . -44.32 -21.14 54.17
C3A 3PH EA . -43.27 -21.35 55.25
C3B 3PH EA . -43.28 -22.77 55.79
C3C 3PH EA . -44.44 -22.98 56.76
C3D 3PH EA . -44.32 -22.09 57.99
C3E 3PH EA . -45.11 -22.66 59.16
C3F 3PH EA . -46.60 -22.78 58.82
C3G 3PH EA . -47.12 -24.18 59.12
C3H 3PH EA . -47.27 -24.42 60.62
C3I 3PH EA . -48.37 -23.56 61.20
O13 3PH FA . -64.38 -47.83 12.82
P 3PH FA . -63.30 -48.65 13.49
O14 3PH FA . -62.72 -49.74 12.63
O12 3PH FA . -63.63 -49.08 14.90
O11 3PH FA . -62.08 -47.62 13.68
C1 3PH FA . -61.11 -47.46 12.65
C2 3PH FA . -59.84 -46.87 13.22
O21 3PH FA . -59.11 -47.89 13.92
C21 3PH FA . -57.68 -47.64 13.91
O22 3PH FA . -57.28 -46.49 14.03
C22 3PH FA . -56.70 -48.77 13.76
C23 3PH FA . -55.40 -48.24 13.17
C24 3PH FA . -54.20 -48.73 13.96
C25 3PH FA . -53.25 -47.58 14.28
C26 3PH FA . -52.02 -47.64 13.41
C27 3PH FA . -51.64 -46.25 12.91
C28 3PH FA . -50.31 -46.28 12.15
C29 3PH FA . -49.50 -45.02 12.42
C2A 3PH FA . -48.34 -44.91 11.45
C2B 3PH FA . -47.01 -45.20 12.12
C2C 3PH FA . -46.15 -43.95 12.18
C2D 3PH FA . -45.90 -43.40 10.78
C2E 3PH FA . -44.87 -42.27 10.81
C2F 3PH FA . -44.04 -42.25 9.54
C2G 3PH FA . -43.76 -40.83 9.08
C2H 3PH FA . -45.00 -40.19 8.46
C2I 3PH FA . -44.96 -38.69 8.60
C3 3PH FA . -60.19 -45.76 14.20
O31 3PH FA . -60.25 -44.53 13.49
C31 3PH FA . -59.03 -43.74 13.38
O32 3PH FA . -58.07 -44.06 14.04
C32 3PH FA . -58.99 -42.55 12.46
C33 3PH FA . -57.65 -41.83 12.58
C34 3PH FA . -56.93 -41.81 11.25
C35 3PH FA . -56.25 -40.47 10.99
C36 3PH FA . -57.15 -39.29 11.37
C37 3PH FA . -56.63 -37.98 10.79
C38 3PH FA . -55.13 -37.84 10.97
C39 3PH FA . -54.37 -38.59 9.87
C3A 3PH FA . -52.93 -38.12 9.76
C3B 3PH FA . -52.84 -36.59 9.81
C3C 3PH FA . -51.62 -36.16 10.62
C3D 3PH FA . -51.15 -34.78 10.19
C3E 3PH FA . -49.77 -34.86 9.56
C3F 3PH FA . -48.96 -33.60 9.87
C3G 3PH FA . -47.56 -33.67 9.27
C3H 3PH FA . -46.92 -35.02 9.52
C3I 3PH FA . -47.40 -36.03 8.50
C1 NAG GA . 77.08 -28.09 -34.99
C2 NAG GA . 77.72 -29.35 -35.60
C3 NAG GA . 79.09 -29.63 -34.96
C4 NAG GA . 79.98 -28.39 -35.04
C5 NAG GA . 79.27 -27.20 -34.40
C6 NAG GA . 80.04 -25.91 -34.52
C7 NAG GA . 76.79 -31.50 -36.33
C8 NAG GA . 75.83 -32.60 -36.00
N2 NAG GA . 76.85 -30.50 -35.45
O3 NAG GA . 79.72 -30.71 -35.62
O4 NAG GA . 81.20 -28.62 -34.35
O5 NAG GA . 78.01 -27.00 -35.06
O6 NAG GA . 79.52 -24.91 -33.66
O7 NAG GA . 77.49 -31.53 -37.33
ZN ZN HA . 55.39 -18.96 -27.74
#